data_9B6H
#
_entry.id   9B6H
#
_cell.length_a   1.00
_cell.length_b   1.00
_cell.length_c   1.00
_cell.angle_alpha   90.00
_cell.angle_beta   90.00
_cell.angle_gamma   90.00
#
_symmetry.space_group_name_H-M   'P 1'
#
loop_
_entity.id
_entity.type
_entity.pdbx_description
1 polymer 'Transient receptor potential cation channel subfamily M member 8'
2 non-polymer 3-{7-(trifluoromethyl)-5-[2-(trifluoromethyl)phenyl]-1H-benzimidazol-2-yl}-1-oxa-2-azaspiro[4.5]dec-2-ene
3 non-polymer 'CHOLESTEROL HEMISUCCINATE'
4 non-polymer nonyl(oxo)di(propan-2-yl)-lambda~5~-phosphane
5 non-polymer 2-acetamido-2-deoxy-beta-D-glucopyranose
#
_entity_poly.entity_id   1
_entity_poly.type   'polypeptide(L)'
_entity_poly.pdbx_seq_one_letter_code
;MASFEGARLSMRSRRNGTMGSTRTLYSSVSRSTDVSYSDSDLVNFIQANFKKRECVFFTRDSKAMENICKCGYAQSQHIE
GTQINQNEKWNYKKHTKEFPTDAFGDIQFETLGKKGKYLRLSCDTDSETLYELLTQHWHLKTPNLVISVTGGAKNFALKP
RMRKIFSRLIYIAQSKGAWILTGGTHYGLMKYIGEVVRDNTISRNSEENIVAIGIAAWGMVSNRDTLIRSCDDEGHFSAQ
YIMDDFTRDPLYILDNNHTHLLLVDNGCHGHPTVEAKLRNQLEKYISERTSQDSNYGGKIPIVCFAQGGGRETLKAINTS
VKSKIPCVVVEGSGQIADVIASLVEVEDVLTSSMVKEKLVRFLPRTVSRLPEEEIESWIKWLKEILESSHLLTVIKMEEA
GDEIVSNAISYALYKAFSTNEQDKDNWNGQLKLLLEWNQLDLASDEIFTNDRRWESADLQEVMFTALIKDRPKFVRLFLE
NGLNLQKFLTNEVLTELFSTHFSTLVYRNLQIAKNSYNDALLTFVWKLVANFRRSFWKEDRSSREDLDVELHDASLTTRH
PLQALFIWAILQNKKELSKVIWEQTKGCTLAALGASKLLKTLAKVKNDINAAGESEELANEYETRAVELFTECYSNDEDL
AEQLLVYSCEAWGGSNCLELAVEATDQHFIAQPGVQNFLSKQWYGEISRDTKNWKIILCLFIIPLVGCGLVSFRKKPIDK
HKKLLWYYVAFFTSPFVVFSWNVVFYIAFLLLFAYVLLMDFHSVPHTPELILYALVFVLFCDEVRQWYMNGVNYFTDLWN
VMDTLGLFYFIAGIVFRLHSSNKSSLYSGRVIFCLDYIIFTLRLIHIFTVSRNLGPKIIMLQRMLIDVFFFLFLFAVWMV
AFGVARQGILRQNEQRWRWIFRSVIYEPYLAMFGQVPSDVDSTTYDFSHCTFSGNESKPLCVELDEHNLPRFPEWITIPL
VCIYMLSTNILLVNLLVAMFGYTVGIVQENNDQVWKFQRYFLVQEYCNRLNIPFPFVVFAYFYMVVKKCFKCCCKEKNME
SNACCFRNEDNETLAWEGVMKENYLVKINTKANDNSEEMRHRFRQLDSKLNDLKSLLKEIANNIKSNSLEVLFQGPDYKD
DDDKAHHHHHHHHHH
;
_entity_poly.pdbx_strand_id   A,B,C,D
#
loop_
_chem_comp.id
_chem_comp.type
_chem_comp.name
_chem_comp.formula
NAG D-saccharide, beta linking 2-acetamido-2-deoxy-beta-D-glucopyranose 'C8 H15 N O6'
T14 non-polymer 3-{7-(trifluoromethyl)-5-[2-(trifluoromethyl)phenyl]-1H-benzimidazol-2-yl}-1-oxa-2-azaspiro[4.5]dec-2-ene 'C23 H19 F6 N3 O'
ULO non-polymer nonyl(oxo)di(propan-2-yl)-lambda~5~-phosphane 'C15 H33 O P'
Y01 non-polymer 'CHOLESTEROL HEMISUCCINATE' 'C31 H50 O4'
#
# COMPACT_ATOMS: atom_id res chain seq x y z
N ASP A 41 -57.24 -40.57 -22.81
CA ASP A 41 -57.48 -40.79 -21.39
C ASP A 41 -57.56 -39.48 -20.63
N LEU A 42 -56.43 -38.77 -20.57
CA LEU A 42 -56.40 -37.48 -19.87
C LEU A 42 -57.33 -36.48 -20.54
N VAL A 43 -57.31 -36.43 -21.87
CA VAL A 43 -58.20 -35.52 -22.59
C VAL A 43 -59.66 -35.91 -22.36
N ASN A 44 -59.94 -37.21 -22.33
CA ASN A 44 -61.30 -37.66 -22.07
C ASN A 44 -61.78 -37.21 -20.69
N PHE A 45 -60.93 -37.38 -19.68
CA PHE A 45 -61.31 -36.93 -18.34
C PHE A 45 -61.49 -35.42 -18.30
N ILE A 46 -60.61 -34.68 -18.99
CA ILE A 46 -60.72 -33.22 -19.00
C ILE A 46 -62.06 -32.80 -19.59
N GLN A 47 -62.41 -33.37 -20.75
CA GLN A 47 -63.65 -32.95 -21.40
C GLN A 47 -64.88 -33.43 -20.64
N ALA A 48 -64.78 -34.58 -19.97
CA ALA A 48 -65.88 -35.03 -19.13
C ALA A 48 -66.10 -34.07 -17.95
N ASN A 49 -65.00 -33.67 -17.30
CA ASN A 49 -65.12 -32.75 -16.18
C ASN A 49 -65.64 -31.38 -16.63
N PHE A 50 -65.17 -30.90 -17.77
CA PHE A 50 -65.58 -29.59 -18.28
C PHE A 50 -66.88 -29.64 -19.07
N LYS A 51 -67.44 -30.83 -19.29
CA LYS A 51 -68.69 -30.96 -20.02
C LYS A 51 -68.55 -30.41 -21.44
N ASP A 102 -65.40 -29.99 -22.17
CA ASP A 102 -64.70 -30.15 -23.44
C ASP A 102 -64.21 -28.80 -23.96
N ALA A 103 -63.74 -28.79 -25.20
CA ALA A 103 -63.25 -27.56 -25.85
C ALA A 103 -62.08 -26.97 -25.07
N PHE A 104 -61.05 -27.80 -24.88
CA PHE A 104 -59.82 -27.39 -24.21
C PHE A 104 -58.67 -27.43 -25.20
N GLY A 105 -57.84 -26.40 -25.18
CA GLY A 105 -56.71 -26.27 -26.09
C GLY A 105 -55.40 -26.40 -25.35
N ASP A 106 -54.57 -27.35 -25.80
CA ASP A 106 -53.25 -27.59 -25.24
C ASP A 106 -52.20 -27.08 -26.22
N ILE A 107 -51.31 -26.22 -25.73
CA ILE A 107 -50.24 -25.65 -26.53
C ILE A 107 -48.90 -25.96 -25.86
N GLN A 108 -47.93 -26.36 -26.66
CA GLN A 108 -46.60 -26.67 -26.17
C GLN A 108 -45.56 -25.95 -27.02
N PHE A 109 -44.48 -25.53 -26.37
CA PHE A 109 -43.40 -24.83 -27.05
C PHE A 109 -42.14 -24.82 -26.19
N GLY A 116 -47.40 -24.18 -21.63
CA GLY A 116 -47.70 -25.60 -21.67
C GLY A 116 -49.19 -25.88 -21.68
N LYS A 117 -49.63 -26.76 -20.78
CA LYS A 117 -51.02 -27.17 -20.76
C LYS A 117 -51.92 -25.95 -20.61
N TYR A 118 -52.96 -25.89 -21.45
CA TYR A 118 -53.96 -24.84 -21.40
C TYR A 118 -55.34 -25.47 -21.42
N LEU A 119 -56.31 -24.74 -20.88
CA LEU A 119 -57.65 -25.29 -20.72
C LEU A 119 -58.64 -24.15 -20.58
N ARG A 120 -59.88 -24.42 -20.96
CA ARG A 120 -60.98 -23.48 -20.82
C ARG A 120 -61.98 -24.05 -19.81
N LEU A 121 -62.24 -23.29 -18.75
CA LEU A 121 -63.09 -23.74 -17.66
C LEU A 121 -64.34 -22.88 -17.57
N SER A 122 -65.32 -23.40 -16.82
CA SER A 122 -66.56 -22.71 -16.52
C SER A 122 -66.61 -22.36 -15.05
N CYS A 123 -67.17 -21.19 -14.73
CA CYS A 123 -67.24 -20.75 -13.34
C CYS A 123 -67.92 -21.76 -12.44
N ASP A 124 -68.88 -22.52 -12.98
CA ASP A 124 -69.56 -23.53 -12.18
C ASP A 124 -68.64 -24.66 -11.79
N THR A 125 -67.46 -24.76 -12.40
CA THR A 125 -66.55 -25.85 -12.09
C THR A 125 -66.15 -25.81 -10.63
N ASP A 126 -66.20 -26.98 -9.98
CA ASP A 126 -65.84 -27.07 -8.58
C ASP A 126 -64.33 -26.97 -8.38
N SER A 127 -63.93 -26.32 -7.28
CA SER A 127 -62.51 -26.18 -6.99
C SER A 127 -61.87 -27.54 -6.73
N GLU A 128 -62.58 -28.44 -6.04
CA GLU A 128 -62.03 -29.75 -5.73
C GLU A 128 -61.67 -30.50 -7.00
N THR A 129 -62.55 -30.47 -8.01
CA THR A 129 -62.28 -31.17 -9.25
C THR A 129 -61.03 -30.63 -9.94
N LEU A 130 -60.90 -29.29 -9.98
CA LEU A 130 -59.73 -28.68 -10.59
C LEU A 130 -58.47 -29.07 -9.85
N TYR A 131 -58.51 -29.05 -8.51
CA TYR A 131 -57.33 -29.42 -7.73
C TYR A 131 -56.96 -30.87 -7.96
N GLU A 132 -57.96 -31.76 -8.01
CA GLU A 132 -57.68 -33.17 -8.28
C GLU A 132 -57.04 -33.34 -9.65
N LEU A 133 -57.58 -32.65 -10.66
CA LEU A 133 -57.00 -32.71 -12.00
C LEU A 133 -55.54 -32.29 -11.97
N LEU A 134 -55.26 -31.14 -11.35
CA LEU A 134 -53.90 -30.62 -11.33
C LEU A 134 -52.96 -31.56 -10.60
N THR A 135 -53.39 -32.10 -9.46
CA THR A 135 -52.50 -32.87 -8.61
C THR A 135 -52.26 -34.27 -9.19
N GLN A 136 -53.30 -34.90 -9.74
CA GLN A 136 -53.21 -36.30 -10.13
C GLN A 136 -52.02 -36.60 -11.04
N HIS A 137 -51.93 -35.91 -12.18
CA HIS A 137 -51.00 -36.31 -13.22
C HIS A 137 -49.89 -35.29 -13.44
N TRP A 138 -50.20 -34.02 -13.68
CA TRP A 138 -49.15 -33.09 -14.11
C TRP A 138 -48.38 -32.51 -12.93
N HIS A 139 -49.07 -31.93 -11.94
CA HIS A 139 -48.45 -31.11 -10.92
C HIS A 139 -48.29 -31.89 -9.61
N LEU A 140 -47.14 -31.69 -8.96
CA LEU A 140 -46.85 -32.29 -7.66
C LEU A 140 -47.55 -31.51 -6.56
N LYS A 141 -47.72 -32.17 -5.41
CA LYS A 141 -48.37 -31.54 -4.27
C LYS A 141 -47.63 -30.27 -3.87
N THR A 142 -48.37 -29.21 -3.65
CA THR A 142 -47.76 -27.93 -3.36
C THR A 142 -47.37 -27.86 -1.88
N PRO A 143 -46.12 -27.50 -1.56
CA PRO A 143 -45.78 -27.19 -0.16
C PRO A 143 -46.02 -25.74 0.22
N ASN A 144 -46.33 -24.89 -0.75
CA ASN A 144 -46.59 -23.47 -0.51
C ASN A 144 -47.09 -22.85 -1.80
N LEU A 145 -47.87 -21.77 -1.67
CA LEU A 145 -48.41 -21.05 -2.80
C LEU A 145 -48.09 -19.56 -2.68
N VAL A 146 -47.82 -18.93 -3.81
CA VAL A 146 -47.68 -17.48 -3.91
C VAL A 146 -48.58 -17.02 -5.04
N ILE A 147 -49.41 -16.02 -4.77
CA ILE A 147 -50.24 -15.39 -5.81
C ILE A 147 -49.79 -13.94 -5.92
N SER A 148 -49.46 -13.52 -7.13
CA SER A 148 -49.00 -12.16 -7.39
C SER A 148 -50.18 -11.32 -7.83
N VAL A 149 -50.53 -10.33 -7.03
CA VAL A 149 -51.64 -9.43 -7.31
C VAL A 149 -51.08 -8.19 -7.98
N THR A 150 -51.38 -8.02 -9.26
CA THR A 150 -50.89 -6.88 -10.03
C THR A 150 -51.93 -6.51 -11.07
N GLY A 151 -52.06 -5.21 -11.31
CA GLY A 151 -53.00 -4.75 -12.32
C GLY A 151 -52.64 -5.29 -13.69
N GLY A 152 -53.67 -5.66 -14.45
CA GLY A 152 -53.46 -6.16 -15.80
C GLY A 152 -53.11 -5.11 -16.83
N ALA A 153 -53.03 -3.85 -16.42
CA ALA A 153 -52.68 -2.78 -17.35
C ALA A 153 -51.28 -2.98 -17.91
N LYS A 154 -51.10 -2.56 -19.16
CA LYS A 154 -49.79 -2.71 -19.81
C LYS A 154 -48.74 -1.79 -19.21
N ASN A 155 -49.12 -0.84 -18.36
CA ASN A 155 -48.19 0.10 -17.77
C ASN A 155 -47.48 -0.57 -16.60
N PHE A 156 -46.18 -0.78 -16.74
CA PHE A 156 -45.38 -1.38 -15.68
C PHE A 156 -43.97 -0.81 -15.75
N ALA A 157 -43.41 -0.54 -14.58
CA ALA A 157 -42.09 0.06 -14.45
C ALA A 157 -41.13 -0.99 -13.91
N LEU A 158 -40.06 -1.26 -14.66
CA LEU A 158 -39.05 -2.24 -14.25
C LEU A 158 -37.98 -1.53 -13.42
N LYS A 159 -38.40 -1.05 -12.26
CA LYS A 159 -37.44 -0.46 -11.33
C LYS A 159 -36.47 -1.52 -10.84
N PRO A 160 -35.19 -1.17 -10.65
CA PRO A 160 -34.23 -2.20 -10.19
C PRO A 160 -34.65 -2.86 -8.90
N ARG A 161 -35.21 -2.09 -7.97
CA ARG A 161 -35.64 -2.67 -6.70
C ARG A 161 -36.72 -3.72 -6.91
N MET A 162 -37.73 -3.40 -7.73
CA MET A 162 -38.80 -4.34 -7.99
C MET A 162 -38.28 -5.58 -8.71
N ARG A 163 -37.40 -5.39 -9.69
CA ARG A 163 -36.82 -6.53 -10.39
C ARG A 163 -36.08 -7.45 -9.43
N LYS A 164 -35.26 -6.86 -8.55
CA LYS A 164 -34.53 -7.67 -7.57
C LYS A 164 -35.50 -8.40 -6.64
N ILE A 165 -36.54 -7.71 -6.17
CA ILE A 165 -37.48 -8.32 -5.23
C ILE A 165 -38.17 -9.50 -5.89
N PHE A 166 -38.63 -9.34 -7.13
CA PHE A 166 -39.36 -10.42 -7.77
C PHE A 166 -38.43 -11.57 -8.17
N SER A 167 -37.18 -11.27 -8.52
CA SER A 167 -36.22 -12.34 -8.76
C SER A 167 -35.99 -13.16 -7.49
N ARG A 168 -35.84 -12.49 -6.35
CA ARG A 168 -35.68 -13.19 -5.09
C ARG A 168 -36.92 -14.00 -4.76
N LEU A 169 -38.10 -13.45 -5.05
CA LEU A 169 -39.33 -14.19 -4.82
C LEU A 169 -39.37 -15.47 -5.66
N ILE A 170 -38.97 -15.37 -6.93
CA ILE A 170 -38.96 -16.55 -7.79
C ILE A 170 -37.96 -17.57 -7.27
N TYR A 171 -36.80 -17.11 -6.80
CA TYR A 171 -35.81 -18.04 -6.25
C TYR A 171 -36.36 -18.74 -5.02
N ILE A 172 -37.04 -18.01 -4.15
CA ILE A 172 -37.62 -18.62 -2.95
C ILE A 172 -38.68 -19.65 -3.34
N ALA A 173 -39.52 -19.31 -4.33
CA ALA A 173 -40.53 -20.25 -4.78
C ALA A 173 -39.90 -21.51 -5.35
N GLN A 174 -38.83 -21.36 -6.13
CA GLN A 174 -38.12 -22.51 -6.66
C GLN A 174 -37.57 -23.38 -5.55
N SER A 175 -36.94 -22.75 -4.55
CA SER A 175 -36.36 -23.52 -3.45
C SER A 175 -37.42 -24.29 -2.69
N LYS A 176 -38.56 -23.64 -2.39
CA LYS A 176 -39.62 -24.31 -1.66
C LYS A 176 -40.43 -25.25 -2.53
N GLY A 177 -40.41 -25.06 -3.85
CA GLY A 177 -41.28 -25.79 -4.74
C GLY A 177 -42.69 -25.26 -4.80
N ALA A 178 -42.90 -24.00 -4.44
CA ALA A 178 -44.23 -23.44 -4.35
C ALA A 178 -44.81 -23.15 -5.72
N TRP A 179 -46.13 -23.20 -5.81
CA TRP A 179 -46.84 -22.78 -7.00
C TRP A 179 -46.93 -21.25 -7.05
N ILE A 180 -47.06 -20.72 -8.26
CA ILE A 180 -47.19 -19.29 -8.47
C ILE A 180 -48.42 -19.03 -9.34
N LEU A 181 -49.30 -18.16 -8.84
CA LEU A 181 -50.51 -17.77 -9.56
C LEU A 181 -50.37 -16.33 -10.00
N THR A 182 -50.80 -16.04 -11.23
CA THR A 182 -50.61 -14.73 -11.83
C THR A 182 -51.67 -14.52 -12.91
N GLY A 183 -51.85 -13.27 -13.30
CA GLY A 183 -52.78 -12.96 -14.38
C GLY A 183 -52.43 -13.69 -15.67
N GLY A 184 -51.15 -13.72 -16.01
CA GLY A 184 -50.70 -14.47 -17.17
C GLY A 184 -51.25 -13.97 -18.49
N THR A 185 -51.31 -12.66 -18.67
CA THR A 185 -51.78 -12.07 -19.92
C THR A 185 -50.65 -11.41 -20.71
N HIS A 186 -49.41 -11.53 -20.25
CA HIS A 186 -48.24 -11.05 -20.98
C HIS A 186 -48.17 -9.52 -21.01
N TYR A 187 -48.64 -8.86 -19.96
CA TYR A 187 -48.61 -7.41 -19.87
C TYR A 187 -47.92 -6.99 -18.59
N GLY A 188 -46.92 -6.12 -18.72
CA GLY A 188 -46.27 -5.56 -17.54
C GLY A 188 -45.65 -6.62 -16.66
N LEU A 189 -45.93 -6.51 -15.36
CA LEU A 189 -45.25 -7.34 -14.37
C LEU A 189 -45.31 -8.81 -14.74
N MET A 190 -46.51 -9.30 -15.10
CA MET A 190 -46.66 -10.71 -15.42
C MET A 190 -45.63 -11.15 -16.45
N LYS A 191 -45.50 -10.39 -17.53
CA LYS A 191 -44.52 -10.73 -18.56
C LYS A 191 -43.14 -10.92 -17.94
N TYR A 192 -42.70 -9.92 -17.16
CA TYR A 192 -41.41 -10.02 -16.49
C TYR A 192 -41.31 -11.33 -15.73
N ILE A 193 -42.34 -11.65 -14.95
CA ILE A 193 -42.30 -12.88 -14.15
C ILE A 193 -42.00 -14.06 -15.06
N GLY A 194 -42.73 -14.16 -16.18
CA GLY A 194 -42.48 -15.25 -17.10
C GLY A 194 -41.02 -15.32 -17.48
N GLU A 195 -40.46 -14.20 -17.92
CA GLU A 195 -39.05 -14.18 -18.30
C GLU A 195 -38.22 -14.79 -17.18
N VAL A 196 -38.43 -14.30 -15.96
CA VAL A 196 -37.61 -14.77 -14.83
C VAL A 196 -37.68 -16.29 -14.74
N VAL A 197 -38.89 -16.84 -14.75
CA VAL A 197 -39.00 -18.29 -14.56
C VAL A 197 -38.28 -19.00 -15.70
N ARG A 198 -38.42 -18.48 -16.92
CA ARG A 198 -37.68 -19.06 -18.03
C ARG A 198 -36.19 -19.09 -17.69
N ASP A 199 -35.63 -17.95 -17.29
CA ASP A 199 -34.24 -17.91 -16.92
C ASP A 199 -33.93 -18.98 -15.89
N ASN A 200 -34.79 -19.10 -14.89
CA ASN A 200 -34.53 -20.04 -13.80
C ASN A 200 -34.43 -21.46 -14.32
N THR A 201 -35.28 -21.82 -15.29
CA THR A 201 -35.23 -23.18 -15.82
C THR A 201 -34.08 -23.37 -16.79
N ILE A 202 -33.57 -22.29 -17.39
CA ILE A 202 -32.42 -22.42 -18.26
C ILE A 202 -31.14 -22.65 -17.46
N SER A 203 -31.02 -21.99 -16.31
CA SER A 203 -29.86 -22.16 -15.45
C SER A 203 -29.80 -23.58 -14.91
N GLU A 208 -34.78 -28.97 -10.79
CA GLU A 208 -36.20 -29.15 -10.51
C GLU A 208 -37.04 -28.30 -11.46
N ASN A 209 -38.33 -28.21 -11.17
CA ASN A 209 -39.26 -27.44 -11.99
C ASN A 209 -40.13 -26.57 -11.08
N ILE A 210 -40.55 -25.43 -11.61
CA ILE A 210 -41.36 -24.46 -10.89
C ILE A 210 -42.70 -24.33 -11.61
N VAL A 211 -43.78 -24.37 -10.84
CA VAL A 211 -45.11 -24.15 -11.40
C VAL A 211 -45.39 -22.67 -11.47
N ALA A 212 -45.87 -22.21 -12.62
CA ALA A 212 -46.14 -20.81 -12.89
C ALA A 212 -47.55 -20.64 -13.44
N ILE A 213 -48.53 -21.22 -12.72
CA ILE A 213 -49.91 -21.16 -13.18
C ILE A 213 -50.32 -19.72 -13.41
N GLY A 214 -51.03 -19.49 -14.51
CA GLY A 214 -51.62 -18.21 -14.79
C GLY A 214 -53.11 -18.36 -14.98
N ILE A 215 -53.86 -17.34 -14.56
CA ILE A 215 -55.32 -17.34 -14.63
C ILE A 215 -55.76 -16.12 -15.42
N ALA A 216 -56.56 -16.36 -16.46
CA ALA A 216 -57.06 -15.29 -17.31
C ALA A 216 -58.49 -15.60 -17.72
N ALA A 217 -59.08 -14.67 -18.47
CA ALA A 217 -60.46 -14.80 -18.93
C ALA A 217 -60.46 -15.13 -20.42
N TRP A 218 -61.23 -16.16 -20.79
CA TRP A 218 -61.34 -16.53 -22.20
C TRP A 218 -61.89 -15.38 -23.03
N GLY A 219 -62.86 -14.65 -22.49
CA GLY A 219 -63.47 -13.55 -23.23
C GLY A 219 -62.53 -12.38 -23.46
N MET A 220 -61.48 -12.26 -22.66
CA MET A 220 -60.48 -11.19 -22.80
C MET A 220 -59.24 -11.68 -23.53
N VAL A 221 -59.39 -12.57 -24.50
CA VAL A 221 -58.29 -13.11 -25.28
C VAL A 221 -58.49 -12.73 -26.74
N SER A 222 -57.46 -12.12 -27.34
CA SER A 222 -57.56 -11.66 -28.72
C SER A 222 -57.68 -12.84 -29.69
N ASN A 223 -56.78 -13.81 -29.57
CA ASN A 223 -56.71 -14.92 -30.51
C ASN A 223 -57.25 -16.18 -29.85
N ARG A 224 -58.22 -16.82 -30.51
CA ARG A 224 -58.81 -18.07 -30.04
C ARG A 224 -58.55 -19.15 -31.08
N ASP A 225 -57.99 -20.27 -30.63
CA ASP A 225 -57.67 -21.41 -31.50
C ASP A 225 -58.24 -22.66 -30.83
N THR A 226 -59.51 -22.95 -31.12
CA THR A 226 -60.16 -24.10 -30.54
C THR A 226 -59.59 -25.40 -31.10
N LEU A 227 -59.52 -26.41 -30.24
CA LEU A 227 -59.01 -27.73 -30.64
C LEU A 227 -60.05 -28.81 -30.38
N PHE A 237 -52.57 -33.56 -32.61
CA PHE A 237 -53.07 -33.91 -31.29
C PHE A 237 -53.32 -32.67 -30.45
N SER A 238 -52.30 -31.82 -30.33
CA SER A 238 -52.38 -30.60 -29.57
C SER A 238 -52.33 -29.41 -30.52
N ALA A 239 -53.38 -28.59 -30.50
CA ALA A 239 -53.41 -27.41 -31.33
C ALA A 239 -52.37 -26.39 -30.86
N GLN A 240 -51.70 -25.77 -31.82
CA GLN A 240 -50.66 -24.78 -31.54
C GLN A 240 -51.03 -23.46 -32.20
N TYR A 241 -51.01 -22.38 -31.41
CA TYR A 241 -51.31 -21.05 -31.89
C TYR A 241 -50.16 -20.12 -31.54
N ILE A 242 -49.70 -19.35 -32.53
CA ILE A 242 -48.60 -18.42 -32.37
C ILE A 242 -49.08 -17.04 -32.77
N MET A 243 -48.84 -16.04 -31.92
CA MET A 243 -49.24 -14.67 -32.19
C MET A 243 -48.09 -13.71 -31.92
N LEU A 251 -58.09 -8.19 -26.78
CA LEU A 251 -56.84 -7.73 -26.18
C LEU A 251 -56.35 -8.72 -25.14
N TYR A 252 -55.22 -8.40 -24.52
CA TYR A 252 -54.64 -9.21 -23.45
C TYR A 252 -54.38 -10.64 -23.93
N ILE A 253 -53.47 -10.73 -24.90
CA ILE A 253 -53.05 -12.04 -25.41
C ILE A 253 -52.19 -12.72 -24.35
N LEU A 254 -52.50 -13.99 -24.08
CA LEU A 254 -51.87 -14.69 -22.97
C LEU A 254 -50.37 -14.88 -23.20
N ASP A 255 -49.64 -15.03 -22.11
CA ASP A 255 -48.20 -15.19 -22.13
C ASP A 255 -47.82 -16.64 -22.36
N ASN A 256 -46.68 -16.86 -23.01
CA ASN A 256 -46.19 -18.19 -23.32
C ASN A 256 -45.11 -18.68 -22.36
N ASN A 257 -44.60 -17.82 -21.49
CA ASN A 257 -43.59 -18.27 -20.53
C ASN A 257 -44.18 -19.13 -19.42
N HIS A 258 -45.46 -18.92 -19.11
CA HIS A 258 -46.09 -19.69 -18.04
C HIS A 258 -46.24 -21.15 -18.45
N THR A 259 -45.95 -22.06 -17.51
CA THR A 259 -46.04 -23.48 -17.81
C THR A 259 -47.48 -23.92 -17.99
N HIS A 260 -48.39 -23.40 -17.17
CA HIS A 260 -49.81 -23.77 -17.23
C HIS A 260 -50.65 -22.50 -17.22
N LEU A 261 -51.81 -22.57 -17.89
CA LEU A 261 -52.69 -21.42 -18.03
C LEU A 261 -54.14 -21.88 -18.02
N LEU A 262 -54.97 -21.15 -17.29
CA LEU A 262 -56.38 -21.48 -17.12
C LEU A 262 -57.23 -20.29 -17.54
N LEU A 263 -58.16 -20.52 -18.46
CA LEU A 263 -59.07 -19.50 -18.97
C LEU A 263 -60.49 -19.81 -18.51
N VAL A 264 -61.20 -18.79 -18.03
CA VAL A 264 -62.55 -18.94 -17.51
C VAL A 264 -63.39 -17.75 -17.95
N ASP A 265 -64.32 -17.99 -18.89
CA ASP A 265 -65.28 -16.98 -19.32
C ASP A 265 -66.64 -17.62 -19.51
N ASN A 266 -67.06 -18.46 -18.57
CA ASN A 266 -68.35 -19.12 -18.68
C ASN A 266 -69.47 -18.11 -18.85
N GLY A 267 -69.33 -16.93 -18.24
CA GLY A 267 -70.28 -15.86 -18.42
C GLY A 267 -69.55 -14.56 -18.71
N CYS A 268 -70.34 -13.55 -19.11
CA CYS A 268 -69.81 -12.24 -19.44
C CYS A 268 -68.78 -12.33 -20.58
N HIS A 269 -69.31 -12.70 -21.75
CA HIS A 269 -68.46 -12.93 -22.91
C HIS A 269 -67.74 -11.68 -23.39
N GLY A 270 -68.13 -10.50 -22.91
CA GLY A 270 -67.45 -9.27 -23.26
C GLY A 270 -66.15 -9.01 -22.52
N HIS A 271 -65.66 -10.03 -21.79
CA HIS A 271 -64.42 -9.94 -21.03
C HIS A 271 -64.47 -8.96 -19.87
N PRO A 272 -65.45 -9.05 -18.98
CA PRO A 272 -65.29 -8.44 -17.65
C PRO A 272 -64.46 -9.34 -16.75
N THR A 273 -64.17 -8.83 -15.55
CA THR A 273 -63.38 -9.58 -14.59
C THR A 273 -64.17 -10.77 -14.07
N VAL A 274 -63.70 -11.98 -14.40
CA VAL A 274 -64.29 -13.21 -13.87
C VAL A 274 -63.25 -14.16 -13.29
N GLU A 275 -61.98 -14.03 -13.63
CA GLU A 275 -60.97 -14.94 -13.11
C GLU A 275 -60.73 -14.75 -11.62
N ALA A 276 -60.97 -13.55 -11.11
CA ALA A 276 -60.69 -13.26 -9.70
C ALA A 276 -61.52 -14.16 -8.78
N LYS A 277 -62.80 -14.34 -9.10
CA LYS A 277 -63.66 -15.17 -8.26
C LYS A 277 -63.16 -16.61 -8.22
N LEU A 278 -62.82 -17.17 -9.38
CA LEU A 278 -62.33 -18.54 -9.41
C LEU A 278 -61.01 -18.68 -8.67
N ARG A 279 -60.11 -17.70 -8.83
CA ARG A 279 -58.84 -17.75 -8.11
C ARG A 279 -59.06 -17.70 -6.60
N ASN A 280 -59.97 -16.83 -6.15
CA ASN A 280 -60.27 -16.75 -4.74
C ASN A 280 -60.86 -18.06 -4.23
N GLN A 281 -61.76 -18.67 -5.00
CA GLN A 281 -62.33 -19.95 -4.58
C GLN A 281 -61.26 -21.02 -4.48
N LEU A 282 -60.36 -21.08 -5.46
CA LEU A 282 -59.31 -22.09 -5.43
C LEU A 282 -58.39 -21.88 -4.23
N GLU A 283 -58.03 -20.63 -3.94
CA GLU A 283 -57.19 -20.35 -2.78
C GLU A 283 -57.91 -20.72 -1.49
N LYS A 284 -59.21 -20.44 -1.41
CA LYS A 284 -59.98 -20.81 -0.23
C LYS A 284 -59.97 -22.32 -0.04
N TYR A 285 -60.16 -23.07 -1.13
CA TYR A 285 -60.13 -24.52 -1.03
C TYR A 285 -58.75 -25.01 -0.58
N ILE A 286 -57.70 -24.42 -1.13
CA ILE A 286 -56.35 -24.85 -0.77
C ILE A 286 -56.10 -24.60 0.72
N SER A 287 -56.50 -23.43 1.22
CA SER A 287 -56.29 -23.13 2.63
C SER A 287 -56.97 -24.16 3.52
N GLU A 288 -58.06 -24.76 3.06
CA GLU A 288 -58.77 -25.77 3.84
C GLU A 288 -58.15 -27.16 3.73
N ARG A 289 -57.21 -27.36 2.82
CA ARG A 289 -56.63 -28.69 2.62
C ARG A 289 -55.58 -28.99 3.68
N THR A 290 -55.54 -30.24 4.11
CA THR A 290 -54.56 -30.68 5.08
C THR A 290 -53.27 -31.12 4.37
N SER A 291 -52.15 -30.90 5.04
CA SER A 291 -50.84 -31.26 4.53
C SER A 291 -50.14 -32.16 5.54
N GLN A 292 -49.60 -33.28 5.06
CA GLN A 292 -49.04 -34.27 5.97
C GLN A 292 -47.72 -33.78 6.58
N ASP A 293 -46.81 -33.26 5.75
CA ASP A 293 -45.48 -32.87 6.19
C ASP A 293 -45.23 -31.38 6.01
N SER A 294 -46.28 -30.57 5.99
CA SER A 294 -46.08 -29.13 5.81
C SER A 294 -45.29 -28.53 6.96
N ASN A 295 -45.60 -28.94 8.19
CA ASN A 295 -44.99 -28.44 9.42
C ASN A 295 -45.49 -27.04 9.78
N TYR A 296 -46.46 -26.53 9.04
CA TYR A 296 -47.13 -25.27 9.33
C TYR A 296 -48.42 -25.50 10.13
N GLY A 297 -48.47 -26.58 10.89
CA GLY A 297 -49.70 -26.98 11.55
C GLY A 297 -50.60 -27.85 10.71
N GLY A 298 -50.09 -28.45 9.64
CA GLY A 298 -50.89 -29.25 8.74
C GLY A 298 -51.59 -28.46 7.66
N LYS A 299 -51.28 -27.18 7.49
CA LYS A 299 -51.95 -26.32 6.55
C LYS A 299 -50.93 -25.70 5.58
N ILE A 300 -51.41 -25.33 4.40
CA ILE A 300 -50.57 -24.72 3.38
C ILE A 300 -50.50 -23.22 3.61
N PRO A 301 -49.29 -22.67 3.57
CA PRO A 301 -49.28 -21.24 3.77
C PRO A 301 -49.80 -20.65 2.48
N ILE A 302 -50.73 -19.73 2.53
CA ILE A 302 -51.16 -19.14 1.30
C ILE A 302 -50.69 -17.73 1.50
N VAL A 303 -49.86 -17.20 0.61
CA VAL A 303 -49.40 -15.87 0.83
C VAL A 303 -49.62 -15.02 -0.41
N CYS A 304 -50.56 -14.11 -0.38
CA CYS A 304 -50.83 -13.20 -1.49
C CYS A 304 -49.82 -12.05 -1.54
N PHE A 305 -48.81 -12.20 -2.38
CA PHE A 305 -47.83 -11.14 -2.60
C PHE A 305 -48.45 -10.12 -3.56
N ALA A 306 -48.49 -8.86 -3.13
CA ALA A 306 -49.21 -7.83 -3.87
C ALA A 306 -48.37 -6.55 -3.89
N GLN A 307 -48.10 -6.06 -5.11
CA GLN A 307 -47.45 -4.78 -5.30
C GLN A 307 -48.10 -4.00 -6.42
N GLY A 308 -49.40 -4.23 -6.64
CA GLY A 308 -50.12 -3.65 -7.76
C GLY A 308 -50.93 -2.44 -7.32
N GLY A 309 -51.03 -1.46 -8.22
CA GLY A 309 -51.79 -0.26 -7.99
C GLY A 309 -53.20 -0.27 -8.48
N GLY A 310 -53.65 -1.37 -9.08
CA GLY A 310 -54.97 -1.39 -9.70
C GLY A 310 -56.09 -1.53 -8.69
N ARG A 311 -57.31 -1.27 -9.17
CA ARG A 311 -58.50 -1.48 -8.34
C ARG A 311 -58.70 -2.96 -8.04
N GLU A 312 -58.60 -3.80 -9.07
CA GLU A 312 -58.78 -5.24 -8.84
C GLU A 312 -57.76 -5.76 -7.84
N THR A 313 -56.58 -5.14 -7.77
CA THR A 313 -55.61 -5.52 -6.76
C THR A 313 -56.16 -5.26 -5.37
N LEU A 314 -56.79 -4.10 -5.17
CA LEU A 314 -57.41 -3.77 -3.89
C LEU A 314 -58.52 -4.76 -3.57
N LYS A 315 -59.37 -5.08 -4.55
CA LYS A 315 -60.45 -6.03 -4.31
C LYS A 315 -59.91 -7.40 -3.93
N ALA A 316 -58.87 -7.86 -4.63
CA ALA A 316 -58.27 -9.15 -4.31
C ALA A 316 -57.68 -9.14 -2.91
N ILE A 317 -56.97 -8.06 -2.54
CA ILE A 317 -56.40 -7.99 -1.21
C ILE A 317 -57.50 -8.05 -0.16
N ASN A 318 -58.60 -7.33 -0.39
CA ASN A 318 -59.69 -7.32 0.59
C ASN A 318 -60.30 -8.71 0.74
N THR A 319 -60.62 -9.36 -0.38
CA THR A 319 -61.25 -10.67 -0.29
C THR A 319 -60.29 -11.71 0.28
N SER A 320 -58.99 -11.52 0.10
CA SER A 320 -58.03 -12.44 0.69
C SER A 320 -57.93 -12.24 2.20
N VAL A 321 -57.86 -10.98 2.64
CA VAL A 321 -57.78 -10.69 4.06
C VAL A 321 -59.04 -11.13 4.78
N LYS A 322 -60.20 -11.02 4.11
CA LYS A 322 -61.43 -11.52 4.73
C LYS A 322 -61.27 -12.99 5.11
N SER A 323 -60.48 -13.73 4.34
CA SER A 323 -60.08 -15.08 4.74
C SER A 323 -58.83 -15.01 5.60
N LYS A 324 -58.47 -16.15 6.18
CA LYS A 324 -57.27 -16.25 7.02
C LYS A 324 -56.07 -16.45 6.11
N ILE A 325 -55.75 -15.39 5.37
CA ILE A 325 -54.66 -15.40 4.41
C ILE A 325 -53.71 -14.26 4.72
N PRO A 326 -52.71 -14.44 5.58
CA PRO A 326 -51.73 -13.38 5.79
C PRO A 326 -50.96 -13.12 4.51
N CYS A 327 -50.65 -11.86 4.24
CA CYS A 327 -49.79 -11.58 3.10
C CYS A 327 -49.34 -10.13 3.10
N VAL A 328 -48.57 -9.79 2.05
CA VAL A 328 -47.56 -8.77 2.11
C VAL A 328 -47.87 -7.67 1.10
N VAL A 329 -47.42 -6.45 1.41
CA VAL A 329 -47.41 -5.33 0.48
C VAL A 329 -46.04 -4.67 0.59
N VAL A 330 -45.67 -3.95 -0.47
CA VAL A 330 -44.38 -3.27 -0.54
C VAL A 330 -44.63 -1.79 -0.78
N GLU A 331 -43.99 -0.95 0.03
CA GLU A 331 -44.09 0.51 -0.12
C GLU A 331 -43.11 1.00 -1.18
N GLY A 332 -43.29 0.49 -2.40
CA GLY A 332 -42.41 0.82 -3.50
C GLY A 332 -43.15 1.45 -4.68
N SER A 333 -42.96 0.88 -5.87
CA SER A 333 -43.58 1.45 -7.06
C SER A 333 -45.10 1.43 -6.95
N GLY A 334 -45.67 0.33 -6.46
CA GLY A 334 -47.11 0.26 -6.30
C GLY A 334 -47.61 1.41 -5.43
N GLN A 335 -48.64 2.10 -5.93
CA GLN A 335 -49.10 3.32 -5.26
C GLN A 335 -50.20 3.04 -4.25
N ILE A 336 -51.12 2.12 -4.55
CA ILE A 336 -52.11 1.72 -3.56
C ILE A 336 -51.44 0.90 -2.47
N ALA A 337 -50.41 0.14 -2.83
CA ALA A 337 -49.58 -0.50 -1.82
C ALA A 337 -48.93 0.53 -0.92
N ASP A 338 -48.47 1.64 -1.51
CA ASP A 338 -47.94 2.74 -0.71
C ASP A 338 -49.02 3.32 0.19
N VAL A 339 -50.25 3.44 -0.31
CA VAL A 339 -51.35 3.94 0.51
C VAL A 339 -51.54 3.06 1.73
N ILE A 340 -51.60 1.75 1.50
CA ILE A 340 -51.84 0.81 2.61
C ILE A 340 -50.68 0.86 3.59
N ALA A 341 -49.44 0.90 3.08
CA ALA A 341 -48.29 0.95 3.97
C ALA A 341 -48.28 2.21 4.81
N SER A 342 -48.59 3.35 4.20
CA SER A 342 -48.63 4.61 4.95
C SER A 342 -49.72 4.57 6.00
N LEU A 343 -50.89 4.04 5.66
CA LEU A 343 -51.96 3.93 6.65
C LEU A 343 -51.55 3.05 7.82
N VAL A 344 -50.87 1.95 7.53
CA VAL A 344 -50.39 1.05 8.59
C VAL A 344 -49.24 1.70 9.33
N THR A 351 -59.18 7.37 10.19
CA THR A 351 -60.36 8.14 9.84
C THR A 351 -60.57 8.13 8.33
N SER A 352 -61.81 8.34 7.90
CA SER A 352 -62.11 8.34 6.47
C SER A 352 -61.37 9.46 5.76
N SER A 353 -61.25 10.63 6.39
CA SER A 353 -60.61 11.76 5.76
C SER A 353 -59.14 11.47 5.47
N MET A 354 -58.44 10.85 6.42
CA MET A 354 -57.01 10.58 6.24
C MET A 354 -56.79 9.59 5.10
N VAL A 355 -57.56 8.51 5.06
CA VAL A 355 -57.42 7.54 3.98
C VAL A 355 -57.76 8.19 2.64
N LYS A 356 -58.80 9.04 2.63
CA LYS A 356 -59.16 9.73 1.39
C LYS A 356 -58.03 10.62 0.91
N GLU A 357 -57.41 11.37 1.81
CA GLU A 357 -56.35 12.29 1.40
C GLU A 357 -55.11 11.53 0.97
N LYS A 358 -54.79 10.42 1.63
CA LYS A 358 -53.67 9.58 1.19
C LYS A 358 -53.93 9.04 -0.21
N LEU A 359 -55.16 8.55 -0.45
CA LEU A 359 -55.49 8.01 -1.76
C LEU A 359 -55.38 9.10 -2.83
N VAL A 360 -55.87 10.30 -2.53
CA VAL A 360 -55.78 11.40 -3.49
C VAL A 360 -54.32 11.73 -3.76
N ARG A 361 -53.49 11.75 -2.70
CA ARG A 361 -52.07 12.02 -2.88
C ARG A 361 -51.42 11.01 -3.81
N PHE A 362 -51.70 9.72 -3.59
CA PHE A 362 -51.08 8.69 -4.41
C PHE A 362 -51.85 8.40 -5.69
N LEU A 363 -53.08 8.93 -5.82
CA LEU A 363 -53.87 8.75 -7.04
C LEU A 363 -54.57 10.05 -7.40
N PRO A 364 -53.82 11.09 -7.72
CA PRO A 364 -54.46 12.35 -8.15
C PRO A 364 -55.31 12.17 -9.39
N ARG A 365 -54.69 11.72 -10.49
CA ARG A 365 -55.45 11.51 -11.71
C ARG A 365 -56.48 10.41 -11.54
N THR A 366 -56.10 9.31 -10.87
CA THR A 366 -57.01 8.19 -10.70
C THR A 366 -58.21 8.58 -9.83
N VAL A 367 -57.97 9.30 -8.73
CA VAL A 367 -59.08 9.71 -7.87
C VAL A 367 -59.95 10.73 -8.58
N SER A 368 -59.34 11.60 -9.39
CA SER A 368 -60.14 12.58 -10.14
C SER A 368 -61.07 11.87 -11.13
N ARG A 369 -60.57 10.84 -11.81
CA ARG A 369 -61.37 10.18 -12.83
C ARG A 369 -62.53 9.40 -12.23
N LEU A 370 -62.33 8.79 -11.06
CA LEU A 370 -63.33 7.88 -10.52
C LEU A 370 -64.58 8.64 -10.07
N PRO A 371 -65.74 7.99 -10.10
CA PRO A 371 -66.97 8.63 -9.61
C PRO A 371 -67.06 8.59 -8.09
N GLU A 372 -68.07 9.28 -7.56
CA GLU A 372 -68.18 9.46 -6.12
C GLU A 372 -68.56 8.17 -5.42
N GLU A 373 -69.57 7.46 -5.94
CA GLU A 373 -70.07 6.27 -5.25
C GLU A 373 -69.04 5.14 -5.29
N GLU A 374 -68.44 4.91 -6.46
CA GLU A 374 -67.42 3.87 -6.55
C GLU A 374 -66.23 4.18 -5.65
N ILE A 375 -65.90 5.46 -5.49
CA ILE A 375 -64.76 5.81 -4.66
C ILE A 375 -65.12 5.72 -3.17
N GLU A 376 -66.38 5.98 -2.82
CA GLU A 376 -66.83 5.70 -1.46
C GLU A 376 -66.73 4.21 -1.17
N SER A 377 -67.09 3.38 -2.15
CA SER A 377 -66.88 1.94 -2.00
C SER A 377 -65.40 1.61 -1.85
N TRP A 378 -64.55 2.29 -2.61
CA TRP A 378 -63.10 2.13 -2.45
C TRP A 378 -62.68 2.39 -1.01
N ILE A 379 -63.15 3.51 -0.45
CA ILE A 379 -62.77 3.87 0.91
C ILE A 379 -63.28 2.82 1.89
N LYS A 380 -64.49 2.32 1.68
CA LYS A 380 -65.02 1.26 2.53
C LYS A 380 -64.14 0.02 2.47
N TRP A 381 -63.75 -0.39 1.26
CA TRP A 381 -62.89 -1.56 1.11
C TRP A 381 -61.57 -1.35 1.82
N LEU A 382 -60.99 -0.15 1.68
CA LEU A 382 -59.68 0.13 2.26
C LEU A 382 -59.76 0.13 3.79
N LYS A 383 -60.83 0.71 4.34
CA LYS A 383 -61.01 0.68 5.78
C LYS A 383 -61.19 -0.75 6.29
N GLU A 384 -61.97 -1.55 5.57
CA GLU A 384 -62.13 -2.95 5.96
C GLU A 384 -60.80 -3.69 5.95
N ILE A 385 -59.97 -3.43 4.93
CA ILE A 385 -58.65 -4.05 4.87
C ILE A 385 -57.79 -3.62 6.03
N LEU A 386 -57.77 -2.31 6.30
CA LEU A 386 -56.92 -1.78 7.37
C LEU A 386 -57.41 -2.19 8.75
N GLU A 387 -58.65 -2.67 8.85
CA GLU A 387 -59.16 -3.12 10.14
C GLU A 387 -58.23 -4.17 10.75
N SER A 388 -57.87 -5.19 9.98
CA SER A 388 -56.98 -6.25 10.44
C SER A 388 -55.56 -5.97 9.96
N SER A 389 -54.61 -5.95 10.90
CA SER A 389 -53.22 -5.68 10.59
C SER A 389 -52.29 -6.86 10.83
N HIS A 390 -52.68 -7.82 11.68
CA HIS A 390 -51.82 -8.98 11.93
C HIS A 390 -51.61 -9.79 10.65
N LEU A 391 -52.68 -9.98 9.87
CA LEU A 391 -52.53 -10.68 8.59
C LEU A 391 -51.79 -9.82 7.57
N LEU A 392 -51.76 -8.51 7.78
CA LEU A 392 -51.18 -7.58 6.82
C LEU A 392 -49.73 -7.29 7.22
N THR A 393 -48.79 -7.58 6.32
CA THR A 393 -47.39 -7.28 6.52
C THR A 393 -46.90 -6.37 5.40
N VAL A 394 -45.89 -5.56 5.72
CA VAL A 394 -45.38 -4.55 4.80
C VAL A 394 -43.87 -4.67 4.70
N ILE A 395 -43.33 -4.27 3.56
CA ILE A 395 -41.89 -4.23 3.32
C ILE A 395 -41.45 -2.78 3.34
N LYS A 396 -40.51 -2.46 4.22
CA LYS A 396 -39.99 -1.10 4.30
C LYS A 396 -39.15 -0.77 3.07
N MET A 397 -39.32 0.46 2.57
CA MET A 397 -38.55 0.89 1.41
C MET A 397 -37.08 1.07 1.75
N GLU A 398 -36.77 1.46 2.99
CA GLU A 398 -35.39 1.69 3.38
C GLU A 398 -34.58 0.41 3.31
N GLU A 399 -35.18 -0.72 3.70
CA GLU A 399 -34.45 -1.98 3.73
C GLU A 399 -33.88 -2.31 2.36
N ALA A 400 -32.61 -2.72 2.33
CA ALA A 400 -31.92 -3.07 1.09
C ALA A 400 -31.26 -4.44 1.16
N GLY A 401 -31.51 -5.21 2.22
CA GLY A 401 -30.90 -6.52 2.32
C GLY A 401 -31.39 -7.47 1.23
N ASP A 402 -30.54 -8.45 0.91
CA ASP A 402 -30.88 -9.40 -0.14
C ASP A 402 -31.93 -10.41 0.32
N GLU A 403 -32.02 -10.67 1.62
CA GLU A 403 -32.93 -11.67 2.17
C GLU A 403 -34.18 -11.04 2.77
N ILE A 404 -34.50 -9.81 2.39
CA ILE A 404 -35.67 -9.14 2.94
C ILE A 404 -36.95 -9.87 2.55
N VAL A 405 -37.09 -10.21 1.26
CA VAL A 405 -38.33 -10.83 0.79
C VAL A 405 -38.71 -11.99 1.69
N SER A 406 -37.83 -13.00 1.76
CA SER A 406 -38.07 -14.16 2.61
C SER A 406 -38.61 -13.72 3.96
N ASN A 407 -37.86 -12.86 4.65
CA ASN A 407 -38.25 -12.40 5.97
C ASN A 407 -39.73 -12.06 5.98
N ALA A 408 -40.12 -11.09 5.14
CA ALA A 408 -41.52 -10.69 5.08
C ALA A 408 -42.43 -11.90 5.05
N ILE A 409 -42.30 -12.71 4.00
CA ILE A 409 -43.15 -13.90 3.88
C ILE A 409 -43.12 -14.66 5.18
N SER A 410 -41.93 -15.03 5.63
CA SER A 410 -41.80 -15.77 6.89
C SER A 410 -42.63 -15.11 7.97
N TYR A 411 -42.34 -13.84 8.27
CA TYR A 411 -43.03 -13.16 9.35
C TYR A 411 -44.53 -13.29 9.17
N ALA A 412 -45.01 -12.99 7.96
CA ALA A 412 -46.44 -13.11 7.69
C ALA A 412 -46.96 -14.44 8.18
N LEU A 413 -46.43 -15.54 7.61
CA LEU A 413 -46.90 -16.86 8.01
C LEU A 413 -46.83 -17.02 9.51
N TYR A 414 -45.70 -16.61 10.09
CA TYR A 414 -45.51 -16.77 11.53
C TYR A 414 -46.70 -16.18 12.28
N LYS A 415 -47.05 -14.94 11.97
CA LYS A 415 -48.15 -14.30 12.68
C LYS A 415 -49.43 -15.10 12.53
N ALA A 416 -49.75 -15.52 11.30
CA ALA A 416 -50.97 -16.27 11.11
C ALA A 416 -50.92 -17.61 11.84
N PHE A 417 -49.73 -18.16 12.05
CA PHE A 417 -49.64 -19.38 12.82
C PHE A 417 -49.81 -19.12 14.31
N SER A 418 -49.38 -17.94 14.77
CA SER A 418 -49.43 -17.63 16.19
C SER A 418 -50.73 -16.93 16.57
N THR A 419 -51.07 -15.84 15.87
CA THR A 419 -52.27 -15.09 16.19
C THR A 419 -53.55 -15.82 15.80
N ASN A 420 -53.46 -16.90 15.03
CA ASN A 420 -54.67 -17.63 14.64
C ASN A 420 -55.40 -18.18 15.85
N GLU A 421 -54.70 -18.39 16.96
CA GLU A 421 -55.20 -18.91 18.23
C GLU A 421 -55.44 -20.42 18.16
N GLN A 422 -55.34 -21.05 16.99
CA GLN A 422 -55.48 -22.50 16.93
C GLN A 422 -54.33 -23.20 17.63
N ASP A 423 -53.11 -22.67 17.47
CA ASP A 423 -51.92 -23.21 18.12
C ASP A 423 -51.09 -22.09 18.73
N LYS A 424 -51.74 -21.02 19.17
CA LYS A 424 -51.01 -19.90 19.77
C LYS A 424 -50.27 -20.35 21.01
N ASP A 425 -50.92 -21.14 21.88
CA ASP A 425 -50.24 -21.69 23.03
C ASP A 425 -49.22 -22.76 22.65
N ASN A 426 -49.31 -23.31 21.45
CA ASN A 426 -48.36 -24.31 21.01
C ASN A 426 -46.96 -23.70 20.92
N TRP A 427 -45.96 -24.48 21.34
CA TRP A 427 -44.57 -24.03 21.37
C TRP A 427 -43.71 -24.71 20.32
N ASN A 428 -43.81 -26.04 20.19
CA ASN A 428 -42.93 -26.76 19.27
C ASN A 428 -43.16 -26.32 17.83
N GLY A 429 -44.41 -26.33 17.38
CA GLY A 429 -44.69 -26.04 15.97
C GLY A 429 -44.20 -24.67 15.56
N GLN A 430 -44.31 -23.68 16.45
CA GLN A 430 -43.78 -22.36 16.17
C GLN A 430 -42.29 -22.43 15.87
N LEU A 431 -41.55 -23.17 16.70
CA LEU A 431 -40.11 -23.29 16.49
C LEU A 431 -39.80 -24.05 15.22
N LYS A 432 -40.57 -25.09 14.91
CA LYS A 432 -40.35 -25.82 13.66
C LYS A 432 -40.54 -24.91 12.46
N LEU A 433 -41.60 -24.10 12.48
CA LEU A 433 -41.84 -23.17 11.38
C LEU A 433 -40.71 -22.16 11.26
N LEU A 434 -40.28 -21.59 12.38
CA LEU A 434 -39.19 -20.63 12.32
C LEU A 434 -37.87 -21.27 11.92
N LEU A 435 -37.73 -22.58 12.13
CA LEU A 435 -36.54 -23.29 11.69
C LEU A 435 -36.57 -23.55 10.19
N GLU A 436 -37.75 -23.88 9.65
CA GLU A 436 -37.87 -24.11 8.22
C GLU A 436 -37.38 -22.90 7.44
N TRP A 437 -38.04 -21.77 7.61
CA TRP A 437 -37.54 -20.52 7.05
C TRP A 437 -36.36 -20.02 7.88
N ASN A 438 -35.33 -19.54 7.20
CA ASN A 438 -34.09 -19.13 7.88
C ASN A 438 -34.35 -17.82 8.61
N GLN A 439 -34.95 -17.94 9.79
CA GLN A 439 -35.25 -16.80 10.67
C GLN A 439 -34.70 -17.15 12.05
N LEU A 440 -33.49 -16.68 12.36
CA LEU A 440 -32.86 -17.00 13.63
C LEU A 440 -33.15 -15.95 14.69
N ASP A 441 -32.98 -14.68 14.34
CA ASP A 441 -33.17 -13.60 15.32
C ASP A 441 -34.59 -13.61 15.88
N LEU A 442 -35.57 -13.79 15.01
CA LEU A 442 -36.96 -13.78 15.46
C LEU A 442 -37.21 -14.95 16.40
N ALA A 443 -36.63 -16.12 16.10
CA ALA A 443 -36.83 -17.28 16.95
C ALA A 443 -36.25 -17.04 18.33
N SER A 444 -35.04 -16.48 18.40
CA SER A 444 -34.44 -16.18 19.71
C SER A 444 -35.31 -15.20 20.48
N ASP A 445 -35.80 -14.16 19.79
CA ASP A 445 -36.61 -13.15 20.47
C ASP A 445 -37.92 -13.74 21.00
N GLU A 446 -38.57 -14.59 20.21
CA GLU A 446 -39.95 -14.98 20.51
C GLU A 446 -40.02 -16.31 21.26
N ILE A 447 -39.47 -17.38 20.67
CA ILE A 447 -39.61 -18.71 21.25
C ILE A 447 -38.97 -18.75 22.63
N PHE A 448 -37.72 -18.30 22.73
CA PHE A 448 -36.98 -18.32 23.98
C PHE A 448 -37.36 -17.13 24.87
N THR A 449 -36.49 -16.75 25.80
CA THR A 449 -36.81 -15.86 26.92
C THR A 449 -37.34 -16.68 28.10
N ASN A 450 -37.32 -16.07 29.30
CA ASN A 450 -37.38 -16.84 30.54
C ASN A 450 -38.76 -17.44 30.81
N ASP A 451 -39.82 -16.78 30.35
CA ASP A 451 -41.17 -17.17 30.78
C ASP A 451 -41.50 -18.61 30.40
N ARG A 452 -41.15 -19.03 29.17
CA ARG A 452 -41.66 -20.31 28.67
C ARG A 452 -41.16 -21.50 29.49
N ARG A 453 -39.87 -21.53 29.84
CA ARG A 453 -39.28 -22.66 30.54
C ARG A 453 -39.40 -23.94 29.70
N TRP A 454 -38.87 -23.87 28.49
CA TRP A 454 -38.96 -24.96 27.50
C TRP A 454 -38.47 -26.31 28.00
N GLU A 455 -37.37 -26.33 28.76
CA GLU A 455 -36.73 -27.56 29.23
C GLU A 455 -35.90 -28.19 28.12
N SER A 456 -35.16 -29.27 28.46
CA SER A 456 -34.18 -29.81 27.55
C SER A 456 -34.77 -30.83 26.57
N ALA A 457 -35.71 -31.66 27.04
CA ALA A 457 -36.19 -32.76 26.22
C ALA A 457 -36.87 -32.29 24.93
N ASP A 458 -37.32 -31.04 24.88
CA ASP A 458 -38.02 -30.56 23.69
C ASP A 458 -37.06 -30.13 22.59
N LEU A 459 -35.84 -29.75 22.93
CA LEU A 459 -34.91 -29.20 21.96
C LEU A 459 -34.24 -30.27 21.10
N GLN A 460 -34.27 -31.53 21.53
CA GLN A 460 -33.60 -32.59 20.77
C GLN A 460 -34.24 -32.78 19.40
N GLU A 461 -35.58 -32.77 19.35
CA GLU A 461 -36.27 -32.97 18.08
C GLU A 461 -35.93 -31.89 17.07
N VAL A 462 -35.82 -30.64 17.52
CA VAL A 462 -35.50 -29.56 16.60
C VAL A 462 -34.01 -29.57 16.25
N MET A 463 -33.14 -29.97 17.19
CA MET A 463 -31.73 -30.08 16.86
C MET A 463 -31.48 -31.12 15.78
N PHE A 464 -32.15 -32.27 15.89
CA PHE A 464 -31.97 -33.30 14.87
C PHE A 464 -32.38 -32.80 13.50
N THR A 465 -33.52 -32.11 13.42
CA THR A 465 -33.96 -31.57 12.14
C THR A 465 -33.01 -30.50 11.63
N ALA A 466 -32.50 -29.64 12.52
CA ALA A 466 -31.57 -28.60 12.11
C ALA A 466 -30.30 -29.20 11.54
N LEU A 467 -29.86 -30.34 12.06
CA LEU A 467 -28.67 -30.98 11.52
C LEU A 467 -28.86 -31.31 10.04
N ILE A 468 -29.99 -31.92 9.70
CA ILE A 468 -30.26 -32.25 8.30
C ILE A 468 -30.54 -30.99 7.48
N LYS A 469 -31.32 -30.06 8.05
CA LYS A 469 -31.74 -28.87 7.32
C LYS A 469 -30.58 -27.95 6.95
N ASP A 470 -29.41 -28.16 7.54
CA ASP A 470 -28.25 -27.30 7.30
C ASP A 470 -28.54 -25.86 7.73
N ARG A 471 -28.80 -25.71 9.03
CA ARG A 471 -29.09 -24.42 9.65
C ARG A 471 -28.10 -24.21 10.79
N PRO A 472 -26.84 -23.92 10.47
CA PRO A 472 -25.82 -23.87 11.54
C PRO A 472 -26.13 -22.88 12.64
N LYS A 473 -26.74 -21.75 12.30
CA LYS A 473 -27.06 -20.75 13.31
C LYS A 473 -28.03 -21.31 14.34
N PHE A 474 -29.04 -22.05 13.88
CA PHE A 474 -29.97 -22.68 14.82
C PHE A 474 -29.27 -23.74 15.66
N VAL A 475 -28.30 -24.44 15.07
CA VAL A 475 -27.55 -25.44 15.83
C VAL A 475 -26.81 -24.75 16.98
N ARG A 476 -26.13 -23.64 16.67
CA ARG A 476 -25.42 -22.90 17.72
C ARG A 476 -26.39 -22.38 18.77
N LEU A 477 -27.54 -21.86 18.33
CA LEU A 477 -28.54 -21.35 19.26
C LEU A 477 -28.99 -22.45 20.22
N PHE A 478 -29.35 -23.62 19.68
CA PHE A 478 -29.79 -24.72 20.53
C PHE A 478 -28.69 -25.15 21.48
N LEU A 479 -27.44 -25.23 20.99
CA LEU A 479 -26.35 -25.65 21.84
C LEU A 479 -26.14 -24.67 22.99
N GLU A 480 -26.24 -23.38 22.72
CA GLU A 480 -26.01 -22.36 23.74
C GLU A 480 -27.27 -22.07 24.57
N ASN A 481 -28.39 -22.70 24.26
CA ASN A 481 -29.62 -22.52 25.03
C ASN A 481 -29.88 -23.69 25.99
N GLY A 482 -28.87 -24.53 26.24
CA GLY A 482 -28.93 -25.53 27.27
C GLY A 482 -28.90 -26.96 26.79
N LEU A 483 -28.97 -27.21 25.48
CA LEU A 483 -28.94 -28.57 24.98
C LEU A 483 -27.60 -29.23 25.32
N ASN A 484 -27.67 -30.48 25.80
CA ASN A 484 -26.48 -31.25 26.12
C ASN A 484 -26.11 -32.08 24.89
N LEU A 485 -25.08 -31.65 24.18
CA LEU A 485 -24.70 -32.34 22.94
C LEU A 485 -24.25 -33.76 23.22
N GLN A 486 -23.49 -33.96 24.29
CA GLN A 486 -22.95 -35.29 24.57
C GLN A 486 -24.06 -36.31 24.71
N LYS A 487 -25.11 -35.97 25.45
CA LYS A 487 -26.23 -36.91 25.61
C LYS A 487 -27.03 -37.05 24.32
N PHE A 488 -27.08 -36.00 23.50
CA PHE A 488 -27.88 -36.05 22.29
C PHE A 488 -27.36 -37.11 21.32
N LEU A 489 -26.05 -37.22 21.16
CA LEU A 489 -25.50 -38.18 20.21
C LEU A 489 -25.61 -39.59 20.75
N THR A 490 -26.74 -40.24 20.48
CA THR A 490 -26.94 -41.63 20.85
C THR A 490 -26.48 -42.55 19.73
N ASN A 491 -26.25 -43.81 20.08
CA ASN A 491 -25.79 -44.77 19.09
C ASN A 491 -26.81 -44.91 17.97
N GLU A 492 -28.09 -45.02 18.31
CA GLU A 492 -29.12 -45.13 17.28
C GLU A 492 -29.18 -43.86 16.44
N VAL A 493 -29.04 -42.69 17.06
CA VAL A 493 -29.08 -41.44 16.32
C VAL A 493 -27.96 -41.40 15.28
N LEU A 494 -26.74 -41.70 15.71
CA LEU A 494 -25.61 -41.68 14.79
C LEU A 494 -25.76 -42.74 13.70
N THR A 495 -26.24 -43.92 14.08
CA THR A 495 -26.41 -44.98 13.10
C THR A 495 -27.39 -44.56 12.01
N GLU A 496 -28.57 -44.07 12.41
CA GLU A 496 -29.56 -43.65 11.43
C GLU A 496 -29.04 -42.50 10.59
N LEU A 497 -28.39 -41.52 11.23
CA LEU A 497 -27.88 -40.37 10.50
C LEU A 497 -26.88 -40.80 9.44
N PHE A 498 -25.89 -41.60 9.81
CA PHE A 498 -24.90 -42.06 8.85
C PHE A 498 -25.54 -42.89 7.76
N SER A 499 -26.49 -43.75 8.10
CA SER A 499 -27.08 -44.65 7.11
C SER A 499 -27.89 -43.89 6.08
N THR A 500 -28.75 -42.97 6.52
CA THR A 500 -29.74 -42.36 5.63
C THR A 500 -29.48 -40.88 5.36
N HIS A 501 -28.28 -40.39 5.64
CA HIS A 501 -27.94 -39.02 5.26
C HIS A 501 -26.52 -38.85 4.74
N PHE A 502 -25.76 -39.93 4.56
CA PHE A 502 -24.44 -39.84 3.96
C PHE A 502 -24.59 -39.85 2.44
N SER A 503 -24.06 -38.81 1.79
CA SER A 503 -24.20 -38.70 0.34
C SER A 503 -23.63 -39.93 -0.34
N THR A 504 -24.39 -40.49 -1.28
CA THR A 504 -23.94 -41.67 -2.00
C THR A 504 -22.69 -41.37 -2.82
N LEU A 505 -22.64 -40.19 -3.45
CA LEU A 505 -21.44 -39.79 -4.17
C LEU A 505 -20.24 -39.72 -3.24
N VAL A 506 -20.42 -39.10 -2.07
CA VAL A 506 -19.32 -39.01 -1.11
C VAL A 506 -18.93 -40.39 -0.61
N TYR A 507 -19.92 -41.26 -0.39
CA TYR A 507 -19.63 -42.61 0.06
C TYR A 507 -18.80 -43.36 -0.98
N ARG A 508 -19.17 -43.25 -2.25
CA ARG A 508 -18.40 -43.90 -3.31
C ARG A 508 -16.99 -43.34 -3.39
N ASN A 509 -16.85 -42.02 -3.29
CA ASN A 509 -15.52 -41.42 -3.33
C ASN A 509 -14.65 -41.90 -2.18
N LEU A 510 -15.23 -41.96 -0.98
CA LEU A 510 -14.48 -42.44 0.18
C LEU A 510 -14.09 -43.90 0.01
N GLN A 511 -15.00 -44.72 -0.51
CA GLN A 511 -14.68 -46.13 -0.75
C GLN A 511 -13.52 -46.26 -1.73
N ILE A 512 -13.57 -45.48 -2.81
CA ILE A 512 -12.51 -45.55 -3.82
C ILE A 512 -11.18 -45.11 -3.22
N ALA A 513 -11.19 -44.01 -2.46
CA ALA A 513 -9.95 -43.53 -1.86
C ALA A 513 -9.38 -44.55 -0.89
N LYS A 514 -10.24 -45.15 -0.05
CA LYS A 514 -9.76 -46.13 0.91
C LYS A 514 -9.20 -47.36 0.23
N ASN A 515 -9.85 -47.82 -0.85
CA ASN A 515 -9.40 -49.03 -1.52
C ASN A 515 -8.14 -48.79 -2.34
N SER A 516 -7.96 -47.59 -2.88
CA SER A 516 -6.87 -47.31 -3.80
C SER A 516 -5.64 -46.75 -3.08
N TYR A 517 -5.80 -45.60 -2.43
CA TYR A 517 -4.65 -44.94 -1.82
C TYR A 517 -4.37 -45.47 -0.42
N ASN A 518 -5.37 -45.45 0.45
CA ASN A 518 -5.22 -45.94 1.81
C ASN A 518 -4.27 -45.06 2.61
N ASP A 519 -4.41 -45.05 3.93
CA ASP A 519 -3.56 -44.25 4.81
C ASP A 519 -3.84 -44.69 6.25
N ALA A 520 -3.06 -44.12 7.17
CA ALA A 520 -3.23 -44.46 8.58
C ALA A 520 -4.57 -43.94 9.11
N LEU A 521 -5.07 -42.83 8.57
CA LEU A 521 -6.32 -42.24 9.02
C LEU A 521 -7.51 -42.68 8.18
N LEU A 522 -7.30 -42.92 6.88
CA LEU A 522 -8.37 -43.36 6.03
C LEU A 522 -8.95 -44.69 6.50
N THR A 523 -8.08 -45.61 6.91
CA THR A 523 -8.57 -46.90 7.40
C THR A 523 -9.45 -46.73 8.62
N PHE A 524 -9.02 -45.89 9.57
CA PHE A 524 -9.81 -45.67 10.78
C PHE A 524 -11.15 -45.04 10.45
N VAL A 525 -11.16 -43.99 9.63
CA VAL A 525 -12.41 -43.32 9.29
C VAL A 525 -13.33 -44.27 8.54
N TRP A 526 -12.77 -45.04 7.61
CA TRP A 526 -13.57 -45.99 6.86
C TRP A 526 -14.18 -47.04 7.77
N LYS A 527 -13.41 -47.56 8.72
CA LYS A 527 -13.95 -48.53 9.66
C LYS A 527 -15.08 -47.94 10.48
N LEU A 528 -14.90 -46.71 10.97
CA LEU A 528 -15.94 -46.09 11.79
C LEU A 528 -17.21 -45.87 10.98
N VAL A 529 -17.08 -45.33 9.76
CA VAL A 529 -18.26 -45.04 8.95
C VAL A 529 -18.97 -46.33 8.57
N ALA A 530 -18.20 -47.37 8.22
CA ALA A 530 -18.82 -48.66 7.89
C ALA A 530 -19.54 -49.24 9.10
N ASN A 531 -18.95 -49.12 10.29
CA ASN A 531 -19.59 -49.63 11.49
C ASN A 531 -20.92 -48.92 11.72
N PHE A 532 -20.94 -47.60 11.58
CA PHE A 532 -22.19 -46.87 11.81
C PHE A 532 -23.19 -47.09 10.69
N ARG A 533 -22.72 -47.38 9.47
CA ARG A 533 -23.62 -47.61 8.36
C ARG A 533 -24.30 -48.97 8.48
N ARG A 534 -23.54 -50.01 8.82
CA ARG A 534 -24.13 -51.33 8.99
C ARG A 534 -24.99 -51.41 10.24
N SER A 535 -24.53 -50.79 11.33
CA SER A 535 -25.28 -50.81 12.58
C SER A 535 -24.63 -49.89 13.61
N THR A 558 -12.92 -44.84 24.89
CA THR A 558 -14.21 -44.17 24.80
C THR A 558 -14.77 -44.27 23.39
N ARG A 559 -15.89 -43.58 23.15
CA ARG A 559 -16.54 -43.59 21.85
C ARG A 559 -16.24 -42.36 21.02
N HIS A 560 -16.09 -41.20 21.66
CA HIS A 560 -15.84 -39.95 20.96
C HIS A 560 -16.93 -39.69 19.93
N PRO A 561 -18.21 -39.64 20.33
CA PRO A 561 -19.27 -39.31 19.37
C PRO A 561 -19.10 -37.94 18.74
N LEU A 562 -18.55 -36.98 19.49
CA LEU A 562 -18.33 -35.65 18.94
C LEU A 562 -17.40 -35.70 17.73
N GLN A 563 -16.35 -36.51 17.80
CA GLN A 563 -15.45 -36.66 16.66
C GLN A 563 -16.18 -37.25 15.47
N ALA A 564 -17.08 -38.22 15.72
CA ALA A 564 -17.85 -38.80 14.63
C ALA A 564 -18.74 -37.76 13.97
N LEU A 565 -19.42 -36.94 14.78
CA LEU A 565 -20.26 -35.89 14.20
C LEU A 565 -19.43 -34.88 13.42
N PHE A 566 -18.25 -34.52 13.95
CA PHE A 566 -17.38 -33.60 13.24
C PHE A 566 -16.94 -34.18 11.90
N ILE A 567 -16.61 -35.47 11.89
CA ILE A 567 -16.21 -36.13 10.64
C ILE A 567 -17.37 -36.13 9.65
N TRP A 568 -18.57 -36.44 10.13
CA TRP A 568 -19.74 -36.44 9.25
C TRP A 568 -19.95 -35.07 8.64
N ALA A 569 -19.85 -34.01 9.45
CA ALA A 569 -20.01 -32.67 8.93
C ALA A 569 -18.90 -32.34 7.93
N ILE A 570 -17.68 -32.78 8.20
CA ILE A 570 -16.55 -32.45 7.34
C ILE A 570 -16.72 -33.10 5.97
N LEU A 571 -17.05 -34.40 5.96
CA LEU A 571 -17.09 -35.13 4.69
C LEU A 571 -18.17 -34.62 3.76
N GLN A 572 -19.19 -33.95 4.28
CA GLN A 572 -20.22 -33.34 3.45
C GLN A 572 -19.86 -31.93 3.02
N ASN A 573 -18.69 -31.43 3.42
CA ASN A 573 -18.26 -30.09 3.05
C ASN A 573 -19.21 -29.03 3.58
N LYS A 574 -19.44 -29.03 4.90
CA LYS A 574 -20.26 -28.02 5.56
C LYS A 574 -19.33 -27.19 6.44
N LYS A 575 -19.17 -25.92 6.10
CA LYS A 575 -18.17 -25.08 6.77
C LYS A 575 -18.66 -24.61 8.13
N GLU A 576 -19.77 -23.85 8.15
CA GLU A 576 -20.25 -23.29 9.42
C GLU A 576 -20.59 -24.39 10.41
N LEU A 577 -21.26 -25.44 9.96
CA LEU A 577 -21.60 -26.53 10.86
C LEU A 577 -20.35 -27.22 11.39
N SER A 578 -19.35 -27.42 10.52
CA SER A 578 -18.11 -28.04 10.96
C SER A 578 -17.42 -27.19 12.02
N LYS A 579 -17.39 -25.87 11.82
CA LYS A 579 -16.80 -25.00 12.83
C LYS A 579 -17.57 -25.07 14.14
N VAL A 580 -18.91 -25.08 14.06
CA VAL A 580 -19.71 -25.13 15.27
C VAL A 580 -19.43 -26.41 16.04
N ILE A 581 -19.34 -27.55 15.34
CA ILE A 581 -19.05 -28.80 16.00
C ILE A 581 -17.63 -28.80 16.56
N TRP A 582 -16.68 -28.23 15.82
CA TRP A 582 -15.30 -28.18 16.27
C TRP A 582 -15.18 -27.40 17.57
N GLU A 583 -15.95 -26.31 17.71
CA GLU A 583 -15.90 -25.52 18.93
C GLU A 583 -16.34 -26.31 20.16
N GLN A 584 -16.81 -27.55 20.00
CA GLN A 584 -17.26 -28.36 21.13
C GLN A 584 -16.28 -29.48 21.49
N THR A 585 -15.43 -29.89 20.56
CA THR A 585 -14.56 -31.04 20.78
C THR A 585 -13.51 -30.74 21.85
N LYS A 586 -12.93 -31.81 22.40
CA LYS A 586 -11.88 -31.68 23.40
C LYS A 586 -10.53 -31.41 22.74
N GLY A 587 -10.10 -32.30 21.85
CA GLY A 587 -8.86 -32.12 21.12
C GLY A 587 -9.04 -31.23 19.91
N CYS A 588 -9.13 -29.92 20.13
CA CYS A 588 -9.42 -28.99 19.05
C CYS A 588 -8.30 -28.94 18.02
N THR A 589 -7.06 -28.75 18.48
CA THR A 589 -5.94 -28.63 17.55
C THR A 589 -5.74 -29.93 16.77
N LEU A 590 -5.76 -31.06 17.47
CA LEU A 590 -5.59 -32.34 16.80
C LEU A 590 -6.73 -32.60 15.83
N ALA A 591 -7.96 -32.24 16.23
CA ALA A 591 -9.09 -32.42 15.34
C ALA A 591 -8.95 -31.57 14.08
N ALA A 592 -8.48 -30.34 14.23
CA ALA A 592 -8.29 -29.48 13.07
C ALA A 592 -7.22 -30.05 12.14
N LEU A 593 -6.11 -30.52 12.70
CA LEU A 593 -5.07 -31.11 11.87
C LEU A 593 -5.59 -32.34 11.14
N GLY A 594 -6.34 -33.20 11.84
CA GLY A 594 -6.90 -34.37 11.20
C GLY A 594 -7.89 -34.02 10.10
N ALA A 595 -8.71 -32.99 10.33
CA ALA A 595 -9.64 -32.55 9.30
C ALA A 595 -8.90 -32.05 8.07
N SER A 596 -7.83 -31.27 8.27
CA SER A 596 -7.06 -30.79 7.15
C SER A 596 -6.46 -31.95 6.36
N LYS A 597 -5.87 -32.92 7.07
CA LYS A 597 -5.28 -34.07 6.39
C LYS A 597 -6.33 -34.86 5.62
N LEU A 598 -7.50 -35.09 6.23
CA LEU A 598 -8.54 -35.85 5.58
C LEU A 598 -9.06 -35.13 4.34
N LEU A 599 -9.26 -33.81 4.43
CA LEU A 599 -9.72 -33.06 3.27
C LEU A 599 -8.69 -33.09 2.16
N LYS A 600 -7.40 -32.96 2.50
CA LYS A 600 -6.36 -33.04 1.49
C LYS A 600 -6.39 -34.39 0.79
N THR A 601 -6.46 -35.47 1.57
CA THR A 601 -6.47 -36.81 0.97
C THR A 601 -7.69 -37.00 0.08
N LEU A 602 -8.86 -36.56 0.53
CA LEU A 602 -10.06 -36.72 -0.27
C LEU A 602 -9.97 -35.92 -1.57
N ALA A 603 -9.46 -34.69 -1.49
CA ALA A 603 -9.30 -33.91 -2.71
C ALA A 603 -8.28 -34.55 -3.64
N LYS A 604 -7.31 -35.27 -3.10
CA LYS A 604 -6.34 -35.97 -3.94
C LYS A 604 -6.99 -37.07 -4.77
N VAL A 605 -8.19 -37.52 -4.40
CA VAL A 605 -8.89 -38.59 -5.09
C VAL A 605 -10.32 -38.17 -5.46
N LYS A 606 -10.52 -36.87 -5.69
CA LYS A 606 -11.83 -36.33 -6.03
C LYS A 606 -11.88 -36.00 -7.52
N ASN A 607 -12.93 -36.48 -8.20
CA ASN A 607 -13.08 -36.23 -9.62
C ASN A 607 -13.56 -34.80 -9.89
N ASP A 608 -14.40 -34.26 -9.01
CA ASP A 608 -14.93 -32.91 -9.21
C ASP A 608 -13.80 -31.89 -9.22
N ILE A 609 -13.96 -30.87 -10.05
CA ILE A 609 -12.91 -29.85 -10.21
C ILE A 609 -13.08 -28.75 -9.17
N ASN A 610 -14.26 -28.14 -9.12
CA ASN A 610 -14.49 -27.05 -8.18
C ASN A 610 -14.61 -27.54 -6.73
N ALA A 611 -15.15 -28.75 -6.55
CA ALA A 611 -15.20 -29.33 -5.21
C ALA A 611 -13.80 -29.52 -4.64
N ALA A 612 -12.84 -29.85 -5.49
CA ALA A 612 -11.46 -29.98 -5.02
C ALA A 612 -10.95 -28.65 -4.49
N GLY A 613 -11.22 -27.55 -5.20
CA GLY A 613 -10.82 -26.24 -4.72
C GLY A 613 -11.49 -25.87 -3.42
N GLU A 614 -12.80 -26.17 -3.31
CA GLU A 614 -13.51 -25.89 -2.07
C GLU A 614 -12.90 -26.65 -0.90
N SER A 615 -12.61 -27.94 -1.11
CA SER A 615 -12.02 -28.75 -0.05
C SER A 615 -10.64 -28.24 0.33
N GLU A 616 -9.84 -27.84 -0.67
CA GLU A 616 -8.52 -27.31 -0.38
C GLU A 616 -8.62 -26.03 0.44
N GLU A 617 -9.56 -25.15 0.08
CA GLU A 617 -9.75 -23.93 0.84
C GLU A 617 -10.17 -24.22 2.28
N LEU A 618 -11.08 -25.18 2.46
CA LEU A 618 -11.50 -25.53 3.81
C LEU A 618 -10.35 -26.09 4.63
N ALA A 619 -9.52 -26.95 4.01
CA ALA A 619 -8.37 -27.50 4.71
C ALA A 619 -7.38 -26.41 5.09
N ASN A 620 -7.16 -25.45 4.19
CA ASN A 620 -6.27 -24.33 4.51
C ASN A 620 -6.82 -23.53 5.67
N GLU A 621 -8.13 -23.28 5.68
CA GLU A 621 -8.74 -22.55 6.79
C GLU A 621 -8.53 -23.29 8.10
N TYR A 622 -8.75 -24.60 8.10
CA TYR A 622 -8.61 -25.37 9.33
C TYR A 622 -7.17 -25.40 9.81
N GLU A 623 -6.20 -25.52 8.88
CA GLU A 623 -4.81 -25.55 9.29
C GLU A 623 -4.38 -24.20 9.86
N THR A 624 -4.84 -23.10 9.26
CA THR A 624 -4.56 -21.79 9.83
C THR A 624 -5.18 -21.65 11.22
N ARG A 625 -6.39 -22.17 11.39
CA ARG A 625 -7.04 -22.15 12.69
C ARG A 625 -6.20 -22.89 13.72
N ALA A 626 -5.72 -24.08 13.36
CA ALA A 626 -4.89 -24.85 14.28
C ALA A 626 -3.61 -24.11 14.63
N VAL A 627 -2.97 -23.51 13.62
CA VAL A 627 -1.71 -22.80 13.88
C VAL A 627 -1.94 -21.65 14.85
N GLU A 628 -3.00 -20.86 14.61
CA GLU A 628 -3.29 -19.74 15.49
C GLU A 628 -3.61 -20.21 16.91
N LEU A 629 -4.42 -21.27 17.02
CA LEU A 629 -4.75 -21.79 18.34
C LEU A 629 -3.49 -22.23 19.08
N PHE A 630 -2.59 -22.93 18.38
CA PHE A 630 -1.39 -23.41 19.05
C PHE A 630 -0.46 -22.26 19.41
N THR A 631 -0.39 -21.23 18.57
CA THR A 631 0.42 -20.07 18.93
C THR A 631 -0.08 -19.43 20.21
N GLU A 632 -1.39 -19.22 20.31
CA GLU A 632 -1.95 -18.66 21.55
C GLU A 632 -1.68 -19.58 22.73
N CYS A 633 -1.88 -20.89 22.54
CA CYS A 633 -1.69 -21.84 23.62
C CYS A 633 -0.25 -21.85 24.11
N TYR A 634 0.71 -21.78 23.19
CA TYR A 634 2.12 -21.80 23.57
C TYR A 634 2.53 -20.50 24.21
N SER A 635 2.01 -19.37 23.72
CA SER A 635 2.30 -18.09 24.36
C SER A 635 1.79 -18.07 25.79
N ASN A 636 0.61 -18.64 26.03
CA ASN A 636 0.10 -18.70 27.39
C ASN A 636 1.03 -19.50 28.30
N ASP A 637 1.50 -20.66 27.84
CA ASP A 637 2.39 -21.50 28.63
C ASP A 637 3.30 -22.28 27.68
N GLU A 638 4.54 -22.50 28.12
CA GLU A 638 5.52 -23.18 27.27
C GLU A 638 5.52 -24.69 27.47
N ASP A 639 5.35 -25.15 28.72
CA ASP A 639 5.48 -26.57 28.99
C ASP A 639 4.21 -27.34 28.68
N LEU A 640 3.06 -26.80 29.09
CA LEU A 640 1.80 -27.48 28.81
C LEU A 640 1.54 -27.58 27.32
N ALA A 641 1.98 -26.58 26.54
CA ALA A 641 1.82 -26.66 25.09
C ALA A 641 2.58 -27.83 24.52
N GLU A 642 3.82 -28.06 24.98
CA GLU A 642 4.59 -29.19 24.49
C GLU A 642 3.99 -30.51 24.97
N GLN A 643 3.47 -30.53 26.20
CA GLN A 643 2.78 -31.73 26.67
C GLN A 643 1.58 -32.05 25.78
N LEU A 644 0.84 -31.02 25.38
CA LEU A 644 -0.25 -31.21 24.43
C LEU A 644 0.27 -31.73 23.10
N LEU A 645 1.39 -31.17 22.63
CA LEU A 645 1.99 -31.64 21.38
C LEU A 645 2.24 -33.14 21.42
N VAL A 646 2.89 -33.61 22.49
CA VAL A 646 3.25 -35.02 22.58
C VAL A 646 2.09 -35.89 23.02
N TYR A 647 0.98 -35.31 23.47
CA TYR A 647 -0.17 -36.09 23.89
C TYR A 647 -0.59 -37.05 22.80
N SER A 648 -0.62 -38.35 23.13
CA SER A 648 -0.98 -39.37 22.17
C SER A 648 -2.49 -39.46 22.04
N CYS A 649 -2.97 -39.50 20.80
CA CYS A 649 -4.39 -39.57 20.54
C CYS A 649 -5.02 -40.78 21.21
N GLU A 650 -6.17 -40.55 21.85
CA GLU A 650 -6.96 -41.65 22.42
C GLU A 650 -7.96 -42.15 21.38
N ALA A 651 -7.39 -42.70 20.30
CA ALA A 651 -8.16 -43.32 19.22
C ALA A 651 -8.85 -42.28 18.33
N TRP A 652 -8.31 -41.06 18.26
CA TRP A 652 -8.70 -40.16 17.18
C TRP A 652 -8.22 -40.70 15.85
N GLY A 653 -6.91 -40.85 15.71
CA GLY A 653 -6.31 -41.53 14.58
C GLY A 653 -5.12 -42.35 15.01
N GLY A 654 -4.89 -42.43 16.32
CA GLY A 654 -3.72 -43.11 16.86
C GLY A 654 -2.45 -42.30 16.83
N SER A 655 -2.52 -41.02 16.47
CA SER A 655 -1.34 -40.20 16.29
C SER A 655 -1.59 -38.81 16.86
N ASN A 656 -0.50 -38.12 17.19
CA ASN A 656 -0.54 -36.80 17.81
C ASN A 656 -0.40 -35.72 16.74
N CYS A 657 -0.30 -34.47 17.19
CA CYS A 657 -0.30 -33.34 16.28
C CYS A 657 0.90 -33.37 15.33
N LEU A 658 2.09 -33.69 15.86
CA LEU A 658 3.29 -33.65 15.03
C LEU A 658 3.18 -34.64 13.86
N GLU A 659 2.74 -35.86 14.15
CA GLU A 659 2.64 -36.87 13.10
C GLU A 659 1.62 -36.46 12.04
N LEU A 660 0.46 -35.95 12.46
CA LEU A 660 -0.53 -35.53 11.49
C LEU A 660 -0.01 -34.38 10.63
N ALA A 661 0.67 -33.40 11.26
CA ALA A 661 1.18 -32.27 10.51
C ALA A 661 2.23 -32.71 9.50
N VAL A 662 3.13 -33.60 9.90
CA VAL A 662 4.20 -34.01 8.99
C VAL A 662 3.63 -34.88 7.87
N GLU A 663 2.65 -35.73 8.17
CA GLU A 663 2.03 -36.55 7.14
C GLU A 663 1.17 -35.74 6.20
N ALA A 664 0.64 -34.61 6.65
CA ALA A 664 -0.14 -33.71 5.81
C ALA A 664 0.71 -32.66 5.12
N THR A 665 2.02 -32.70 5.33
CA THR A 665 2.94 -31.72 4.72
C THR A 665 2.55 -30.30 5.11
N ASP A 666 2.21 -30.11 6.38
CA ASP A 666 1.84 -28.79 6.90
C ASP A 666 3.10 -28.09 7.37
N GLN A 667 3.80 -27.48 6.41
CA GLN A 667 5.06 -26.81 6.72
C GLN A 667 4.83 -25.62 7.65
N HIS A 668 3.71 -24.91 7.48
CA HIS A 668 3.48 -23.70 8.25
C HIS A 668 3.39 -24.01 9.74
N PHE A 669 2.72 -25.09 10.10
CA PHE A 669 2.57 -25.45 11.51
C PHE A 669 3.91 -25.84 12.12
N ILE A 670 4.70 -26.64 11.42
CA ILE A 670 5.96 -27.12 11.97
C ILE A 670 6.94 -25.97 12.15
N ALA A 671 6.91 -25.00 11.23
CA ALA A 671 7.89 -23.92 11.24
C ALA A 671 7.67 -22.92 12.37
N GLN A 672 6.58 -23.03 13.12
CA GLN A 672 6.29 -22.05 14.15
C GLN A 672 7.33 -22.11 15.26
N PRO A 673 7.59 -20.99 15.95
CA PRO A 673 8.68 -20.99 16.93
C PRO A 673 8.54 -22.03 18.03
N GLY A 674 7.32 -22.32 18.47
CA GLY A 674 7.17 -23.28 19.56
C GLY A 674 7.65 -24.66 19.19
N VAL A 675 7.26 -25.13 18.00
CA VAL A 675 7.67 -26.46 17.56
C VAL A 675 9.18 -26.49 17.34
N GLN A 676 9.73 -25.40 16.82
CA GLN A 676 11.18 -25.35 16.62
C GLN A 676 11.92 -25.39 17.95
N ASN A 677 11.41 -24.70 18.97
CA ASN A 677 12.04 -24.75 20.28
C ASN A 677 11.94 -26.15 20.87
N PHE A 678 10.79 -26.81 20.70
CA PHE A 678 10.66 -28.19 21.17
C PHE A 678 11.67 -29.10 20.49
N LEU A 679 11.81 -28.96 19.17
CA LEU A 679 12.75 -29.79 18.44
C LEU A 679 14.19 -29.50 18.87
N SER A 680 14.51 -28.22 19.11
CA SER A 680 15.85 -27.87 19.57
C SER A 680 16.12 -28.50 20.94
N LYS A 681 15.14 -28.44 21.84
CA LYS A 681 15.32 -29.05 23.15
C LYS A 681 15.54 -30.55 23.04
N GLN A 682 14.79 -31.22 22.17
CA GLN A 682 15.05 -32.64 21.94
C GLN A 682 16.43 -32.87 21.35
N TRP A 683 16.84 -32.01 20.43
CA TRP A 683 18.11 -32.17 19.73
C TRP A 683 19.29 -32.05 20.70
N TYR A 684 19.25 -31.06 21.60
CA TYR A 684 20.30 -30.90 22.59
C TYR A 684 20.15 -31.86 23.77
N GLY A 685 18.99 -32.52 23.91
CA GLY A 685 18.82 -33.46 25.00
C GLY A 685 19.01 -32.81 26.35
N GLU A 686 19.76 -33.49 27.21
CA GLU A 686 19.97 -32.99 28.56
C GLU A 686 20.72 -31.65 28.55
N ILE A 687 21.69 -31.51 27.66
CA ILE A 687 22.48 -30.28 27.62
C ILE A 687 21.56 -29.08 27.42
N SER A 688 21.90 -27.98 28.06
CA SER A 688 21.12 -26.76 27.93
C SER A 688 21.33 -26.15 26.55
N ARG A 689 20.23 -25.74 25.92
CA ARG A 689 20.32 -25.12 24.61
C ARG A 689 21.07 -23.80 24.65
N ASP A 690 21.18 -23.17 25.82
CA ASP A 690 21.93 -21.93 25.93
C ASP A 690 23.43 -22.14 25.77
N THR A 691 23.91 -23.38 25.94
CA THR A 691 25.32 -23.66 25.81
C THR A 691 25.77 -23.43 24.36
N LYS A 692 26.98 -22.89 24.21
CA LYS A 692 27.53 -22.64 22.88
C LYS A 692 28.10 -23.92 22.29
N ASN A 693 28.01 -24.02 20.96
CA ASN A 693 28.38 -25.26 20.29
C ASN A 693 29.87 -25.56 20.43
N TRP A 694 30.72 -24.53 20.38
CA TRP A 694 32.15 -24.78 20.43
C TRP A 694 32.56 -25.37 21.78
N LYS A 695 31.92 -24.94 22.86
CA LYS A 695 32.21 -25.52 24.17
C LYS A 695 31.95 -27.03 24.16
N ILE A 696 30.78 -27.43 23.66
CA ILE A 696 30.40 -28.84 23.70
C ILE A 696 31.29 -29.65 22.76
N ILE A 697 31.65 -29.09 21.61
CA ILE A 697 32.56 -29.79 20.70
C ILE A 697 33.91 -30.00 21.38
N LEU A 698 34.43 -28.95 22.02
CA LEU A 698 35.71 -29.06 22.69
C LEU A 698 35.65 -30.13 23.78
N CYS A 699 34.58 -30.12 24.58
CA CYS A 699 34.44 -31.14 25.62
C CYS A 699 34.31 -32.53 25.01
N LEU A 700 33.73 -32.64 23.83
CA LEU A 700 33.67 -33.93 23.15
C LEU A 700 35.07 -34.41 22.80
N PHE A 701 35.91 -33.52 22.28
CA PHE A 701 37.24 -33.95 21.84
C PHE A 701 38.13 -34.32 23.02
N ILE A 702 37.99 -33.62 24.14
CA ILE A 702 38.72 -33.96 25.38
C ILE A 702 37.69 -34.30 26.44
N ILE A 703 37.68 -35.57 26.87
CA ILE A 703 36.63 -36.04 27.77
C ILE A 703 36.65 -35.30 29.10
N PRO A 704 37.78 -35.12 29.78
CA PRO A 704 37.75 -34.65 31.17
C PRO A 704 36.91 -33.42 31.42
N LEU A 705 36.88 -32.49 30.46
CA LEU A 705 36.19 -31.22 30.70
C LEU A 705 34.69 -31.40 30.89
N VAL A 706 34.12 -32.54 30.50
CA VAL A 706 32.71 -32.76 30.78
C VAL A 706 32.47 -32.88 32.27
N GLY A 707 33.41 -33.49 32.99
CA GLY A 707 33.32 -33.50 34.44
C GLY A 707 33.41 -32.12 35.04
N CYS A 708 34.06 -31.20 34.35
CA CYS A 708 34.14 -29.81 34.79
C CYS A 708 32.81 -29.11 34.51
N GLY A 709 32.75 -27.81 34.76
CA GLY A 709 31.53 -27.06 34.60
C GLY A 709 31.44 -26.26 33.32
N LEU A 710 32.26 -26.61 32.33
CA LEU A 710 32.27 -25.86 31.08
C LEU A 710 30.93 -25.96 30.37
N VAL A 711 30.34 -27.15 30.37
CA VAL A 711 29.04 -27.37 29.73
C VAL A 711 27.95 -27.28 30.78
N SER A 712 26.93 -26.47 30.52
CA SER A 712 25.83 -26.25 31.45
C SER A 712 24.69 -27.20 31.13
N PHE A 713 24.26 -27.96 32.13
CA PHE A 713 23.16 -28.90 32.00
C PHE A 713 21.93 -28.29 32.64
N ARG A 714 20.90 -28.01 31.84
CA ARG A 714 19.71 -27.34 32.35
C ARG A 714 18.83 -28.29 33.15
N LYS A 715 18.71 -29.54 32.70
CA LYS A 715 17.74 -30.45 33.31
C LYS A 715 18.13 -30.79 34.75
N LYS A 716 19.42 -30.95 35.02
CA LYS A 716 19.88 -31.29 36.36
C LYS A 716 21.40 -31.15 36.46
N LYS A 723 27.17 -35.34 40.82
CA LYS A 723 27.58 -36.69 40.49
C LYS A 723 28.03 -36.78 39.04
N LEU A 724 29.32 -37.06 38.84
CA LEU A 724 29.90 -37.00 37.50
C LEU A 724 29.35 -38.11 36.61
N LEU A 725 29.03 -39.26 37.17
CA LEU A 725 28.53 -40.38 36.36
C LEU A 725 27.31 -39.95 35.56
N TRP A 726 26.34 -39.32 36.21
CA TRP A 726 25.15 -38.87 35.51
C TRP A 726 25.50 -37.79 34.49
N TYR A 727 26.45 -36.93 34.82
CA TYR A 727 26.92 -35.92 33.86
C TYR A 727 27.37 -36.57 32.57
N TYR A 728 28.24 -37.57 32.67
CA TYR A 728 28.76 -38.23 31.48
C TYR A 728 27.67 -38.98 30.73
N VAL A 729 26.78 -39.65 31.46
CA VAL A 729 25.70 -40.38 30.80
C VAL A 729 24.82 -39.42 30.00
N ALA A 730 24.46 -38.28 30.61
CA ALA A 730 23.67 -37.28 29.90
C ALA A 730 24.42 -36.75 28.68
N PHE A 731 25.72 -36.48 28.84
CA PHE A 731 26.49 -35.93 27.73
C PHE A 731 26.52 -36.89 26.56
N PHE A 732 26.70 -38.18 26.82
CA PHE A 732 26.86 -39.17 25.76
C PHE A 732 25.55 -39.83 25.35
N THR A 733 24.42 -39.42 25.94
CA THR A 733 23.11 -39.86 25.47
C THR A 733 22.41 -38.82 24.61
N SER A 734 23.04 -37.67 24.40
CA SER A 734 22.41 -36.60 23.64
C SER A 734 22.56 -36.88 22.15
N PRO A 735 21.48 -36.80 21.35
CA PRO A 735 21.61 -37.07 19.92
C PRO A 735 22.57 -36.11 19.22
N PHE A 736 22.72 -34.89 19.73
CA PHE A 736 23.68 -33.95 19.16
C PHE A 736 25.09 -34.53 19.19
N VAL A 737 25.51 -35.02 20.35
CA VAL A 737 26.86 -35.56 20.50
C VAL A 737 27.00 -36.83 19.67
N VAL A 738 25.95 -37.64 19.61
CA VAL A 738 25.99 -38.85 18.80
C VAL A 738 26.21 -38.48 17.33
N PHE A 739 25.50 -37.47 16.85
CA PHE A 739 25.66 -37.03 15.47
C PHE A 739 27.07 -36.52 15.22
N SER A 740 27.62 -35.74 16.14
CA SER A 740 28.98 -35.24 15.95
C SER A 740 29.99 -36.39 15.93
N TRP A 741 29.83 -37.34 16.84
CA TRP A 741 30.72 -38.51 16.87
C TRP A 741 30.62 -39.30 15.58
N ASN A 742 29.40 -39.48 15.07
CA ASN A 742 29.23 -40.22 13.83
C ASN A 742 29.86 -39.48 12.66
N VAL A 743 29.78 -38.15 12.66
CA VAL A 743 30.43 -37.37 11.61
C VAL A 743 31.95 -37.56 11.66
N VAL A 744 32.52 -37.53 12.86
CA VAL A 744 33.96 -37.76 13.01
C VAL A 744 34.31 -39.14 12.49
N PHE A 745 33.51 -40.14 12.86
CA PHE A 745 33.78 -41.51 12.42
C PHE A 745 33.70 -41.63 10.90
N TYR A 746 32.72 -40.96 10.29
CA TYR A 746 32.59 -41.01 8.84
C TYR A 746 33.78 -40.35 8.14
N ILE A 747 34.25 -39.22 8.68
CA ILE A 747 35.41 -38.57 8.09
C ILE A 747 36.64 -39.45 8.20
N ALA A 748 36.83 -40.09 9.36
CA ALA A 748 37.95 -41.02 9.51
C ALA A 748 37.82 -42.19 8.54
N PHE A 749 36.61 -42.68 8.34
CA PHE A 749 36.38 -43.76 7.38
C PHE A 749 36.76 -43.33 5.98
N LEU A 750 36.40 -42.10 5.60
CA LEU A 750 36.79 -41.59 4.28
C LEU A 750 38.30 -41.49 4.15
N LEU A 751 38.98 -41.02 5.21
CA LEU A 751 40.43 -40.93 5.18
C LEU A 751 41.06 -42.30 4.99
N LEU A 752 40.58 -43.30 5.74
CA LEU A 752 41.12 -44.65 5.61
C LEU A 752 40.85 -45.20 4.21
N PHE A 753 39.65 -44.95 3.68
CA PHE A 753 39.32 -45.40 2.33
C PHE A 753 40.30 -44.82 1.33
N ALA A 754 40.57 -43.52 1.42
CA ALA A 754 41.49 -42.88 0.49
C ALA A 754 42.89 -43.44 0.62
N TYR A 755 43.36 -43.63 1.87
CA TYR A 755 44.70 -44.15 2.07
C TYR A 755 44.84 -45.54 1.47
N VAL A 756 43.85 -46.40 1.69
CA VAL A 756 43.89 -47.74 1.13
C VAL A 756 43.89 -47.67 -0.40
N LEU A 757 43.04 -46.82 -0.96
CA LEU A 757 42.88 -46.77 -2.40
C LEU A 757 44.14 -46.28 -3.09
N LEU A 758 44.80 -45.28 -2.52
CA LEU A 758 45.90 -44.61 -3.19
C LEU A 758 47.27 -45.12 -2.81
N MET A 759 47.45 -45.64 -1.60
CA MET A 759 48.78 -45.93 -1.08
C MET A 759 49.02 -47.37 -0.70
N ASP A 760 47.99 -48.12 -0.29
CA ASP A 760 48.16 -49.47 0.24
C ASP A 760 47.17 -50.43 -0.40
N PHE A 761 47.08 -50.41 -1.72
CA PHE A 761 46.27 -51.35 -2.48
C PHE A 761 47.19 -52.38 -3.12
N HIS A 762 47.03 -53.64 -2.74
CA HIS A 762 47.88 -54.72 -3.21
C HIS A 762 47.02 -55.90 -3.61
N SER A 763 47.70 -56.95 -4.12
CA SER A 763 46.98 -58.13 -4.58
C SER A 763 46.22 -58.79 -3.43
N VAL A 764 46.86 -58.91 -2.27
CA VAL A 764 46.27 -59.52 -1.09
C VAL A 764 45.96 -58.41 -0.09
N PRO A 765 44.72 -58.26 0.36
CA PRO A 765 44.40 -57.13 1.25
C PRO A 765 45.20 -57.20 2.54
N HIS A 766 45.59 -56.02 3.02
CA HIS A 766 46.31 -55.89 4.28
C HIS A 766 45.34 -55.53 5.40
N THR A 767 45.88 -55.29 6.59
CA THR A 767 45.03 -55.03 7.75
C THR A 767 44.14 -53.82 7.57
N PRO A 768 44.62 -52.69 7.07
CA PRO A 768 43.72 -51.52 6.93
C PRO A 768 42.52 -51.81 6.07
N GLU A 769 42.69 -52.57 4.99
CA GLU A 769 41.56 -52.88 4.12
C GLU A 769 40.56 -53.78 4.84
N LEU A 770 41.03 -54.69 5.69
CA LEU A 770 40.12 -55.52 6.47
C LEU A 770 39.35 -54.68 7.47
N ILE A 771 40.01 -53.70 8.09
CA ILE A 771 39.31 -52.77 8.97
C ILE A 771 38.24 -52.01 8.20
N LEU A 772 38.58 -51.58 6.99
CA LEU A 772 37.62 -50.88 6.14
C LEU A 772 36.42 -51.77 5.84
N TYR A 773 36.69 -53.05 5.54
CA TYR A 773 35.59 -53.99 5.30
C TYR A 773 34.70 -54.12 6.52
N ALA A 774 35.30 -54.18 7.71
CA ALA A 774 34.51 -54.26 8.93
C ALA A 774 33.62 -53.03 9.11
N LEU A 775 34.18 -51.85 8.87
CA LEU A 775 33.38 -50.63 9.00
C LEU A 775 32.24 -50.62 7.99
N VAL A 776 32.50 -51.05 6.76
CA VAL A 776 31.45 -51.11 5.75
C VAL A 776 30.40 -52.14 6.15
N PHE A 777 30.81 -53.24 6.79
CA PHE A 777 29.84 -54.22 7.28
C PHE A 777 28.93 -53.60 8.33
N VAL A 778 29.51 -52.79 9.23
CA VAL A 778 28.69 -52.09 10.22
C VAL A 778 27.69 -51.18 9.54
N LEU A 779 28.16 -50.41 8.55
CA LEU A 779 27.26 -49.53 7.82
C LEU A 779 26.16 -50.34 7.14
N PHE A 780 26.50 -51.50 6.58
CA PHE A 780 25.52 -52.34 5.90
C PHE A 780 24.49 -52.88 6.88
N CYS A 781 24.92 -53.29 8.07
CA CYS A 781 23.96 -53.78 9.06
C CYS A 781 23.00 -52.67 9.49
N ASP A 782 23.52 -51.46 9.70
CA ASP A 782 22.63 -50.34 10.00
C ASP A 782 21.66 -50.09 8.85
N GLU A 783 22.16 -50.18 7.62
CA GLU A 783 21.30 -49.99 6.45
C GLU A 783 20.19 -51.03 6.40
N VAL A 784 20.52 -52.28 6.75
CA VAL A 784 19.51 -53.33 6.76
C VAL A 784 18.47 -53.07 7.85
N ARG A 785 18.92 -52.58 9.01
CA ARG A 785 17.96 -52.20 10.04
C ARG A 785 17.00 -51.14 9.51
N GLN A 786 17.54 -50.12 8.84
CA GLN A 786 16.69 -49.06 8.30
C GLN A 786 15.77 -49.61 7.22
N TRP A 787 16.26 -50.57 6.43
CA TRP A 787 15.40 -51.27 5.47
C TRP A 787 14.20 -51.87 6.18
N TYR A 788 14.45 -52.64 7.23
CA TYR A 788 13.37 -53.40 7.86
C TYR A 788 12.37 -52.48 8.54
N MET A 789 12.84 -51.39 9.16
CA MET A 789 11.91 -50.47 9.79
C MET A 789 10.88 -49.94 8.78
N ASN A 790 11.35 -49.56 7.60
CA ASN A 790 10.46 -49.07 6.56
C ASN A 790 10.10 -50.19 5.58
N GLY A 791 9.23 -49.86 4.63
CA GLY A 791 8.86 -50.80 3.58
C GLY A 791 9.52 -50.50 2.25
N VAL A 792 8.74 -50.56 1.16
CA VAL A 792 9.25 -50.18 -0.15
C VAL A 792 9.23 -48.68 -0.34
N ASN A 793 8.56 -47.93 0.53
CA ASN A 793 8.68 -46.48 0.52
C ASN A 793 10.09 -46.03 0.85
N TYR A 794 10.91 -46.92 1.40
CA TYR A 794 12.29 -46.59 1.71
C TYR A 794 13.04 -46.11 0.47
N PHE A 795 12.82 -46.77 -0.66
CA PHE A 795 13.54 -46.47 -1.89
C PHE A 795 12.91 -45.34 -2.69
N THR A 796 11.98 -44.59 -2.09
CA THR A 796 11.40 -43.43 -2.76
C THR A 796 12.25 -42.18 -2.58
N ASP A 797 13.32 -42.25 -1.79
CA ASP A 797 14.20 -41.11 -1.55
C ASP A 797 15.52 -41.32 -2.28
N LEU A 798 16.04 -40.23 -2.85
CA LEU A 798 17.25 -40.31 -3.66
C LEU A 798 18.44 -40.79 -2.85
N TRP A 799 18.61 -40.26 -1.63
CA TRP A 799 19.81 -40.55 -0.86
C TRP A 799 19.84 -42.00 -0.41
N ASN A 800 18.68 -42.57 -0.07
CA ASN A 800 18.64 -43.99 0.30
C ASN A 800 19.05 -44.86 -0.89
N VAL A 801 18.58 -44.52 -2.09
CA VAL A 801 18.97 -45.25 -3.28
C VAL A 801 20.47 -45.16 -3.48
N MET A 802 21.04 -43.97 -3.27
CA MET A 802 22.48 -43.80 -3.44
C MET A 802 23.25 -44.62 -2.41
N ASP A 803 22.75 -44.68 -1.18
CA ASP A 803 23.40 -45.51 -0.15
C ASP A 803 23.40 -46.98 -0.57
N THR A 804 22.26 -47.46 -1.04
CA THR A 804 22.18 -48.86 -1.48
C THR A 804 23.13 -49.10 -2.64
N LEU A 805 23.19 -48.18 -3.60
CA LEU A 805 24.11 -48.33 -4.73
C LEU A 805 25.55 -48.37 -4.25
N GLY A 806 25.90 -47.51 -3.30
CA GLY A 806 27.27 -47.52 -2.79
C GLY A 806 27.63 -48.83 -2.14
N LEU A 807 26.73 -49.37 -1.31
CA LEU A 807 27.01 -50.65 -0.67
C LEU A 807 27.13 -51.76 -1.70
N PHE A 808 26.24 -51.77 -2.70
CA PHE A 808 26.30 -52.80 -3.73
C PHE A 808 27.60 -52.72 -4.52
N TYR A 809 28.03 -51.51 -4.86
CA TYR A 809 29.28 -51.36 -5.60
C TYR A 809 30.47 -51.73 -4.75
N PHE A 810 30.43 -51.47 -3.45
CA PHE A 810 31.51 -51.93 -2.58
C PHE A 810 31.59 -53.46 -2.58
N ILE A 811 30.44 -54.12 -2.51
CA ILE A 811 30.43 -55.58 -2.55
C ILE A 811 30.98 -56.08 -3.87
N ALA A 812 30.58 -55.44 -4.98
CA ALA A 812 31.09 -55.84 -6.28
C ALA A 812 32.59 -55.66 -6.37
N GLY A 813 33.11 -54.56 -5.83
CA GLY A 813 34.55 -54.36 -5.82
C GLY A 813 35.26 -55.41 -5.01
N ILE A 814 34.70 -55.79 -3.86
CA ILE A 814 35.28 -56.88 -3.07
C ILE A 814 35.34 -58.15 -3.91
N VAL A 815 34.24 -58.46 -4.60
CA VAL A 815 34.18 -59.68 -5.40
C VAL A 815 35.26 -59.65 -6.47
N PHE A 816 35.38 -58.52 -7.17
CA PHE A 816 36.38 -58.42 -8.23
C PHE A 816 37.79 -58.53 -7.68
N ARG A 817 38.05 -57.94 -6.51
CA ARG A 817 39.41 -57.77 -6.01
C ARG A 817 40.00 -59.05 -5.42
N LEU A 818 39.20 -60.07 -5.16
CA LEU A 818 39.72 -61.28 -4.53
C LEU A 818 40.33 -62.25 -5.54
N HIS A 819 40.29 -61.94 -6.83
CA HIS A 819 40.95 -62.77 -7.84
C HIS A 819 42.41 -62.29 -7.98
N SER A 820 43.16 -62.44 -6.92
CA SER A 820 44.52 -61.92 -6.93
C SER A 820 45.43 -62.43 -8.01
N SER A 821 45.21 -63.60 -8.55
CA SER A 821 46.10 -64.05 -9.58
C SER A 821 46.04 -63.17 -10.80
N ASN A 822 44.83 -62.85 -11.23
CA ASN A 822 44.63 -62.06 -12.43
C ASN A 822 45.00 -60.64 -12.22
N LYS A 823 45.57 -59.97 -13.20
CA LYS A 823 45.92 -58.58 -12.98
C LYS A 823 44.92 -57.60 -13.49
N SER A 824 43.81 -58.06 -14.00
CA SER A 824 42.80 -57.13 -14.45
C SER A 824 41.60 -57.06 -13.54
N SER A 825 41.22 -58.12 -12.85
CA SER A 825 40.13 -58.08 -11.90
C SER A 825 40.45 -57.16 -10.72
N LEU A 826 41.71 -57.15 -10.30
CA LEU A 826 42.13 -56.26 -9.21
C LEU A 826 41.90 -54.80 -9.60
N TYR A 827 42.30 -54.43 -10.81
CA TYR A 827 42.16 -53.04 -11.22
C TYR A 827 40.68 -52.69 -11.44
N SER A 828 39.90 -53.64 -11.97
CA SER A 828 38.46 -53.41 -12.07
C SER A 828 37.85 -53.15 -10.71
N GLY A 829 38.22 -53.95 -9.70
CA GLY A 829 37.73 -53.70 -8.36
C GLY A 829 38.19 -52.36 -7.82
N ARG A 830 39.41 -51.97 -8.14
CA ARG A 830 39.91 -50.67 -7.69
C ARG A 830 39.09 -49.53 -8.28
N VAL A 831 38.78 -49.63 -9.57
CA VAL A 831 37.94 -48.61 -10.22
C VAL A 831 36.56 -48.58 -9.60
N ILE A 832 35.98 -49.75 -9.34
CA ILE A 832 34.68 -49.80 -8.67
C ILE A 832 34.77 -49.09 -7.32
N PHE A 833 35.85 -49.34 -6.59
CA PHE A 833 36.02 -48.71 -5.28
C PHE A 833 36.17 -47.20 -5.43
N CYS A 834 36.83 -46.73 -6.47
CA CYS A 834 36.99 -45.29 -6.65
C CYS A 834 35.65 -44.61 -6.93
N LEU A 835 34.84 -45.20 -7.81
CA LEU A 835 33.51 -44.65 -8.06
C LEU A 835 32.66 -44.69 -6.79
N ASP A 836 32.75 -45.80 -6.04
CA ASP A 836 32.03 -45.89 -4.78
C ASP A 836 32.51 -44.84 -3.80
N TYR A 837 33.79 -44.50 -3.84
CA TYR A 837 34.33 -43.45 -2.98
C TYR A 837 33.73 -42.10 -3.34
N ILE A 838 33.60 -41.84 -4.64
CA ILE A 838 32.89 -40.62 -5.06
C ILE A 838 31.50 -40.58 -4.45
N ILE A 839 30.78 -41.69 -4.57
CA ILE A 839 29.40 -41.73 -4.07
C ILE A 839 29.36 -41.54 -2.56
N PHE A 840 30.29 -42.19 -1.84
CA PHE A 840 30.35 -42.03 -0.39
C PHE A 840 30.64 -40.59 0.00
N THR A 841 31.59 -39.96 -0.69
CA THR A 841 31.96 -38.60 -0.34
C THR A 841 30.81 -37.64 -0.58
N LEU A 842 30.03 -37.86 -1.63
CA LEU A 842 28.94 -36.93 -1.91
C LEU A 842 27.85 -36.94 -0.85
N ARG A 843 27.84 -37.92 0.07
CA ARG A 843 26.83 -37.95 1.11
C ARG A 843 27.05 -36.90 2.18
N LEU A 844 28.27 -36.35 2.26
CA LEU A 844 28.55 -35.30 3.24
C LEU A 844 27.63 -34.11 3.06
N ILE A 845 27.32 -33.78 1.80
CA ILE A 845 26.42 -32.67 1.52
C ILE A 845 25.06 -32.94 2.15
N HIS A 846 24.55 -34.16 2.00
CA HIS A 846 23.26 -34.50 2.60
C HIS A 846 23.33 -34.42 4.11
N ILE A 847 24.39 -34.97 4.72
CA ILE A 847 24.42 -35.03 6.17
C ILE A 847 24.63 -33.65 6.79
N PHE A 848 25.22 -32.71 6.05
CA PHE A 848 25.44 -31.36 6.55
C PHE A 848 24.33 -30.40 6.19
N THR A 849 23.12 -30.91 6.00
CA THR A 849 21.96 -30.07 5.71
C THR A 849 21.25 -29.61 6.98
N VAL A 850 21.79 -29.95 8.16
CA VAL A 850 21.21 -29.55 9.43
C VAL A 850 22.06 -28.49 10.13
N SER A 851 22.95 -27.81 9.39
CA SER A 851 23.91 -26.91 10.01
C SER A 851 23.27 -25.60 10.44
N ARG A 852 22.16 -25.20 9.81
CA ARG A 852 21.46 -23.93 9.99
C ARG A 852 22.16 -22.79 9.26
N ASN A 853 23.34 -23.01 8.69
CA ASN A 853 24.00 -22.02 7.84
C ASN A 853 24.15 -22.52 6.41
N LEU A 854 24.48 -23.80 6.24
CA LEU A 854 24.59 -24.39 4.91
C LEU A 854 23.30 -25.08 4.47
N GLY A 855 22.45 -25.46 5.41
CA GLY A 855 21.27 -26.25 5.11
C GLY A 855 20.32 -25.58 4.14
N PRO A 856 19.91 -24.35 4.44
CA PRO A 856 18.97 -23.66 3.55
C PRO A 856 19.51 -23.51 2.13
N LYS A 857 20.80 -23.21 2.00
CA LYS A 857 21.38 -23.04 0.68
C LYS A 857 21.46 -24.37 -0.06
N ILE A 858 21.75 -25.45 0.65
CA ILE A 858 21.75 -26.77 0.04
C ILE A 858 20.35 -27.12 -0.45
N ILE A 859 19.33 -26.82 0.37
CA ILE A 859 17.96 -27.09 -0.02
C ILE A 859 17.60 -26.30 -1.26
N MET A 860 18.06 -25.04 -1.34
CA MET A 860 17.66 -24.17 -2.44
C MET A 860 18.18 -24.65 -3.78
N LEU A 861 19.16 -25.54 -3.81
CA LEU A 861 19.71 -25.99 -5.10
C LEU A 861 18.68 -26.76 -5.93
N GLN A 862 17.69 -27.38 -5.30
CA GLN A 862 16.70 -28.13 -6.05
C GLN A 862 15.87 -27.24 -6.95
N ARG A 863 15.68 -25.97 -6.56
CA ARG A 863 14.82 -25.06 -7.31
C ARG A 863 15.45 -24.55 -8.59
N MET A 864 16.74 -24.81 -8.81
CA MET A 864 17.50 -24.17 -9.87
C MET A 864 17.81 -25.12 -11.02
N LEU A 865 17.17 -26.28 -11.07
CA LEU A 865 17.51 -27.28 -12.07
C LEU A 865 16.97 -26.94 -13.46
N ILE A 866 15.83 -26.26 -13.54
CA ILE A 866 15.22 -25.99 -14.84
C ILE A 866 16.07 -25.00 -15.64
N ASP A 867 16.65 -24.01 -14.95
CA ASP A 867 17.56 -23.09 -15.63
C ASP A 867 18.75 -23.85 -16.20
N VAL A 868 19.30 -24.78 -15.42
CA VAL A 868 20.41 -25.60 -15.90
C VAL A 868 19.98 -26.41 -17.11
N PHE A 869 18.76 -26.93 -17.09
CA PHE A 869 18.27 -27.74 -18.20
C PHE A 869 18.17 -26.90 -19.47
N PHE A 870 17.65 -25.68 -19.35
CA PHE A 870 17.57 -24.79 -20.51
C PHE A 870 18.96 -24.44 -21.04
N PHE A 871 19.88 -24.13 -20.13
CA PHE A 871 21.26 -23.83 -20.51
C PHE A 871 21.88 -24.99 -21.28
N LEU A 872 21.73 -26.21 -20.75
CA LEU A 872 22.29 -27.38 -21.39
C LEU A 872 21.63 -27.65 -22.74
N PHE A 873 20.32 -27.41 -22.84
CA PHE A 873 19.62 -27.61 -24.10
C PHE A 873 20.20 -26.72 -25.20
N LEU A 874 20.30 -25.42 -24.91
CA LEU A 874 20.87 -24.51 -25.90
C LEU A 874 22.31 -24.89 -26.22
N PHE A 875 23.09 -25.19 -25.19
CA PHE A 875 24.49 -25.54 -25.39
C PHE A 875 24.63 -26.76 -26.30
N ALA A 876 23.83 -27.79 -26.06
CA ALA A 876 23.93 -29.01 -26.84
C ALA A 876 23.52 -28.76 -28.29
N VAL A 877 22.45 -28.01 -28.51
CA VAL A 877 22.04 -27.72 -29.89
C VAL A 877 23.18 -27.01 -30.63
N TRP A 878 23.75 -25.97 -30.00
CA TRP A 878 24.80 -25.22 -30.65
C TRP A 878 26.03 -26.08 -30.90
N MET A 879 26.40 -26.92 -29.92
CA MET A 879 27.56 -27.80 -30.10
C MET A 879 27.35 -28.73 -31.28
N VAL A 880 26.17 -29.36 -31.35
CA VAL A 880 25.91 -30.28 -32.45
C VAL A 880 26.06 -29.56 -33.79
N ALA A 881 25.39 -28.41 -33.93
CA ALA A 881 25.44 -27.70 -35.20
C ALA A 881 26.86 -27.32 -35.58
N PHE A 882 27.57 -26.65 -34.66
CA PHE A 882 28.91 -26.17 -34.96
C PHE A 882 29.87 -27.32 -35.26
N GLY A 883 29.82 -28.37 -34.46
CA GLY A 883 30.74 -29.48 -34.67
C GLY A 883 30.50 -30.19 -35.99
N VAL A 884 29.23 -30.45 -36.32
CA VAL A 884 28.94 -31.12 -37.58
C VAL A 884 29.40 -30.26 -38.75
N ALA A 885 29.08 -28.97 -38.69
CA ALA A 885 29.47 -28.09 -39.80
C ALA A 885 30.99 -28.04 -39.96
N ARG A 886 31.71 -27.84 -38.86
CA ARG A 886 33.16 -27.73 -38.95
C ARG A 886 33.78 -29.03 -39.44
N GLN A 887 33.33 -30.17 -38.92
CA GLN A 887 33.89 -31.44 -39.35
C GLN A 887 33.61 -31.69 -40.83
N GLY A 888 32.41 -31.37 -41.29
CA GLY A 888 32.11 -31.55 -42.70
C GLY A 888 32.91 -30.62 -43.60
N ILE A 889 33.17 -29.41 -43.13
CA ILE A 889 33.88 -28.44 -43.95
C ILE A 889 35.38 -28.68 -43.97
N LEU A 890 35.96 -29.28 -42.93
CA LEU A 890 37.39 -29.49 -42.86
C LEU A 890 37.81 -30.87 -43.39
N ARG A 891 37.14 -31.93 -42.97
CA ARG A 891 37.59 -33.29 -43.22
C ARG A 891 36.44 -34.12 -43.78
N GLN A 892 36.79 -35.11 -44.59
CA GLN A 892 35.80 -35.96 -45.25
C GLN A 892 36.07 -37.43 -44.92
N ASN A 893 35.00 -38.16 -44.61
CA ASN A 893 35.02 -39.61 -44.47
C ASN A 893 36.04 -40.06 -43.42
N GLU A 894 35.75 -39.68 -42.18
CA GLU A 894 36.59 -40.08 -41.06
C GLU A 894 36.58 -41.60 -40.89
N GLN A 895 35.40 -42.20 -40.85
CA GLN A 895 35.18 -43.63 -40.68
C GLN A 895 35.59 -44.15 -39.31
N ARG A 896 35.86 -43.26 -38.35
CA ARG A 896 36.19 -43.65 -36.99
C ARG A 896 35.23 -42.96 -36.04
N TRP A 897 34.52 -43.76 -35.24
CA TRP A 897 33.48 -43.20 -34.38
C TRP A 897 34.10 -42.41 -33.22
N ARG A 898 35.16 -42.93 -32.61
CA ARG A 898 35.74 -42.26 -31.46
C ARG A 898 36.22 -40.86 -31.81
N TRP A 899 36.95 -40.74 -32.92
CA TRP A 899 37.43 -39.43 -33.33
C TRP A 899 36.29 -38.56 -33.86
N ILE A 900 35.27 -39.16 -34.46
CA ILE A 900 34.10 -38.39 -34.87
C ILE A 900 33.49 -37.69 -33.67
N PHE A 901 33.26 -38.43 -32.59
CA PHE A 901 32.65 -37.82 -31.41
C PHE A 901 33.62 -36.88 -30.70
N ARG A 902 34.92 -37.18 -30.74
CA ARG A 902 35.90 -36.28 -30.14
C ARG A 902 35.92 -34.93 -30.85
N SER A 903 35.85 -34.94 -32.18
CA SER A 903 35.90 -33.69 -32.93
C SER A 903 34.56 -32.96 -32.89
N VAL A 904 33.45 -33.70 -32.86
CA VAL A 904 32.14 -33.07 -32.98
C VAL A 904 31.65 -32.53 -31.64
N ILE A 905 31.92 -33.25 -30.56
CA ILE A 905 31.32 -32.96 -29.25
C ILE A 905 32.34 -32.42 -28.27
N TYR A 906 33.49 -33.07 -28.14
CA TYR A 906 34.43 -32.75 -27.07
C TYR A 906 35.03 -31.36 -27.27
N GLU A 907 35.53 -31.07 -28.46
CA GLU A 907 36.19 -29.78 -28.67
C GLU A 907 35.24 -28.59 -28.52
N PRO A 908 34.06 -28.60 -29.12
CA PRO A 908 33.10 -27.51 -28.83
C PRO A 908 32.76 -27.39 -27.37
N TYR A 909 32.69 -28.51 -26.65
CA TYR A 909 32.42 -28.46 -25.22
C TYR A 909 33.55 -27.75 -24.48
N LEU A 910 34.80 -28.07 -24.82
CA LEU A 910 35.92 -27.38 -24.21
C LEU A 910 35.91 -25.91 -24.54
N ALA A 911 35.34 -25.55 -25.69
CA ALA A 911 35.29 -24.14 -26.08
C ALA A 911 34.54 -23.29 -25.06
N MET A 912 33.69 -23.89 -24.24
CA MET A 912 32.97 -23.14 -23.22
C MET A 912 33.90 -22.63 -22.12
N PHE A 913 35.06 -23.26 -21.93
CA PHE A 913 35.96 -22.94 -20.85
C PHE A 913 37.10 -22.02 -21.27
N GLY A 914 37.04 -21.47 -22.49
CA GLY A 914 37.98 -20.47 -22.95
C GLY A 914 38.92 -20.94 -24.05
N GLN A 915 38.95 -22.22 -24.36
CA GLN A 915 39.82 -22.72 -25.42
C GLN A 915 39.18 -22.47 -26.77
N VAL A 916 39.96 -21.89 -27.69
CA VAL A 916 39.43 -21.72 -29.04
C VAL A 916 39.13 -23.09 -29.63
N PRO A 917 37.95 -23.31 -30.23
CA PRO A 917 37.56 -24.69 -30.58
C PRO A 917 38.59 -25.44 -31.41
N SER A 918 39.22 -24.79 -32.38
CA SER A 918 40.10 -25.48 -33.31
C SER A 918 41.29 -24.60 -33.65
N ASP A 919 42.49 -25.18 -33.53
CA ASP A 919 43.66 -24.60 -34.15
C ASP A 919 43.66 -24.85 -35.65
N VAL A 920 42.80 -25.76 -36.12
CA VAL A 920 42.71 -26.07 -37.55
C VAL A 920 41.80 -25.12 -38.31
N ASP A 921 41.05 -24.26 -37.60
CA ASP A 921 40.19 -23.29 -38.28
C ASP A 921 40.98 -22.29 -39.10
N SER A 922 42.27 -22.13 -38.81
CA SER A 922 43.14 -21.23 -39.55
C SER A 922 44.18 -22.04 -40.29
N THR A 923 44.36 -21.75 -41.58
CA THR A 923 45.26 -22.52 -42.41
C THR A 923 46.70 -22.44 -41.91
N THR A 924 47.06 -21.33 -41.26
CA THR A 924 48.44 -21.15 -40.81
C THR A 924 48.82 -22.22 -39.79
N TYR A 925 47.93 -22.49 -38.82
CA TYR A 925 48.21 -23.44 -37.74
C TYR A 925 47.62 -24.81 -38.07
N ASP A 926 48.25 -25.50 -39.02
CA ASP A 926 47.76 -26.81 -39.44
C ASP A 926 48.95 -27.71 -39.77
N PHE A 927 48.63 -28.98 -40.08
CA PHE A 927 49.62 -29.98 -40.49
C PHE A 927 50.58 -30.35 -39.37
N SER A 928 51.21 -31.52 -39.50
CA SER A 928 52.13 -32.14 -38.55
C SER A 928 51.38 -32.74 -37.37
N HIS A 929 50.06 -32.59 -37.27
CA HIS A 929 49.26 -33.21 -36.24
C HIS A 929 48.10 -33.99 -36.86
N CYS A 930 48.30 -34.50 -38.07
CA CYS A 930 47.25 -35.16 -38.83
C CYS A 930 47.78 -36.45 -39.41
N THR A 931 46.85 -37.33 -39.78
CA THR A 931 47.16 -38.58 -40.47
C THR A 931 46.24 -38.71 -41.67
N PHE A 932 46.82 -38.97 -42.84
CA PHE A 932 45.99 -39.19 -44.02
C PHE A 932 45.24 -40.50 -43.93
N SER A 933 45.83 -41.50 -43.30
CA SER A 933 45.18 -42.78 -43.03
C SER A 933 44.90 -42.90 -41.54
N GLY A 934 43.86 -43.65 -41.21
CA GLY A 934 43.43 -43.78 -39.82
C GLY A 934 44.27 -44.73 -39.00
N ASN A 935 45.51 -45.00 -39.44
CA ASN A 935 46.38 -45.89 -38.68
C ASN A 935 46.73 -45.29 -37.33
N GLU A 936 47.05 -44.00 -37.31
CA GLU A 936 47.53 -43.33 -36.11
C GLU A 936 46.38 -42.75 -35.31
N SER A 937 46.64 -42.49 -34.03
CA SER A 937 45.66 -41.88 -33.14
C SER A 937 45.78 -40.36 -33.23
N LYS A 938 45.47 -39.84 -34.40
CA LYS A 938 45.48 -38.42 -34.69
C LYS A 938 44.24 -38.05 -35.48
N PRO A 939 43.83 -36.79 -35.44
CA PRO A 939 42.70 -36.36 -36.26
C PRO A 939 43.00 -36.51 -37.75
N LEU A 940 41.95 -36.80 -38.51
CA LEU A 940 42.10 -36.93 -39.95
C LEU A 940 42.53 -35.61 -40.56
N CYS A 941 43.37 -35.68 -41.58
CA CYS A 941 43.89 -34.48 -42.22
C CYS A 941 42.82 -33.83 -43.09
N VAL A 942 42.93 -32.51 -43.26
CA VAL A 942 41.96 -31.76 -44.00
C VAL A 942 42.05 -32.07 -45.48
N GLU A 943 40.95 -31.91 -46.20
CA GLU A 943 40.96 -32.20 -47.61
C GLU A 943 41.89 -31.26 -48.35
N LEU A 944 42.57 -31.74 -49.40
CA LEU A 944 43.50 -30.92 -50.15
C LEU A 944 43.04 -30.80 -51.59
N ASP A 945 43.43 -29.74 -52.27
CA ASP A 945 43.01 -29.49 -53.65
C ASP A 945 43.99 -30.11 -54.70
N GLU A 946 43.97 -29.72 -55.98
CA GLU A 946 44.91 -30.31 -56.92
C GLU A 946 46.34 -30.02 -56.51
N HIS A 947 46.60 -28.79 -56.07
CA HIS A 947 47.85 -28.47 -55.42
C HIS A 947 47.79 -28.91 -53.95
N ASN A 948 48.95 -29.20 -53.39
CA ASN A 948 49.04 -29.70 -52.02
C ASN A 948 49.06 -28.52 -51.04
N LEU A 949 47.84 -27.98 -50.85
CA LEU A 949 47.50 -26.88 -49.95
C LEU A 949 46.07 -27.17 -49.46
N PRO A 950 45.69 -26.74 -48.24
CA PRO A 950 44.35 -27.01 -47.70
C PRO A 950 43.22 -26.42 -48.53
N ARG A 951 42.09 -27.13 -48.62
CA ARG A 951 40.97 -26.69 -49.44
C ARG A 951 39.81 -25.89 -48.82
N PHE A 952 39.73 -25.78 -47.50
CA PHE A 952 38.62 -25.05 -46.87
C PHE A 952 38.80 -23.53 -46.89
N PRO A 953 37.70 -22.77 -46.88
CA PRO A 953 37.80 -21.30 -46.85
C PRO A 953 37.82 -20.66 -45.45
N GLU A 954 38.87 -19.94 -45.05
CA GLU A 954 38.95 -19.35 -43.72
C GLU A 954 37.83 -18.35 -43.48
N TRP A 955 37.38 -17.67 -44.53
CA TRP A 955 36.37 -16.63 -44.39
C TRP A 955 35.01 -17.17 -43.99
N ILE A 956 34.83 -18.48 -44.02
CA ILE A 956 33.63 -19.11 -43.48
C ILE A 956 33.86 -19.65 -42.08
N THR A 957 35.00 -20.30 -41.86
CA THR A 957 35.25 -20.95 -40.58
C THR A 957 35.44 -19.93 -39.46
N ILE A 958 36.26 -18.91 -39.71
CA ILE A 958 36.60 -17.97 -38.65
C ILE A 958 35.37 -17.25 -38.12
N PRO A 959 34.51 -16.66 -38.94
CA PRO A 959 33.28 -16.07 -38.40
C PRO A 959 32.43 -17.06 -37.63
N LEU A 960 32.39 -18.31 -38.10
CA LEU A 960 31.63 -19.34 -37.41
C LEU A 960 32.12 -19.51 -35.97
N VAL A 961 33.43 -19.68 -35.81
CA VAL A 961 33.99 -19.88 -34.48
C VAL A 961 33.82 -18.64 -33.63
N CYS A 962 33.96 -17.46 -34.24
CA CYS A 962 33.76 -16.22 -33.51
C CYS A 962 32.37 -16.15 -32.92
N ILE A 963 31.35 -16.39 -33.75
CA ILE A 963 29.97 -16.34 -33.28
C ILE A 963 29.72 -17.39 -32.21
N TYR A 964 30.24 -18.60 -32.42
CA TYR A 964 30.01 -19.66 -31.45
C TYR A 964 30.60 -19.30 -30.09
N MET A 965 31.85 -18.83 -30.08
CA MET A 965 32.47 -18.46 -28.81
C MET A 965 31.73 -17.30 -28.15
N LEU A 966 31.32 -16.30 -28.94
CA LEU A 966 30.58 -15.19 -28.37
C LEU A 966 29.30 -15.67 -27.70
N SER A 967 28.56 -16.55 -28.38
CA SER A 967 27.28 -17.00 -27.85
C SER A 967 27.48 -17.86 -26.60
N THR A 968 28.49 -18.72 -26.61
CA THR A 968 28.65 -19.67 -25.52
C THR A 968 29.36 -19.05 -24.31
N ASN A 969 30.57 -18.56 -24.51
CA ASN A 969 31.37 -18.11 -23.37
C ASN A 969 30.71 -16.95 -22.62
N ILE A 970 30.10 -16.03 -23.35
CA ILE A 970 29.70 -14.76 -22.75
C ILE A 970 28.19 -14.69 -22.52
N LEU A 971 27.42 -14.71 -23.60
CA LEU A 971 25.99 -14.41 -23.49
C LEU A 971 25.27 -15.46 -22.64
N LEU A 972 25.49 -16.74 -22.93
CA LEU A 972 24.74 -17.80 -22.25
C LEU A 972 25.05 -17.83 -20.76
N VAL A 973 26.33 -17.68 -20.39
CA VAL A 973 26.70 -17.72 -18.98
C VAL A 973 26.08 -16.55 -18.23
N ASN A 974 26.11 -15.36 -18.82
CA ASN A 974 25.49 -14.21 -18.17
C ASN A 974 23.99 -14.40 -18.02
N LEU A 975 23.34 -14.98 -19.03
CA LEU A 975 21.92 -15.28 -18.92
C LEU A 975 21.65 -16.24 -17.77
N LEU A 976 22.48 -17.27 -17.63
CA LEU A 976 22.34 -18.20 -16.53
C LEU A 976 22.49 -17.48 -15.20
N VAL A 977 23.46 -16.56 -15.10
CA VAL A 977 23.64 -15.80 -13.87
C VAL A 977 22.37 -15.03 -13.55
N ALA A 978 21.79 -14.36 -14.55
CA ALA A 978 20.59 -13.58 -14.33
C ALA A 978 19.43 -14.44 -13.85
N MET A 979 19.23 -15.59 -14.50
CA MET A 979 18.14 -16.48 -14.10
C MET A 979 18.35 -17.01 -12.69
N PHE A 980 19.58 -17.38 -12.34
CA PHE A 980 19.88 -17.81 -10.98
C PHE A 980 19.55 -16.71 -9.98
N GLY A 981 19.92 -15.47 -10.31
CA GLY A 981 19.61 -14.36 -9.42
C GLY A 981 18.13 -14.19 -9.20
N TYR A 982 17.35 -14.23 -10.28
CA TYR A 982 15.91 -14.08 -10.13
C TYR A 982 15.32 -15.21 -9.29
N THR A 983 15.74 -16.45 -9.56
CA THR A 983 15.20 -17.58 -8.81
C THR A 983 15.56 -17.48 -7.33
N VAL A 984 16.81 -17.10 -7.02
CA VAL A 984 17.22 -16.96 -5.63
C VAL A 984 16.39 -15.89 -4.95
N GLY A 985 16.19 -14.75 -5.61
CA GLY A 985 15.36 -13.70 -5.02
C GLY A 985 13.94 -14.17 -4.78
N ILE A 986 13.42 -15.01 -5.67
CA ILE A 986 12.03 -15.44 -5.57
C ILE A 986 11.83 -16.45 -4.46
N VAL A 987 12.67 -17.48 -4.40
CA VAL A 987 12.37 -18.65 -3.58
C VAL A 987 12.97 -18.56 -2.19
N GLN A 988 13.40 -17.35 -1.78
CA GLN A 988 14.06 -17.23 -0.50
C GLN A 988 13.07 -17.36 0.66
N GLU A 989 11.91 -16.72 0.55
CA GLU A 989 10.94 -16.73 1.64
C GLU A 989 10.46 -18.15 1.95
N ASN A 990 10.30 -18.99 0.93
CA ASN A 990 9.77 -20.33 1.09
C ASN A 990 10.86 -21.37 1.30
N ASN A 991 12.10 -20.95 1.57
CA ASN A 991 13.21 -21.87 1.72
C ASN A 991 13.43 -22.25 3.18
N ASP A 992 13.41 -21.27 4.08
CA ASP A 992 13.63 -21.55 5.49
C ASP A 992 12.52 -22.43 6.07
N GLN A 993 11.29 -22.23 5.59
CA GLN A 993 10.19 -23.06 6.05
C GLN A 993 10.40 -24.53 5.66
N VAL A 994 10.79 -24.77 4.42
CA VAL A 994 11.05 -26.14 3.98
C VAL A 994 12.24 -26.71 4.75
N TRP A 995 13.25 -25.89 5.02
CA TRP A 995 14.38 -26.38 5.78
C TRP A 995 13.99 -26.75 7.20
N LYS A 996 13.07 -25.99 7.80
CA LYS A 996 12.60 -26.34 9.14
C LYS A 996 11.84 -27.67 9.12
N PHE A 997 11.03 -27.89 8.09
CA PHE A 997 10.35 -29.18 7.95
C PHE A 997 11.36 -30.32 7.86
N GLN A 998 12.36 -30.17 6.98
CA GLN A 998 13.39 -31.20 6.84
C GLN A 998 14.15 -31.37 8.16
N ARG A 999 14.35 -30.28 8.90
CA ARG A 999 15.02 -30.35 10.18
C ARG A 999 14.22 -31.19 11.17
N TYR A 1000 12.91 -31.01 11.20
CA TYR A 1000 12.07 -31.87 12.01
C TYR A 1000 12.28 -33.33 11.62
N PHE A 1001 12.27 -33.61 10.33
CA PHE A 1001 12.46 -35.00 9.88
C PHE A 1001 13.77 -35.56 10.40
N LEU A 1002 14.87 -34.81 10.22
CA LEU A 1002 16.18 -35.30 10.63
C LEU A 1002 16.27 -35.48 12.15
N VAL A 1003 15.75 -34.51 12.90
CA VAL A 1003 15.82 -34.58 14.36
C VAL A 1003 15.03 -35.78 14.87
N GLN A 1004 13.85 -36.01 14.32
CA GLN A 1004 13.07 -37.16 14.75
C GLN A 1004 13.75 -38.47 14.34
N GLU A 1005 14.40 -38.48 13.17
CA GLU A 1005 15.16 -39.67 12.78
C GLU A 1005 16.25 -39.97 13.79
N TYR A 1006 16.96 -38.93 14.24
CA TYR A 1006 18.05 -39.15 15.18
C TYR A 1006 17.55 -39.48 16.58
N CYS A 1007 16.40 -38.92 16.98
CA CYS A 1007 15.85 -39.22 18.30
C CYS A 1007 15.23 -40.61 18.32
N ASN A 1008 14.52 -40.99 17.26
CA ASN A 1008 13.97 -42.35 17.14
C ASN A 1008 15.08 -43.31 16.71
N ARG A 1009 16.11 -43.38 17.55
CA ARG A 1009 17.31 -44.13 17.24
C ARG A 1009 17.93 -44.59 18.56
N LEU A 1010 18.90 -45.50 18.45
CA LEU A 1010 19.55 -46.03 19.64
C LEU A 1010 20.35 -44.97 20.39
N ASN A 1011 20.71 -43.88 19.72
CA ASN A 1011 21.46 -42.80 20.36
C ASN A 1011 22.79 -43.30 20.90
N ILE A 1012 23.38 -44.28 20.21
CA ILE A 1012 24.66 -44.84 20.60
C ILE A 1012 25.70 -44.42 19.57
N PRO A 1013 26.94 -44.15 19.95
CA PRO A 1013 27.98 -43.89 18.94
C PRO A 1013 28.11 -45.05 17.98
N PHE A 1014 28.30 -44.72 16.70
CA PHE A 1014 28.20 -45.73 15.66
C PHE A 1014 29.22 -46.85 15.77
N PRO A 1015 30.50 -46.61 16.04
CA PRO A 1015 31.48 -47.72 15.99
C PRO A 1015 31.20 -48.82 17.00
N PHE A 1016 30.40 -48.56 18.04
CA PHE A 1016 29.96 -49.59 18.97
C PHE A 1016 28.49 -49.95 18.82
N VAL A 1017 27.73 -49.17 18.03
CA VAL A 1017 26.29 -49.39 17.91
C VAL A 1017 25.97 -50.82 17.50
N VAL A 1018 26.89 -51.47 16.77
CA VAL A 1018 26.62 -52.83 16.31
C VAL A 1018 26.30 -53.74 17.49
N PHE A 1019 27.01 -53.55 18.61
CA PHE A 1019 26.74 -54.36 19.79
C PHE A 1019 25.27 -54.33 20.13
N ALA A 1020 24.67 -53.14 20.13
CA ALA A 1020 23.23 -53.04 20.40
C ALA A 1020 22.43 -53.93 19.46
N TYR A 1021 22.71 -53.83 18.15
CA TYR A 1021 21.99 -54.64 17.19
C TYR A 1021 22.05 -56.11 17.57
N PHE A 1022 23.18 -56.55 18.12
CA PHE A 1022 23.24 -57.90 18.68
C PHE A 1022 22.38 -58.02 19.92
N TYR A 1023 22.71 -57.24 20.95
CA TYR A 1023 22.00 -57.34 22.22
C TYR A 1023 20.50 -57.24 22.01
N MET A 1024 20.06 -56.22 21.27
CA MET A 1024 18.62 -56.04 21.06
C MET A 1024 18.01 -57.25 20.36
N VAL A 1025 18.69 -57.77 19.33
CA VAL A 1025 18.12 -58.91 18.61
C VAL A 1025 18.05 -60.13 19.51
N VAL A 1026 18.84 -60.16 20.58
CA VAL A 1026 18.71 -61.24 21.56
C VAL A 1026 17.35 -61.17 22.25
N LYS A 1027 16.92 -59.95 22.61
CA LYS A 1027 15.65 -59.79 23.30
C LYS A 1027 14.48 -59.89 22.33
N LYS A 1028 14.65 -59.41 21.11
CA LYS A 1028 13.59 -59.45 20.11
C LYS A 1028 13.75 -60.67 19.19
N ASP A 1050 -3.26 -35.73 31.28
CA ASP A 1050 -4.08 -36.01 30.10
C ASP A 1050 -5.32 -35.14 30.11
N ASN A 1051 -6.25 -35.43 31.03
CA ASN A 1051 -7.47 -34.63 31.12
C ASN A 1051 -7.16 -33.18 31.48
N GLU A 1052 -6.17 -32.97 32.35
CA GLU A 1052 -5.77 -31.60 32.71
C GLU A 1052 -5.31 -30.84 31.48
N THR A 1053 -4.47 -31.46 30.65
CA THR A 1053 -3.98 -30.79 29.45
C THR A 1053 -5.12 -30.47 28.50
N LEU A 1054 -6.05 -31.41 28.32
CA LEU A 1054 -7.17 -31.16 27.41
C LEU A 1054 -8.06 -30.03 27.93
N ALA A 1055 -8.30 -29.99 29.25
CA ALA A 1055 -9.10 -28.91 29.81
C ALA A 1055 -8.41 -27.57 29.63
N TRP A 1056 -7.10 -27.52 29.87
CA TRP A 1056 -6.36 -26.28 29.68
C TRP A 1056 -6.41 -25.84 28.22
N GLU A 1057 -6.28 -26.80 27.29
CA GLU A 1057 -6.36 -26.48 25.88
C GLU A 1057 -7.75 -25.95 25.52
N GLY A 1058 -8.79 -26.53 26.13
CA GLY A 1058 -10.13 -26.02 25.89
C GLY A 1058 -10.30 -24.59 26.39
N VAL A 1059 -9.74 -24.29 27.55
CA VAL A 1059 -9.80 -22.93 28.07
C VAL A 1059 -9.11 -21.97 27.11
N MET A 1060 -7.93 -22.35 26.63
CA MET A 1060 -7.21 -21.49 25.70
C MET A 1060 -7.96 -21.35 24.38
N LYS A 1061 -8.65 -22.41 23.96
CA LYS A 1061 -9.48 -22.33 22.75
C LYS A 1061 -10.62 -21.35 22.93
N GLU A 1062 -11.27 -21.38 24.10
CA GLU A 1062 -12.31 -20.40 24.38
C GLU A 1062 -11.75 -18.99 24.33
N ASN A 1063 -10.55 -18.80 24.91
CA ASN A 1063 -9.92 -17.48 24.86
C ASN A 1063 -9.65 -17.06 23.42
N TYR A 1064 -9.17 -17.99 22.58
CA TYR A 1064 -8.89 -17.68 21.18
C TYR A 1064 -10.16 -17.30 20.42
N LEU A 1065 -11.25 -18.04 20.66
CA LEU A 1065 -12.51 -17.69 20.02
C LEU A 1065 -12.99 -16.31 20.46
N VAL A 1066 -12.86 -16.01 21.76
CA VAL A 1066 -13.22 -14.69 22.24
C VAL A 1066 -12.38 -13.62 21.56
N LYS A 1067 -11.08 -13.89 21.39
CA LYS A 1067 -10.21 -12.92 20.73
C LYS A 1067 -10.65 -12.68 19.29
N ILE A 1068 -10.99 -13.74 18.57
CA ILE A 1068 -11.44 -13.58 17.19
C ILE A 1068 -12.72 -12.75 17.15
N ASN A 1069 -13.66 -13.06 18.04
CA ASN A 1069 -14.94 -12.33 18.04
C ASN A 1069 -14.72 -10.86 18.37
N THR A 1070 -13.85 -10.57 19.34
CA THR A 1070 -13.57 -9.18 19.69
C THR A 1070 -12.89 -8.46 18.53
N LYS A 1071 -11.97 -9.13 17.84
CA LYS A 1071 -11.34 -8.51 16.67
C LYS A 1071 -12.37 -8.20 15.60
N ALA A 1072 -13.32 -9.11 15.39
CA ALA A 1072 -14.38 -8.86 14.41
C ALA A 1072 -15.23 -7.67 14.84
N ASN A 1073 -15.58 -7.59 16.12
CA ASN A 1073 -16.45 -6.53 16.60
C ASN A 1073 -15.72 -5.19 16.74
N ASP A 1074 -14.40 -5.18 16.68
CA ASP A 1074 -13.63 -3.95 16.83
C ASP A 1074 -13.83 -2.96 15.68
N ASN A 1075 -14.71 -3.24 14.72
CA ASN A 1075 -14.93 -2.31 13.62
C ASN A 1075 -15.35 -0.94 14.12
N SER A 1076 -16.03 -0.88 15.26
CA SER A 1076 -16.44 0.36 15.91
C SER A 1076 -17.56 1.07 15.16
N GLU A 1077 -18.27 0.37 14.28
CA GLU A 1077 -19.39 0.97 13.56
C GLU A 1077 -20.67 0.99 14.41
N GLU A 1078 -20.71 0.23 15.50
CA GLU A 1078 -21.93 0.16 16.31
C GLU A 1078 -22.38 1.54 16.76
N MET A 1079 -21.44 2.46 16.96
CA MET A 1079 -21.81 3.82 17.35
C MET A 1079 -22.86 4.38 16.40
N ARG A 1080 -22.64 4.24 15.10
CA ARG A 1080 -23.63 4.71 14.12
C ARG A 1080 -25.00 4.13 14.43
N HIS A 1081 -25.07 2.81 14.64
CA HIS A 1081 -26.33 2.19 15.00
C HIS A 1081 -26.94 2.87 16.21
N ARG A 1082 -26.12 3.09 17.25
CA ARG A 1082 -26.62 3.80 18.43
C ARG A 1082 -27.25 5.12 18.03
N PHE A 1083 -26.56 5.90 17.19
CA PHE A 1083 -27.13 7.16 16.73
C PHE A 1083 -28.52 6.95 16.16
N ARG A 1084 -28.67 5.95 15.28
CA ARG A 1084 -29.98 5.66 14.72
C ARG A 1084 -31.00 5.42 15.83
N GLN A 1085 -30.63 4.59 16.81
CA GLN A 1085 -31.53 4.35 17.93
C GLN A 1085 -31.93 5.66 18.59
N LEU A 1086 -30.95 6.56 18.80
CA LEU A 1086 -31.26 7.85 19.40
C LEU A 1086 -32.38 8.54 18.63
N ASP A 1087 -32.28 8.55 17.31
CA ASP A 1087 -33.33 9.16 16.49
C ASP A 1087 -34.69 8.60 16.87
N SER A 1088 -34.80 7.27 16.93
CA SER A 1088 -36.07 6.65 17.31
C SER A 1088 -36.55 7.20 18.65
N LYS A 1089 -35.64 7.26 19.63
CA LYS A 1089 -36.00 7.82 20.93
C LYS A 1089 -36.61 9.20 20.77
N LEU A 1090 -35.96 10.07 19.99
CA LEU A 1090 -36.50 11.39 19.77
C LEU A 1090 -37.91 11.31 19.18
N ASN A 1091 -38.10 10.44 18.19
CA ASN A 1091 -39.43 10.25 17.62
C ASN A 1091 -40.43 9.90 18.72
N ASP A 1092 -40.05 9.03 19.64
CA ASP A 1092 -40.94 8.67 20.74
C ASP A 1092 -41.41 9.91 21.46
N LEU A 1093 -40.47 10.81 21.78
CA LEU A 1093 -40.85 12.06 22.45
C LEU A 1093 -41.97 12.76 21.69
N LYS A 1094 -41.80 12.89 20.37
CA LYS A 1094 -42.83 13.54 19.56
C LYS A 1094 -44.19 12.89 19.80
N SER A 1095 -44.23 11.55 19.74
CA SER A 1095 -45.50 10.86 19.96
C SER A 1095 -46.09 11.26 21.30
N LEU A 1096 -45.26 11.26 22.35
CA LEU A 1096 -45.74 11.70 23.66
C LEU A 1096 -46.38 13.07 23.57
N LEU A 1097 -45.69 14.01 22.92
CA LEU A 1097 -46.26 15.35 22.74
C LEU A 1097 -47.62 15.26 22.08
N LYS A 1098 -47.73 14.47 21.01
CA LYS A 1098 -49.01 14.28 20.35
C LYS A 1098 -50.05 13.80 21.36
N GLU A 1099 -49.69 12.78 22.15
CA GLU A 1099 -50.61 12.30 23.18
C GLU A 1099 -51.02 13.44 24.10
N ILE A 1100 -50.03 14.25 24.52
CA ILE A 1100 -50.33 15.40 25.37
C ILE A 1100 -51.38 16.28 24.69
N ALA A 1101 -51.18 16.55 23.40
CA ALA A 1101 -52.16 17.34 22.67
C ALA A 1101 -53.53 16.68 22.71
N ASN A 1102 -53.58 15.37 22.52
CA ASN A 1102 -54.85 14.65 22.62
C ASN A 1102 -55.46 14.85 24.01
N ASN A 1103 -54.62 14.86 25.04
CA ASN A 1103 -55.11 15.15 26.38
C ASN A 1103 -55.62 16.59 26.48
N ILE A 1104 -54.92 17.53 25.84
CA ILE A 1104 -55.33 18.93 25.92
C ILE A 1104 -56.69 19.14 25.27
N LYS A 1105 -56.90 18.53 24.10
CA LYS A 1105 -58.16 18.67 23.38
C LYS A 1105 -59.33 18.17 24.22
N ASP B 41 -11.51 -33.17 65.01
CA ASP B 41 -11.46 -31.82 65.56
C ASP B 41 -12.44 -30.90 64.84
N LEU B 42 -12.16 -30.64 63.55
CA LEU B 42 -13.03 -29.78 62.77
C LEU B 42 -14.43 -30.38 62.65
N VAL B 43 -14.51 -31.69 62.39
CA VAL B 43 -15.81 -32.34 62.29
C VAL B 43 -16.53 -32.29 63.63
N ASN B 44 -15.79 -32.47 64.73
CA ASN B 44 -16.39 -32.40 66.05
C ASN B 44 -16.99 -31.02 66.31
N PHE B 45 -16.25 -29.96 65.97
CA PHE B 45 -16.77 -28.61 66.14
C PHE B 45 -17.99 -28.38 65.25
N ILE B 46 -17.94 -28.88 64.02
CA ILE B 46 -19.06 -28.71 63.09
C ILE B 46 -20.31 -29.35 63.67
N GLN B 47 -20.20 -30.60 64.13
CA GLN B 47 -21.38 -31.30 64.63
C GLN B 47 -21.85 -30.71 65.96
N ALA B 48 -20.94 -30.20 66.78
CA ALA B 48 -21.36 -29.52 68.00
C ALA B 48 -22.13 -28.26 67.69
N ASN B 49 -21.64 -27.46 66.73
CA ASN B 49 -22.35 -26.24 66.36
C ASN B 49 -23.70 -26.54 65.74
N PHE B 50 -23.78 -27.55 64.90
CA PHE B 50 -25.01 -27.92 64.21
C PHE B 50 -25.91 -28.81 65.05
N LYS B 51 -25.46 -29.24 66.23
CA LYS B 51 -26.26 -30.09 67.10
C LYS B 51 -26.61 -31.40 66.40
N ASP B 102 -24.76 -31.80 63.75
CA ASP B 102 -24.22 -33.01 63.15
C ASP B 102 -24.87 -33.29 61.81
N ALA B 103 -24.59 -34.47 61.25
CA ALA B 103 -25.15 -34.90 59.98
C ALA B 103 -24.73 -33.95 58.85
N PHE B 104 -23.42 -33.78 58.70
CA PHE B 104 -22.84 -32.96 57.67
C PHE B 104 -22.05 -33.85 56.71
N GLY B 105 -22.22 -33.61 55.41
CA GLY B 105 -21.56 -34.39 54.38
C GLY B 105 -20.52 -33.57 53.65
N ASP B 106 -19.29 -34.07 53.63
CA ASP B 106 -18.18 -33.44 52.94
C ASP B 106 -17.86 -34.24 51.68
N ILE B 107 -17.83 -33.56 50.54
CA ILE B 107 -17.54 -34.18 49.25
C ILE B 107 -16.37 -33.45 48.62
N GLN B 108 -15.43 -34.21 48.07
CA GLN B 108 -14.26 -33.65 47.41
C GLN B 108 -14.10 -34.30 46.03
N PHE B 109 -13.62 -33.50 45.08
CA PHE B 109 -13.40 -33.99 43.73
C PHE B 109 -12.50 -33.03 42.95
N GLY B 116 -16.43 -28.89 47.00
CA GLY B 116 -15.62 -29.15 48.17
C GLY B 116 -16.45 -29.33 49.43
N LYS B 117 -16.09 -28.60 50.48
CA LYS B 117 -16.76 -28.76 51.76
C LYS B 117 -18.25 -28.53 51.61
N TYR B 118 -19.06 -29.44 52.17
CA TYR B 118 -20.50 -29.33 52.17
C TYR B 118 -21.00 -29.55 53.59
N LEU B 119 -22.18 -29.01 53.87
CA LEU B 119 -22.70 -29.05 55.23
C LEU B 119 -24.21 -28.83 55.18
N ARG B 120 -24.89 -29.35 56.20
CA ARG B 120 -26.33 -29.18 56.37
C ARG B 120 -26.57 -28.35 57.62
N LEU B 121 -27.25 -27.22 57.46
CA LEU B 121 -27.47 -26.28 58.55
C LEU B 121 -28.96 -26.18 58.88
N SER B 122 -29.23 -25.60 60.04
CA SER B 122 -30.58 -25.32 60.51
C SER B 122 -30.81 -23.82 60.54
N CYS B 123 -32.02 -23.40 60.19
CA CYS B 123 -32.33 -21.97 60.15
C CYS B 123 -32.04 -21.29 61.48
N ASP B 124 -32.18 -22.00 62.60
CA ASP B 124 -31.91 -21.39 63.90
C ASP B 124 -30.43 -21.09 64.08
N THR B 125 -29.57 -21.61 63.21
CA THR B 125 -28.13 -21.38 63.34
C THR B 125 -27.82 -19.89 63.26
N ASP B 126 -26.99 -19.42 64.19
CA ASP B 126 -26.63 -18.01 64.23
C ASP B 126 -25.64 -17.69 63.10
N SER B 127 -25.79 -16.48 62.55
CA SER B 127 -24.89 -16.03 61.49
C SER B 127 -23.46 -15.91 61.98
N GLU B 128 -23.29 -15.43 63.21
CA GLU B 128 -21.94 -15.25 63.76
C GLU B 128 -21.20 -16.58 63.82
N THR B 129 -21.88 -17.64 64.26
CA THR B 129 -21.22 -18.94 64.35
C THR B 129 -20.79 -19.43 62.98
N LEU B 130 -21.66 -19.28 61.98
CA LEU B 130 -21.31 -19.69 60.63
C LEU B 130 -20.11 -18.90 60.10
N TYR B 131 -20.12 -17.59 60.33
CA TYR B 131 -19.00 -16.77 59.86
C TYR B 131 -17.71 -17.16 60.55
N GLU B 132 -17.76 -17.42 61.86
CA GLU B 132 -16.57 -17.86 62.58
C GLU B 132 -16.06 -19.18 62.02
N LEU B 133 -16.97 -20.13 61.79
CA LEU B 133 -16.57 -21.40 61.20
C LEU B 133 -15.86 -21.20 59.87
N LEU B 134 -16.47 -20.40 58.98
CA LEU B 134 -15.90 -20.19 57.66
C LEU B 134 -14.54 -19.51 57.74
N THR B 135 -14.41 -18.50 58.60
CA THR B 135 -13.20 -17.69 58.62
C THR B 135 -12.05 -18.43 59.30
N GLN B 136 -12.33 -19.15 60.39
CA GLN B 136 -11.29 -19.73 61.22
C GLN B 136 -10.29 -20.55 60.43
N HIS B 137 -10.76 -21.58 59.73
CA HIS B 137 -9.87 -22.58 59.15
C HIS B 137 -9.84 -22.57 57.64
N TRP B 138 -10.99 -22.65 56.95
CA TRP B 138 -10.94 -22.86 55.51
C TRP B 138 -10.77 -21.54 54.75
N HIS B 139 -11.63 -20.56 55.01
CA HIS B 139 -11.75 -19.38 54.16
C HIS B 139 -11.03 -18.17 54.78
N LEU B 140 -10.35 -17.42 53.92
CA LEU B 140 -9.67 -16.19 54.33
C LEU B 140 -10.67 -15.05 54.47
N LYS B 141 -10.26 -14.03 55.23
CA LYS B 141 -11.13 -12.87 55.45
C LYS B 141 -11.50 -12.23 54.12
N THR B 142 -12.78 -11.94 53.95
CA THR B 142 -13.27 -11.41 52.69
C THR B 142 -12.98 -9.91 52.61
N PRO B 143 -12.38 -9.44 51.51
CA PRO B 143 -12.30 -7.99 51.28
C PRO B 143 -13.50 -7.44 50.53
N ASN B 144 -14.37 -8.31 50.01
CA ASN B 144 -15.55 -7.89 49.28
C ASN B 144 -16.39 -9.12 49.00
N LEU B 145 -17.70 -8.91 48.85
CA LEU B 145 -18.64 -9.98 48.56
C LEU B 145 -19.49 -9.62 47.34
N VAL B 146 -19.79 -10.64 46.54
CA VAL B 146 -20.75 -10.51 45.44
C VAL B 146 -21.75 -11.65 45.59
N ILE B 147 -23.04 -11.31 45.54
CA ILE B 147 -24.09 -12.32 45.54
C ILE B 147 -24.83 -12.20 44.23
N SER B 148 -24.96 -13.30 43.50
CA SER B 148 -25.62 -13.33 42.21
C SER B 148 -27.07 -13.75 42.42
N VAL B 149 -27.99 -12.85 42.11
CA VAL B 149 -29.41 -13.11 42.26
C VAL B 149 -29.95 -13.54 40.90
N THR B 150 -30.32 -14.81 40.80
CA THR B 150 -30.84 -15.37 39.56
C THR B 150 -31.87 -16.44 39.87
N GLY B 151 -32.91 -16.50 39.05
CA GLY B 151 -33.93 -17.52 39.25
C GLY B 151 -33.35 -18.92 39.14
N GLY B 152 -33.82 -19.81 40.01
CA GLY B 152 -33.37 -21.19 39.98
C GLY B 152 -33.93 -22.02 38.86
N ALA B 153 -34.76 -21.44 38.00
CA ALA B 153 -35.33 -22.18 36.89
C ALA B 153 -34.22 -22.64 35.94
N LYS B 154 -34.44 -23.80 35.32
CA LYS B 154 -33.47 -24.35 34.38
C LYS B 154 -33.37 -23.55 33.10
N ASN B 155 -34.28 -22.61 32.87
CA ASN B 155 -34.30 -21.82 31.64
C ASN B 155 -33.27 -20.69 31.79
N PHE B 156 -32.23 -20.75 30.97
CA PHE B 156 -31.20 -19.72 30.97
C PHE B 156 -30.64 -19.58 29.57
N ALA B 157 -30.39 -18.33 29.16
CA ALA B 157 -29.91 -18.02 27.83
C ALA B 157 -28.46 -17.54 27.94
N LEU B 158 -27.56 -18.22 27.24
CA LEU B 158 -26.14 -17.87 27.25
C LEU B 158 -25.86 -16.86 26.14
N LYS B 159 -26.45 -15.68 26.30
CA LYS B 159 -26.19 -14.61 25.35
C LYS B 159 -24.73 -14.18 25.46
N PRO B 160 -24.08 -13.84 24.33
CA PRO B 160 -22.66 -13.44 24.42
C PRO B 160 -22.43 -12.30 25.38
N ARG B 161 -23.33 -11.32 25.41
CA ARG B 161 -23.17 -10.17 26.31
C ARG B 161 -23.16 -10.63 27.76
N MET B 162 -24.13 -11.48 28.12
CA MET B 162 -24.20 -11.96 29.50
C MET B 162 -22.98 -12.80 29.86
N ARG B 163 -22.54 -13.66 28.94
CA ARG B 163 -21.36 -14.46 29.19
C ARG B 163 -20.14 -13.57 29.44
N LYS B 164 -19.95 -12.56 28.60
CA LYS B 164 -18.84 -11.64 28.79
C LYS B 164 -18.94 -10.91 30.11
N ILE B 165 -20.14 -10.43 30.45
CA ILE B 165 -20.32 -9.68 31.69
C ILE B 165 -19.97 -10.54 32.89
N PHE B 166 -20.46 -11.78 32.91
CA PHE B 166 -20.21 -12.63 34.07
C PHE B 166 -18.75 -13.10 34.12
N SER B 167 -18.11 -13.29 32.97
CA SER B 167 -16.69 -13.60 32.98
C SER B 167 -15.89 -12.44 33.57
N ARG B 168 -16.24 -11.21 33.18
CA ARG B 168 -15.56 -10.05 33.74
C ARG B 168 -15.82 -9.94 35.24
N LEU B 169 -17.05 -10.25 35.66
CA LEU B 169 -17.37 -10.24 37.09
C LEU B 169 -16.50 -11.25 37.84
N ILE B 170 -16.35 -12.45 37.30
CA ILE B 170 -15.52 -13.45 37.96
C ILE B 170 -14.08 -13.00 38.02
N TYR B 171 -13.59 -12.38 36.94
CA TYR B 171 -12.21 -11.87 36.96
C TYR B 171 -12.04 -10.81 38.03
N ILE B 172 -13.00 -9.90 38.15
CA ILE B 172 -12.91 -8.85 39.17
C ILE B 172 -12.92 -9.48 40.56
N ALA B 173 -13.79 -10.48 40.78
CA ALA B 173 -13.83 -11.14 42.08
C ALA B 173 -12.51 -11.81 42.39
N GLN B 174 -11.91 -12.47 41.39
CA GLN B 174 -10.61 -13.10 41.59
C GLN B 174 -9.56 -12.06 41.96
N SER B 175 -9.53 -10.95 41.25
CA SER B 175 -8.54 -9.91 41.52
C SER B 175 -8.70 -9.37 42.93
N LYS B 176 -9.93 -9.08 43.35
CA LYS B 176 -10.15 -8.54 44.68
C LYS B 176 -10.07 -9.61 45.76
N GLY B 177 -10.25 -10.87 45.40
CA GLY B 177 -10.36 -11.92 46.39
C GLY B 177 -11.72 -12.03 47.02
N ALA B 178 -12.76 -11.52 46.37
CA ALA B 178 -14.08 -11.47 46.97
C ALA B 178 -14.74 -12.84 46.96
N TRP B 179 -15.64 -13.05 47.93
CA TRP B 179 -16.48 -14.23 47.94
C TRP B 179 -17.63 -14.06 46.96
N ILE B 180 -18.17 -15.20 46.52
CA ILE B 180 -19.29 -15.23 45.59
C ILE B 180 -20.37 -16.14 46.16
N LEU B 181 -21.57 -15.63 46.28
CA LEU B 181 -22.73 -16.37 46.77
C LEU B 181 -23.69 -16.60 45.61
N THR B 182 -24.23 -17.82 45.53
CA THR B 182 -25.07 -18.20 44.42
C THR B 182 -25.99 -19.33 44.86
N GLY B 183 -27.04 -19.57 44.06
CA GLY B 183 -27.95 -20.66 44.35
C GLY B 183 -27.24 -22.01 44.39
N GLY B 184 -26.33 -22.23 43.44
CA GLY B 184 -25.53 -23.44 43.45
C GLY B 184 -26.33 -24.72 43.31
N THR B 185 -27.32 -24.74 42.42
CA THR B 185 -28.12 -25.92 42.15
C THR B 185 -27.84 -26.52 40.78
N HIS B 186 -26.87 -25.97 40.04
CA HIS B 186 -26.43 -26.53 38.76
C HIS B 186 -27.49 -26.34 37.67
N TYR B 187 -28.24 -25.24 37.72
CA TYR B 187 -29.27 -24.96 36.72
C TYR B 187 -29.04 -23.57 36.14
N GLY B 188 -28.98 -23.50 34.82
CA GLY B 188 -28.89 -22.21 34.16
C GLY B 188 -27.66 -21.43 34.59
N LEU B 189 -27.88 -20.15 34.91
CA LEU B 189 -26.77 -19.23 35.14
C LEU B 189 -25.77 -19.81 36.13
N MET B 190 -26.26 -20.33 37.26
CA MET B 190 -25.37 -20.84 38.29
C MET B 190 -24.38 -21.83 37.68
N LYS B 191 -24.87 -22.79 36.90
CA LYS B 191 -23.99 -23.76 36.27
C LYS B 191 -22.88 -23.05 35.50
N TYR B 192 -23.26 -22.11 34.62
CA TYR B 192 -22.25 -21.36 33.88
C TYR B 192 -21.22 -20.78 34.82
N ILE B 193 -21.67 -20.14 35.90
CA ILE B 193 -20.73 -19.52 36.84
C ILE B 193 -19.71 -20.55 37.29
N GLY B 194 -20.19 -21.72 37.70
CA GLY B 194 -19.26 -22.77 38.11
C GLY B 194 -18.21 -23.03 37.06
N GLU B 195 -18.66 -23.27 35.83
CA GLU B 195 -17.70 -23.51 34.76
C GLU B 195 -16.65 -22.41 34.73
N VAL B 196 -17.09 -21.15 34.76
CA VAL B 196 -16.15 -20.05 34.67
C VAL B 196 -15.11 -20.16 35.76
N VAL B 197 -15.54 -20.35 37.01
CA VAL B 197 -14.57 -20.38 38.10
C VAL B 197 -13.61 -21.54 37.88
N ARG B 198 -14.12 -22.69 37.44
CA ARG B 198 -13.23 -23.80 37.12
C ARG B 198 -12.16 -23.35 36.14
N ASP B 199 -12.59 -22.75 35.02
CA ASP B 199 -11.63 -22.24 34.05
C ASP B 199 -10.61 -21.36 34.73
N ASN B 200 -11.08 -20.45 35.59
CA ASN B 200 -10.18 -19.49 36.20
C ASN B 200 -9.11 -20.19 37.02
N THR B 201 -9.47 -21.26 37.73
CA THR B 201 -8.49 -21.96 38.53
C THR B 201 -7.59 -22.86 37.69
N ILE B 202 -8.03 -23.25 36.49
CA ILE B 202 -7.18 -24.04 35.61
C ILE B 202 -6.10 -23.17 35.00
N SER B 203 -6.44 -21.93 34.64
CA SER B 203 -5.49 -21.00 34.06
C SER B 203 -4.39 -20.65 35.06
N GLU B 208 -3.80 -17.76 42.94
CA GLU B 208 -4.65 -17.63 44.12
C GLU B 208 -5.88 -18.53 44.00
N ASN B 209 -6.83 -18.35 44.91
CA ASN B 209 -8.07 -19.13 44.92
C ASN B 209 -9.26 -18.19 45.09
N ILE B 210 -10.39 -18.59 44.52
CA ILE B 210 -11.62 -17.82 44.57
C ILE B 210 -12.67 -18.62 45.32
N VAL B 211 -13.36 -17.96 46.24
CA VAL B 211 -14.46 -18.60 46.96
C VAL B 211 -15.73 -18.49 46.13
N ALA B 212 -16.43 -19.61 45.99
CA ALA B 212 -17.64 -19.70 45.18
C ALA B 212 -18.76 -20.34 45.99
N ILE B 213 -18.99 -19.81 47.19
CA ILE B 213 -20.01 -20.36 48.08
C ILE B 213 -21.35 -20.43 47.35
N GLY B 214 -22.04 -21.54 47.53
CA GLY B 214 -23.39 -21.70 47.03
C GLY B 214 -24.33 -22.04 48.18
N ILE B 215 -25.55 -21.54 48.08
CA ILE B 215 -26.56 -21.73 49.12
C ILE B 215 -27.78 -22.38 48.48
N ALA B 216 -28.22 -23.51 49.04
CA ALA B 216 -29.36 -24.25 48.53
C ALA B 216 -30.14 -24.82 49.71
N ALA B 217 -31.25 -25.47 49.39
CA ALA B 217 -32.13 -26.08 50.38
C ALA B 217 -31.96 -27.59 50.38
N TRP B 218 -31.76 -28.17 51.56
CA TRP B 218 -31.62 -29.62 51.67
C TRP B 218 -32.87 -30.32 51.15
N GLY B 219 -34.05 -29.78 51.43
CA GLY B 219 -35.28 -30.41 51.01
C GLY B 219 -35.49 -30.39 49.50
N MET B 220 -34.81 -29.50 48.79
CA MET B 220 -34.90 -29.40 47.34
C MET B 220 -33.71 -30.08 46.65
N VAL B 221 -33.23 -31.17 47.22
CA VAL B 221 -32.10 -31.92 46.68
C VAL B 221 -32.57 -33.32 46.33
N SER B 222 -32.30 -33.73 45.09
CA SER B 222 -32.76 -35.05 44.63
C SER B 222 -32.04 -36.17 45.36
N ASN B 223 -30.72 -36.12 45.40
CA ASN B 223 -29.89 -37.19 45.95
C ASN B 223 -29.34 -36.77 47.31
N ARG B 224 -29.58 -37.58 48.32
CA ARG B 224 -29.08 -37.35 49.67
C ARG B 224 -28.16 -38.50 50.06
N ASP B 225 -26.94 -38.16 50.49
CA ASP B 225 -25.93 -39.14 50.90
C ASP B 225 -25.41 -38.71 52.27
N THR B 226 -26.09 -39.15 53.32
CA THR B 226 -25.69 -38.78 54.67
C THR B 226 -24.38 -39.47 55.05
N LEU B 227 -23.57 -38.76 55.83
CA LEU B 227 -22.29 -39.29 56.29
C LEU B 227 -22.22 -39.27 57.81
N PHE B 237 -13.70 -41.47 55.35
CA PHE B 237 -13.74 -40.27 56.16
C PHE B 237 -14.78 -39.29 55.62
N SER B 238 -14.67 -38.96 54.33
CA SER B 238 -15.58 -38.04 53.67
C SER B 238 -16.44 -38.82 52.69
N ALA B 239 -17.75 -38.77 52.88
CA ALA B 239 -18.66 -39.44 51.96
C ALA B 239 -18.65 -38.75 50.61
N GLN B 240 -18.68 -39.55 49.55
CA GLN B 240 -18.65 -39.04 48.18
C GLN B 240 -19.88 -39.54 47.44
N TYR B 241 -20.62 -38.61 46.83
CA TYR B 241 -21.81 -38.93 46.05
C TYR B 241 -21.66 -38.36 44.65
N ILE B 242 -21.93 -39.19 43.64
CA ILE B 242 -21.84 -38.80 42.25
C ILE B 242 -23.18 -39.05 41.58
N MET B 243 -23.68 -38.05 40.86
CA MET B 243 -24.97 -38.17 40.17
C MET B 243 -24.85 -37.66 38.74
N LEU B 251 -35.56 -32.70 42.95
CA LEU B 251 -35.00 -31.94 41.83
C LEU B 251 -33.89 -31.01 42.31
N TYR B 252 -33.32 -30.25 41.39
CA TYR B 252 -32.29 -29.25 41.70
C TYR B 252 -31.11 -29.91 42.41
N ILE B 253 -30.45 -30.79 41.68
CA ILE B 253 -29.23 -31.44 42.18
C ILE B 253 -28.10 -30.42 42.20
N LEU B 254 -27.40 -30.35 43.32
CA LEU B 254 -26.42 -29.30 43.53
C LEU B 254 -25.26 -29.43 42.54
N ASP B 255 -24.59 -28.30 42.30
CA ASP B 255 -23.48 -28.22 41.37
C ASP B 255 -22.18 -28.62 42.06
N ASN B 256 -21.26 -29.20 41.28
CA ASN B 256 -19.97 -29.63 41.79
C ASN B 256 -18.83 -28.66 41.51
N ASN B 257 -19.06 -27.63 40.69
CA ASN B 257 -18.00 -26.67 40.42
C ASN B 257 -17.76 -25.75 41.61
N HIS B 258 -18.77 -25.51 42.44
CA HIS B 258 -18.62 -24.63 43.58
C HIS B 258 -17.69 -25.25 44.62
N THR B 259 -16.79 -24.42 45.16
CA THR B 259 -15.84 -24.91 46.16
C THR B 259 -16.54 -25.28 47.46
N HIS B 260 -17.51 -24.48 47.89
CA HIS B 260 -18.22 -24.71 49.13
C HIS B 260 -19.72 -24.60 48.87
N LEU B 261 -20.50 -25.36 49.64
CA LEU B 261 -21.94 -25.43 49.47
C LEU B 261 -22.62 -25.60 50.82
N LEU B 262 -23.70 -24.85 51.04
CA LEU B 262 -24.43 -24.86 52.29
C LEU B 262 -25.90 -25.18 52.03
N LEU B 263 -26.41 -26.20 52.71
CA LEU B 263 -27.79 -26.64 52.58
C LEU B 263 -28.53 -26.35 53.88
N VAL B 264 -29.74 -25.81 53.76
CA VAL B 264 -30.55 -25.42 54.92
C VAL B 264 -32.00 -25.78 54.64
N ASP B 265 -32.51 -26.80 55.31
CA ASP B 265 -33.92 -27.17 55.25
C ASP B 265 -34.42 -27.58 56.63
N ASN B 266 -34.06 -26.80 57.65
CA ASN B 266 -34.49 -27.11 59.01
C ASN B 266 -36.01 -27.24 59.10
N GLY B 267 -36.72 -26.45 58.29
CA GLY B 267 -38.16 -26.56 58.21
C GLY B 267 -38.61 -26.62 56.76
N CYS B 268 -39.89 -26.94 56.58
CA CYS B 268 -40.49 -27.03 55.24
C CYS B 268 -39.75 -28.08 54.40
N HIS B 269 -39.89 -29.34 54.83
CA HIS B 269 -39.18 -30.44 54.21
C HIS B 269 -39.60 -30.68 52.76
N GLY B 270 -40.70 -30.08 52.30
CA GLY B 270 -41.14 -30.19 50.93
C GLY B 270 -40.39 -29.31 49.96
N HIS B 271 -39.29 -28.69 50.39
CA HIS B 271 -38.45 -27.82 49.57
C HIS B 271 -39.16 -26.54 49.12
N PRO B 272 -39.73 -25.75 50.03
CA PRO B 272 -40.01 -24.36 49.71
C PRO B 272 -38.75 -23.51 49.87
N THR B 273 -38.86 -22.24 49.50
CA THR B 273 -37.73 -21.33 49.60
C THR B 273 -37.41 -21.04 51.06
N VAL B 274 -36.23 -21.50 51.49
CA VAL B 274 -35.74 -21.19 52.83
C VAL B 274 -34.31 -20.66 52.83
N GLU B 275 -33.53 -20.87 51.78
CA GLU B 275 -32.15 -20.39 51.76
C GLU B 275 -32.06 -18.88 51.69
N ALA B 276 -33.08 -18.23 51.12
CA ALA B 276 -33.03 -16.77 50.96
C ALA B 276 -32.93 -16.07 52.30
N LYS B 277 -33.69 -16.52 53.29
CA LYS B 277 -33.66 -15.89 54.60
C LYS B 277 -32.28 -16.00 55.24
N LEU B 278 -31.68 -17.18 55.18
CA LEU B 278 -30.35 -17.36 55.77
C LEU B 278 -29.31 -16.53 55.03
N ARG B 279 -29.40 -16.48 53.70
CA ARG B 279 -28.46 -15.66 52.93
C ARG B 279 -28.60 -14.19 53.30
N ASN B 280 -29.83 -13.70 53.43
CA ASN B 280 -30.04 -12.32 53.82
C ASN B 280 -29.48 -12.06 55.21
N GLN B 281 -29.70 -12.97 56.15
CA GLN B 281 -29.16 -12.79 57.50
C GLN B 281 -27.64 -12.74 57.47
N LEU B 282 -27.01 -13.64 56.71
CA LEU B 282 -25.56 -13.65 56.66
C LEU B 282 -25.02 -12.37 56.04
N GLU B 283 -25.66 -11.88 54.98
CA GLU B 283 -25.24 -10.63 54.38
C GLU B 283 -25.41 -9.46 55.34
N LYS B 284 -26.52 -9.45 56.09
CA LYS B 284 -26.73 -8.41 57.08
C LYS B 284 -25.64 -8.43 58.13
N TYR B 285 -25.28 -9.63 58.61
CA TYR B 285 -24.20 -9.73 59.59
C TYR B 285 -22.88 -9.23 59.01
N ILE B 286 -22.59 -9.60 57.77
CA ILE B 286 -21.33 -9.18 57.15
C ILE B 286 -21.28 -7.66 57.04
N SER B 287 -22.38 -7.04 56.61
CA SER B 287 -22.40 -5.59 56.47
C SER B 287 -22.09 -4.90 57.80
N GLU B 288 -22.43 -5.54 58.91
CA GLU B 288 -22.17 -4.97 60.24
C GLU B 288 -20.75 -5.21 60.72
N ARG B 289 -19.98 -6.07 60.05
CA ARG B 289 -18.63 -6.40 60.50
C ARG B 289 -17.65 -5.30 60.12
N THR B 290 -16.70 -5.04 61.02
CA THR B 290 -15.66 -4.05 60.77
C THR B 290 -14.49 -4.71 60.03
N SER B 291 -13.84 -3.92 59.18
CA SER B 291 -12.69 -4.36 58.41
C SER B 291 -11.52 -3.42 58.68
N GLN B 292 -10.37 -4.00 58.99
CA GLN B 292 -9.22 -3.19 59.40
C GLN B 292 -8.63 -2.41 58.22
N ASP B 293 -8.41 -3.09 57.09
CA ASP B 293 -7.75 -2.48 55.94
C ASP B 293 -8.65 -2.44 54.71
N SER B 294 -9.97 -2.43 54.91
CA SER B 294 -10.87 -2.40 53.76
C SER B 294 -10.71 -1.10 52.96
N ASN B 295 -10.59 0.02 53.66
CA ASN B 295 -10.47 1.37 53.08
C ASN B 295 -11.81 1.88 52.54
N TYR B 296 -12.88 1.12 52.76
CA TYR B 296 -14.24 1.52 52.44
C TYR B 296 -14.93 2.17 53.64
N GLY B 297 -14.17 2.77 54.54
CA GLY B 297 -14.70 3.26 55.79
C GLY B 297 -14.74 2.23 56.89
N GLY B 298 -13.99 1.14 56.76
CA GLY B 298 -14.02 0.07 57.74
C GLY B 298 -15.10 -0.96 57.54
N LYS B 299 -15.81 -0.91 56.42
CA LYS B 299 -16.95 -1.79 56.15
C LYS B 299 -16.72 -2.56 54.86
N ILE B 300 -17.36 -3.72 54.77
CA ILE B 300 -17.25 -4.58 53.59
C ILE B 300 -18.28 -4.13 52.55
N PRO B 301 -17.83 -3.99 51.30
CA PRO B 301 -18.86 -3.60 50.35
C PRO B 301 -19.68 -4.83 50.12
N ILE B 302 -20.99 -4.74 50.16
CA ILE B 302 -21.76 -5.91 49.87
C ILE B 302 -22.44 -5.47 48.61
N VAL B 303 -22.28 -6.20 47.53
CA VAL B 303 -22.91 -5.77 46.32
C VAL B 303 -23.72 -6.90 45.70
N CYS B 304 -25.04 -6.82 45.75
CA CYS B 304 -25.92 -7.82 45.16
C CYS B 304 -26.05 -7.61 43.65
N PHE B 305 -25.27 -8.38 42.89
CA PHE B 305 -25.36 -8.38 41.43
C PHE B 305 -26.56 -9.22 41.03
N ALA B 306 -27.48 -8.62 40.27
CA ALA B 306 -28.76 -9.27 39.96
C ALA B 306 -29.09 -9.06 38.50
N GLN B 307 -29.30 -10.16 37.78
CA GLN B 307 -29.78 -10.12 36.40
C GLN B 307 -30.84 -11.18 36.16
N GLY B 308 -31.57 -11.54 37.21
CA GLY B 308 -32.54 -12.62 37.16
C GLY B 308 -33.96 -12.10 36.99
N GLY B 309 -34.76 -12.86 36.25
CA GLY B 309 -36.15 -12.52 36.01
C GLY B 309 -37.15 -13.14 36.95
N GLY B 310 -36.69 -13.92 37.92
CA GLY B 310 -37.61 -14.64 38.78
C GLY B 310 -38.24 -13.76 39.83
N ARG B 311 -39.29 -14.30 40.46
CA ARG B 311 -39.94 -13.63 41.58
C ARG B 311 -39.00 -13.54 42.78
N GLU B 312 -38.37 -14.66 43.13
CA GLU B 312 -37.45 -14.66 44.26
C GLU B 312 -36.33 -13.66 44.05
N THR B 313 -35.95 -13.41 42.79
CA THR B 313 -34.96 -12.37 42.51
C THR B 313 -35.48 -11.00 42.96
N LEU B 314 -36.74 -10.71 42.65
CA LEU B 314 -37.35 -9.46 43.07
C LEU B 314 -37.41 -9.36 44.59
N LYS B 315 -37.80 -10.45 45.25
CA LYS B 315 -37.86 -10.44 46.71
C LYS B 315 -36.48 -10.21 47.32
N ALA B 316 -35.46 -10.87 46.78
CA ALA B 316 -34.10 -10.68 47.28
C ALA B 316 -33.63 -9.24 47.07
N ILE B 317 -33.91 -8.68 45.89
CA ILE B 317 -33.52 -7.30 45.64
C ILE B 317 -34.20 -6.37 46.63
N ASN B 318 -35.49 -6.59 46.90
CA ASN B 318 -36.20 -5.72 47.81
C ASN B 318 -35.63 -5.81 49.23
N THR B 319 -35.43 -7.04 49.71
CA THR B 319 -34.92 -7.18 51.08
C THR B 319 -33.48 -6.67 51.20
N SER B 320 -32.72 -6.72 50.10
CA SER B 320 -31.36 -6.18 50.14
C SER B 320 -31.39 -4.65 50.16
N VAL B 321 -32.22 -4.04 49.32
CA VAL B 321 -32.32 -2.58 49.30
C VAL B 321 -32.85 -2.06 50.61
N LYS B 322 -33.77 -2.78 51.26
CA LYS B 322 -34.23 -2.36 52.58
C LYS B 322 -33.05 -2.18 53.53
N SER B 323 -32.00 -2.97 53.35
CA SER B 323 -30.73 -2.73 54.04
C SER B 323 -29.88 -1.76 53.24
N LYS B 324 -28.79 -1.31 53.85
CA LYS B 324 -27.85 -0.40 53.19
C LYS B 324 -26.91 -1.22 52.31
N ILE B 325 -27.48 -1.77 51.25
CA ILE B 325 -26.76 -2.63 50.32
C ILE B 325 -26.91 -2.08 48.91
N PRO B 326 -26.04 -1.18 48.46
CA PRO B 326 -26.12 -0.73 47.07
C PRO B 326 -25.83 -1.89 46.15
N CYS B 327 -26.53 -1.96 45.02
CA CYS B 327 -26.17 -2.97 44.03
C CYS B 327 -26.90 -2.74 42.72
N VAL B 328 -26.66 -3.65 41.79
CA VAL B 328 -26.70 -3.37 40.36
C VAL B 328 -27.75 -4.24 39.68
N VAL B 329 -28.29 -3.73 38.59
CA VAL B 329 -29.12 -4.48 37.67
C VAL B 329 -28.66 -4.18 36.26
N VAL B 330 -28.95 -5.08 35.33
CA VAL B 330 -28.55 -4.95 33.93
C VAL B 330 -29.79 -5.01 33.06
N GLU B 331 -29.93 -4.03 32.16
CA GLU B 331 -31.05 -4.00 31.23
C GLU B 331 -30.76 -4.89 30.01
N GLY B 332 -30.57 -6.17 30.29
CA GLY B 332 -30.25 -7.14 29.27
C GLY B 332 -31.25 -8.27 29.18
N SER B 333 -30.76 -9.51 29.25
CA SER B 333 -31.65 -10.66 29.12
C SER B 333 -32.69 -10.69 30.24
N GLY B 334 -32.26 -10.41 31.47
CA GLY B 334 -33.21 -10.38 32.57
C GLY B 334 -34.35 -9.40 32.29
N GLN B 335 -35.58 -9.89 32.47
CA GLN B 335 -36.75 -9.11 32.08
C GLN B 335 -37.27 -8.24 33.22
N ILE B 336 -37.27 -8.75 34.45
CA ILE B 336 -37.62 -7.91 35.59
C ILE B 336 -36.52 -6.89 35.84
N ALA B 337 -35.27 -7.26 35.56
CA ALA B 337 -34.19 -6.28 35.57
C ALA B 337 -34.46 -5.19 34.54
N ASP B 338 -34.96 -5.58 33.37
CA ASP B 338 -35.35 -4.60 32.37
C ASP B 338 -36.48 -3.72 32.88
N VAL B 339 -37.44 -4.31 33.60
CA VAL B 339 -38.53 -3.53 34.17
C VAL B 339 -37.97 -2.46 35.10
N ILE B 340 -37.08 -2.86 36.01
CA ILE B 340 -36.53 -1.93 36.98
C ILE B 340 -35.73 -0.85 36.28
N ALA B 341 -34.92 -1.24 35.29
CA ALA B 341 -34.11 -0.26 34.57
C ALA B 341 -34.99 0.75 33.84
N SER B 342 -36.05 0.28 33.17
CA SER B 342 -36.95 1.18 32.48
C SER B 342 -37.64 2.12 33.44
N LEU B 343 -38.08 1.62 34.60
CA LEU B 343 -38.71 2.48 35.59
C LEU B 343 -37.74 3.55 36.07
N VAL B 344 -36.48 3.18 36.30
CA VAL B 344 -35.47 4.13 36.73
C VAL B 344 -35.10 5.06 35.58
N THR B 351 -46.04 5.83 38.97
CA THR B 351 -47.42 5.48 39.23
C THR B 351 -47.62 3.97 39.16
N SER B 352 -48.65 3.47 39.83
CA SER B 352 -48.92 2.04 39.82
C SER B 352 -49.24 1.54 38.41
N SER B 353 -49.98 2.34 37.64
CA SER B 353 -50.37 1.93 36.29
C SER B 353 -49.15 1.74 35.40
N MET B 354 -48.18 2.64 35.48
CA MET B 354 -47.00 2.55 34.61
C MET B 354 -46.18 1.31 34.94
N VAL B 355 -45.94 1.06 36.23
CA VAL B 355 -45.19 -0.13 36.61
C VAL B 355 -45.95 -1.38 36.21
N LYS B 356 -47.27 -1.37 36.36
CA LYS B 356 -48.08 -2.52 35.96
C LYS B 356 -47.95 -2.79 34.47
N GLU B 357 -48.03 -1.74 33.66
CA GLU B 357 -47.98 -1.93 32.21
C GLU B 357 -46.58 -2.36 31.77
N LYS B 358 -45.53 -1.82 32.41
CA LYS B 358 -44.17 -2.28 32.10
C LYS B 358 -44.02 -3.76 32.44
N LEU B 359 -44.51 -4.16 33.62
CA LEU B 359 -44.42 -5.56 34.01
C LEU B 359 -45.16 -6.46 33.03
N VAL B 360 -46.36 -6.04 32.61
CA VAL B 360 -47.12 -6.82 31.64
C VAL B 360 -46.36 -6.92 30.32
N ARG B 361 -45.76 -5.81 29.89
CA ARG B 361 -44.98 -5.82 28.65
C ARG B 361 -43.84 -6.82 28.74
N PHE B 362 -43.09 -6.80 29.84
CA PHE B 362 -41.95 -7.69 29.98
C PHE B 362 -42.34 -9.07 30.52
N LEU B 363 -43.56 -9.23 31.02
CA LEU B 363 -44.04 -10.53 31.52
C LEU B 363 -45.47 -10.76 31.08
N PRO B 364 -45.71 -10.87 29.77
CA PRO B 364 -47.07 -11.17 29.31
C PRO B 364 -47.58 -12.50 29.84
N ARG B 365 -46.88 -13.59 29.53
CA ARG B 365 -47.29 -14.90 30.03
C ARG B 365 -47.21 -14.96 31.55
N THR B 366 -46.14 -14.42 32.12
CA THR B 366 -45.96 -14.49 33.56
C THR B 366 -47.03 -13.68 34.29
N VAL B 367 -47.34 -12.48 33.80
CA VAL B 367 -48.36 -11.67 34.45
C VAL B 367 -49.73 -12.31 34.28
N SER B 368 -49.98 -12.93 33.12
CA SER B 368 -51.26 -13.61 32.91
C SER B 368 -51.43 -14.75 33.89
N ARG B 369 -50.37 -15.53 34.13
CA ARG B 369 -50.49 -16.70 34.99
C ARG B 369 -50.71 -16.31 36.45
N LEU B 370 -50.09 -15.23 36.90
CA LEU B 370 -50.10 -14.90 38.31
C LEU B 370 -51.50 -14.47 38.76
N PRO B 371 -51.84 -14.68 40.04
CA PRO B 371 -53.14 -14.22 40.56
C PRO B 371 -53.11 -12.73 40.89
N GLU B 372 -54.28 -12.21 41.22
CA GLU B 372 -54.44 -10.76 41.41
C GLU B 372 -53.74 -10.29 42.68
N GLU B 373 -53.96 -10.97 43.80
CA GLU B 373 -53.41 -10.51 45.07
C GLU B 373 -51.90 -10.61 45.10
N GLU B 374 -51.35 -11.74 44.65
CA GLU B 374 -49.90 -11.89 44.60
C GLU B 374 -49.27 -10.86 43.69
N ILE B 375 -49.94 -10.50 42.60
CA ILE B 375 -49.38 -9.52 41.67
C ILE B 375 -49.51 -8.10 42.23
N GLU B 376 -50.55 -7.83 43.01
CA GLU B 376 -50.61 -6.56 43.73
C GLU B 376 -49.45 -6.48 44.73
N SER B 377 -49.14 -7.58 45.40
CA SER B 377 -47.96 -7.62 46.25
C SER B 377 -46.69 -7.40 45.44
N TRP B 378 -46.62 -7.98 44.24
CA TRP B 378 -45.49 -7.71 43.35
C TRP B 378 -45.33 -6.22 43.10
N ILE B 379 -46.44 -5.55 42.76
CA ILE B 379 -46.38 -4.13 42.46
C ILE B 379 -45.94 -3.35 43.69
N LYS B 380 -46.43 -3.73 44.87
CA LYS B 380 -46.00 -3.08 46.09
C LYS B 380 -44.50 -3.23 46.31
N TRP B 381 -43.99 -4.46 46.12
CA TRP B 381 -42.56 -4.69 46.27
C TRP B 381 -41.76 -3.84 45.29
N LEU B 382 -42.22 -3.77 44.04
CA LEU B 382 -41.50 -3.04 43.02
C LEU B 382 -41.50 -1.54 43.30
N LYS B 383 -42.63 -1.01 43.77
CA LYS B 383 -42.67 0.40 44.14
C LYS B 383 -41.75 0.68 45.31
N GLU B 384 -41.74 -0.20 46.31
CA GLU B 384 -40.83 -0.03 47.44
C GLU B 384 -39.38 -0.03 46.99
N ILE B 385 -39.04 -0.93 46.06
CA ILE B 385 -37.67 -0.96 45.53
C ILE B 385 -37.35 0.33 44.80
N LEU B 386 -38.26 0.78 43.94
CA LEU B 386 -38.01 1.97 43.13
C LEU B 386 -38.00 3.23 43.99
N GLU B 387 -38.51 3.17 45.21
CA GLU B 387 -38.47 4.33 46.10
C GLU B 387 -37.06 4.87 46.23
N SER B 388 -36.11 4.00 46.55
CA SER B 388 -34.72 4.39 46.71
C SER B 388 -33.94 4.07 45.43
N SER B 389 -33.26 5.09 44.88
CA SER B 389 -32.50 4.93 43.65
C SER B 389 -31.00 5.09 43.83
N HIS B 390 -30.55 5.76 44.89
CA HIS B 390 -29.11 5.92 45.11
C HIS B 390 -28.44 4.57 45.31
N LEU B 391 -29.06 3.68 46.08
CA LEU B 391 -28.51 2.34 46.25
C LEU B 391 -28.66 1.51 44.98
N LEU B 392 -29.57 1.90 44.09
CA LEU B 392 -29.86 1.13 42.89
C LEU B 392 -29.07 1.69 41.72
N THR B 393 -28.25 0.84 41.11
CA THR B 393 -27.47 1.20 39.94
C THR B 393 -27.83 0.27 38.78
N VAL B 394 -27.71 0.78 37.56
CA VAL B 394 -28.12 0.05 36.37
C VAL B 394 -26.98 0.08 35.35
N ILE B 395 -26.94 -0.95 34.51
CA ILE B 395 -25.98 -1.06 33.42
C ILE B 395 -26.72 -0.80 32.11
N LYS B 396 -26.26 0.19 31.36
CA LYS B 396 -26.88 0.50 30.08
C LYS B 396 -26.58 -0.59 29.07
N MET B 397 -27.60 -0.94 28.27
CA MET B 397 -27.41 -1.95 27.24
C MET B 397 -26.52 -1.46 26.12
N GLU B 398 -26.54 -0.15 25.84
CA GLU B 398 -25.72 0.38 24.74
C GLU B 398 -24.24 0.21 25.03
N GLU B 399 -23.83 0.39 26.28
CA GLU B 399 -22.42 0.30 26.64
C GLU B 399 -21.85 -1.05 26.23
N ALA B 400 -20.66 -1.02 25.60
CA ALA B 400 -19.99 -2.23 25.14
C ALA B 400 -18.54 -2.29 25.62
N GLY B 401 -18.12 -1.38 26.49
CA GLY B 401 -16.74 -1.41 26.96
C GLY B 401 -16.45 -2.65 27.78
N ASP B 402 -15.17 -3.03 27.80
CA ASP B 402 -14.77 -4.23 28.52
C ASP B 402 -14.75 -4.00 30.03
N GLU B 403 -14.57 -2.76 30.46
CA GLU B 403 -14.46 -2.43 31.89
C GLU B 403 -15.75 -1.87 32.45
N ILE B 404 -16.88 -2.11 31.78
CA ILE B 404 -18.14 -1.56 32.25
C ILE B 404 -18.52 -2.16 33.59
N VAL B 405 -18.43 -3.48 33.73
CA VAL B 405 -18.86 -4.15 34.96
C VAL B 405 -18.25 -3.46 36.17
N SER B 406 -16.92 -3.45 36.24
CA SER B 406 -16.22 -2.80 37.34
C SER B 406 -16.85 -1.45 37.64
N ASN B 407 -16.92 -0.59 36.62
CA ASN B 407 -17.48 0.75 36.80
C ASN B 407 -18.75 0.69 37.62
N ALA B 408 -19.74 -0.04 37.11
CA ALA B 408 -21.01 -0.18 37.82
C ALA B 408 -20.77 -0.45 39.30
N ILE B 409 -20.13 -1.59 39.60
CA ILE B 409 -19.88 -1.95 40.99
C ILE B 409 -19.26 -0.75 41.71
N SER B 410 -18.14 -0.26 41.16
CA SER B 410 -17.47 0.88 41.76
C SER B 410 -18.49 1.97 42.09
N TYR B 411 -19.18 2.47 41.06
CA TYR B 411 -20.10 3.57 41.26
C TYR B 411 -21.06 3.24 42.39
N ALA B 412 -21.66 2.04 42.35
CA ALA B 412 -22.58 1.63 43.40
C ALA B 412 -21.95 1.90 44.77
N LEU B 413 -20.83 1.23 45.04
CA LEU B 413 -20.19 1.39 46.34
C LEU B 413 -19.96 2.87 46.63
N TYR B 414 -19.44 3.59 45.64
CA TYR B 414 -19.15 5.01 45.84
C TYR B 414 -20.36 5.73 46.40
N LYS B 415 -21.52 5.55 45.76
CA LYS B 415 -22.70 6.26 46.22
C LYS B 415 -23.02 5.89 47.66
N ALA B 416 -22.99 4.59 47.98
CA ALA B 416 -23.30 4.17 49.35
C ALA B 416 -22.29 4.73 50.33
N PHE B 417 -21.06 4.96 49.89
CA PHE B 417 -20.07 5.56 50.78
C PHE B 417 -20.32 7.05 50.95
N SER B 418 -20.86 7.71 49.91
CA SER B 418 -21.06 9.15 49.96
C SER B 418 -22.45 9.50 50.47
N THR B 419 -23.49 8.93 49.88
CA THR B 419 -24.86 9.25 50.27
C THR B 419 -25.24 8.65 51.62
N ASN B 420 -24.43 7.74 52.17
CA ASN B 420 -24.75 7.16 53.46
C ASN B 420 -24.82 8.21 54.56
N GLU B 421 -24.13 9.34 54.37
CA GLU B 421 -24.06 10.47 55.28
C GLU B 421 -23.14 10.18 56.47
N GLN B 422 -22.67 8.95 56.64
CA GLN B 422 -21.72 8.67 57.72
C GLN B 422 -20.40 9.38 57.48
N ASP B 423 -19.93 9.39 56.23
CA ASP B 423 -18.69 10.06 55.85
C ASP B 423 -18.89 10.90 54.59
N LYS B 424 -20.11 11.41 54.39
CA LYS B 424 -20.38 12.23 53.21
C LYS B 424 -19.50 13.46 53.17
N ASP B 425 -19.34 14.13 54.31
CA ASP B 425 -18.43 15.27 54.39
C ASP B 425 -16.97 14.83 54.32
N ASN B 426 -16.69 13.56 54.58
CA ASN B 426 -15.32 13.06 54.50
C ASN B 426 -14.80 13.20 53.08
N TRP B 427 -13.52 13.57 52.96
CA TRP B 427 -12.89 13.80 51.68
C TRP B 427 -11.83 12.74 51.34
N ASN B 428 -10.95 12.43 52.30
CA ASN B 428 -9.87 11.49 52.02
C ASN B 428 -10.41 10.11 51.65
N GLY B 429 -11.28 9.55 52.48
CA GLY B 429 -11.73 8.19 52.27
C GLY B 429 -12.39 8.01 50.92
N GLN B 430 -13.13 9.01 50.47
CA GLN B 430 -13.74 8.97 49.14
C GLN B 430 -12.67 8.79 48.07
N LEU B 431 -11.60 9.56 48.17
CA LEU B 431 -10.51 9.47 47.19
C LEU B 431 -9.80 8.13 47.29
N LYS B 432 -9.60 7.62 48.49
CA LYS B 432 -8.97 6.31 48.64
C LYS B 432 -9.80 5.23 47.97
N LEU B 433 -11.12 5.28 48.18
CA LEU B 433 -12.01 4.30 47.55
C LEU B 433 -11.95 4.41 46.04
N LEU B 434 -12.01 5.64 45.52
CA LEU B 434 -11.96 5.80 44.06
C LEU B 434 -10.59 5.43 43.50
N LEU B 435 -9.55 5.48 44.33
CA LEU B 435 -8.23 5.04 43.88
C LEU B 435 -8.12 3.53 43.84
N GLU B 436 -8.73 2.84 44.83
CA GLU B 436 -8.69 1.39 44.84
C GLU B 436 -9.25 0.82 43.55
N TRP B 437 -10.52 1.10 43.27
CA TRP B 437 -11.10 0.76 41.98
C TRP B 437 -10.61 1.75 40.93
N ASN B 438 -10.26 1.23 39.76
CA ASN B 438 -9.67 2.07 38.70
C ASN B 438 -10.76 2.95 38.10
N GLN B 439 -11.06 4.04 38.80
CA GLN B 439 -12.03 5.04 38.38
C GLN B 439 -11.35 6.41 38.46
N LEU B 440 -10.84 6.87 37.31
CA LEU B 440 -10.12 8.14 37.28
C LEU B 440 -11.03 9.31 36.94
N ASP B 441 -11.85 9.15 35.89
CA ASP B 441 -12.72 10.25 35.45
C ASP B 441 -13.67 10.67 36.56
N LEU B 442 -14.26 9.70 37.26
CA LEU B 442 -15.21 10.04 38.32
C LEU B 442 -14.50 10.78 39.44
N ALA B 443 -13.28 10.38 39.76
CA ALA B 443 -12.54 11.03 40.83
C ALA B 443 -12.26 12.49 40.47
N SER B 444 -11.82 12.74 39.24
CA SER B 444 -11.57 14.11 38.81
C SER B 444 -12.85 14.93 38.89
N ASP B 445 -13.96 14.36 38.42
CA ASP B 445 -15.22 15.10 38.42
C ASP B 445 -15.69 15.42 39.83
N GLU B 446 -15.56 14.47 40.77
CA GLU B 446 -16.22 14.60 42.06
C GLU B 446 -15.28 15.13 43.14
N ILE B 447 -14.16 14.46 43.38
CA ILE B 447 -13.27 14.85 44.47
C ILE B 447 -12.75 16.25 44.26
N PHE B 448 -12.21 16.52 43.08
CA PHE B 448 -11.63 17.82 42.77
C PHE B 448 -12.71 18.82 42.36
N THR B 449 -12.34 19.88 41.64
CA THR B 449 -13.16 21.07 41.43
C THR B 449 -12.89 22.08 42.55
N ASN B 450 -13.27 23.34 42.31
CA ASN B 450 -12.71 24.46 43.07
C ASN B 450 -13.21 24.52 44.51
N ASP B 451 -14.44 24.06 44.74
CA ASP B 451 -15.08 24.32 46.04
C ASP B 451 -14.28 23.71 47.20
N ARG B 452 -13.80 22.48 47.05
CA ARG B 452 -13.26 21.77 48.20
C ARG B 452 -12.02 22.45 48.78
N ARG B 453 -11.10 22.90 47.93
CA ARG B 453 -9.83 23.49 48.39
C ARG B 453 -9.03 22.48 49.21
N TRP B 454 -8.77 21.33 48.60
CA TRP B 454 -8.09 20.21 49.25
C TRP B 454 -6.75 20.55 49.90
N GLU B 455 -5.94 21.40 49.25
CA GLU B 455 -4.60 21.74 49.71
C GLU B 455 -3.60 20.64 49.36
N SER B 456 -2.31 20.88 49.62
CA SER B 456 -1.27 19.99 49.14
C SER B 456 -0.99 18.84 50.10
N ALA B 457 -1.02 19.11 51.41
CA ALA B 457 -0.60 18.10 52.38
C ALA B 457 -1.45 16.84 52.34
N ASP B 458 -2.67 16.92 51.80
CA ASP B 458 -3.55 15.76 51.79
C ASP B 458 -3.24 14.80 50.64
N LEU B 459 -2.65 15.31 49.56
CA LEU B 459 -2.44 14.50 48.37
C LEU B 459 -1.24 13.56 48.48
N GLN B 460 -0.33 13.82 49.43
CA GLN B 460 0.85 12.98 49.55
C GLN B 460 0.50 11.55 49.93
N GLU B 461 -0.44 11.38 50.86
CA GLU B 461 -0.82 10.04 51.30
C GLU B 461 -1.41 9.22 50.15
N VAL B 462 -2.22 9.85 49.30
CA VAL B 462 -2.79 9.12 48.18
C VAL B 462 -1.78 8.90 47.07
N MET B 463 -0.85 9.84 46.87
CA MET B 463 0.20 9.64 45.88
C MET B 463 1.07 8.43 46.25
N PHE B 464 1.44 8.32 47.52
CA PHE B 464 2.27 7.20 47.94
C PHE B 464 1.57 5.88 47.67
N THR B 465 0.28 5.80 48.01
CA THR B 465 -0.47 4.57 47.75
C THR B 465 -0.59 4.30 46.26
N ALA B 466 -0.82 5.35 45.46
CA ALA B 466 -0.95 5.16 44.01
C ALA B 466 0.34 4.62 43.41
N LEU B 467 1.49 5.02 43.97
CA LEU B 467 2.75 4.49 43.46
C LEU B 467 2.80 2.98 43.59
N ILE B 468 2.44 2.44 44.76
CA ILE B 468 2.44 1.00 44.96
C ILE B 468 1.30 0.35 44.18
N LYS B 469 0.12 0.97 44.18
CA LYS B 469 -1.05 0.38 43.57
C LYS B 469 -0.93 0.24 42.06
N ASP B 470 0.05 0.90 41.44
CA ASP B 470 0.23 0.88 39.99
C ASP B 470 -0.99 1.47 39.29
N ARG B 471 -1.22 2.76 39.57
CA ARG B 471 -2.33 3.52 39.00
C ARG B 471 -1.75 4.76 38.33
N PRO B 472 -1.09 4.60 37.18
CA PRO B 472 -0.38 5.74 36.58
C PRO B 472 -1.27 6.93 36.31
N LYS B 473 -2.53 6.71 35.93
CA LYS B 473 -3.41 7.81 35.63
C LYS B 473 -3.65 8.67 36.87
N PHE B 474 -3.83 8.03 38.03
CA PHE B 474 -3.99 8.78 39.26
C PHE B 474 -2.70 9.52 39.62
N VAL B 475 -1.54 8.93 39.32
CA VAL B 475 -0.29 9.62 39.57
C VAL B 475 -0.22 10.90 38.76
N ARG B 476 -0.56 10.81 37.46
CA ARG B 476 -0.56 12.01 36.61
C ARG B 476 -1.56 13.03 37.13
N LEU B 477 -2.74 12.57 37.53
CA LEU B 477 -3.77 13.48 38.04
C LEU B 477 -3.27 14.22 39.26
N PHE B 478 -2.69 13.50 40.22
CA PHE B 478 -2.16 14.15 41.42
C PHE B 478 -1.05 15.13 41.08
N LEU B 479 -0.15 14.74 40.17
CA LEU B 479 0.94 15.63 39.80
C LEU B 479 0.43 16.91 39.18
N GLU B 480 -0.59 16.81 38.32
CA GLU B 480 -1.12 17.98 37.64
C GLU B 480 -2.17 18.72 38.45
N ASN B 481 -2.51 18.23 39.64
CA ASN B 481 -3.45 18.91 40.52
C ASN B 481 -2.76 19.68 41.64
N GLY B 482 -1.44 19.89 41.54
CA GLY B 482 -0.72 20.77 42.43
C GLY B 482 0.32 20.10 43.31
N LEU B 483 0.38 18.77 43.32
CA LEU B 483 1.37 18.09 44.14
C LEU B 483 2.78 18.45 43.69
N ASN B 484 3.65 18.74 44.66
CA ASN B 484 5.05 19.05 44.39
C ASN B 484 5.84 17.76 44.50
N LEU B 485 6.22 17.20 43.34
CA LEU B 485 6.93 15.93 43.35
C LEU B 485 8.28 16.04 44.04
N GLN B 486 9.00 17.14 43.80
CA GLN B 486 10.34 17.28 44.36
C GLN B 486 10.31 17.18 45.88
N LYS B 487 9.37 17.86 46.53
CA LYS B 487 9.27 17.79 47.98
C LYS B 487 8.77 16.44 48.44
N PHE B 488 7.95 15.76 47.63
CA PHE B 488 7.38 14.49 48.04
C PHE B 488 8.46 13.43 48.25
N LEU B 489 9.45 13.38 47.36
CA LEU B 489 10.48 12.36 47.47
C LEU B 489 11.44 12.68 48.60
N THR B 490 11.11 12.23 49.80
CA THR B 490 11.99 12.39 50.96
C THR B 490 12.92 11.20 51.07
N ASN B 491 14.01 11.39 51.82
CA ASN B 491 14.97 10.32 51.99
C ASN B 491 14.33 9.10 52.64
N GLU B 492 13.52 9.31 53.68
CA GLU B 492 12.85 8.19 54.33
C GLU B 492 11.86 7.53 53.37
N VAL B 493 11.14 8.31 52.58
CA VAL B 493 10.18 7.75 51.64
C VAL B 493 10.90 6.83 50.65
N LEU B 494 11.97 7.32 50.04
CA LEU B 494 12.70 6.51 49.07
C LEU B 494 13.32 5.29 49.73
N THR B 495 13.86 5.45 50.94
CA THR B 495 14.46 4.32 51.63
C THR B 495 13.44 3.22 51.87
N GLU B 496 12.28 3.58 52.44
CA GLU B 496 11.25 2.59 52.71
C GLU B 496 10.74 1.96 51.42
N LEU B 497 10.52 2.78 50.39
CA LEU B 497 10.02 2.27 49.13
C LEU B 497 10.97 1.24 48.54
N PHE B 498 12.26 1.59 48.44
CA PHE B 498 13.24 0.66 47.89
C PHE B 498 13.35 -0.59 48.75
N SER B 499 13.32 -0.44 50.07
CA SER B 499 13.52 -1.59 50.94
C SER B 499 12.36 -2.58 50.84
N THR B 500 11.13 -2.10 50.90
CA THR B 500 9.97 -2.97 51.06
C THR B 500 9.08 -3.02 49.81
N HIS B 501 9.56 -2.57 48.66
CA HIS B 501 8.80 -2.72 47.43
C HIS B 501 9.64 -3.10 46.22
N PHE B 502 10.93 -3.35 46.39
CA PHE B 502 11.76 -3.82 45.28
C PHE B 502 11.60 -5.33 45.15
N SER B 503 11.20 -5.78 43.97
CA SER B 503 10.97 -7.21 43.75
C SER B 503 12.22 -8.01 44.08
N THR B 504 12.05 -9.07 44.86
CA THR B 504 13.20 -9.91 45.22
C THR B 504 13.81 -10.56 44.00
N LEU B 505 12.97 -11.01 43.05
CA LEU B 505 13.48 -11.58 41.81
C LEU B 505 14.31 -10.54 41.05
N VAL B 506 13.79 -9.32 40.94
CA VAL B 506 14.52 -8.27 40.25
C VAL B 506 15.79 -7.93 40.99
N TYR B 507 15.75 -7.92 42.33
CA TYR B 507 16.94 -7.63 43.10
C TYR B 507 18.02 -8.68 42.85
N ARG B 508 17.63 -9.96 42.85
CA ARG B 508 18.59 -11.02 42.58
C ARG B 508 19.16 -10.91 41.18
N ASN B 509 18.31 -10.61 40.20
CA ASN B 509 18.80 -10.46 38.82
C ASN B 509 19.79 -9.30 38.71
N LEU B 510 19.48 -8.18 39.36
CA LEU B 510 20.39 -7.04 39.33
C LEU B 510 21.71 -7.37 40.01
N GLN B 511 21.65 -8.08 41.15
CA GLN B 511 22.88 -8.47 41.83
C GLN B 511 23.73 -9.36 40.93
N ILE B 512 23.09 -10.33 40.27
CA ILE B 512 23.83 -11.24 39.40
C ILE B 512 24.47 -10.47 38.25
N ALA B 513 23.70 -9.58 37.63
CA ALA B 513 24.24 -8.81 36.51
C ALA B 513 25.41 -7.93 36.95
N LYS B 514 25.28 -7.28 38.10
CA LYS B 514 26.35 -6.41 38.58
C LYS B 514 27.60 -7.22 38.91
N ASN B 515 27.43 -8.40 39.51
CA ASN B 515 28.59 -9.18 39.91
C ASN B 515 29.26 -9.86 38.72
N SER B 516 28.49 -10.20 37.69
CA SER B 516 29.02 -10.98 36.57
C SER B 516 29.49 -10.08 35.42
N TYR B 517 28.58 -9.30 34.86
CA TYR B 517 28.92 -8.50 33.68
C TYR B 517 29.57 -7.17 34.07
N ASN B 518 28.89 -6.39 34.91
CA ASN B 518 29.40 -5.10 35.35
C ASN B 518 29.45 -4.11 34.19
N ASP B 519 29.41 -2.83 34.50
CA ASP B 519 29.45 -1.78 33.49
C ASP B 519 29.63 -0.44 34.20
N ALA B 520 29.80 0.62 33.41
CA ALA B 520 29.97 1.95 33.98
C ALA B 520 28.70 2.43 34.67
N LEU B 521 27.53 2.01 34.19
CA LEU B 521 26.26 2.42 34.76
C LEU B 521 25.71 1.42 35.76
N LEU B 522 25.99 0.14 35.57
CA LEU B 522 25.51 -0.87 36.51
C LEU B 522 26.10 -0.64 37.90
N THR B 523 27.38 -0.28 37.97
CA THR B 523 27.98 -0.02 39.28
C THR B 523 27.30 1.14 39.98
N PHE B 524 27.03 2.21 39.26
CA PHE B 524 26.37 3.38 39.85
C PHE B 524 24.97 3.02 40.35
N VAL B 525 24.19 2.36 39.50
CA VAL B 525 22.83 2.01 39.87
C VAL B 525 22.83 1.05 41.06
N TRP B 526 23.74 0.08 41.05
CA TRP B 526 23.84 -0.87 42.15
C TRP B 526 24.20 -0.15 43.45
N LYS B 527 25.15 0.77 43.40
CA LYS B 527 25.52 1.52 44.59
C LYS B 527 24.33 2.30 45.13
N LEU B 528 23.60 2.98 44.24
CA LEU B 528 22.47 3.78 44.69
C LEU B 528 21.39 2.91 45.33
N VAL B 529 21.04 1.80 44.67
CA VAL B 529 19.99 0.94 45.18
C VAL B 529 20.42 0.31 46.51
N ALA B 530 21.67 -0.11 46.62
CA ALA B 530 22.16 -0.67 47.88
C ALA B 530 22.12 0.39 48.99
N ASN B 531 22.50 1.62 48.67
CA ASN B 531 22.46 2.69 49.66
C ASN B 531 21.04 2.91 50.17
N PHE B 532 20.07 2.94 49.26
CA PHE B 532 18.70 3.16 49.69
C PHE B 532 18.12 1.94 50.38
N ARG B 533 18.60 0.74 50.05
CA ARG B 533 18.10 -0.47 50.67
C ARG B 533 18.60 -0.60 52.11
N ARG B 534 19.89 -0.34 52.32
CA ARG B 534 20.45 -0.41 53.67
C ARG B 534 19.96 0.74 54.54
N SER B 535 19.87 1.94 53.97
CA SER B 535 19.42 3.11 54.70
C SER B 535 19.24 4.31 53.78
N THR B 558 24.18 17.14 43.74
CA THR B 558 22.80 17.04 44.21
C THR B 558 22.42 15.58 44.45
N ARG B 559 21.15 15.34 44.74
CA ARG B 559 20.65 13.99 45.01
C ARG B 559 19.93 13.38 43.82
N HIS B 560 19.23 14.18 43.03
CA HIS B 560 18.48 13.68 41.89
C HIS B 560 17.49 12.61 42.32
N PRO B 561 16.59 12.90 43.26
CA PRO B 561 15.59 11.90 43.65
C PRO B 561 14.68 11.50 42.50
N LEU B 562 14.41 12.41 41.57
CA LEU B 562 13.58 12.07 40.42
C LEU B 562 14.21 10.96 39.59
N GLN B 563 15.53 11.00 39.41
CA GLN B 563 16.21 9.93 38.69
C GLN B 563 16.09 8.62 39.43
N ALA B 564 16.17 8.65 40.76
CA ALA B 564 16.01 7.43 41.54
C ALA B 564 14.61 6.84 41.38
N LEU B 565 13.59 7.69 41.42
CA LEU B 565 12.23 7.20 41.22
C LEU B 565 12.05 6.64 39.81
N PHE B 566 12.62 7.32 38.81
CA PHE B 566 12.54 6.82 37.44
C PHE B 566 13.21 5.45 37.32
N ILE B 567 14.37 5.28 37.95
CA ILE B 567 15.06 4.00 37.92
C ILE B 567 14.23 2.93 38.59
N TRP B 568 13.63 3.25 39.74
CA TRP B 568 12.79 2.28 40.44
C TRP B 568 11.63 1.85 39.56
N ALA B 569 10.98 2.81 38.90
CA ALA B 569 9.88 2.47 38.00
C ALA B 569 10.36 1.62 36.84
N ILE B 570 11.54 1.93 36.30
CA ILE B 570 12.05 1.21 35.14
C ILE B 570 12.35 -0.23 35.49
N LEU B 571 13.05 -0.46 36.59
CA LEU B 571 13.51 -1.80 36.92
C LEU B 571 12.35 -2.75 37.21
N GLN B 572 11.19 -2.23 37.57
CA GLN B 572 10.01 -3.06 37.76
C GLN B 572 9.21 -3.25 36.46
N ASN B 573 9.68 -2.70 35.35
CA ASN B 573 9.01 -2.83 34.07
C ASN B 573 7.60 -2.25 34.12
N LYS B 574 7.49 -0.96 34.50
CA LYS B 574 6.23 -0.24 34.50
C LYS B 574 6.31 0.82 33.41
N LYS B 575 5.48 0.67 32.36
CA LYS B 575 5.60 1.53 31.19
C LYS B 575 4.97 2.90 31.43
N GLU B 576 3.68 2.93 31.72
CA GLU B 576 2.99 4.21 31.88
C GLU B 576 3.57 5.01 33.02
N LEU B 577 3.85 4.36 34.15
CA LEU B 577 4.44 5.07 35.28
C LEU B 577 5.82 5.60 34.93
N SER B 578 6.62 4.81 34.23
CA SER B 578 7.95 5.27 33.83
C SER B 578 7.85 6.49 32.92
N LYS B 579 6.92 6.48 31.97
CA LYS B 579 6.74 7.64 31.11
C LYS B 579 6.30 8.86 31.91
N VAL B 580 5.38 8.67 32.86
CA VAL B 580 4.90 9.77 33.67
C VAL B 580 6.06 10.39 34.46
N ILE B 581 6.91 9.55 35.06
CA ILE B 581 8.04 10.06 35.81
C ILE B 581 9.04 10.74 34.88
N TRP B 582 9.26 10.16 33.69
CA TRP B 582 10.20 10.74 32.74
C TRP B 582 9.77 12.14 32.33
N GLU B 583 8.47 12.34 32.17
CA GLU B 583 7.98 13.67 31.79
C GLU B 583 8.30 14.74 32.83
N GLN B 584 8.84 14.37 33.98
CA GLN B 584 9.17 15.33 35.04
C GLN B 584 10.66 15.61 35.17
N THR B 585 11.51 14.71 34.68
CA THR B 585 12.94 14.86 34.88
C THR B 585 13.50 16.04 34.09
N LYS B 586 14.69 16.48 34.49
CA LYS B 586 15.37 17.58 33.81
C LYS B 586 16.09 17.08 32.55
N GLY B 587 16.99 16.12 32.72
CA GLY B 587 17.69 15.53 31.59
C GLY B 587 16.88 14.44 30.92
N CYS B 588 15.89 14.83 30.13
CA CYS B 588 14.97 13.86 29.54
C CYS B 588 15.68 12.96 28.53
N THR B 589 16.41 13.55 27.59
CA THR B 589 17.06 12.75 26.56
C THR B 589 18.11 11.81 27.17
N LEU B 590 18.94 12.35 28.07
CA LEU B 590 19.94 11.53 28.72
C LEU B 590 19.30 10.43 29.56
N ALA B 591 18.21 10.76 30.25
CA ALA B 591 17.51 9.77 31.05
C ALA B 591 16.96 8.65 30.17
N ALA B 592 16.40 9.01 29.02
CA ALA B 592 15.87 8.00 28.10
C ALA B 592 16.98 7.10 27.59
N LEU B 593 18.11 7.68 27.20
CA LEU B 593 19.23 6.87 26.73
C LEU B 593 19.72 5.94 27.83
N GLY B 594 19.85 6.45 29.06
CA GLY B 594 20.27 5.60 30.15
C GLY B 594 19.29 4.48 30.44
N ALA B 595 18.00 4.78 30.36
CA ALA B 595 16.99 3.74 30.57
C ALA B 595 17.11 2.66 29.51
N SER B 596 17.29 3.06 28.25
CA SER B 596 17.44 2.07 27.18
C SER B 596 18.66 1.20 27.42
N LYS B 597 19.79 1.81 27.78
CA LYS B 597 21.00 1.04 28.04
C LYS B 597 20.80 0.07 29.19
N LEU B 598 20.19 0.55 30.28
CA LEU B 598 19.98 -0.29 31.45
C LEU B 598 19.06 -1.45 31.13
N LEU B 599 17.98 -1.20 30.39
CA LEU B 599 17.07 -2.28 30.02
C LEU B 599 17.77 -3.30 29.13
N LYS B 600 18.57 -2.83 28.18
CA LYS B 600 19.31 -3.76 27.32
C LYS B 600 20.24 -4.63 28.15
N THR B 601 21.00 -4.02 29.07
CA THR B 601 21.93 -4.79 29.89
C THR B 601 21.19 -5.80 30.75
N LEU B 602 20.08 -5.39 31.36
CA LEU B 602 19.32 -6.31 32.20
C LEU B 602 18.76 -7.47 31.39
N ALA B 603 18.23 -7.19 30.19
CA ALA B 603 17.74 -8.26 29.35
C ALA B 603 18.86 -9.19 28.92
N LYS B 604 20.08 -8.66 28.79
CA LYS B 604 21.22 -9.51 28.45
C LYS B 604 21.53 -10.54 29.53
N VAL B 605 21.04 -10.34 30.76
CA VAL B 605 21.29 -11.23 31.88
C VAL B 605 19.98 -11.66 32.54
N LYS B 606 18.90 -11.72 31.77
CA LYS B 606 17.59 -12.10 32.30
C LYS B 606 17.26 -13.52 31.88
N ASN B 607 16.85 -14.34 32.85
CA ASN B 607 16.50 -15.73 32.55
C ASN B 607 15.14 -15.84 31.89
N ASP B 608 14.20 -14.97 32.26
CA ASP B 608 12.86 -15.03 31.69
C ASP B 608 12.91 -14.80 30.18
N ILE B 609 12.03 -15.50 29.46
CA ILE B 609 12.01 -15.41 28.00
C ILE B 609 11.15 -14.26 27.54
N ASN B 610 9.89 -14.22 27.97
CA ASN B 610 8.98 -13.16 27.54
C ASN B 610 9.31 -11.83 28.19
N ALA B 611 9.82 -11.85 29.43
CA ALA B 611 10.24 -10.61 30.07
C ALA B 611 11.37 -9.96 29.28
N ALA B 612 12.25 -10.76 28.69
CA ALA B 612 13.32 -10.20 27.86
C ALA B 612 12.73 -9.44 26.67
N GLY B 613 11.73 -10.01 26.01
CA GLY B 613 11.09 -9.32 24.91
C GLY B 613 10.40 -8.05 25.35
N GLU B 614 9.72 -8.10 26.49
CA GLU B 614 9.06 -6.89 27.01
C GLU B 614 10.08 -5.79 27.28
N SER B 615 11.20 -6.14 27.92
CA SER B 615 12.23 -5.16 28.21
C SER B 615 12.85 -4.61 26.93
N GLU B 616 13.07 -5.47 25.94
CA GLU B 616 13.61 -5.00 24.67
C GLU B 616 12.66 -4.02 24.00
N GLU B 617 11.36 -4.33 24.02
CA GLU B 617 10.38 -3.42 23.44
C GLU B 617 10.36 -2.08 24.17
N LEU B 618 10.42 -2.11 25.50
CA LEU B 618 10.43 -0.87 26.26
C LEU B 618 11.67 -0.05 25.94
N ALA B 619 12.83 -0.70 25.84
CA ALA B 619 14.06 0.01 25.51
C ALA B 619 13.97 0.63 24.11
N ASN B 620 13.42 -0.11 23.16
CA ASN B 620 13.23 0.44 21.82
C ASN B 620 12.32 1.66 21.84
N GLU B 621 11.23 1.58 22.61
CA GLU B 621 10.32 2.71 22.72
C GLU B 621 11.06 3.93 23.28
N TYR B 622 11.85 3.73 24.34
CA TYR B 622 12.54 4.85 24.95
C TYR B 622 13.59 5.44 24.02
N GLU B 623 14.30 4.60 23.27
CA GLU B 623 15.31 5.12 22.34
C GLU B 623 14.66 5.90 21.21
N THR B 624 13.52 5.42 20.70
CA THR B 624 12.79 6.19 19.69
C THR B 624 12.33 7.52 20.26
N ARG B 625 11.86 7.51 21.51
CA ARG B 625 11.45 8.74 22.17
C ARG B 625 12.60 9.73 22.24
N ALA B 626 13.78 9.25 22.64
CA ALA B 626 14.95 10.12 22.72
C ALA B 626 15.32 10.68 21.35
N VAL B 627 15.30 9.83 20.32
CA VAL B 627 15.66 10.29 18.98
C VAL B 627 14.70 11.38 18.52
N GLU B 628 13.40 11.17 18.71
CA GLU B 628 12.43 12.17 18.29
C GLU B 628 12.60 13.47 19.05
N LEU B 629 12.80 13.37 20.38
CA LEU B 629 13.01 14.57 21.17
C LEU B 629 14.22 15.35 20.70
N PHE B 630 15.32 14.65 20.42
CA PHE B 630 16.52 15.34 19.98
C PHE B 630 16.36 15.93 18.60
N THR B 631 15.63 15.25 17.71
CA THR B 631 15.38 15.83 16.39
C THR B 631 14.62 17.14 16.52
N GLU B 632 13.56 17.17 17.34
CA GLU B 632 12.82 18.40 17.55
C GLU B 632 13.72 19.47 18.16
N CYS B 633 14.51 19.08 19.17
CA CYS B 633 15.37 20.03 19.86
C CYS B 633 16.40 20.64 18.91
N TYR B 634 16.98 19.82 18.04
CA TYR B 634 17.98 20.32 17.09
C TYR B 634 17.35 21.18 16.02
N SER B 635 16.16 20.79 15.54
CA SER B 635 15.46 21.62 14.57
C SER B 635 15.16 23.00 15.14
N ASN B 636 14.76 23.06 16.41
CA ASN B 636 14.50 24.35 17.04
C ASN B 636 15.75 25.22 17.06
N ASP B 637 16.90 24.64 17.43
CA ASP B 637 18.14 25.38 17.49
C ASP B 637 19.29 24.42 17.22
N GLU B 638 20.35 24.92 16.57
CA GLU B 638 21.47 24.08 16.18
C GLU B 638 22.56 24.07 17.25
N ASP B 639 22.83 25.21 17.88
CA ASP B 639 23.96 25.31 18.79
C ASP B 639 23.61 24.78 20.18
N LEU B 640 22.44 25.16 20.70
CA LEU B 640 22.05 24.68 22.02
C LEU B 640 21.87 23.17 22.04
N ALA B 641 21.44 22.58 20.92
CA ALA B 641 21.32 21.13 20.86
C ALA B 641 22.68 20.47 21.02
N GLU B 642 23.70 20.99 20.36
CA GLU B 642 25.05 20.43 20.51
C GLU B 642 25.59 20.66 21.91
N GLN B 643 25.29 21.83 22.50
CA GLN B 643 25.70 22.07 23.88
C GLN B 643 25.07 21.04 24.81
N LEU B 644 23.79 20.72 24.58
CA LEU B 644 23.14 19.67 25.34
C LEU B 644 23.83 18.32 25.11
N LEU B 645 24.17 18.03 23.85
CA LEU B 645 24.88 16.80 23.54
C LEU B 645 26.13 16.66 24.39
N VAL B 646 26.97 17.69 24.40
CA VAL B 646 28.23 17.62 25.13
C VAL B 646 28.08 17.84 26.63
N TYR B 647 26.90 18.26 27.09
CA TYR B 647 26.68 18.47 28.51
C TYR B 647 27.05 17.22 29.30
N SER B 648 27.97 17.38 30.24
CA SER B 648 28.42 16.25 31.04
C SER B 648 27.42 15.98 32.17
N CYS B 649 27.08 14.71 32.35
CA CYS B 649 26.12 14.31 33.38
C CYS B 649 26.59 14.76 34.75
N GLU B 650 25.66 15.32 35.52
CA GLU B 650 25.91 15.67 36.92
C GLU B 650 25.54 14.48 37.80
N ALA B 651 26.28 13.39 37.61
CA ALA B 651 26.15 12.18 38.41
C ALA B 651 24.90 11.38 38.06
N TRP B 652 24.40 11.53 36.83
CA TRP B 652 23.42 10.55 36.33
C TRP B 652 24.10 9.20 36.14
N GLY B 653 25.11 9.16 35.28
CA GLY B 653 25.96 8.00 35.14
C GLY B 653 27.41 8.42 34.91
N GLY B 654 27.67 9.72 35.01
CA GLY B 654 28.99 10.26 34.72
C GLY B 654 29.29 10.45 33.26
N SER B 655 28.31 10.26 32.38
CA SER B 655 28.52 10.31 30.94
C SER B 655 27.38 11.04 30.27
N ASN B 656 27.66 11.55 29.07
CA ASN B 656 26.70 12.34 28.31
C ASN B 656 25.98 11.45 27.30
N CYS B 657 25.17 12.08 26.44
CA CYS B 657 24.32 11.32 25.53
C CYS B 657 25.12 10.49 24.54
N LEU B 658 26.20 11.07 23.99
CA LEU B 658 26.99 10.36 22.99
C LEU B 658 27.56 9.07 23.55
N GLU B 659 28.15 9.14 24.74
CA GLU B 659 28.77 7.96 25.33
C GLU B 659 27.73 6.88 25.61
N LEU B 660 26.58 7.27 26.16
CA LEU B 660 25.53 6.28 26.43
C LEU B 660 25.04 5.64 25.13
N ALA B 661 24.83 6.45 24.09
CA ALA B 661 24.34 5.92 22.83
C ALA B 661 25.35 4.94 22.22
N VAL B 662 26.63 5.30 22.24
CA VAL B 662 27.63 4.43 21.63
C VAL B 662 27.81 3.16 22.44
N GLU B 663 27.76 3.26 23.77
CA GLU B 663 27.88 2.08 24.60
C GLU B 663 26.66 1.18 24.53
N ALA B 664 25.49 1.74 24.21
CA ALA B 664 24.28 0.95 24.03
C ALA B 664 24.09 0.50 22.58
N THR B 665 25.04 0.81 21.70
CA THR B 665 24.94 0.43 20.29
C THR B 665 23.65 0.97 19.66
N ASP B 666 23.34 2.23 19.97
CA ASP B 666 22.15 2.89 19.43
C ASP B 666 22.54 3.55 18.11
N GLN B 667 22.56 2.75 17.05
CA GLN B 667 22.95 3.27 15.74
C GLN B 667 21.98 4.32 15.24
N HIS B 668 20.69 4.15 15.54
CA HIS B 668 19.69 5.06 15.00
C HIS B 668 19.90 6.48 15.51
N PHE B 669 20.24 6.63 16.78
CA PHE B 669 20.44 7.96 17.35
C PHE B 669 21.68 8.63 16.76
N ILE B 670 22.77 7.89 16.63
CA ILE B 670 24.02 8.47 16.14
C ILE B 670 23.87 8.90 14.68
N ALA B 671 23.12 8.12 13.90
CA ALA B 671 23.02 8.37 12.47
C ALA B 671 22.20 9.60 12.13
N GLN B 672 21.54 10.22 13.09
CA GLN B 672 20.68 11.35 12.79
C GLN B 672 21.49 12.54 12.28
N PRO B 673 20.89 13.38 11.44
CA PRO B 673 21.68 14.46 10.80
C PRO B 673 22.37 15.38 11.78
N GLY B 674 21.76 15.67 12.92
CA GLY B 674 22.39 16.60 13.86
C GLY B 674 23.70 16.08 14.40
N VAL B 675 23.71 14.81 14.81
CA VAL B 675 24.95 14.23 15.35
C VAL B 675 26.00 14.14 14.26
N GLN B 676 25.59 13.82 13.03
CA GLN B 676 26.54 13.76 11.93
C GLN B 676 27.14 15.13 11.65
N ASN B 677 26.32 16.18 11.70
CA ASN B 677 26.85 17.53 11.50
C ASN B 677 27.82 17.91 12.61
N PHE B 678 27.49 17.55 13.85
CA PHE B 678 28.41 17.82 14.96
C PHE B 678 29.73 17.11 14.76
N LEU B 679 29.67 15.83 14.35
CA LEU B 679 30.90 15.09 14.12
C LEU B 679 31.69 15.66 12.96
N SER B 680 31.01 16.11 11.90
CA SER B 680 31.71 16.73 10.78
C SER B 680 32.40 18.02 11.22
N LYS B 681 31.72 18.83 12.03
CA LYS B 681 32.33 20.06 12.52
C LYS B 681 33.56 19.76 13.37
N GLN B 682 33.48 18.74 14.22
CA GLN B 682 34.67 18.34 14.97
C GLN B 682 35.77 17.84 14.05
N TRP B 683 35.41 17.09 13.01
CA TRP B 683 36.38 16.50 12.11
C TRP B 683 37.14 17.56 11.34
N TYR B 684 36.44 18.58 10.85
CA TYR B 684 37.10 19.68 10.14
C TYR B 684 37.72 20.69 11.08
N GLY B 685 37.40 20.64 12.38
CA GLY B 685 38.00 21.56 13.32
C GLY B 685 37.71 23.00 12.95
N GLU B 686 38.76 23.84 13.01
CA GLU B 686 38.61 25.25 12.72
C GLU B 686 38.16 25.49 11.29
N ILE B 687 38.70 24.71 10.35
CA ILE B 687 38.36 24.91 8.94
C ILE B 687 36.86 24.80 8.76
N SER B 688 36.32 25.62 7.86
CA SER B 688 34.90 25.59 7.56
C SER B 688 34.55 24.33 6.78
N ARG B 689 33.46 23.67 7.20
CA ARG B 689 33.02 22.47 6.51
C ARG B 689 32.60 22.76 5.07
N ASP B 690 32.27 24.01 4.75
CA ASP B 690 31.90 24.35 3.38
C ASP B 690 33.09 24.29 2.44
N THR B 691 34.31 24.33 2.97
CA THR B 691 35.50 24.28 2.11
C THR B 691 35.59 22.93 1.42
N LYS B 692 36.02 22.96 0.15
CA LYS B 692 36.17 21.74 -0.62
C LYS B 692 37.47 21.02 -0.25
N ASN B 693 37.43 19.69 -0.32
CA ASN B 693 38.55 18.89 0.15
C ASN B 693 39.80 19.12 -0.69
N TRP B 694 39.65 19.28 -2.00
CA TRP B 694 40.82 19.42 -2.85
C TRP B 694 41.58 20.70 -2.52
N LYS B 695 40.87 21.78 -2.20
CA LYS B 695 41.55 23.01 -1.80
C LYS B 695 42.45 22.78 -0.59
N ILE B 696 41.90 22.12 0.44
CA ILE B 696 42.66 21.93 1.68
C ILE B 696 43.82 20.97 1.44
N ILE B 697 43.62 19.94 0.63
CA ILE B 697 44.72 19.03 0.30
C ILE B 697 45.84 19.78 -0.41
N LEU B 698 45.47 20.60 -1.39
CA LEU B 698 46.46 21.37 -2.12
C LEU B 698 47.23 22.29 -1.20
N CYS B 699 46.52 22.99 -0.30
CA CYS B 699 47.19 23.85 0.66
C CYS B 699 48.08 23.06 1.59
N LEU B 700 47.71 21.83 1.91
CA LEU B 700 48.57 20.96 2.71
C LEU B 700 49.87 20.68 1.99
N PHE B 701 49.79 20.36 0.69
CA PHE B 701 51.00 19.99 -0.03
C PHE B 701 51.93 21.18 -0.21
N ILE B 702 51.39 22.38 -0.43
CA ILE B 702 52.17 23.60 -0.52
C ILE B 702 51.75 24.52 0.62
N ILE B 703 52.67 24.76 1.56
CA ILE B 703 52.32 25.49 2.77
C ILE B 703 51.85 26.92 2.47
N PRO B 704 52.53 27.70 1.64
CA PRO B 704 52.24 29.14 1.55
C PRO B 704 50.77 29.48 1.36
N LEU B 705 50.04 28.66 0.59
CA LEU B 705 48.67 29.01 0.26
C LEU B 705 47.76 29.04 1.48
N VAL B 706 48.18 28.45 2.60
CA VAL B 706 47.36 28.57 3.81
C VAL B 706 47.35 30.01 4.30
N GLY B 707 48.46 30.73 4.16
CA GLY B 707 48.46 32.15 4.47
C GLY B 707 47.56 32.93 3.56
N CYS B 708 47.31 32.43 2.35
CA CYS B 708 46.39 33.06 1.41
C CYS B 708 44.95 32.77 1.86
N GLY B 709 43.99 33.19 1.05
CA GLY B 709 42.58 33.04 1.39
C GLY B 709 41.90 31.87 0.70
N LEU B 710 42.69 30.91 0.20
CA LEU B 710 42.10 29.79 -0.52
C LEU B 710 41.22 28.96 0.40
N VAL B 711 41.66 28.74 1.64
CA VAL B 711 40.89 27.97 2.61
C VAL B 711 40.12 28.93 3.49
N SER B 712 38.81 28.68 3.62
CA SER B 712 37.93 29.53 4.41
C SER B 712 37.81 29.00 5.83
N PHE B 713 38.11 29.83 6.81
CA PHE B 713 38.01 29.48 8.22
C PHE B 713 36.74 30.11 8.79
N ARG B 714 35.80 29.26 9.20
CA ARG B 714 34.51 29.74 9.68
C ARG B 714 34.61 30.32 11.08
N LYS B 715 35.41 29.70 11.95
CA LYS B 715 35.42 30.10 13.35
C LYS B 715 35.98 31.51 13.52
N LYS B 716 37.01 31.85 12.75
CA LYS B 716 37.62 33.18 12.86
C LYS B 716 38.58 33.43 11.71
N LYS B 723 45.76 37.64 11.13
CA LYS B 723 47.01 37.18 11.70
C LYS B 723 47.33 35.77 11.20
N LEU B 724 48.42 35.64 10.44
CA LEU B 724 48.73 34.38 9.78
C LEU B 724 49.10 33.30 10.77
N LEU B 725 49.74 33.67 11.89
CA LEU B 725 50.16 32.67 12.87
C LEU B 725 48.98 31.83 13.33
N TRP B 726 47.87 32.48 13.69
CA TRP B 726 46.69 31.74 14.13
C TRP B 726 46.12 30.92 12.98
N TYR B 727 46.18 31.45 11.76
CA TYR B 727 45.73 30.69 10.60
C TYR B 727 46.46 29.36 10.51
N TYR B 728 47.80 29.39 10.59
CA TYR B 728 48.58 28.17 10.47
C TYR B 728 48.33 27.24 11.65
N VAL B 729 48.22 27.78 12.86
CA VAL B 729 47.98 26.94 14.02
C VAL B 729 46.65 26.22 13.87
N ALA B 730 45.61 26.94 13.45
CA ALA B 730 44.32 26.30 13.22
C ALA B 730 44.40 25.24 12.13
N PHE B 731 45.11 25.54 11.04
CA PHE B 731 45.20 24.59 9.94
C PHE B 731 45.87 23.30 10.39
N PHE B 732 46.94 23.41 11.18
CA PHE B 732 47.71 22.24 11.57
C PHE B 732 47.26 21.63 12.89
N THR B 733 46.22 22.16 13.52
CA THR B 733 45.60 21.54 14.67
C THR B 733 44.35 20.76 14.33
N SER B 734 43.93 20.77 13.07
CA SER B 734 42.70 20.10 12.67
C SER B 734 42.94 18.60 12.52
N PRO B 735 42.11 17.74 13.11
CA PRO B 735 42.33 16.30 12.96
C PRO B 735 42.28 15.83 11.52
N PHE B 736 41.53 16.52 10.67
CA PHE B 736 41.50 16.17 9.25
C PHE B 736 42.90 16.23 8.64
N VAL B 737 43.58 17.35 8.85
CA VAL B 737 44.91 17.53 8.28
C VAL B 737 45.90 16.56 8.92
N VAL B 738 45.74 16.30 10.21
CA VAL B 738 46.62 15.33 10.87
C VAL B 738 46.44 13.96 10.25
N PHE B 739 45.19 13.57 9.97
CA PHE B 739 44.94 12.28 9.35
C PHE B 739 45.54 12.21 7.96
N SER B 740 45.39 13.27 7.17
CA SER B 740 45.98 13.29 5.83
C SER B 740 47.51 13.19 5.89
N TRP B 741 48.12 13.95 6.80
CA TRP B 741 49.57 13.89 6.95
C TRP B 741 50.02 12.49 7.36
N ASN B 742 49.29 11.87 8.28
CA ASN B 742 49.64 10.52 8.70
C ASN B 742 49.50 9.52 7.56
N VAL B 743 48.49 9.71 6.72
CA VAL B 743 48.34 8.84 5.55
C VAL B 743 49.53 8.98 4.62
N VAL B 744 49.94 10.23 4.37
CA VAL B 744 51.12 10.46 3.53
C VAL B 744 52.34 9.79 4.12
N PHE B 745 52.53 9.94 5.44
CA PHE B 745 53.68 9.35 6.11
C PHE B 745 53.64 7.83 6.00
N TYR B 746 52.46 7.23 6.15
CA TYR B 746 52.35 5.78 6.05
C TYR B 746 52.67 5.29 4.65
N ILE B 747 52.21 6.01 3.62
CA ILE B 747 52.51 5.62 2.25
C ILE B 747 54.01 5.72 2.00
N ALA B 748 54.64 6.78 2.48
CA ALA B 748 56.10 6.91 2.33
C ALA B 748 56.82 5.78 3.06
N PHE B 749 56.31 5.40 4.24
CA PHE B 749 56.89 4.30 4.98
C PHE B 749 56.79 3.00 4.20
N LEU B 750 55.64 2.76 3.56
CA LEU B 750 55.49 1.57 2.73
C LEU B 750 56.48 1.60 1.55
N LEU B 751 56.64 2.75 0.92
CA LEU B 751 57.58 2.86 -0.19
C LEU B 751 59.00 2.54 0.26
N LEU B 752 59.41 3.10 1.41
CA LEU B 752 60.76 2.83 1.92
C LEU B 752 60.90 1.35 2.27
N PHE B 753 59.87 0.76 2.87
CA PHE B 753 59.92 -0.66 3.20
C PHE B 753 60.15 -1.48 1.95
N ALA B 754 59.39 -1.20 0.88
CA ALA B 754 59.53 -1.95 -0.35
C ALA B 754 60.92 -1.76 -0.96
N TYR B 755 61.42 -0.53 -0.97
CA TYR B 755 62.74 -0.29 -1.54
C TYR B 755 63.81 -1.05 -0.79
N VAL B 756 63.75 -1.03 0.54
CA VAL B 756 64.72 -1.78 1.33
C VAL B 756 64.61 -3.26 1.06
N LEU B 757 63.39 -3.78 1.00
CA LEU B 757 63.18 -5.21 0.85
C LEU B 757 63.68 -5.71 -0.51
N LEU B 758 63.43 -4.95 -1.57
CA LEU B 758 63.69 -5.42 -2.92
C LEU B 758 65.02 -5.00 -3.50
N MET B 759 65.57 -3.87 -3.07
CA MET B 759 66.72 -3.28 -3.75
C MET B 759 67.95 -3.08 -2.87
N ASP B 760 67.79 -2.87 -1.57
CA ASP B 760 68.89 -2.51 -0.68
C ASP B 760 68.87 -3.36 0.58
N PHE B 761 68.74 -4.67 0.41
CA PHE B 761 68.82 -5.62 1.52
C PHE B 761 70.18 -6.32 1.46
N HIS B 762 70.99 -6.13 2.50
CA HIS B 762 72.34 -6.66 2.54
C HIS B 762 72.58 -7.30 3.90
N SER B 763 73.77 -7.89 4.06
CA SER B 763 74.11 -8.57 5.30
C SER B 763 74.11 -7.59 6.47
N VAL B 764 74.68 -6.41 6.29
CA VAL B 764 74.75 -5.37 7.31
C VAL B 764 73.78 -4.27 6.92
N PRO B 765 72.83 -3.91 7.78
CA PRO B 765 71.84 -2.90 7.39
C PRO B 765 72.49 -1.56 7.06
N HIS B 766 71.94 -0.89 6.05
CA HIS B 766 72.38 0.42 5.64
C HIS B 766 71.50 1.49 6.28
N THR B 767 71.76 2.75 5.92
CA THR B 767 71.03 3.86 6.52
C THR B 767 69.52 3.76 6.32
N PRO B 768 69.01 3.47 5.12
CA PRO B 768 67.56 3.42 4.95
C PRO B 768 66.88 2.42 5.86
N GLU B 769 67.51 1.26 6.09
CA GLU B 769 66.93 0.27 6.97
C GLU B 769 66.90 0.76 8.42
N LEU B 770 67.92 1.52 8.83
CA LEU B 770 67.91 2.10 10.16
C LEU B 770 66.81 3.14 10.31
N ILE B 771 66.59 3.94 9.27
CA ILE B 771 65.47 4.88 9.27
C ILE B 771 64.16 4.13 9.39
N LEU B 772 64.03 3.02 8.67
CA LEU B 772 62.83 2.20 8.75
C LEU B 772 62.63 1.67 10.17
N TYR B 773 63.72 1.23 10.81
CA TYR B 773 63.63 0.76 12.18
C TYR B 773 63.15 1.88 13.10
N ALA B 774 63.65 3.10 12.90
CA ALA B 774 63.21 4.21 13.72
C ALA B 774 61.72 4.47 13.54
N LEU B 775 61.25 4.46 12.30
CA LEU B 775 59.82 4.68 12.06
C LEU B 775 58.98 3.59 12.72
N VAL B 776 59.43 2.34 12.62
CA VAL B 776 58.70 1.25 13.26
C VAL B 776 58.73 1.40 14.77
N PHE B 777 59.83 1.91 15.33
CA PHE B 777 59.87 2.18 16.76
C PHE B 777 58.85 3.23 17.16
N VAL B 778 58.69 4.27 16.34
CA VAL B 778 57.68 5.28 16.61
C VAL B 778 56.29 4.65 16.59
N LEU B 779 56.03 3.82 15.57
CA LEU B 779 54.74 3.14 15.51
C LEU B 779 54.53 2.26 16.74
N PHE B 780 55.58 1.58 17.18
CA PHE B 780 55.48 0.71 18.36
C PHE B 780 55.19 1.51 19.62
N CYS B 781 55.83 2.67 19.78
CA CYS B 781 55.55 3.49 20.95
C CYS B 781 54.11 3.99 20.95
N ASP B 782 53.61 4.41 19.79
CA ASP B 782 52.20 4.78 19.72
C ASP B 782 51.30 3.60 20.05
N GLU B 783 51.66 2.40 19.56
CA GLU B 783 50.88 1.21 19.86
C GLU B 783 50.87 0.92 21.35
N VAL B 784 52.00 1.12 22.03
CA VAL B 784 52.06 0.90 23.47
C VAL B 784 51.19 1.92 24.21
N ARG B 785 51.20 3.17 23.74
CA ARG B 785 50.30 4.16 24.33
C ARG B 785 48.85 3.70 24.20
N GLN B 786 48.46 3.23 23.02
CA GLN B 786 47.10 2.76 22.82
C GLN B 786 46.81 1.54 23.68
N TRP B 787 47.80 0.68 23.87
CA TRP B 787 47.68 -0.44 24.79
C TRP B 787 47.29 0.06 26.18
N TYR B 788 48.08 1.02 26.69
CA TYR B 788 47.90 1.45 28.08
C TYR B 788 46.56 2.15 28.28
N MET B 789 46.13 2.95 27.30
CA MET B 789 44.85 3.63 27.44
C MET B 789 43.72 2.62 27.65
N ASN B 790 43.72 1.54 26.88
CA ASN B 790 42.71 0.50 27.01
C ASN B 790 43.23 -0.65 27.88
N GLY B 791 42.36 -1.62 28.12
CA GLY B 791 42.73 -2.81 28.87
C GLY B 791 42.91 -4.02 27.98
N VAL B 792 42.38 -5.17 28.40
CA VAL B 792 42.41 -6.37 27.58
C VAL B 792 41.31 -6.36 26.53
N ASN B 793 40.33 -5.46 26.64
CA ASN B 793 39.37 -5.25 25.56
C ASN B 793 40.04 -4.73 24.30
N TYR B 794 41.27 -4.25 24.42
CA TYR B 794 42.01 -3.78 23.24
C TYR B 794 42.13 -4.87 22.20
N PHE B 795 42.41 -6.10 22.61
CA PHE B 795 42.64 -7.21 21.70
C PHE B 795 41.35 -7.89 21.26
N THR B 796 40.20 -7.28 21.50
CA THR B 796 38.94 -7.82 21.02
C THR B 796 38.63 -7.40 19.59
N ASP B 797 39.46 -6.55 18.99
CA ASP B 797 39.26 -6.08 17.63
C ASP B 797 40.29 -6.72 16.72
N LEU B 798 39.84 -7.08 15.51
CA LEU B 798 40.71 -7.79 14.57
C LEU B 798 41.92 -6.94 14.19
N TRP B 799 41.70 -5.66 13.89
CA TRP B 799 42.77 -4.83 13.35
C TRP B 799 43.85 -4.58 14.39
N ASN B 800 43.47 -4.43 15.66
CA ASN B 800 44.47 -4.26 16.71
C ASN B 800 45.34 -5.52 16.83
N VAL B 801 44.72 -6.69 16.74
CA VAL B 801 45.48 -7.94 16.77
C VAL B 801 46.44 -7.99 15.60
N MET B 802 45.98 -7.58 14.42
CA MET B 802 46.86 -7.59 13.25
C MET B 802 48.02 -6.62 13.42
N ASP B 803 47.76 -5.45 14.01
CA ASP B 803 48.85 -4.51 14.27
C ASP B 803 49.89 -5.12 15.20
N THR B 804 49.43 -5.75 16.28
CA THR B 804 50.36 -6.38 17.21
C THR B 804 51.16 -7.48 16.53
N LEU B 805 50.49 -8.29 15.69
CA LEU B 805 51.19 -9.34 14.97
C LEU B 805 52.24 -8.76 14.04
N GLY B 806 51.91 -7.67 13.34
CA GLY B 806 52.87 -7.05 12.45
C GLY B 806 54.10 -6.56 13.20
N LEU B 807 53.89 -5.89 14.33
CA LEU B 807 55.03 -5.41 15.11
C LEU B 807 55.88 -6.57 15.61
N PHE B 808 55.23 -7.64 16.10
CA PHE B 808 55.97 -8.78 16.60
C PHE B 808 56.78 -9.45 15.48
N TYR B 809 56.19 -9.57 14.30
CA TYR B 809 56.91 -10.18 13.18
C TYR B 809 58.06 -9.29 12.72
N PHE B 810 57.89 -7.97 12.78
CA PHE B 810 59.00 -7.09 12.46
C PHE B 810 60.15 -7.29 13.44
N ILE B 811 59.83 -7.40 14.73
CA ILE B 811 60.88 -7.65 15.72
C ILE B 811 61.57 -8.98 15.46
N ALA B 812 60.79 -10.01 15.13
CA ALA B 812 61.38 -11.31 14.84
C ALA B 812 62.29 -11.25 13.62
N GLY B 813 61.88 -10.52 12.59
CA GLY B 813 62.73 -10.35 11.43
C GLY B 813 64.02 -9.64 11.76
N ILE B 814 63.94 -8.60 12.59
CA ILE B 814 65.16 -7.93 13.05
C ILE B 814 66.08 -8.92 13.74
N VAL B 815 65.51 -9.74 14.62
CA VAL B 815 66.31 -10.70 15.37
C VAL B 815 67.00 -11.66 14.42
N PHE B 816 66.26 -12.18 13.45
CA PHE B 816 66.83 -13.13 12.49
C PHE B 816 67.91 -12.48 11.65
N ARG B 817 67.70 -11.23 11.24
CA ARG B 817 68.55 -10.58 10.25
C ARG B 817 69.90 -10.13 10.78
N LEU B 818 70.08 -10.08 12.10
CA LEU B 818 71.34 -9.59 12.64
C LEU B 818 72.43 -10.65 12.71
N HIS B 819 72.12 -11.89 12.32
CA HIS B 819 73.13 -12.94 12.24
C HIS B 819 73.80 -12.90 10.87
N SER B 820 74.47 -11.80 10.59
CA SER B 820 75.05 -11.62 9.27
C SER B 820 75.99 -12.68 8.78
N SER B 821 76.66 -13.39 9.66
CA SER B 821 77.57 -14.40 9.16
C SER B 821 76.83 -15.48 8.42
N ASN B 822 75.75 -15.97 8.99
CA ASN B 822 75.00 -17.06 8.42
C ASN B 822 74.24 -16.62 7.21
N LYS B 823 74.11 -17.45 6.19
CA LYS B 823 73.37 -17.01 5.04
C LYS B 823 71.95 -17.47 4.99
N SER B 824 71.48 -18.13 6.03
CA SER B 824 70.10 -18.53 6.06
C SER B 824 69.25 -17.73 7.01
N SER B 825 69.78 -17.23 8.09
CA SER B 825 69.03 -16.38 9.00
C SER B 825 68.65 -15.06 8.34
N LEU B 826 69.53 -14.53 7.50
CA LEU B 826 69.22 -13.31 6.77
C LEU B 826 68.00 -13.50 5.87
N TYR B 827 67.96 -14.61 5.14
CA TYR B 827 66.84 -14.84 4.24
C TYR B 827 65.56 -15.14 5.01
N SER B 828 65.68 -15.86 6.13
CA SER B 828 64.51 -16.04 7.00
C SER B 828 63.96 -14.71 7.48
N GLY B 829 64.83 -13.80 7.91
CA GLY B 829 64.38 -12.49 8.30
C GLY B 829 63.73 -11.73 7.15
N ARG B 830 64.29 -11.89 5.94
CA ARG B 830 63.72 -11.22 4.78
C ARG B 830 62.31 -11.72 4.50
N VAL B 831 62.11 -13.04 4.60
CA VAL B 831 60.77 -13.60 4.39
C VAL B 831 59.81 -13.10 5.45
N ILE B 832 60.26 -13.07 6.71
CA ILE B 832 59.43 -12.53 7.78
C ILE B 832 59.03 -11.09 7.44
N PHE B 833 59.99 -10.30 6.96
CA PHE B 833 59.71 -8.91 6.61
C PHE B 833 58.71 -8.83 5.46
N CYS B 834 58.80 -9.74 4.49
CA CYS B 834 57.86 -9.71 3.37
C CYS B 834 56.44 -10.00 3.83
N LEU B 835 56.26 -11.02 4.67
CA LEU B 835 54.94 -11.30 5.20
C LEU B 835 54.42 -10.13 6.04
N ASP B 836 55.31 -9.55 6.85
CA ASP B 836 54.93 -8.38 7.63
C ASP B 836 54.54 -7.22 6.72
N TYR B 837 55.20 -7.10 5.56
CA TYR B 837 54.84 -6.07 4.60
C TYR B 837 53.45 -6.29 4.06
N ILE B 838 53.10 -7.55 3.77
CA ILE B 838 51.73 -7.85 3.37
C ILE B 838 50.76 -7.37 4.44
N ILE B 839 51.05 -7.69 5.70
CA ILE B 839 50.14 -7.33 6.79
C ILE B 839 50.04 -5.82 6.92
N PHE B 840 51.18 -5.12 6.81
CA PHE B 840 51.17 -3.66 6.90
C PHE B 840 50.34 -3.05 5.77
N THR B 841 50.52 -3.56 4.55
CA THR B 841 49.82 -3.00 3.41
C THR B 841 48.32 -3.20 3.54
N LEU B 842 47.89 -4.33 4.09
CA LEU B 842 46.45 -4.59 4.19
C LEU B 842 45.74 -3.62 5.14
N ARG B 843 46.48 -2.86 5.96
CA ARG B 843 45.85 -1.92 6.88
C ARG B 843 45.29 -0.70 6.15
N LEU B 844 45.73 -0.44 4.94
CA LEU B 844 45.22 0.70 4.17
C LEU B 844 43.72 0.59 4.00
N ILE B 845 43.21 -0.62 3.79
CA ILE B 845 41.78 -0.83 3.64
C ILE B 845 41.05 -0.36 4.89
N HIS B 846 41.58 -0.72 6.06
CA HIS B 846 40.95 -0.29 7.31
C HIS B 846 41.00 1.22 7.45
N ILE B 847 42.15 1.84 7.16
CA ILE B 847 42.27 3.27 7.41
C ILE B 847 41.45 4.08 6.42
N PHE B 848 41.15 3.53 5.24
CA PHE B 848 40.36 4.23 4.23
C PHE B 848 38.87 3.91 4.32
N THR B 849 38.40 3.55 5.50
CA THR B 849 36.98 3.28 5.72
C THR B 849 36.21 4.54 6.12
N VAL B 850 36.87 5.69 6.14
CA VAL B 850 36.23 6.97 6.48
C VAL B 850 36.09 7.87 5.26
N SER B 851 36.18 7.31 4.06
CA SER B 851 36.23 8.13 2.85
C SER B 851 34.86 8.69 2.48
N ARG B 852 33.79 8.02 2.90
CA ARG B 852 32.39 8.30 2.57
C ARG B 852 32.02 7.80 1.18
N ASN B 853 32.98 7.31 0.38
CA ASN B 853 32.70 6.66 -0.88
C ASN B 853 33.09 5.20 -0.87
N LEU B 854 34.23 4.88 -0.27
CA LEU B 854 34.69 3.50 -0.15
C LEU B 854 34.27 2.86 1.15
N GLY B 855 33.99 3.66 2.17
CA GLY B 855 33.73 3.15 3.51
C GLY B 855 32.55 2.22 3.58
N PRO B 856 31.39 2.65 3.09
CA PRO B 856 30.21 1.76 3.15
C PRO B 856 30.43 0.44 2.44
N LYS B 857 31.09 0.47 1.28
CA LYS B 857 31.34 -0.77 0.55
C LYS B 857 32.30 -1.68 1.29
N ILE B 858 33.31 -1.09 1.92
CA ILE B 858 34.24 -1.88 2.72
C ILE B 858 33.50 -2.53 3.89
N ILE B 859 32.62 -1.77 4.54
CA ILE B 859 31.84 -2.31 5.64
C ILE B 859 30.96 -3.45 5.17
N MET B 860 30.38 -3.32 3.97
CA MET B 860 29.43 -4.31 3.48
C MET B 860 30.08 -5.67 3.23
N LEU B 861 31.40 -5.73 3.14
CA LEU B 861 32.05 -7.01 2.85
C LEU B 861 31.86 -8.03 3.97
N GLN B 862 31.64 -7.58 5.20
CA GLN B 862 31.48 -8.51 6.30
C GLN B 862 30.21 -9.35 6.14
N ARG B 863 29.19 -8.81 5.47
CA ARG B 863 27.91 -9.49 5.36
C ARG B 863 27.93 -10.64 4.36
N MET B 864 29.00 -10.77 3.56
CA MET B 864 29.02 -11.67 2.42
C MET B 864 29.88 -12.91 2.66
N LEU B 865 30.27 -13.18 3.91
CA LEU B 865 31.18 -14.27 4.20
C LEU B 865 30.52 -15.63 4.12
N ILE B 866 29.23 -15.72 4.47
CA ILE B 866 28.57 -17.03 4.51
C ILE B 866 28.40 -17.59 3.11
N ASP B 867 28.12 -16.74 2.12
CA ASP B 867 28.07 -17.19 0.75
C ASP B 867 29.42 -17.75 0.31
N VAL B 868 30.50 -17.06 0.67
CA VAL B 868 31.84 -17.55 0.37
C VAL B 868 32.07 -18.90 1.03
N PHE B 869 31.60 -19.05 2.27
CA PHE B 869 31.80 -20.32 2.99
C PHE B 869 31.07 -21.45 2.28
N PHE B 870 29.84 -21.21 1.85
CA PHE B 870 29.10 -22.23 1.12
C PHE B 870 29.79 -22.60 -0.19
N PHE B 871 30.24 -21.58 -0.93
CA PHE B 871 30.97 -21.80 -2.17
C PHE B 871 32.21 -22.66 -1.94
N LEU B 872 32.99 -22.31 -0.92
CA LEU B 872 34.21 -23.06 -0.63
C LEU B 872 33.89 -24.49 -0.18
N PHE B 873 32.80 -24.66 0.56
CA PHE B 873 32.41 -26.00 1.01
C PHE B 873 32.13 -26.90 -0.19
N LEU B 874 31.27 -26.44 -1.10
CA LEU B 874 30.98 -27.24 -2.28
C LEU B 874 32.23 -27.48 -3.10
N PHE B 875 33.05 -26.44 -3.29
CA PHE B 875 34.25 -26.56 -4.10
C PHE B 875 35.19 -27.61 -3.51
N ALA B 876 35.38 -27.58 -2.19
CA ALA B 876 36.29 -28.53 -1.55
C ALA B 876 35.78 -29.96 -1.66
N VAL B 877 34.48 -30.16 -1.44
CA VAL B 877 33.94 -31.51 -1.57
C VAL B 877 34.19 -32.04 -2.98
N TRP B 878 33.86 -31.24 -3.99
CA TRP B 878 34.03 -31.68 -5.36
C TRP B 878 35.49 -31.93 -5.70
N MET B 879 36.39 -31.06 -5.23
CA MET B 879 37.81 -31.26 -5.49
C MET B 879 38.29 -32.56 -4.88
N VAL B 880 37.92 -32.83 -3.63
CA VAL B 880 38.36 -34.06 -2.99
C VAL B 880 37.89 -35.27 -3.80
N ALA B 881 36.60 -35.30 -4.13
CA ALA B 881 36.08 -36.45 -4.84
C ALA B 881 36.78 -36.65 -6.19
N PHE B 882 36.82 -35.60 -7.00
CA PHE B 882 37.39 -35.72 -8.34
C PHE B 882 38.87 -36.08 -8.28
N GLY B 883 39.63 -35.44 -7.40
CA GLY B 883 41.05 -35.72 -7.33
C GLY B 883 41.33 -37.14 -6.89
N VAL B 884 40.64 -37.60 -5.86
CA VAL B 884 40.87 -38.97 -5.39
C VAL B 884 40.52 -39.96 -6.49
N ALA B 885 39.37 -39.77 -7.14
CA ALA B 885 38.96 -40.69 -8.19
C ALA B 885 39.97 -40.71 -9.33
N ARG B 886 40.38 -39.55 -9.81
CA ARG B 886 41.30 -39.49 -10.93
C ARG B 886 42.65 -40.10 -10.58
N GLN B 887 43.18 -39.79 -9.40
CA GLN B 887 44.46 -40.34 -8.99
C GLN B 887 44.39 -41.85 -8.87
N GLY B 888 43.30 -42.37 -8.30
CA GLY B 888 43.17 -43.81 -8.18
C GLY B 888 43.02 -44.50 -9.52
N ILE B 889 42.35 -43.85 -10.47
CA ILE B 889 42.11 -44.46 -11.77
C ILE B 889 43.33 -44.39 -12.68
N LEU B 890 44.20 -43.39 -12.50
CA LEU B 890 45.36 -43.23 -13.39
C LEU B 890 46.61 -43.91 -12.84
N ARG B 891 46.92 -43.69 -11.57
CA ARG B 891 48.20 -44.09 -11.00
C ARG B 891 47.97 -44.86 -9.71
N GLN B 892 48.91 -45.76 -9.40
CA GLN B 892 48.81 -46.61 -8.22
C GLN B 892 50.06 -46.47 -7.36
N ASN B 893 49.85 -46.36 -6.05
CA ASN B 893 50.91 -46.42 -5.05
C ASN B 893 51.99 -45.35 -5.31
N GLU B 894 51.56 -44.10 -5.18
CA GLU B 894 52.49 -42.98 -5.32
C GLU B 894 53.58 -43.02 -4.26
N GLN B 895 53.19 -43.16 -2.99
CA GLN B 895 54.08 -43.22 -1.83
C GLN B 895 54.78 -41.90 -1.56
N ARG B 896 54.37 -40.81 -2.20
CA ARG B 896 54.93 -39.49 -1.97
C ARG B 896 53.80 -38.53 -1.60
N TRP B 897 53.92 -37.92 -0.42
CA TRP B 897 52.84 -37.08 0.08
C TRP B 897 52.73 -35.78 -0.71
N ARG B 898 53.87 -35.17 -1.03
CA ARG B 898 53.84 -33.87 -1.71
C ARG B 898 53.15 -33.99 -3.06
N TRP B 899 53.52 -35.01 -3.84
CA TRP B 899 52.89 -35.19 -5.14
C TRP B 899 51.46 -35.69 -5.01
N ILE B 900 51.17 -36.45 -3.96
CA ILE B 900 49.78 -36.86 -3.71
C ILE B 900 48.90 -35.62 -3.56
N PHE B 901 49.32 -34.67 -2.72
CA PHE B 901 48.50 -33.49 -2.52
C PHE B 901 48.53 -32.57 -3.74
N ARG B 902 49.64 -32.54 -4.47
CA ARG B 902 49.69 -31.74 -5.69
C ARG B 902 48.71 -32.25 -6.72
N SER B 903 48.62 -33.57 -6.88
CA SER B 903 47.72 -34.14 -7.88
C SER B 903 46.28 -34.12 -7.43
N VAL B 904 46.03 -34.27 -6.12
CA VAL B 904 44.68 -34.42 -5.63
C VAL B 904 43.99 -33.07 -5.43
N ILE B 905 44.74 -32.07 -4.97
CA ILE B 905 44.17 -30.81 -4.53
C ILE B 905 44.53 -29.67 -5.47
N TYR B 906 45.80 -29.54 -5.83
CA TYR B 906 46.25 -28.35 -6.56
C TYR B 906 45.67 -28.29 -7.96
N GLU B 907 45.76 -29.39 -8.71
CA GLU B 907 45.29 -29.37 -10.09
C GLU B 907 43.78 -29.14 -10.19
N PRO B 908 42.93 -29.83 -9.44
CA PRO B 908 41.50 -29.49 -9.45
C PRO B 908 41.24 -28.05 -9.06
N TYR B 909 42.03 -27.50 -8.13
CA TYR B 909 41.85 -26.10 -7.74
C TYR B 909 42.16 -25.18 -8.92
N LEU B 910 43.24 -25.45 -9.64
CA LEU B 910 43.55 -24.65 -10.83
C LEU B 910 42.47 -24.79 -11.88
N ALA B 911 41.77 -25.92 -11.89
CA ALA B 911 40.70 -26.11 -12.87
C ALA B 911 39.61 -25.06 -12.76
N MET B 912 39.49 -24.40 -11.61
CA MET B 912 38.50 -23.35 -11.45
C MET B 912 38.81 -22.12 -12.29
N PHE B 913 40.08 -21.92 -12.65
CA PHE B 913 40.51 -20.72 -13.36
C PHE B 913 40.62 -20.93 -14.85
N GLY B 914 40.13 -22.05 -15.37
CA GLY B 914 40.06 -22.29 -16.81
C GLY B 914 41.00 -23.34 -17.34
N GLN B 915 41.94 -23.84 -16.52
CA GLN B 915 42.85 -24.87 -16.97
C GLN B 915 42.18 -26.22 -16.91
N VAL B 916 42.27 -26.98 -17.99
CA VAL B 916 41.71 -28.34 -17.94
C VAL B 916 42.47 -29.14 -16.90
N PRO B 917 41.79 -29.86 -16.00
CA PRO B 917 42.50 -30.44 -14.84
C PRO B 917 43.72 -31.27 -15.18
N SER B 918 43.65 -32.07 -16.24
CA SER B 918 44.72 -33.01 -16.54
C SER B 918 44.89 -33.12 -18.05
N ASP B 919 46.14 -32.98 -18.49
CA ASP B 919 46.52 -33.41 -19.83
C ASP B 919 46.65 -34.93 -19.90
N VAL B 920 46.68 -35.60 -18.73
CA VAL B 920 46.79 -37.05 -18.68
C VAL B 920 45.44 -37.75 -18.80
N ASP B 921 44.33 -37.00 -18.73
CA ASP B 921 43.01 -37.61 -18.88
C ASP B 921 42.81 -38.21 -20.26
N SER B 922 43.59 -37.79 -21.25
CA SER B 922 43.52 -38.31 -22.60
C SER B 922 44.80 -39.07 -22.91
N THR B 923 44.65 -40.29 -23.44
CA THR B 923 45.82 -41.14 -23.68
C THR B 923 46.77 -40.51 -24.70
N THR B 924 46.24 -39.69 -25.61
CA THR B 924 47.08 -39.09 -26.64
C THR B 924 48.16 -38.20 -26.02
N TYR B 925 47.77 -37.36 -25.06
CA TYR B 925 48.69 -36.41 -24.44
C TYR B 925 49.26 -36.97 -23.13
N ASP B 926 50.16 -37.94 -23.25
CA ASP B 926 50.74 -38.58 -22.08
C ASP B 926 52.20 -38.92 -22.36
N PHE B 927 52.88 -39.43 -21.34
CA PHE B 927 54.27 -39.90 -21.42
C PHE B 927 55.25 -38.76 -21.68
N SER B 928 56.52 -38.99 -21.36
CA SER B 928 57.64 -38.06 -21.44
C SER B 928 57.61 -37.04 -20.31
N HIS B 929 56.58 -37.04 -19.47
CA HIS B 929 56.51 -36.18 -18.30
C HIS B 929 56.24 -36.99 -17.04
N CYS B 930 56.70 -38.25 -17.02
CA CYS B 930 56.42 -39.17 -15.94
C CYS B 930 57.70 -39.87 -15.53
N THR B 931 57.67 -40.44 -14.32
CA THR B 931 58.75 -41.26 -13.82
C THR B 931 58.17 -42.55 -13.24
N PHE B 932 58.70 -43.69 -13.68
CA PHE B 932 58.25 -44.96 -13.13
C PHE B 932 58.67 -45.12 -11.68
N SER B 933 59.82 -44.58 -11.31
CA SER B 933 60.30 -44.54 -9.94
C SER B 933 60.25 -43.11 -9.43
N GLY B 934 60.08 -42.98 -8.12
CA GLY B 934 59.94 -41.67 -7.49
C GLY B 934 61.23 -40.91 -7.33
N ASN B 935 62.27 -41.28 -8.09
CA ASN B 935 63.55 -40.58 -7.99
C ASN B 935 63.41 -39.13 -8.44
N GLU B 936 62.70 -38.91 -9.54
CA GLU B 936 62.60 -37.60 -10.16
C GLU B 936 61.41 -36.82 -9.59
N SER B 937 61.46 -35.51 -9.77
CA SER B 937 60.38 -34.63 -9.33
C SER B 937 59.36 -34.49 -10.47
N LYS B 938 58.74 -35.61 -10.78
CA LYS B 938 57.71 -35.69 -11.80
C LYS B 938 56.55 -36.52 -11.29
N PRO B 939 55.35 -36.35 -11.86
CA PRO B 939 54.23 -37.20 -11.46
C PRO B 939 54.48 -38.66 -11.81
N LEU B 940 53.94 -39.55 -10.99
CA LEU B 940 54.08 -40.97 -11.23
C LEU B 940 53.39 -41.35 -12.53
N CYS B 941 54.00 -42.31 -13.25
CA CYS B 941 53.47 -42.72 -14.54
C CYS B 941 52.22 -43.57 -14.35
N VAL B 942 51.35 -43.55 -15.35
CA VAL B 942 50.10 -44.26 -15.28
C VAL B 942 50.34 -45.76 -15.37
N GLU B 943 49.42 -46.54 -14.82
CA GLU B 943 49.58 -47.98 -14.84
C GLU B 943 49.52 -48.50 -16.27
N LEU B 944 50.30 -49.53 -16.59
CA LEU B 944 50.32 -50.08 -17.93
C LEU B 944 49.86 -51.53 -17.91
N ASP B 945 49.35 -52.03 -19.02
CA ASP B 945 48.82 -53.39 -19.11
C ASP B 945 49.90 -54.42 -19.55
N GLU B 946 49.55 -55.63 -20.02
CA GLU B 946 50.58 -56.57 -20.43
C GLU B 946 51.39 -55.99 -21.58
N HIS B 947 50.71 -55.36 -22.53
CA HIS B 947 51.37 -54.57 -23.54
C HIS B 947 51.70 -53.19 -22.97
N ASN B 948 52.74 -52.57 -23.51
CA ASN B 948 53.21 -51.28 -23.02
C ASN B 948 52.41 -50.15 -23.68
N LEU B 949 51.18 -49.99 -23.14
CA LEU B 949 50.19 -48.98 -23.51
C LEU B 949 49.43 -48.66 -22.21
N PRO B 950 48.91 -47.44 -22.04
CA PRO B 950 48.19 -47.05 -20.82
C PRO B 950 46.96 -47.89 -20.53
N ARG B 951 46.68 -48.16 -19.27
CA ARG B 951 45.55 -49.02 -18.90
C ARG B 951 44.20 -48.40 -18.51
N PHE B 952 44.12 -47.09 -18.31
CA PHE B 952 42.84 -46.46 -17.93
C PHE B 952 41.88 -46.25 -19.09
N PRO B 953 40.56 -46.23 -18.82
CA PRO B 953 39.59 -46.00 -19.89
C PRO B 953 39.18 -44.53 -20.12
N GLU B 954 39.41 -43.94 -21.30
CA GLU B 954 39.10 -42.54 -21.55
C GLU B 954 37.61 -42.27 -21.38
N TRP B 955 36.77 -43.25 -21.69
CA TRP B 955 35.33 -43.05 -21.66
C TRP B 955 34.79 -42.85 -20.25
N ILE B 956 35.61 -43.07 -19.23
CA ILE B 956 35.25 -42.74 -17.85
C ILE B 956 35.85 -41.40 -17.44
N THR B 957 37.12 -41.18 -17.77
CA THR B 957 37.80 -39.98 -17.31
C THR B 957 37.26 -38.73 -17.97
N ILE B 958 37.08 -38.76 -19.28
CA ILE B 958 36.68 -37.55 -20.00
C ILE B 958 35.33 -37.03 -19.54
N PRO B 959 34.28 -37.84 -19.44
CA PRO B 959 33.02 -37.33 -18.88
C PRO B 959 33.18 -36.78 -17.47
N LEU B 960 34.02 -37.42 -16.66
CA LEU B 960 34.26 -36.95 -15.31
C LEU B 960 34.78 -35.52 -15.32
N VAL B 961 35.82 -35.26 -16.12
CA VAL B 961 36.41 -33.93 -16.17
C VAL B 961 35.43 -32.94 -16.77
N CYS B 962 34.65 -33.37 -17.76
CA CYS B 962 33.65 -32.48 -18.35
C CYS B 962 32.66 -32.01 -17.30
N ILE B 963 32.11 -32.95 -16.54
CA ILE B 963 31.12 -32.61 -15.53
C ILE B 963 31.75 -31.72 -14.46
N TYR B 964 32.97 -32.04 -14.04
CA TYR B 964 33.61 -31.25 -12.99
C TYR B 964 33.81 -29.81 -13.45
N MET B 965 34.34 -29.62 -14.65
CA MET B 965 34.55 -28.27 -15.16
C MET B 965 33.23 -27.52 -15.31
N LEU B 966 32.20 -28.20 -15.83
CA LEU B 966 30.91 -27.54 -15.96
C LEU B 966 30.39 -27.08 -14.62
N SER B 967 30.48 -27.93 -13.59
CA SER B 967 29.94 -27.57 -12.29
C SER B 967 30.74 -26.45 -11.64
N THR B 968 32.06 -26.48 -11.78
CA THR B 968 32.91 -25.52 -11.08
C THR B 968 33.00 -24.18 -11.81
N ASN B 969 33.47 -24.20 -13.05
CA ASN B 969 33.75 -22.95 -13.75
C ASN B 969 32.50 -22.12 -13.94
N ILE B 970 31.38 -22.76 -14.26
CA ILE B 970 30.21 -22.02 -14.74
C ILE B 970 29.13 -21.92 -13.67
N LEU B 971 28.56 -23.06 -13.26
CA LEU B 971 27.36 -23.02 -12.43
C LEU B 971 27.65 -22.39 -11.07
N LEU B 972 28.71 -22.83 -10.41
CA LEU B 972 28.98 -22.37 -9.04
C LEU B 972 29.27 -20.88 -9.01
N VAL B 973 30.06 -20.38 -9.96
CA VAL B 973 30.41 -18.96 -9.98
C VAL B 973 29.17 -18.11 -10.21
N ASN B 974 28.31 -18.53 -11.14
CA ASN B 974 27.07 -17.79 -11.38
C ASN B 974 26.17 -17.80 -10.15
N LEU B 975 26.11 -18.93 -9.45
CA LEU B 975 25.33 -18.99 -8.22
C LEU B 975 25.89 -18.01 -7.19
N LEU B 976 27.21 -17.95 -7.06
CA LEU B 976 27.83 -17.00 -6.15
C LEU B 976 27.46 -15.56 -6.53
N VAL B 977 27.47 -15.27 -7.83
CA VAL B 977 27.10 -13.94 -8.29
C VAL B 977 25.68 -13.61 -7.87
N ALA B 978 24.76 -14.57 -8.05
CA ALA B 978 23.37 -14.34 -7.69
C ALA B 978 23.21 -14.08 -6.20
N MET B 979 23.89 -14.90 -5.38
CA MET B 979 23.77 -14.73 -3.93
C MET B 979 24.36 -13.39 -3.49
N PHE B 980 25.49 -13.00 -4.08
CA PHE B 980 26.05 -11.68 -3.78
C PHE B 980 25.08 -10.58 -4.14
N GLY B 981 24.42 -10.70 -5.30
CA GLY B 981 23.45 -9.69 -5.69
C GLY B 981 22.32 -9.57 -4.71
N TYR B 982 21.76 -10.71 -4.30
CA TYR B 982 20.66 -10.69 -3.34
C TYR B 982 21.10 -10.04 -2.03
N THR B 983 22.27 -10.44 -1.52
CA THR B 983 22.74 -9.91 -0.25
C THR B 983 22.97 -8.40 -0.34
N VAL B 984 23.57 -7.94 -1.44
CA VAL B 984 23.81 -6.51 -1.61
C VAL B 984 22.50 -5.76 -1.64
N GLY B 985 21.51 -6.28 -2.37
CA GLY B 985 20.21 -5.63 -2.40
C GLY B 985 19.56 -5.57 -1.03
N ILE B 986 19.78 -6.61 -0.22
CA ILE B 986 19.12 -6.69 1.08
C ILE B 986 19.75 -5.75 2.08
N VAL B 987 21.07 -5.77 2.19
CA VAL B 987 21.75 -5.15 3.34
C VAL B 987 22.15 -3.70 3.06
N GLN B 988 21.60 -3.10 2.00
CA GLN B 988 22.02 -1.76 1.64
C GLN B 988 21.47 -0.73 2.63
N GLU B 989 20.20 -0.85 3.00
CA GLU B 989 19.58 0.14 3.87
C GLU B 989 20.28 0.22 5.23
N ASN B 990 20.73 -0.92 5.75
CA ASN B 990 21.34 -0.99 7.07
C ASN B 990 22.85 -0.84 7.02
N ASN B 991 23.41 -0.40 5.90
CA ASN B 991 24.86 -0.28 5.76
C ASN B 991 25.34 1.12 6.10
N ASP B 992 24.66 2.15 5.59
CA ASP B 992 25.07 3.52 5.85
C ASP B 992 24.95 3.86 7.32
N GLN B 993 23.94 3.32 7.99
CA GLN B 993 23.79 3.56 9.42
C GLN B 993 24.97 3.00 10.20
N VAL B 994 25.38 1.77 9.89
CA VAL B 994 26.52 1.17 10.56
C VAL B 994 27.78 1.95 10.24
N TRP B 995 27.90 2.42 9.00
CA TRP B 995 29.08 3.20 8.63
C TRP B 995 29.13 4.51 9.40
N LYS B 996 27.97 5.14 9.63
CA LYS B 996 27.95 6.36 10.42
C LYS B 996 28.36 6.10 11.86
N PHE B 997 27.92 4.98 12.42
CA PHE B 997 28.38 4.61 13.76
C PHE B 997 29.90 4.44 13.80
N GLN B 998 30.44 3.68 12.85
CA GLN B 998 31.89 3.51 12.79
C GLN B 998 32.60 4.84 12.58
N ARG B 999 31.97 5.73 11.82
CA ARG B 999 32.55 7.05 11.58
C ARG B 999 32.63 7.84 12.87
N TYR B 1000 31.59 7.78 13.69
CA TYR B 1000 31.67 8.39 15.01
C TYR B 1000 32.85 7.83 15.78
N PHE B 1001 33.00 6.50 15.79
CA PHE B 1001 34.10 5.89 16.52
C PHE B 1001 35.44 6.44 16.04
N LEU B 1002 35.65 6.46 14.73
CA LEU B 1002 36.93 6.91 14.19
C LEU B 1002 37.18 8.40 14.49
N VAL B 1003 36.15 9.23 14.31
CA VAL B 1003 36.31 10.66 14.54
C VAL B 1003 36.64 10.93 16.00
N GLN B 1004 35.97 10.25 16.92
CA GLN B 1004 36.28 10.45 18.33
C GLN B 1004 37.67 9.93 18.67
N GLU B 1005 38.08 8.83 18.03
CA GLU B 1005 39.44 8.34 18.24
C GLU B 1005 40.46 9.38 17.81
N TYR B 1006 40.22 10.05 16.68
CA TYR B 1006 41.18 11.04 16.19
C TYR B 1006 41.12 12.32 17.00
N CYS B 1007 39.94 12.70 17.50
CA CYS B 1007 39.83 13.91 18.30
C CYS B 1007 40.39 13.69 19.71
N ASN B 1008 40.14 12.53 20.30
CA ASN B 1008 40.72 12.17 21.59
C ASN B 1008 42.17 11.71 21.39
N ARG B 1009 42.96 12.62 20.83
CA ARG B 1009 44.33 12.33 20.43
C ARG B 1009 45.14 13.61 20.51
N LEU B 1010 46.46 13.46 20.42
CA LEU B 1010 47.34 14.62 20.51
C LEU B 1010 47.16 15.57 19.33
N ASN B 1011 46.60 15.09 18.23
CA ASN B 1011 46.37 15.94 17.05
C ASN B 1011 47.68 16.52 16.53
N ILE B 1012 48.76 15.77 16.66
CA ILE B 1012 50.08 16.17 16.19
C ILE B 1012 50.45 15.29 15.00
N PRO B 1013 51.14 15.82 13.99
CA PRO B 1013 51.62 14.96 12.91
C PRO B 1013 52.51 13.85 13.45
N PHE B 1014 52.34 12.66 12.89
CA PHE B 1014 52.97 11.48 13.48
C PHE B 1014 54.49 11.53 13.54
N PRO B 1015 55.22 11.94 12.49
CA PRO B 1015 56.69 11.82 12.55
C PRO B 1015 57.32 12.64 13.66
N PHE B 1016 56.62 13.63 14.22
CA PHE B 1016 57.09 14.37 15.38
C PHE B 1016 56.32 14.04 16.65
N VAL B 1017 55.21 13.30 16.54
CA VAL B 1017 54.36 13.04 17.70
C VAL B 1017 55.16 12.41 18.83
N VAL B 1018 56.23 11.68 18.51
CA VAL B 1018 57.01 11.01 19.54
C VAL B 1018 57.49 12.01 20.58
N PHE B 1019 57.89 13.21 20.12
CA PHE B 1019 58.33 14.24 21.06
C PHE B 1019 57.29 14.45 22.15
N ALA B 1020 56.02 14.56 21.77
CA ALA B 1020 54.96 14.72 22.75
C ALA B 1020 55.02 13.61 23.79
N TYR B 1021 55.09 12.35 23.32
CA TYR B 1021 55.13 11.22 24.23
C TYR B 1021 56.24 11.39 25.26
N PHE B 1022 57.36 11.98 24.84
CA PHE B 1022 58.41 12.35 25.79
C PHE B 1022 57.94 13.49 26.69
N TYR B 1023 57.64 14.64 26.07
CA TYR B 1023 57.28 15.82 26.86
C TYR B 1023 56.16 15.49 27.83
N MET B 1024 55.09 14.86 27.34
CA MET B 1024 53.96 14.56 28.21
C MET B 1024 54.38 13.64 29.35
N VAL B 1025 55.18 12.62 29.07
CA VAL B 1025 55.56 11.70 30.13
C VAL B 1025 56.44 12.41 31.15
N VAL B 1026 57.04 13.54 30.79
CA VAL B 1026 57.77 14.34 31.77
C VAL B 1026 56.81 14.92 32.79
N LYS B 1027 55.66 15.41 32.33
CA LYS B 1027 54.67 16.00 33.24
C LYS B 1027 53.90 14.92 34.00
N LYS B 1028 53.63 13.79 33.35
CA LYS B 1028 52.89 12.72 33.98
C LYS B 1028 53.83 11.66 34.56
N ASP B 1050 24.58 25.55 31.65
CA ASP B 1050 24.16 24.27 32.24
C ASP B 1050 22.67 24.29 32.53
N ASN B 1051 22.27 25.08 33.54
CA ASN B 1051 20.85 25.18 33.88
C ASN B 1051 20.04 25.75 32.73
N GLU B 1052 20.61 26.74 32.01
CA GLU B 1052 19.92 27.30 30.86
C GLU B 1052 19.64 26.24 29.82
N THR B 1053 20.64 25.41 29.50
CA THR B 1053 20.45 24.35 28.51
C THR B 1053 19.39 23.36 28.96
N LEU B 1054 19.41 22.97 30.23
CA LEU B 1054 18.42 22.02 30.72
C LEU B 1054 17.01 22.61 30.67
N ALA B 1055 16.87 23.88 31.02
CA ALA B 1055 15.55 24.52 30.95
C ALA B 1055 15.06 24.59 29.51
N TRP B 1056 15.95 24.95 28.58
CA TRP B 1056 15.57 24.99 27.18
C TRP B 1056 15.17 23.61 26.68
N GLU B 1057 15.90 22.58 27.09
CA GLU B 1057 15.55 21.22 26.72
C GLU B 1057 14.20 20.83 27.29
N GLY B 1058 13.91 21.25 28.52
CA GLY B 1058 12.61 20.96 29.10
C GLY B 1058 11.48 21.64 28.33
N VAL B 1059 11.71 22.88 27.91
CA VAL B 1059 10.70 23.58 27.10
C VAL B 1059 10.46 22.82 25.80
N MET B 1060 11.54 22.40 25.14
CA MET B 1060 11.37 21.66 23.89
C MET B 1060 10.70 20.31 24.13
N LYS B 1061 10.96 19.69 25.28
CA LYS B 1061 10.29 18.44 25.63
C LYS B 1061 8.80 18.65 25.81
N GLU B 1062 8.41 19.74 26.47
CA GLU B 1062 7.00 20.07 26.59
C GLU B 1062 6.37 20.26 25.22
N ASN B 1063 7.08 20.96 24.33
CA ASN B 1063 6.57 21.13 22.97
C ASN B 1063 6.40 19.80 22.26
N TYR B 1064 7.36 18.89 22.43
CA TYR B 1064 7.28 17.58 21.78
C TYR B 1064 6.11 16.77 22.32
N LEU B 1065 5.89 16.81 23.63
CA LEU B 1065 4.74 16.11 24.20
C LEU B 1065 3.43 16.70 23.67
N VAL B 1066 3.36 18.03 23.58
CA VAL B 1066 2.18 18.66 23.02
C VAL B 1066 1.96 18.20 21.58
N LYS B 1067 3.05 18.11 20.81
CA LYS B 1067 2.93 17.68 19.42
C LYS B 1067 2.39 16.25 19.34
N ILE B 1068 2.89 15.36 20.20
CA ILE B 1068 2.41 13.98 20.19
C ILE B 1068 0.92 13.94 20.55
N ASN B 1069 0.53 14.70 21.56
CA ASN B 1069 -0.87 14.69 21.98
C ASN B 1069 -1.77 15.24 20.88
N THR B 1070 -1.34 16.31 20.21
CA THR B 1070 -2.13 16.86 19.11
C THR B 1070 -2.23 15.88 17.96
N LYS B 1071 -1.13 15.19 17.65
CA LYS B 1071 -1.19 14.18 16.59
C LYS B 1071 -2.17 13.08 16.95
N ALA B 1072 -2.18 12.65 18.21
CA ALA B 1072 -3.13 11.64 18.64
C ALA B 1072 -4.57 12.15 18.52
N ASN B 1073 -4.81 13.40 18.91
CA ASN B 1073 -6.16 13.95 18.89
C ASN B 1073 -6.62 14.32 17.47
N ASP B 1074 -5.70 14.38 16.51
CA ASP B 1074 -6.05 14.77 15.14
C ASP B 1074 -6.95 13.75 14.43
N ASN B 1075 -7.39 12.69 15.11
CA ASN B 1075 -8.25 11.71 14.45
C ASN B 1075 -9.52 12.36 13.90
N SER B 1076 -9.99 13.43 14.53
CA SER B 1076 -11.14 14.21 14.07
C SER B 1076 -12.46 13.47 14.27
N GLU B 1077 -12.48 12.44 15.12
CA GLU B 1077 -13.72 11.73 15.40
C GLU B 1077 -14.58 12.44 16.43
N GLU B 1078 -14.02 13.41 17.15
CA GLU B 1078 -14.78 14.10 18.20
C GLU B 1078 -16.08 14.69 17.66
N MET B 1079 -16.07 15.10 16.38
CA MET B 1079 -17.29 15.63 15.79
C MET B 1079 -18.46 14.69 16.01
N ARG B 1080 -18.26 13.40 15.74
CA ARG B 1080 -19.32 12.42 15.97
C ARG B 1080 -19.84 12.53 17.39
N HIS B 1081 -18.93 12.54 18.37
CA HIS B 1081 -19.34 12.70 19.76
C HIS B 1081 -20.22 13.94 19.92
N ARG B 1082 -19.77 15.07 19.36
CA ARG B 1082 -20.57 16.28 19.41
C ARG B 1082 -21.98 16.02 18.91
N PHE B 1083 -22.09 15.36 17.76
CA PHE B 1083 -23.41 15.02 17.22
C PHE B 1083 -24.25 14.30 18.27
N ARG B 1084 -23.66 13.30 18.91
CA ARG B 1084 -24.38 12.59 19.97
C ARG B 1084 -24.87 13.56 21.03
N GLN B 1085 -23.98 14.45 21.49
CA GLN B 1085 -24.39 15.45 22.48
C GLN B 1085 -25.59 16.24 21.96
N LEU B 1086 -25.54 16.65 20.69
CA LEU B 1086 -26.67 17.40 20.12
C LEU B 1086 -27.96 16.64 20.34
N ASP B 1087 -27.95 15.33 20.06
CA ASP B 1087 -29.16 14.54 20.26
C ASP B 1087 -29.69 14.71 21.67
N SER B 1088 -28.81 14.57 22.67
CA SER B 1088 -29.22 14.75 24.05
C SER B 1088 -29.89 16.11 24.23
N LYS B 1089 -29.27 17.16 23.69
CA LYS B 1089 -29.87 18.49 23.79
C LYS B 1089 -31.30 18.47 23.25
N LEU B 1090 -31.49 17.88 22.08
CA LEU B 1090 -32.83 17.78 21.52
C LEU B 1090 -33.77 17.09 22.49
N ASN B 1091 -33.31 15.97 23.07
CA ASN B 1091 -34.14 15.27 24.05
C ASN B 1091 -34.53 16.21 25.18
N ASP B 1092 -33.59 17.03 25.65
CA ASP B 1092 -33.91 17.99 26.70
C ASP B 1092 -35.11 18.83 26.30
N LEU B 1093 -35.09 19.36 25.08
CA LEU B 1093 -36.22 20.15 24.61
C LEU B 1093 -37.52 19.40 24.81
N LYS B 1094 -37.56 18.13 24.38
CA LYS B 1094 -38.77 17.33 24.56
C LYS B 1094 -39.23 17.36 26.00
N SER B 1095 -38.31 17.12 26.94
CA SER B 1095 -38.68 17.13 28.34
C SER B 1095 -39.32 18.45 28.71
N LEU B 1096 -38.71 19.56 28.29
CA LEU B 1096 -39.30 20.87 28.54
C LEU B 1096 -40.74 20.92 28.04
N LEU B 1097 -40.96 20.46 26.81
CA LEU B 1097 -42.32 20.42 26.28
C LEU B 1097 -43.23 19.64 27.21
N LYS B 1098 -42.79 18.46 27.65
CA LYS B 1098 -43.57 17.69 28.60
C LYS B 1098 -43.90 18.52 29.83
N GLU B 1099 -42.88 19.19 30.39
CA GLU B 1099 -43.14 20.06 31.53
C GLU B 1099 -44.20 21.10 31.19
N ILE B 1100 -44.08 21.71 30.00
CA ILE B 1100 -45.09 22.68 29.58
C ILE B 1100 -46.48 22.04 29.61
N ALA B 1101 -46.58 20.81 29.08
CA ALA B 1101 -47.86 20.11 29.13
C ALA B 1101 -48.34 19.95 30.56
N ASN B 1102 -47.43 19.57 31.47
CA ASN B 1102 -47.79 19.47 32.87
C ASN B 1102 -48.30 20.81 33.40
N ASN B 1103 -47.69 21.91 32.95
CA ASN B 1103 -48.19 23.23 33.32
C ASN B 1103 -49.56 23.47 32.72
N ILE B 1104 -49.79 23.03 31.48
CA ILE B 1104 -51.07 23.27 30.82
C ILE B 1104 -52.19 22.54 31.56
N LYS B 1105 -51.95 21.28 31.94
CA LYS B 1105 -52.95 20.49 32.62
C LYS B 1105 -53.36 21.14 33.94
N ASP C 41 18.44 58.92 40.90
CA ASP C 41 17.52 59.64 40.03
C ASP C 41 16.15 58.95 40.00
N LEU C 42 16.11 57.75 39.43
CA LEU C 42 14.85 57.01 39.36
C LEU C 42 14.32 56.69 40.74
N VAL C 43 15.20 56.26 41.65
CA VAL C 43 14.77 55.98 43.02
C VAL C 43 14.28 57.24 43.70
N ASN C 44 14.97 58.36 43.45
CA ASN C 44 14.54 59.63 44.04
C ASN C 44 13.14 60.01 43.57
N PHE C 45 12.87 59.88 42.26
CA PHE C 45 11.55 60.18 41.75
C PHE C 45 10.52 59.23 42.33
N ILE C 46 10.87 57.94 42.45
CA ILE C 46 9.94 56.96 43.00
C ILE C 46 9.55 57.34 44.42
N GLN C 47 10.54 57.63 45.26
CA GLN C 47 10.25 57.94 46.66
C GLN C 47 9.54 59.28 46.80
N ALA C 48 9.83 60.24 45.91
CA ALA C 48 9.11 61.50 45.93
C ALA C 48 7.63 61.29 45.58
N ASN C 49 7.36 60.49 44.55
CA ASN C 49 5.99 60.22 44.16
C ASN C 49 5.25 59.46 45.25
N PHE C 50 5.90 58.48 45.86
CA PHE C 50 5.28 57.66 46.90
C PHE C 50 5.34 58.30 48.27
N LYS C 51 6.00 59.44 48.42
CA LYS C 51 6.09 60.12 49.70
C LYS C 51 6.77 59.24 50.74
N ASP C 102 8.24 56.73 49.28
CA ASP C 102 9.48 56.03 49.62
C ASP C 102 9.17 54.60 50.09
N ALA C 103 10.20 53.93 50.61
CA ALA C 103 10.08 52.57 51.12
C ALA C 103 9.65 51.62 50.00
N PHE C 104 10.43 51.61 48.93
CA PHE C 104 10.20 50.73 47.79
C PHE C 104 11.35 49.73 47.69
N GLY C 105 11.03 48.46 47.45
CA GLY C 105 12.01 47.40 47.36
C GLY C 105 12.10 46.88 45.94
N ASP C 106 13.32 46.89 45.40
CA ASP C 106 13.61 46.38 44.07
C ASP C 106 14.37 45.07 44.19
N ILE C 107 13.86 44.03 43.55
CA ILE C 107 14.47 42.71 43.57
C ILE C 107 14.73 42.27 42.13
N GLN C 108 15.90 41.71 41.89
CA GLN C 108 16.29 41.23 40.57
C GLN C 108 16.82 39.81 40.69
N PHE C 109 16.55 39.00 39.66
CA PHE C 109 17.00 37.62 39.64
C PHE C 109 16.90 37.05 38.22
N GLY C 116 11.34 41.24 38.83
CA GLY C 116 12.13 42.45 38.60
C GLY C 116 11.72 43.59 39.50
N LYS C 117 11.49 44.75 38.91
CA LYS C 117 11.18 45.94 39.69
C LYS C 117 9.96 45.70 40.59
N TYR C 118 10.09 46.06 41.86
CA TYR C 118 9.02 45.95 42.82
C TYR C 118 8.88 47.29 43.55
N LEU C 119 7.67 47.54 44.06
CA LEU C 119 7.39 48.82 44.67
C LEU C 119 6.20 48.68 45.60
N ARG C 120 6.13 49.56 46.59
CA ARG C 120 5.02 49.63 47.53
C ARG C 120 4.31 50.96 47.32
N LEU C 121 3.00 50.88 47.03
CA LEU C 121 2.21 52.06 46.71
C LEU C 121 1.13 52.28 47.75
N SER C 122 0.56 53.47 47.73
CA SER C 122 -0.56 53.85 48.58
C SER C 122 -1.81 54.06 47.72
N CYS C 123 -2.96 53.66 48.25
CA CYS C 123 -4.20 53.79 47.50
C CYS C 123 -4.46 55.21 47.02
N ASP C 124 -4.00 56.21 47.78
CA ASP C 124 -4.19 57.59 47.37
C ASP C 124 -3.39 57.94 46.12
N THR C 125 -2.45 57.08 45.73
CA THR C 125 -1.61 57.36 44.56
C THR C 125 -2.49 57.50 43.31
N ASP C 126 -2.22 58.54 42.54
CA ASP C 126 -2.98 58.79 41.33
C ASP C 126 -2.58 57.80 40.23
N SER C 127 -3.57 57.41 39.42
CA SER C 127 -3.30 56.49 38.32
C SER C 127 -2.38 57.12 37.29
N GLU C 128 -2.58 58.41 37.02
CA GLU C 128 -1.75 59.08 36.01
C GLU C 128 -0.28 59.05 36.39
N THR C 129 0.03 59.29 37.66
CA THR C 129 1.42 59.26 38.10
C THR C 129 2.03 57.88 37.91
N LEU C 130 1.29 56.83 38.29
CA LEU C 130 1.79 55.48 38.11
C LEU C 130 2.03 55.16 36.64
N TYR C 131 1.08 55.55 35.78
CA TYR C 131 1.24 55.29 34.36
C TYR C 131 2.45 56.03 33.79
N GLU C 132 2.64 57.29 34.20
CA GLU C 132 3.81 58.03 33.75
C GLU C 132 5.09 57.37 34.20
N LEU C 133 5.14 56.93 35.46
CA LEU C 133 6.31 56.22 35.96
C LEU C 133 6.61 55.00 35.10
N LEU C 134 5.59 54.18 34.88
CA LEU C 134 5.78 52.94 34.12
C LEU C 134 6.23 53.23 32.70
N THR C 135 5.62 54.21 32.04
CA THR C 135 5.88 54.43 30.63
C THR C 135 7.23 55.11 30.41
N GLN C 136 7.59 56.08 31.27
CA GLN C 136 8.76 56.91 31.03
C GLN C 136 10.03 56.11 30.76
N HIS C 137 10.41 55.24 31.69
CA HIS C 137 11.73 54.63 31.65
C HIS C 137 11.69 53.12 31.39
N TRP C 138 10.93 52.34 32.16
CA TRP C 138 11.06 50.90 32.06
C TRP C 138 10.20 50.32 30.93
N HIS C 139 8.91 50.63 30.91
CA HIS C 139 7.94 49.94 30.07
C HIS C 139 7.60 50.76 28.83
N LEU C 140 7.49 50.07 27.69
CA LEU C 140 7.10 50.69 26.44
C LEU C 140 5.58 50.90 26.40
N LYS C 141 5.15 51.80 25.53
CA LYS C 141 3.73 52.09 25.39
C LYS C 141 2.96 50.83 25.03
N THR C 142 1.86 50.60 25.72
CA THR C 142 1.10 49.37 25.52
C THR C 142 0.22 49.50 24.28
N PRO C 143 0.25 48.53 23.37
CA PRO C 143 -0.75 48.50 22.29
C PRO C 143 -2.01 47.72 22.66
N ASN C 144 -1.99 47.02 23.79
CA ASN C 144 -3.13 46.26 24.25
C ASN C 144 -2.84 45.75 25.66
N LEU C 145 -3.90 45.51 26.42
CA LEU C 145 -3.79 45.02 27.79
C LEU C 145 -4.68 43.79 27.97
N VAL C 146 -4.18 42.84 28.75
CA VAL C 146 -4.97 41.69 29.20
C VAL C 146 -4.84 41.61 30.71
N ILE C 147 -5.96 41.49 31.40
CA ILE C 147 -5.97 41.27 32.84
C ILE C 147 -6.62 39.92 33.09
N SER C 148 -5.93 39.06 33.82
CA SER C 148 -6.41 37.72 34.12
C SER C 148 -7.09 37.75 35.48
N VAL C 149 -8.39 37.48 35.49
CA VAL C 149 -9.20 37.48 36.71
C VAL C 149 -9.29 36.04 37.18
N THR C 150 -8.63 35.74 38.30
CA THR C 150 -8.63 34.40 38.86
C THR C 150 -8.56 34.49 40.37
N GLY C 151 -9.26 33.58 41.04
CA GLY C 151 -9.23 33.56 42.49
C GLY C 151 -7.83 33.31 43.01
N GLY C 152 -7.48 34.02 44.09
CA GLY C 152 -6.18 33.86 44.70
C GLY C 152 -6.00 32.60 45.49
N ALA C 153 -7.01 31.75 45.57
CA ALA C 153 -6.90 30.51 46.32
C ALA C 153 -5.85 29.60 45.70
N LYS C 154 -5.18 28.83 46.55
CA LYS C 154 -4.15 27.92 46.09
C LYS C 154 -4.70 26.75 45.28
N ASN C 155 -6.02 26.57 45.26
CA ASN C 155 -6.65 25.46 44.55
C ASN C 155 -6.74 25.83 43.07
N PHE C 156 -6.02 25.11 42.22
CA PHE C 156 -6.04 25.33 40.79
C PHE C 156 -5.79 24.01 40.08
N ALA C 157 -6.54 23.78 39.01
CA ALA C 157 -6.48 22.55 38.24
C ALA C 157 -5.82 22.85 36.90
N LEU C 158 -4.72 22.14 36.61
CA LEU C 158 -4.00 22.32 35.35
C LEU C 158 -4.58 21.37 34.30
N LYS C 159 -5.83 21.63 33.95
CA LYS C 159 -6.46 20.86 32.89
C LYS C 159 -5.75 21.14 31.56
N PRO C 160 -5.58 20.12 30.70
CA PRO C 160 -4.89 20.37 29.42
C PRO C 160 -5.52 21.49 28.61
N ARG C 161 -6.85 21.57 28.61
CA ARG C 161 -7.53 22.62 27.84
C ARG C 161 -7.16 23.99 28.37
N MET C 162 -7.18 24.16 29.69
CA MET C 162 -6.85 25.45 30.28
C MET C 162 -5.40 25.81 30.02
N ARG C 163 -4.49 24.83 30.15
CA ARG C 163 -3.08 25.07 29.89
C ARG C 163 -2.88 25.54 28.45
N LYS C 164 -3.52 24.85 27.49
CA LYS C 164 -3.40 25.25 26.10
C LYS C 164 -3.96 26.64 25.88
N ILE C 165 -5.11 26.94 26.46
CA ILE C 165 -5.74 28.24 26.27
C ILE C 165 -4.84 29.35 26.78
N PHE C 166 -4.28 29.17 27.97
CA PHE C 166 -3.45 30.22 28.55
C PHE C 166 -2.11 30.35 27.83
N SER C 167 -1.56 29.23 27.33
CA SER C 167 -0.35 29.33 26.52
C SER C 167 -0.63 30.12 25.24
N ARG C 168 -1.76 29.86 24.60
CA ARG C 168 -2.11 30.63 23.40
C ARG C 168 -2.32 32.10 23.74
N LEU C 169 -2.93 32.37 24.90
CA LEU C 169 -3.11 33.75 25.34
C LEU C 169 -1.77 34.45 25.51
N ILE C 170 -0.81 33.76 26.14
CA ILE C 170 0.51 34.36 26.33
C ILE C 170 1.19 34.60 24.98
N TYR C 171 1.04 33.66 24.05
CA TYR C 171 1.62 33.85 22.73
C TYR C 171 1.02 35.06 22.03
N ILE C 172 -0.30 35.22 22.12
CA ILE C 172 -0.96 36.37 21.51
C ILE C 172 -0.47 37.66 22.15
N ALA C 173 -0.34 37.68 23.47
CA ALA C 173 0.15 38.87 24.15
C ALA C 173 1.56 39.20 23.71
N GLN C 174 2.42 38.19 23.58
CA GLN C 174 3.78 38.41 23.10
C GLN C 174 3.77 39.00 21.70
N SER C 175 2.96 38.44 20.81
CA SER C 175 2.91 38.92 19.44
C SER C 175 2.45 40.38 19.39
N LYS C 176 1.41 40.72 20.15
CA LYS C 176 0.90 42.08 20.14
C LYS C 176 1.77 43.02 20.96
N GLY C 177 2.55 42.49 21.89
CA GLY C 177 3.26 43.32 22.84
C GLY C 177 2.42 43.83 23.99
N ALA C 178 1.31 43.15 24.29
CA ALA C 178 0.38 43.64 25.29
C ALA C 178 0.91 43.40 26.70
N TRP C 179 0.48 44.26 27.62
CA TRP C 179 0.75 44.05 29.03
C TRP C 179 -0.20 43.01 29.60
N ILE C 180 0.24 42.37 30.69
CA ILE C 180 -0.56 41.36 31.38
C ILE C 180 -0.61 41.71 32.86
N LEU C 181 -1.82 41.79 33.39
CA LEU C 181 -2.06 42.09 34.80
C LEU C 181 -2.60 40.83 35.48
N THR C 182 -2.10 40.55 36.67
CA THR C 182 -2.44 39.33 37.38
C THR C 182 -2.24 39.54 38.87
N GLY C 183 -2.83 38.63 39.66
CA GLY C 183 -2.65 38.71 41.10
C GLY C 183 -1.20 38.63 41.51
N GLY C 184 -0.43 37.75 40.88
CA GLY C 184 1.00 37.66 41.13
C GLY C 184 1.36 37.30 42.55
N THR C 185 0.65 36.33 43.13
CA THR C 185 0.95 35.85 44.47
C THR C 185 1.53 34.43 44.47
N HIS C 186 1.78 33.86 43.30
CA HIS C 186 2.43 32.56 43.17
C HIS C 186 1.54 31.41 43.64
N TYR C 187 0.22 31.55 43.44
CA TYR C 187 -0.73 30.51 43.84
C TYR C 187 -1.59 30.13 42.65
N GLY C 188 -1.65 28.84 42.35
CA GLY C 188 -2.53 28.36 41.31
C GLY C 188 -2.24 28.99 39.96
N LEU C 189 -3.30 29.44 39.30
CA LEU C 189 -3.19 29.89 37.91
C LEU C 189 -2.05 30.87 37.73
N MET C 190 -1.98 31.88 38.60
CA MET C 190 -0.95 32.90 38.47
C MET C 190 0.43 32.27 38.34
N LYS C 191 0.76 31.33 39.23
CA LYS C 191 2.05 30.66 39.15
C LYS C 191 2.28 30.09 37.77
N TYR C 192 1.30 29.31 37.27
CA TYR C 192 1.42 28.75 35.93
C TYR C 192 1.76 29.84 34.93
N ILE C 193 1.01 30.95 34.98
CA ILE C 193 1.25 32.04 34.03
C ILE C 193 2.71 32.44 34.06
N GLY C 194 3.25 32.66 35.26
CA GLY C 194 4.65 33.01 35.36
C GLY C 194 5.54 32.03 34.63
N GLU C 195 5.36 30.74 34.93
CA GLU C 195 6.16 29.73 34.25
C GLU C 195 6.10 29.94 32.75
N VAL C 196 4.88 30.08 32.22
CA VAL C 196 4.73 30.21 30.77
C VAL C 196 5.57 31.36 30.27
N VAL C 197 5.45 32.54 30.90
CA VAL C 197 6.18 33.69 30.39
C VAL C 197 7.67 33.42 30.43
N ARG C 198 8.14 32.79 31.52
CA ARG C 198 9.53 32.40 31.60
C ARG C 198 9.91 31.58 30.37
N ASP C 199 9.15 30.52 30.11
CA ASP C 199 9.42 29.71 28.93
C ASP C 199 9.50 30.58 27.69
N ASN C 200 8.55 31.50 27.54
CA ASN C 200 8.50 32.31 26.33
C ASN C 200 9.78 33.13 26.17
N THR C 201 10.32 33.64 27.27
CA THR C 201 11.54 34.44 27.16
C THR C 201 12.78 33.57 26.99
N ILE C 202 12.71 32.30 27.39
CA ILE C 202 13.84 31.40 27.18
C ILE C 202 13.94 30.99 25.72
N SER C 203 12.80 30.77 25.08
CA SER C 203 12.77 30.40 23.67
C SER C 203 13.30 31.53 22.80
N GLU C 208 11.89 39.73 21.59
CA GLU C 208 11.26 40.84 22.30
C GLU C 208 11.04 40.50 23.77
N ASN C 209 10.29 41.35 24.46
CA ASN C 209 9.99 41.15 25.88
C ASN C 209 8.50 41.34 26.12
N ILE C 210 7.99 40.63 27.12
CA ILE C 210 6.58 40.66 27.48
C ILE C 210 6.47 41.22 28.89
N VAL C 211 5.54 42.16 29.09
CA VAL C 211 5.27 42.69 30.41
C VAL C 211 4.29 41.78 31.12
N ALA C 212 4.60 41.44 32.36
CA ALA C 212 3.80 40.53 33.18
C ALA C 212 3.52 41.15 34.54
N ILE C 213 3.01 42.39 34.52
CA ILE C 213 2.75 43.10 35.76
C ILE C 213 1.84 42.26 36.64
N GLY C 214 2.17 42.24 37.94
CA GLY C 214 1.34 41.61 38.94
C GLY C 214 0.97 42.62 40.01
N ILE C 215 -0.24 42.48 40.54
CA ILE C 215 -0.77 43.39 41.55
C ILE C 215 -1.15 42.57 42.77
N ALA C 216 -0.62 42.96 43.93
CA ALA C 216 -0.91 42.26 45.18
C ALA C 216 -0.99 43.28 46.31
N ALA C 217 -1.29 42.79 47.50
CA ALA C 217 -1.43 43.61 48.70
C ALA C 217 -0.22 43.43 49.60
N TRP C 218 0.37 44.55 50.02
CA TRP C 218 1.52 44.48 50.93
C TRP C 218 1.15 43.77 52.22
N GLY C 219 -0.05 44.02 52.74
CA GLY C 219 -0.46 43.41 53.99
C GLY C 219 -0.67 41.91 53.90
N MET C 220 -0.87 41.38 52.69
CA MET C 220 -1.05 39.95 52.48
C MET C 220 0.23 39.29 51.98
N VAL C 221 1.38 39.75 52.47
CA VAL C 221 2.69 39.22 52.08
C VAL C 221 3.35 38.65 53.32
N SER C 222 3.80 37.39 53.23
CA SER C 222 4.41 36.73 54.38
C SER C 222 5.75 37.37 54.75
N ASN C 223 6.62 37.53 53.75
CA ASN C 223 7.98 38.01 53.98
C ASN C 223 8.11 39.45 53.50
N ARG C 224 8.57 40.33 54.37
CA ARG C 224 8.79 41.73 54.06
C ARG C 224 10.27 42.06 54.24
N ASP C 225 10.88 42.62 53.19
CA ASP C 225 12.29 42.99 53.21
C ASP C 225 12.40 44.44 52.74
N THR C 226 12.28 45.37 53.68
CA THR C 226 12.34 46.79 53.35
C THR C 226 13.75 47.19 52.93
N LEU C 227 13.83 48.11 51.99
CA LEU C 227 15.10 48.61 51.49
C LEU C 227 15.19 50.12 51.66
N PHE C 237 22.59 48.12 46.68
CA PHE C 237 21.71 49.07 46.00
C PHE C 237 20.27 48.59 46.00
N SER C 238 20.07 47.36 45.52
CA SER C 238 18.75 46.75 45.44
C SER C 238 18.69 45.60 46.44
N ALA C 239 17.76 45.69 47.38
CA ALA C 239 17.57 44.62 48.35
C ALA C 239 17.03 43.37 47.66
N GLN C 240 17.56 42.21 48.07
CA GLN C 240 17.17 40.93 47.50
C GLN C 240 16.65 40.03 48.61
N TYR C 241 15.46 39.48 48.42
CA TYR C 241 14.84 38.57 49.38
C TYR C 241 14.48 37.27 48.68
N ILE C 242 14.85 36.15 49.28
CA ILE C 242 14.59 34.83 48.74
C ILE C 242 13.82 34.02 49.79
N MET C 243 12.73 33.40 49.36
CA MET C 243 11.90 32.60 50.25
C MET C 243 11.57 31.26 49.60
N LEU C 251 0.72 35.14 54.55
CA LEU C 251 0.54 34.18 53.46
C LEU C 251 0.63 34.88 52.11
N TYR C 252 0.45 34.10 51.04
CA TYR C 252 0.45 34.62 49.67
C TYR C 252 1.77 35.35 49.36
N ILE C 253 2.85 34.55 49.39
CA ILE C 253 4.16 35.07 49.04
C ILE C 253 4.21 35.31 47.53
N LEU C 254 4.68 36.50 47.14
CA LEU C 254 4.61 36.92 45.75
C LEU C 254 5.47 36.03 44.87
N ASP C 255 5.11 35.99 43.58
CA ASP C 255 5.79 35.18 42.59
C ASP C 255 7.00 35.91 42.03
N ASN C 256 8.02 35.15 41.64
CA ASN C 256 9.25 35.71 41.09
C ASN C 256 9.32 35.64 39.58
N ASN C 257 8.40 34.95 38.91
CA ASN C 257 8.42 34.90 37.46
C ASN C 257 7.97 36.21 36.83
N HIS C 258 7.12 36.96 37.53
CA HIS C 258 6.63 38.23 36.98
C HIS C 258 7.75 39.25 36.89
N THR C 259 7.79 39.97 35.77
CA THR C 259 8.84 40.97 35.57
C THR C 259 8.67 42.16 36.52
N HIS C 260 7.44 42.60 36.73
CA HIS C 260 7.14 43.73 37.59
C HIS C 260 6.02 43.38 38.56
N LEU C 261 6.07 43.96 39.74
CA LEU C 261 5.11 43.67 40.80
C LEU C 261 4.82 44.92 41.60
N LEU C 262 3.54 45.14 41.90
CA LEU C 262 3.08 46.32 42.62
C LEU C 262 2.28 45.89 43.85
N LEU C 263 2.69 46.39 45.01
CA LEU C 263 2.05 46.09 46.28
C LEU C 263 1.37 47.34 46.81
N VAL C 264 0.14 47.20 47.29
CA VAL C 264 -0.65 48.32 47.78
C VAL C 264 -1.42 47.88 49.02
N ASP C 265 -1.01 48.37 50.19
CA ASP C 265 -1.72 48.14 51.45
C ASP C 265 -1.72 49.41 52.29
N ASN C 266 -2.00 50.55 51.65
CA ASN C 266 -2.02 51.82 52.38
C ASN C 266 -2.98 51.75 53.55
N GLY C 267 -4.06 50.99 53.43
CA GLY C 267 -4.98 50.77 54.52
C GLY C 267 -5.31 49.29 54.66
N CYS C 268 -5.96 48.97 55.77
CA CYS C 268 -6.35 47.59 56.06
C CYS C 268 -5.12 46.68 56.11
N HIS C 269 -4.29 46.94 57.14
CA HIS C 269 -3.03 46.24 57.29
C HIS C 269 -3.20 44.75 57.53
N GLY C 270 -4.41 44.29 57.84
CA GLY C 270 -4.67 42.88 58.03
C GLY C 270 -4.82 42.09 56.74
N HIS C 271 -4.49 42.69 55.61
CA HIS C 271 -4.57 42.06 54.29
C HIS C 271 -5.99 41.72 53.87
N PRO C 272 -6.93 42.66 53.88
CA PRO C 272 -8.14 42.51 53.07
C PRO C 272 -7.87 42.88 51.62
N THR C 273 -8.89 42.67 50.78
CA THR C 273 -8.77 42.97 49.36
C THR C 273 -8.69 44.49 49.15
N VAL C 274 -7.53 44.95 48.68
CA VAL C 274 -7.37 46.36 48.32
C VAL C 274 -6.77 46.55 46.93
N GLU C 275 -6.12 45.54 46.36
CA GLU C 275 -5.50 45.71 45.04
C GLU C 275 -6.55 45.84 43.94
N ALA C 276 -7.73 45.28 44.15
CA ALA C 276 -8.74 45.30 43.10
C ALA C 276 -9.14 46.73 42.74
N LYS C 277 -9.31 47.58 43.74
CA LYS C 277 -9.70 48.96 43.49
C LYS C 277 -8.65 49.69 42.67
N LEU C 278 -7.38 49.53 43.04
CA LEU C 278 -6.31 50.20 42.29
C LEU C 278 -6.22 49.66 40.87
N ARG C 279 -6.37 48.35 40.70
CA ARG C 279 -6.33 47.79 39.35
C ARG C 279 -7.47 48.32 38.50
N ASN C 280 -8.67 48.40 39.08
CA ASN C 280 -9.81 48.95 38.34
C ASN C 280 -9.57 50.41 37.97
N GLN C 281 -9.02 51.19 38.90
CA GLN C 281 -8.73 52.59 38.58
C GLN C 281 -7.71 52.71 37.45
N LEU C 282 -6.65 51.90 37.50
CA LEU C 282 -5.64 51.96 36.46
C LEU C 282 -6.22 51.57 35.10
N GLU C 283 -7.05 50.52 35.08
CA GLU C 283 -7.69 50.12 33.83
C GLU C 283 -8.61 51.21 33.30
N LYS C 284 -9.36 51.86 34.21
CA LYS C 284 -10.23 52.95 33.80
C LYS C 284 -9.42 54.08 33.18
N TYR C 285 -8.29 54.43 33.81
CA TYR C 285 -7.44 55.48 33.25
C TYR C 285 -6.91 55.08 31.88
N ILE C 286 -6.48 53.82 31.74
CA ILE C 286 -5.94 53.37 30.46
C ILE C 286 -7.00 53.47 29.37
N SER C 287 -8.23 53.03 29.67
CA SER C 287 -9.29 53.08 28.68
C SER C 287 -9.53 54.51 28.19
N GLU C 288 -9.27 55.49 29.03
CA GLU C 288 -9.45 56.89 28.66
C GLU C 288 -8.27 57.46 27.88
N ARG C 289 -7.15 56.76 27.80
CA ARG C 289 -5.96 57.27 27.13
C ARG C 289 -6.10 57.12 25.62
N THR C 290 -5.59 58.12 24.90
CA THR C 290 -5.59 58.09 23.45
C THR C 290 -4.33 57.38 22.94
N SER C 291 -4.48 56.70 21.80
CA SER C 291 -3.39 55.97 21.17
C SER C 291 -3.26 56.46 19.73
N GLN C 292 -2.03 56.79 19.34
CA GLN C 292 -1.81 57.40 18.03
C GLN C 292 -2.01 56.38 16.90
N ASP C 293 -1.41 55.19 17.03
CA ASP C 293 -1.42 54.19 15.97
C ASP C 293 -2.13 52.91 16.41
N SER C 294 -3.04 52.99 17.38
CA SER C 294 -3.72 51.79 17.84
C SER C 294 -4.57 51.18 16.72
N ASN C 295 -5.27 52.02 15.97
CA ASN C 295 -6.18 51.63 14.88
C ASN C 295 -7.48 51.04 15.42
N TYR C 296 -7.68 51.08 16.74
CA TYR C 296 -8.93 50.69 17.38
C TYR C 296 -9.83 51.90 17.63
N GLY C 297 -9.70 52.94 16.80
CA GLY C 297 -10.38 54.19 17.04
C GLY C 297 -9.62 55.14 17.94
N GLY C 298 -8.32 54.94 18.11
CA GLY C 298 -7.53 55.77 19.00
C GLY C 298 -7.55 55.34 20.45
N LYS C 299 -8.11 54.17 20.76
CA LYS C 299 -8.27 53.71 22.13
C LYS C 299 -7.61 52.35 22.30
N ILE C 300 -7.22 52.06 23.53
CA ILE C 300 -6.57 50.79 23.87
C ILE C 300 -7.63 49.73 24.14
N PRO C 301 -7.47 48.56 23.54
CA PRO C 301 -8.49 47.58 23.87
C PRO C 301 -8.17 47.13 25.27
N ILE C 302 -9.15 47.07 26.14
CA ILE C 302 -8.85 46.57 27.46
C ILE C 302 -9.67 45.32 27.45
N VAL C 303 -9.07 44.17 27.68
CA VAL C 303 -9.86 42.98 27.65
C VAL C 303 -9.62 42.15 28.91
N CYS C 304 -10.59 42.11 29.81
CA CYS C 304 -10.50 41.31 31.03
C CYS C 304 -10.78 39.84 30.75
N PHE C 305 -9.72 39.05 30.61
CA PHE C 305 -9.84 37.60 30.45
C PHE C 305 -10.07 37.01 31.83
N ALA C 306 -11.16 36.25 31.97
CA ALA C 306 -11.59 35.76 33.28
C ALA C 306 -12.02 34.31 33.15
N GLN C 307 -11.40 33.43 33.95
CA GLN C 307 -11.81 32.04 34.06
C GLN C 307 -11.78 31.58 35.50
N GLY C 308 -11.99 32.51 36.43
CA GLY C 308 -11.88 32.23 37.85
C GLY C 308 -13.25 32.01 38.49
N GLY C 309 -13.28 31.11 39.47
CA GLY C 309 -14.49 30.80 40.20
C GLY C 309 -14.69 31.57 41.48
N GLY C 310 -13.78 32.48 41.83
CA GLY C 310 -13.87 33.15 43.11
C GLY C 310 -14.91 34.25 43.12
N ARG C 311 -15.22 34.70 44.34
CA ARG C 311 -16.12 35.85 44.51
C ARG C 311 -15.48 37.12 43.96
N GLU C 312 -14.24 37.38 44.31
CA GLU C 312 -13.55 38.57 43.83
C GLU C 312 -13.51 38.58 42.31
N THR C 313 -13.48 37.41 41.68
CA THR C 313 -13.56 37.35 40.23
C THR C 313 -14.88 37.92 39.73
N LEU C 314 -15.97 37.55 40.40
CA LEU C 314 -17.29 38.07 40.04
C LEU C 314 -17.35 39.58 40.24
N LYS C 315 -16.81 40.06 41.36
CA LYS C 315 -16.80 41.50 41.62
C LYS C 315 -16.00 42.25 40.56
N ALA C 316 -14.83 41.71 40.19
CA ALA C 316 -14.01 42.35 39.16
C ALA C 316 -14.74 42.36 37.82
N ILE C 317 -15.37 41.25 37.47
CA ILE C 317 -16.11 41.20 36.20
C ILE C 317 -17.21 42.26 36.20
N ASN C 318 -17.93 42.38 37.31
CA ASN C 318 -19.03 43.33 37.38
C ASN C 318 -18.51 44.77 37.25
N THR C 319 -17.48 45.12 38.00
CA THR C 319 -16.97 46.48 37.95
C THR C 319 -16.34 46.78 36.59
N SER C 320 -15.82 45.77 35.90
CA SER C 320 -15.28 45.98 34.56
C SER C 320 -16.39 46.20 33.55
N VAL C 321 -17.44 45.38 33.62
CA VAL C 321 -18.55 45.53 32.69
C VAL C 321 -19.26 46.86 32.90
N LYS C 322 -19.34 47.31 34.15
CA LYS C 322 -19.92 48.64 34.39
C LYS C 322 -19.21 49.70 33.56
N SER C 323 -17.92 49.52 33.32
CA SER C 323 -17.20 50.33 32.36
C SER C 323 -17.34 49.74 30.96
N LYS C 324 -16.88 50.49 29.96
CA LYS C 324 -16.93 50.03 28.57
C LYS C 324 -15.70 49.15 28.32
N ILE C 325 -15.74 47.97 28.94
CA ILE C 325 -14.65 47.01 28.88
C ILE C 325 -15.20 45.67 28.40
N PRO C 326 -15.27 45.41 27.10
CA PRO C 326 -15.69 44.09 26.64
C PRO C 326 -14.67 43.05 27.09
N CYS C 327 -15.16 41.87 27.47
CA CYS C 327 -14.21 40.80 27.75
C CYS C 327 -14.94 39.47 27.91
N VAL C 328 -14.14 38.45 28.22
CA VAL C 328 -14.41 37.07 27.85
C VAL C 328 -14.53 36.21 29.09
N VAL C 329 -15.32 35.14 28.97
CA VAL C 329 -15.38 34.06 29.95
C VAL C 329 -15.32 32.75 29.18
N VAL C 330 -14.90 31.70 29.87
CA VAL C 330 -14.77 30.37 29.29
C VAL C 330 -15.61 29.40 30.09
N GLU C 331 -16.45 28.62 29.39
CA GLU C 331 -17.28 27.59 30.03
C GLU C 331 -16.48 26.32 30.25
N GLY C 332 -15.41 26.44 31.03
CA GLY C 332 -14.52 25.33 31.30
C GLY C 332 -14.41 25.02 32.78
N SER C 333 -13.16 24.97 33.27
CA SER C 333 -12.94 24.62 34.68
C SER C 333 -13.60 25.63 35.60
N GLY C 334 -13.48 26.91 35.29
CA GLY C 334 -14.12 27.93 36.13
C GLY C 334 -15.61 27.68 36.24
N GLN C 335 -16.10 27.69 37.48
CA GLN C 335 -17.49 27.31 37.73
C GLN C 335 -18.44 28.50 37.68
N ILE C 336 -18.03 29.65 38.21
CA ILE C 336 -18.84 30.85 38.06
C ILE C 336 -18.82 31.33 36.61
N ALA C 337 -17.69 31.11 35.93
CA ALA C 337 -17.65 31.34 34.49
C ALA C 337 -18.65 30.44 33.78
N ASP C 338 -18.75 29.18 34.23
CA ASP C 338 -19.78 28.28 33.70
C ASP C 338 -21.17 28.81 33.98
N VAL C 339 -21.39 29.35 35.18
CA VAL C 339 -22.68 29.93 35.52
C VAL C 339 -23.04 31.03 34.53
N ILE C 340 -22.11 31.96 34.31
CA ILE C 340 -22.36 33.08 33.42
C ILE C 340 -22.61 32.60 32.00
N ALA C 341 -21.80 31.63 31.54
CA ALA C 341 -21.98 31.12 30.18
C ALA C 341 -23.34 30.46 30.02
N SER C 342 -23.74 29.65 31.01
CA SER C 342 -25.05 29.00 30.93
C SER C 342 -26.17 30.01 30.92
N LEU C 343 -26.06 31.05 31.77
CA LEU C 343 -27.09 32.09 31.77
C LEU C 343 -27.17 32.79 30.42
N VAL C 344 -26.03 33.07 29.81
CA VAL C 344 -26.01 33.70 28.50
C VAL C 344 -26.47 32.71 27.43
N THR C 351 -34.46 35.23 35.27
CA THR C 351 -35.17 35.33 36.54
C THR C 351 -34.21 35.04 37.69
N SER C 352 -34.54 35.56 38.88
CA SER C 352 -33.69 35.34 40.04
C SER C 352 -33.60 33.86 40.39
N SER C 353 -34.72 33.14 40.26
CA SER C 353 -34.73 31.72 40.62
C SER C 353 -33.77 30.92 39.75
N MET C 354 -33.76 31.20 38.44
CA MET C 354 -32.92 30.43 37.54
C MET C 354 -31.44 30.67 37.84
N VAL C 355 -31.06 31.93 38.03
CA VAL C 355 -29.66 32.22 38.36
C VAL C 355 -29.29 31.59 39.70
N LYS C 356 -30.21 31.64 40.66
CA LYS C 356 -29.95 31.02 41.96
C LYS C 356 -29.72 29.52 41.83
N GLU C 357 -30.56 28.84 41.04
CA GLU C 357 -30.43 27.40 40.91
C GLU C 357 -29.17 27.03 40.15
N LYS C 358 -28.82 27.81 39.13
CA LYS C 358 -27.56 27.57 38.41
C LYS C 358 -26.37 27.73 39.35
N LEU C 359 -26.38 28.80 40.17
CA LEU C 359 -25.30 29.01 41.11
C LEU C 359 -25.19 27.87 42.11
N VAL C 360 -26.33 27.41 42.62
CA VAL C 360 -26.33 26.28 43.55
C VAL C 360 -25.78 25.04 42.87
N ARG C 361 -26.18 24.79 41.62
CA ARG C 361 -25.68 23.64 40.89
C ARG C 361 -24.16 23.69 40.75
N PHE C 362 -23.62 24.85 40.37
CA PHE C 362 -22.18 24.97 40.19
C PHE C 362 -21.44 25.29 41.48
N LEU C 363 -22.15 25.66 42.54
CA LEU C 363 -21.53 25.95 43.83
C LEU C 363 -22.36 25.37 44.96
N PRO C 364 -22.49 24.04 45.01
CA PRO C 364 -23.23 23.43 46.12
C PRO C 364 -22.61 23.75 47.48
N ARG C 365 -21.35 23.37 47.66
CA ARG C 365 -20.67 23.65 48.92
C ARG C 365 -20.51 25.15 49.14
N THR C 366 -20.15 25.87 48.08
CA THR C 366 -19.93 27.31 48.22
C THR C 366 -21.23 28.03 48.55
N VAL C 367 -22.32 27.68 47.88
CA VAL C 367 -23.60 28.33 48.16
C VAL C 367 -24.09 27.96 49.54
N SER C 368 -23.85 26.72 49.97
CA SER C 368 -24.24 26.32 51.32
C SER C 368 -23.50 27.13 52.37
N ARG C 369 -22.20 27.36 52.17
CA ARG C 369 -21.41 28.05 53.19
C ARG C 369 -21.80 29.52 53.30
N LEU C 370 -22.14 30.16 52.18
CA LEU C 370 -22.33 31.59 52.18
C LEU C 370 -23.59 31.98 52.96
N PRO C 371 -23.64 33.17 53.54
CA PRO C 371 -24.84 33.65 54.23
C PRO C 371 -25.88 34.16 53.25
N GLU C 372 -27.07 34.46 53.78
CA GLU C 372 -28.20 34.82 52.94
C GLU C 372 -28.03 36.19 52.31
N GLU C 373 -27.64 37.19 53.10
CA GLU C 373 -27.56 38.55 52.58
C GLU C 373 -26.44 38.70 51.57
N GLU C 374 -25.26 38.14 51.87
CA GLU C 374 -24.15 38.21 50.93
C GLU C 374 -24.49 37.49 49.64
N ILE C 375 -25.26 36.41 49.72
CA ILE C 375 -25.60 35.67 48.51
C ILE C 375 -26.69 36.38 47.72
N GLU C 376 -27.58 37.10 48.39
CA GLU C 376 -28.51 37.98 47.68
C GLU C 376 -27.74 39.06 46.93
N SER C 377 -26.71 39.61 47.58
CA SER C 377 -25.84 40.55 46.88
C SER C 377 -25.15 39.88 45.69
N TRP C 378 -24.72 38.63 45.85
CA TRP C 378 -24.16 37.88 44.73
C TRP C 378 -25.14 37.83 43.57
N ILE C 379 -26.40 37.49 43.86
CA ILE C 379 -27.40 37.39 42.80
C ILE C 379 -27.61 38.74 42.13
N LYS C 380 -27.64 39.80 42.93
CA LYS C 380 -27.77 41.14 42.36
C LYS C 380 -26.60 41.46 41.42
N TRP C 381 -25.38 41.16 41.85
CA TRP C 381 -24.22 41.40 41.01
C TRP C 381 -24.32 40.61 39.72
N LEU C 382 -24.72 39.34 39.82
CA LEU C 382 -24.79 38.49 38.65
C LEU C 382 -25.86 38.96 37.68
N LYS C 383 -27.01 39.39 38.19
CA LYS C 383 -28.05 39.94 37.31
C LYS C 383 -27.57 41.21 36.63
N GLU C 384 -26.89 42.09 37.37
CA GLU C 384 -26.36 43.30 36.77
C GLU C 384 -25.36 42.96 35.67
N ILE C 385 -24.50 41.97 35.89
CA ILE C 385 -23.56 41.56 34.86
C ILE C 385 -24.29 41.03 33.64
N LEU C 386 -25.27 40.16 33.86
CA LEU C 386 -25.99 39.54 32.74
C LEU C 386 -26.86 40.55 32.01
N GLU C 387 -27.13 41.70 32.60
CA GLU C 387 -27.92 42.72 31.92
C GLU C 387 -27.32 43.05 30.56
N SER C 388 -26.02 43.33 30.51
CA SER C 388 -25.33 43.66 29.27
C SER C 388 -24.62 42.42 28.75
N SER C 389 -24.89 42.07 27.48
CA SER C 389 -24.30 40.89 26.86
C SER C 389 -23.37 41.22 25.70
N HIS C 390 -23.51 42.39 25.08
CA HIS C 390 -22.62 42.74 23.97
C HIS C 390 -21.17 42.83 24.43
N LEU C 391 -20.94 43.43 25.60
CA LEU C 391 -19.59 43.47 26.14
C LEU C 391 -19.13 42.10 26.62
N LEU C 392 -20.07 41.20 26.88
CA LEU C 392 -19.76 39.88 27.44
C LEU C 392 -19.65 38.86 26.30
N THR C 393 -18.49 38.21 26.21
CA THR C 393 -18.25 37.17 25.23
C THR C 393 -17.87 35.88 25.95
N VAL C 394 -18.20 34.75 25.33
CA VAL C 394 -18.00 33.44 25.94
C VAL C 394 -17.27 32.54 24.96
N ILE C 395 -16.52 31.58 25.50
CA ILE C 395 -15.82 30.57 24.72
C ILE C 395 -16.56 29.25 24.87
N LYS C 396 -16.98 28.68 23.76
CA LYS C 396 -17.68 27.40 23.80
C LYS C 396 -16.72 26.28 24.19
N MET C 397 -17.20 25.36 25.03
CA MET C 397 -16.37 24.24 25.44
C MET C 397 -16.15 23.25 24.29
N GLU C 398 -17.11 23.14 23.38
CA GLU C 398 -16.97 22.20 22.26
C GLU C 398 -15.81 22.59 21.37
N GLU C 399 -15.62 23.89 21.14
CA GLU C 399 -14.56 24.34 20.23
C GLU C 399 -13.21 23.82 20.68
N ALA C 400 -12.44 23.29 19.72
CA ALA C 400 -11.11 22.75 19.99
C ALA C 400 -10.05 23.33 19.06
N GLY C 401 -10.39 24.35 18.27
CA GLY C 401 -9.40 24.92 17.37
C GLY C 401 -8.27 25.60 18.13
N ASP C 402 -7.12 25.68 17.47
CA ASP C 402 -5.94 26.28 18.10
C ASP C 402 -6.04 27.80 18.16
N GLU C 403 -6.80 28.41 17.25
CA GLU C 403 -6.91 29.86 17.15
C GLU C 403 -8.19 30.38 17.79
N ILE C 404 -8.82 29.59 18.66
CA ILE C 404 -10.08 30.01 19.27
C ILE C 404 -9.86 31.24 20.15
N VAL C 405 -8.83 31.21 21.01
CA VAL C 405 -8.60 32.31 21.95
C VAL C 405 -8.65 33.64 21.23
N SER C 406 -7.73 33.82 20.28
CA SER C 406 -7.68 35.05 19.49
C SER C 406 -9.08 35.46 19.06
N ASN C 407 -9.79 34.55 18.38
CA ASN C 407 -11.13 34.85 17.89
C ASN C 407 -11.93 35.55 18.98
N ALA C 408 -12.11 34.88 20.12
CA ALA C 408 -12.87 35.45 21.21
C ALA C 408 -12.45 36.90 21.44
N ILE C 409 -11.19 37.10 21.81
CA ILE C 409 -10.70 38.45 22.07
C ILE C 409 -11.11 39.36 20.93
N SER C 410 -10.71 38.99 19.71
CA SER C 410 -11.06 39.79 18.54
C SER C 410 -12.53 40.16 18.58
N TYR C 411 -13.39 39.15 18.58
CA TYR C 411 -14.82 39.41 18.53
C TYR C 411 -15.22 40.40 19.62
N ALA C 412 -14.76 40.15 20.85
CA ALA C 412 -15.07 41.07 21.94
C ALA C 412 -14.78 42.50 21.52
N LEU C 413 -13.52 42.78 21.20
CA LEU C 413 -13.15 44.15 20.83
C LEU C 413 -14.04 44.64 19.70
N TYR C 414 -14.24 43.80 18.70
CA TYR C 414 -15.05 44.20 17.55
C TYR C 414 -16.39 44.74 18.02
N LYS C 415 -17.08 43.99 18.87
CA LYS C 415 -18.40 44.43 19.31
C LYS C 415 -18.30 45.78 20.01
N ALA C 416 -17.33 45.94 20.91
CA ALA C 416 -17.20 47.20 21.62
C ALA C 416 -16.87 48.34 20.67
N PHE C 417 -16.20 48.03 19.56
CA PHE C 417 -15.92 49.07 18.58
C PHE C 417 -17.17 49.41 17.77
N SER C 418 -18.04 48.43 17.55
CA SER C 418 -19.22 48.63 16.72
C SER C 418 -20.43 49.07 17.56
N THR C 419 -20.75 48.32 18.60
CA THR C 419 -21.91 48.63 19.43
C THR C 419 -21.70 49.86 20.31
N ASN C 420 -20.46 50.35 20.42
CA ASN C 420 -20.22 51.53 21.24
C ASN C 420 -20.99 52.74 20.74
N GLU C 421 -21.33 52.76 19.46
CA GLU C 421 -22.07 53.82 18.77
C GLU C 421 -21.19 55.02 18.49
N GLN C 422 -19.96 55.08 19.01
CA GLN C 422 -19.08 56.20 18.68
C GLN C 422 -18.67 56.16 17.22
N ASP C 423 -18.41 54.97 16.68
CA ASP C 423 -18.05 54.77 15.28
C ASP C 423 -18.84 53.62 14.67
N LYS C 424 -20.05 53.38 15.16
CA LYS C 424 -20.86 52.29 14.63
C LYS C 424 -21.14 52.49 13.14
N ASP C 425 -21.48 53.71 12.75
CA ASP C 425 -21.67 54.01 11.33
C ASP C 425 -20.35 54.02 10.57
N ASN C 426 -19.23 54.13 11.28
CA ASN C 426 -17.93 54.11 10.61
C ASN C 426 -17.71 52.76 9.94
N TRP C 427 -17.10 52.81 8.75
CA TRP C 427 -16.87 51.61 7.94
C TRP C 427 -15.40 51.25 7.86
N ASN C 428 -14.52 52.22 7.59
CA ASN C 428 -13.11 51.91 7.40
C ASN C 428 -12.49 51.33 8.67
N GLY C 429 -12.67 52.01 9.80
CA GLY C 429 -12.00 51.58 11.03
C GLY C 429 -12.37 50.17 11.43
N GLN C 430 -13.63 49.79 11.21
CA GLN C 430 -14.06 48.42 11.47
C GLN C 430 -13.23 47.44 10.67
N LEU C 431 -13.04 47.73 9.37
CA LEU C 431 -12.27 46.84 8.52
C LEU C 431 -10.80 46.81 8.93
N LYS C 432 -10.25 47.97 9.32
CA LYS C 432 -8.86 47.99 9.78
C LYS C 432 -8.69 47.13 11.02
N LEU C 433 -9.62 47.23 11.96
CA LEU C 433 -9.54 46.41 13.17
C LEU C 433 -9.65 44.93 12.83
N LEU C 434 -10.58 44.57 11.95
CA LEU C 434 -10.71 43.15 11.59
C LEU C 434 -9.52 42.67 10.77
N LEU C 435 -8.80 43.58 10.11
CA LEU C 435 -7.60 43.19 9.39
C LEU C 435 -6.43 42.98 10.36
N GLU C 436 -6.32 43.81 11.39
CA GLU C 436 -5.25 43.65 12.36
C GLU C 436 -5.27 42.24 12.94
N TRP C 437 -6.35 41.90 13.63
CA TRP C 437 -6.55 40.52 14.08
C TRP C 437 -6.96 39.65 12.90
N ASN C 438 -6.39 38.46 12.83
CA ASN C 438 -6.62 37.58 11.68
C ASN C 438 -8.03 37.00 11.78
N GLN C 439 -9.00 37.81 11.35
CA GLN C 439 -10.41 37.44 11.30
C GLN C 439 -10.93 37.73 9.90
N LEU C 440 -10.95 36.71 9.05
CA LEU C 440 -11.36 36.90 7.65
C LEU C 440 -12.85 36.64 7.47
N ASP C 441 -13.34 35.51 8.02
CA ASP C 441 -14.74 35.14 7.82
C ASP C 441 -15.67 36.22 8.37
N LEU C 442 -15.36 36.73 9.57
CA LEU C 442 -16.21 37.73 10.17
C LEU C 442 -16.23 39.00 9.34
N ALA C 443 -15.08 39.37 8.77
CA ALA C 443 -15.01 40.58 7.96
C ALA C 443 -15.87 40.44 6.72
N SER C 444 -15.79 39.29 6.05
CA SER C 444 -16.63 39.06 4.87
C SER C 444 -18.10 39.13 5.24
N ASP C 445 -18.48 38.50 6.36
CA ASP C 445 -19.87 38.48 6.76
C ASP C 445 -20.38 39.89 7.09
N GLU C 446 -19.58 40.69 7.78
CA GLU C 446 -20.08 41.94 8.35
C GLU C 446 -19.79 43.16 7.48
N ILE C 447 -18.50 43.40 7.18
CA ILE C 447 -18.13 44.60 6.44
C ILE C 447 -18.80 44.62 5.07
N PHE C 448 -18.65 43.52 4.33
CA PHE C 448 -19.20 43.43 2.98
C PHE C 448 -20.69 43.08 3.01
N THR C 449 -21.23 42.52 1.92
CA THR C 449 -22.66 42.41 1.67
C THR C 449 -23.16 43.66 0.96
N ASN C 450 -24.34 43.54 0.33
CA ASN C 450 -24.73 44.49 -0.72
C ASN C 450 -25.08 45.87 -0.18
N ASP C 451 -25.60 45.95 1.05
CA ASP C 451 -26.17 47.21 1.53
C ASP C 451 -25.15 48.34 1.55
N ARG C 452 -23.92 48.07 2.01
CA ARG C 452 -22.99 49.17 2.28
C ARG C 452 -22.62 49.94 1.01
N ARG C 453 -22.33 49.24 -0.09
CA ARG C 453 -21.87 49.87 -1.32
C ARG C 453 -20.56 50.63 -1.09
N TRP C 454 -19.56 49.89 -0.59
CA TRP C 454 -18.26 50.44 -0.21
C TRP C 454 -17.57 51.25 -1.31
N GLU C 455 -17.64 50.78 -2.56
CA GLU C 455 -16.94 51.39 -3.69
C GLU C 455 -15.47 51.00 -3.71
N SER C 456 -14.75 51.39 -4.76
CA SER C 456 -13.40 50.88 -4.98
C SER C 456 -12.35 51.71 -4.25
N ALA C 457 -12.51 53.04 -4.21
CA ALA C 457 -11.46 53.90 -3.69
C ALA C 457 -11.14 53.63 -2.23
N ASP C 458 -12.05 53.01 -1.49
CA ASP C 458 -11.82 52.77 -0.07
C ASP C 458 -10.96 51.55 0.19
N LEU C 459 -10.96 50.59 -0.74
CA LEU C 459 -10.27 49.32 -0.52
C LEU C 459 -8.76 49.42 -0.73
N GLN C 460 -8.28 50.47 -1.40
CA GLN C 460 -6.85 50.58 -1.67
C GLN C 460 -6.05 50.74 -0.39
N GLU C 461 -6.55 51.55 0.55
CA GLU C 461 -5.83 51.79 1.79
C GLU C 461 -5.69 50.50 2.59
N VAL C 462 -6.72 49.67 2.62
CA VAL C 462 -6.64 48.42 3.37
C VAL C 462 -5.81 47.39 2.62
N MET C 463 -5.86 47.39 1.28
CA MET C 463 -5.02 46.47 0.53
C MET C 463 -3.54 46.75 0.77
N PHE C 464 -3.16 48.04 0.77
CA PHE C 464 -1.76 48.37 1.00
C PHE C 464 -1.30 47.87 2.36
N THR C 465 -2.11 48.09 3.40
CA THR C 465 -1.76 47.61 4.73
C THR C 465 -1.69 46.09 4.77
N ALA C 466 -2.64 45.41 4.11
CA ALA C 466 -2.64 43.96 4.12
C ALA C 466 -1.38 43.40 3.46
N LEU C 467 -0.86 44.10 2.46
CA LEU C 467 0.38 43.64 1.83
C LEU C 467 1.51 43.58 2.84
N ILE C 468 1.68 44.64 3.63
CA ILE C 468 2.74 44.65 4.65
C ILE C 468 2.39 43.69 5.79
N LYS C 469 1.13 43.69 6.22
CA LYS C 469 0.72 42.90 7.37
C LYS C 469 0.85 41.40 7.15
N ASP C 470 1.04 40.96 5.90
CA ASP C 470 1.13 39.53 5.58
C ASP C 470 -0.17 38.81 5.94
N ARG C 471 -1.25 39.23 5.27
CA ARG C 471 -2.58 38.69 5.47
C ARG C 471 -3.10 38.22 4.12
N PRO C 472 -2.57 37.12 3.58
CA PRO C 472 -2.92 36.74 2.20
C PRO C 472 -4.41 36.55 1.99
N LYS C 473 -5.12 36.03 2.99
CA LYS C 473 -6.55 35.80 2.83
C LYS C 473 -7.29 37.12 2.60
N PHE C 474 -6.91 38.16 3.33
CA PHE C 474 -7.52 39.47 3.12
C PHE C 474 -7.16 40.02 1.75
N VAL C 475 -5.94 39.75 1.28
CA VAL C 475 -5.56 40.19 -0.06
C VAL C 475 -6.46 39.55 -1.10
N ARG C 476 -6.67 38.24 -1.00
CA ARG C 476 -7.57 37.55 -1.93
C ARG C 476 -8.98 38.10 -1.83
N LEU C 477 -9.45 38.34 -0.61
CA LEU C 477 -10.79 38.87 -0.41
C LEU C 477 -10.95 40.22 -1.10
N PHE C 478 -10.00 41.13 -0.88
CA PHE C 478 -10.06 42.44 -1.52
C PHE C 478 -10.00 42.32 -3.03
N LEU C 479 -9.13 41.44 -3.54
CA LEU C 479 -9.03 41.29 -4.99
C LEU C 479 -10.34 40.79 -5.59
N GLU C 480 -11.00 39.85 -4.92
CA GLU C 480 -12.24 39.27 -5.43
C GLU C 480 -13.46 40.09 -5.06
N ASN C 481 -13.30 41.18 -4.31
CA ASN C 481 -14.42 42.05 -3.96
C ASN C 481 -14.45 43.31 -4.82
N GLY C 482 -13.71 43.35 -5.92
CA GLY C 482 -13.82 44.41 -6.90
C GLY C 482 -12.58 45.27 -7.05
N LEU C 483 -11.57 45.12 -6.20
CA LEU C 483 -10.37 45.94 -6.33
C LEU C 483 -9.67 45.66 -7.65
N ASN C 484 -9.24 46.72 -8.33
CA ASN C 484 -8.51 46.61 -9.59
C ASN C 484 -7.03 46.62 -9.26
N LEU C 485 -6.40 45.45 -9.32
CA LEU C 485 -4.99 45.35 -8.96
C LEU C 485 -4.12 46.16 -9.90
N GLN C 486 -4.42 46.11 -11.21
CA GLN C 486 -3.58 46.80 -12.18
C GLN C 486 -3.48 48.29 -11.86
N LYS C 487 -4.59 48.93 -11.56
CA LYS C 487 -4.57 50.36 -11.22
C LYS C 487 -3.92 50.60 -9.87
N PHE C 488 -4.03 49.64 -8.95
CA PHE C 488 -3.48 49.84 -7.61
C PHE C 488 -1.96 50.00 -7.64
N LEU C 489 -1.28 49.20 -8.45
CA LEU C 489 0.17 49.25 -8.47
C LEU C 489 0.64 50.50 -9.22
N THR C 490 0.78 51.60 -8.49
CA THR C 490 1.31 52.83 -9.05
C THR C 490 2.83 52.87 -8.89
N ASN C 491 3.46 53.74 -9.69
CA ASN C 491 4.91 53.85 -9.63
C ASN C 491 5.36 54.28 -8.25
N GLU C 492 4.69 55.27 -7.65
CA GLU C 492 5.05 55.70 -6.31
C GLU C 492 4.82 54.60 -5.29
N VAL C 493 3.73 53.86 -5.43
CA VAL C 493 3.44 52.76 -4.50
C VAL C 493 4.56 51.74 -4.53
N LEU C 494 4.92 51.28 -5.73
CA LEU C 494 5.99 50.29 -5.85
C LEU C 494 7.31 50.84 -5.35
N THR C 495 7.62 52.10 -5.68
CA THR C 495 8.87 52.69 -5.24
C THR C 495 8.96 52.69 -3.71
N GLU C 496 7.93 53.20 -3.05
CA GLU C 496 7.94 53.26 -1.60
C GLU C 496 8.00 51.86 -1.00
N LEU C 497 7.22 50.94 -1.55
CA LEU C 497 7.20 49.57 -1.02
C LEU C 497 8.58 48.94 -1.10
N PHE C 498 9.21 48.99 -2.28
CA PHE C 498 10.53 48.42 -2.43
C PHE C 498 11.55 49.12 -1.52
N SER C 499 11.47 50.44 -1.42
CA SER C 499 12.47 51.17 -0.65
C SER C 499 12.39 50.84 0.84
N THR C 500 11.17 50.85 1.41
CA THR C 500 11.01 50.80 2.86
C THR C 500 10.38 49.50 3.35
N HIS C 501 10.36 48.45 2.51
CA HIS C 501 9.90 47.15 2.99
C HIS C 501 10.70 45.98 2.46
N PHE C 502 11.79 46.22 1.73
CA PHE C 502 12.66 45.14 1.28
C PHE C 502 13.64 44.81 2.40
N SER C 503 13.65 43.55 2.82
CA SER C 503 14.51 43.13 3.93
C SER C 503 15.97 43.45 3.63
N THR C 504 16.64 44.08 4.59
CA THR C 504 18.05 44.43 4.40
C THR C 504 18.90 43.18 4.21
N LEU C 505 18.62 42.13 4.98
CA LEU C 505 19.33 40.87 4.81
C LEU C 505 19.13 40.32 3.39
N VAL C 506 17.88 40.32 2.93
CA VAL C 506 17.60 39.83 1.58
C VAL C 506 18.27 40.72 0.54
N TYR C 507 18.27 42.04 0.78
CA TYR C 507 18.92 42.94 -0.17
C TYR C 507 20.42 42.65 -0.25
N ARG C 508 21.07 42.45 0.89
CA ARG C 508 22.49 42.13 0.89
C ARG C 508 22.76 40.80 0.18
N ASN C 509 21.92 39.80 0.45
CA ASN C 509 22.11 38.51 -0.21
C ASN C 509 21.96 38.63 -1.72
N LEU C 510 20.95 39.39 -2.17
CA LEU C 510 20.75 39.59 -3.60
C LEU C 510 21.93 40.33 -4.22
N GLN C 511 22.43 41.35 -3.53
CA GLN C 511 23.59 42.08 -4.04
C GLN C 511 24.79 41.16 -4.18
N ILE C 512 25.03 40.32 -3.16
CA ILE C 512 26.17 39.41 -3.20
C ILE C 512 26.01 38.42 -4.35
N ALA C 513 24.82 37.86 -4.50
CA ALA C 513 24.60 36.90 -5.58
C ALA C 513 24.78 37.54 -6.95
N LYS C 514 24.26 38.75 -7.13
CA LYS C 514 24.39 39.42 -8.41
C LYS C 514 25.85 39.75 -8.72
N ASN C 515 26.61 40.19 -7.71
CA ASN C 515 27.99 40.58 -7.95
C ASN C 515 28.89 39.36 -8.14
N SER C 516 28.58 38.25 -7.51
CA SER C 516 29.47 37.08 -7.53
C SER C 516 29.12 36.11 -8.64
N TYR C 517 27.89 35.57 -8.61
CA TYR C 517 27.52 34.53 -9.57
C TYR C 517 27.01 35.13 -10.88
N ASN C 518 26.02 36.01 -10.80
CA ASN C 518 25.45 36.66 -11.98
C ASN C 518 24.74 35.65 -12.87
N ASP C 519 23.78 36.11 -13.66
CA ASP C 519 23.01 35.25 -14.56
C ASP C 519 22.20 36.14 -15.48
N ALA C 520 21.52 35.50 -16.45
CA ALA C 520 20.71 36.26 -17.39
C ALA C 520 19.50 36.89 -16.70
N LEU C 521 18.99 36.26 -15.66
CA LEU C 521 17.83 36.76 -14.93
C LEU C 521 18.20 37.59 -13.71
N LEU C 522 19.32 37.26 -13.06
CA LEU C 522 19.74 38.02 -11.90
C LEU C 522 20.03 39.47 -12.27
N THR C 523 20.66 39.70 -13.42
CA THR C 523 20.94 41.07 -13.83
C THR C 523 19.65 41.86 -14.02
N PHE C 524 18.65 41.25 -14.68
CA PHE C 524 17.39 41.94 -14.90
C PHE C 524 16.69 42.26 -13.59
N VAL C 525 16.60 41.27 -12.69
CA VAL C 525 15.92 41.49 -11.42
C VAL C 525 16.66 42.53 -10.60
N TRP C 526 17.99 42.48 -10.59
CA TRP C 526 18.78 43.45 -9.86
C TRP C 526 18.57 44.86 -10.40
N LYS C 527 18.54 45.00 -11.73
CA LYS C 527 18.30 46.31 -12.32
C LYS C 527 16.93 46.84 -11.92
N LEU C 528 15.91 45.99 -11.99
CA LEU C 528 14.56 46.43 -11.65
C LEU C 528 14.46 46.86 -10.19
N VAL C 529 15.01 46.04 -9.28
CA VAL C 529 14.92 46.35 -7.86
C VAL C 529 15.71 47.61 -7.55
N ALA C 530 16.88 47.77 -8.15
CA ALA C 530 17.66 48.99 -7.93
C ALA C 530 16.92 50.21 -8.45
N ASN C 531 16.28 50.10 -9.62
CA ASN C 531 15.52 51.21 -10.16
C ASN C 531 14.40 51.61 -9.21
N PHE C 532 13.66 50.64 -8.68
CA PHE C 532 12.57 50.98 -7.78
C PHE C 532 13.08 51.45 -6.41
N ARG C 533 14.26 51.01 -6.01
CA ARG C 533 14.82 51.43 -4.73
C ARG C 533 15.31 52.88 -4.79
N ARG C 534 16.01 53.23 -5.87
CA ARG C 534 16.49 54.60 -6.01
C ARG C 534 15.35 55.57 -6.31
N SER C 535 14.41 55.15 -7.15
CA SER C 535 13.27 55.99 -7.51
C SER C 535 12.26 55.21 -8.34
N THR C 558 6.07 47.35 -22.11
CA THR C 558 5.20 47.67 -20.98
C THR C 558 6.00 47.70 -19.68
N ARG C 559 5.30 47.84 -18.56
CA ARG C 559 5.93 47.90 -17.24
C ARG C 559 5.85 46.58 -16.49
N HIS C 560 4.75 45.84 -16.65
CA HIS C 560 4.56 44.59 -15.94
C HIS C 560 4.67 44.80 -14.44
N PRO C 561 3.86 45.69 -13.86
CA PRO C 561 3.90 45.86 -12.40
C PRO C 561 3.54 44.60 -11.65
N LEU C 562 2.65 43.76 -12.21
CA LEU C 562 2.28 42.52 -11.55
C LEU C 562 3.50 41.62 -11.36
N GLN C 563 4.37 41.55 -12.38
CA GLN C 563 5.59 40.76 -12.25
C GLN C 563 6.48 41.32 -11.14
N ALA C 564 6.55 42.64 -11.03
CA ALA C 564 7.36 43.24 -9.97
C ALA C 564 6.82 42.88 -8.60
N LEU C 565 5.49 42.94 -8.43
CA LEU C 565 4.90 42.57 -7.15
C LEU C 565 5.13 41.09 -6.85
N PHE C 566 5.01 40.24 -7.86
CA PHE C 566 5.26 38.82 -7.67
C PHE C 566 6.71 38.58 -7.25
N ILE C 567 7.65 39.28 -7.88
CA ILE C 567 9.06 39.15 -7.50
C ILE C 567 9.27 39.61 -6.07
N TRP C 568 8.67 40.73 -5.69
CA TRP C 568 8.81 41.23 -4.32
C TRP C 568 8.29 40.20 -3.33
N ALA C 569 7.12 39.61 -3.61
CA ALA C 569 6.57 38.59 -2.72
C ALA C 569 7.49 37.36 -2.67
N ILE C 570 8.06 36.98 -3.81
CA ILE C 570 8.88 35.78 -3.86
C ILE C 570 10.15 35.97 -3.03
N LEU C 571 10.84 37.10 -3.22
CA LEU C 571 12.14 37.29 -2.59
C LEU C 571 12.03 37.35 -1.07
N GLN C 572 10.86 37.68 -0.53
CA GLN C 572 10.64 37.65 0.92
C GLN C 572 10.19 36.28 1.41
N ASN C 573 10.08 35.30 0.54
CA ASN C 573 9.67 33.95 0.92
C ASN C 573 8.27 33.97 1.54
N LYS C 574 7.29 34.48 0.81
CA LYS C 574 5.90 34.47 1.22
C LYS C 574 5.14 33.54 0.27
N LYS C 575 4.65 32.42 0.81
CA LYS C 575 4.07 31.38 -0.04
C LYS C 575 2.66 31.74 -0.47
N GLU C 576 1.74 31.91 0.48
CA GLU C 576 0.35 32.17 0.13
C GLU C 576 0.21 33.46 -0.68
N LEU C 577 0.91 34.51 -0.26
CA LEU C 577 0.85 35.78 -0.99
C LEU C 577 1.40 35.61 -2.41
N SER C 578 2.50 34.87 -2.54
CA SER C 578 3.08 34.66 -3.86
C SER C 578 2.10 33.92 -4.77
N LYS C 579 1.43 32.89 -4.23
CA LYS C 579 0.44 32.18 -5.02
C LYS C 579 -0.72 33.09 -5.42
N VAL C 580 -1.17 33.92 -4.49
CA VAL C 580 -2.28 34.83 -4.77
C VAL C 580 -1.90 35.78 -5.90
N ILE C 581 -0.69 36.33 -5.84
CA ILE C 581 -0.24 37.24 -6.89
C ILE C 581 -0.07 36.49 -8.21
N TRP C 582 0.45 35.26 -8.15
CA TRP C 582 0.65 34.48 -9.36
C TRP C 582 -0.66 34.21 -10.08
N GLU C 583 -1.73 33.97 -9.30
CA GLU C 583 -3.03 33.72 -9.91
C GLU C 583 -3.55 34.91 -10.71
N GLN C 584 -2.86 36.05 -10.68
CA GLN C 584 -3.29 37.24 -11.40
C GLN C 584 -2.46 37.53 -12.65
N THR C 585 -1.25 37.01 -12.73
CA THR C 585 -0.34 37.34 -13.82
C THR C 585 -0.86 36.76 -15.14
N LYS C 586 -0.33 37.32 -16.24
CA LYS C 586 -0.67 36.83 -17.57
C LYS C 586 0.14 35.60 -17.94
N GLY C 587 1.46 35.71 -17.90
CA GLY C 587 2.33 34.58 -18.17
C GLY C 587 2.54 33.71 -16.95
N CYS C 588 1.54 32.89 -16.62
CA CYS C 588 1.58 32.11 -15.40
C CYS C 588 2.68 31.06 -15.43
N THR C 589 2.75 30.27 -16.50
CA THR C 589 3.74 29.21 -16.58
C THR C 589 5.15 29.78 -16.60
N LEU C 590 5.37 30.81 -17.43
CA LEU C 590 6.68 31.43 -17.49
C LEU C 590 7.06 32.06 -16.16
N ALA C 591 6.09 32.70 -15.51
CA ALA C 591 6.35 33.30 -14.20
C ALA C 591 6.74 32.25 -13.18
N ALA C 592 6.06 31.10 -13.19
CA ALA C 592 6.40 30.03 -12.26
C ALA C 592 7.79 29.49 -12.52
N LEU C 593 8.14 29.29 -13.80
CA LEU C 593 9.49 28.81 -14.11
C LEU C 593 10.54 29.81 -13.67
N GLY C 594 10.30 31.10 -13.91
CA GLY C 594 11.24 32.12 -13.49
C GLY C 594 11.37 32.18 -11.98
N ALA C 595 10.26 32.03 -11.26
CA ALA C 595 10.32 32.01 -9.80
C ALA C 595 11.14 30.83 -9.31
N SER C 596 10.94 29.65 -9.91
CA SER C 596 11.72 28.50 -9.50
C SER C 596 13.20 28.72 -9.74
N LYS C 597 13.55 29.24 -10.92
CA LYS C 597 14.95 29.51 -11.22
C LYS C 597 15.56 30.51 -10.25
N LEU C 598 14.83 31.59 -9.97
CA LEU C 598 15.33 32.62 -9.08
C LEU C 598 15.53 32.07 -7.67
N LEU C 599 14.57 31.29 -7.18
CA LEU C 599 14.71 30.71 -5.85
C LEU C 599 15.89 29.75 -5.78
N LYS C 600 16.08 28.95 -6.83
CA LYS C 600 17.23 28.04 -6.86
C LYS C 600 18.53 28.83 -6.80
N THR C 601 18.65 29.87 -7.62
CA THR C 601 19.87 30.66 -7.64
C THR C 601 20.12 31.33 -6.30
N LEU C 602 19.07 31.89 -5.69
CA LEU C 602 19.25 32.55 -4.39
C LEU C 602 19.68 31.54 -3.33
N ALA C 603 19.06 30.36 -3.31
CA ALA C 603 19.46 29.34 -2.35
C ALA C 603 20.89 28.89 -2.60
N LYS C 604 21.35 28.94 -3.85
CA LYS C 604 22.74 28.59 -4.14
C LYS C 604 23.73 29.55 -3.50
N VAL C 605 23.28 30.74 -3.10
CA VAL C 605 24.15 31.76 -2.51
C VAL C 605 23.57 32.25 -1.18
N LYS C 606 22.84 31.40 -0.47
CA LYS C 606 22.22 31.75 0.80
C LYS C 606 23.02 31.12 1.95
N ASN C 607 23.36 31.94 2.94
CA ASN C 607 24.11 31.44 4.09
C ASN C 607 23.22 30.66 5.05
N ASP C 608 21.96 31.05 5.18
CA ASP C 608 21.06 30.37 6.09
C ASP C 608 20.87 28.91 5.68
N ILE C 609 20.75 28.04 6.68
CA ILE C 609 20.63 26.61 6.41
C ILE C 609 19.17 26.22 6.18
N ASN C 610 18.29 26.54 7.12
CA ASN C 610 16.89 26.19 6.99
C ASN C 610 16.18 27.02 5.94
N ALA C 611 16.58 28.28 5.77
CA ALA C 611 16.01 29.11 4.72
C ALA C 611 16.29 28.52 3.35
N ALA C 612 17.46 27.90 3.18
CA ALA C 612 17.75 27.24 1.91
C ALA C 612 16.76 26.12 1.63
N GLY C 613 16.46 25.31 2.65
CA GLY C 613 15.48 24.25 2.47
C GLY C 613 14.10 24.79 2.16
N GLU C 614 13.70 25.86 2.86
CA GLU C 614 12.41 26.47 2.59
C GLU C 614 12.32 26.96 1.15
N SER C 615 13.37 27.64 0.68
CA SER C 615 13.39 28.14 -0.68
C SER C 615 13.36 27.00 -1.70
N GLU C 616 14.10 25.92 -1.43
CA GLU C 616 14.10 24.78 -2.33
C GLU C 616 12.71 24.16 -2.40
N GLU C 617 12.04 24.04 -1.26
CA GLU C 617 10.68 23.49 -1.25
C GLU C 617 9.73 24.38 -2.04
N LEU C 618 9.84 25.70 -1.86
CA LEU C 618 8.98 26.61 -2.61
C LEU C 618 9.23 26.50 -4.12
N ALA C 619 10.49 26.42 -4.52
CA ALA C 619 10.81 26.28 -5.92
C ALA C 619 10.26 24.99 -6.49
N ASN C 620 10.37 23.89 -5.73
CA ASN C 620 9.82 22.62 -6.17
C ASN C 620 8.31 22.72 -6.33
N GLU C 621 7.64 23.39 -5.39
CA GLU C 621 6.19 23.57 -5.50
C GLU C 621 5.85 24.33 -6.77
N TYR C 622 6.57 25.41 -7.04
CA TYR C 622 6.26 26.23 -8.21
C TYR C 622 6.53 25.47 -9.50
N GLU C 623 7.61 24.67 -9.55
CA GLU C 623 7.89 23.91 -10.76
C GLU C 623 6.84 22.84 -11.00
N THR C 624 6.38 22.17 -9.94
CA THR C 624 5.29 21.22 -10.08
C THR C 624 4.02 21.91 -10.58
N ARG C 625 3.75 23.10 -10.03
CA ARG C 625 2.60 23.87 -10.48
C ARG C 625 2.69 24.17 -11.98
N ALA C 626 3.85 24.61 -12.43
CA ALA C 626 4.03 24.90 -13.85
C ALA C 626 3.85 23.65 -14.70
N VAL C 627 4.40 22.52 -14.26
CA VAL C 627 4.28 21.29 -15.03
C VAL C 627 2.83 20.89 -15.16
N GLU C 628 2.08 20.94 -14.06
CA GLU C 628 0.66 20.56 -14.10
C GLU C 628 -0.13 21.51 -14.99
N LEU C 629 0.13 22.82 -14.88
CA LEU C 629 -0.57 23.77 -15.71
C LEU C 629 -0.30 23.51 -17.19
N PHE C 630 0.95 23.22 -17.54
CA PHE C 630 1.27 23.00 -18.94
C PHE C 630 0.68 21.68 -19.43
N THR C 631 0.64 20.65 -18.58
CA THR C 631 0.00 19.41 -18.98
C THR C 631 -1.47 19.64 -19.32
N GLU C 632 -2.18 20.35 -18.45
CA GLU C 632 -3.58 20.66 -18.73
C GLU C 632 -3.71 21.49 -20.01
N CYS C 633 -2.86 22.49 -20.16
CA CYS C 633 -2.92 23.37 -21.32
C CYS C 633 -2.68 22.60 -22.62
N TYR C 634 -1.72 21.68 -22.61
CA TYR C 634 -1.41 20.90 -23.80
C TYR C 634 -2.51 19.88 -24.10
N SER C 635 -3.07 19.27 -23.05
CA SER C 635 -4.18 18.35 -23.26
C SER C 635 -5.37 19.07 -23.89
N ASN C 636 -5.64 20.30 -23.46
CA ASN C 636 -6.73 21.05 -24.06
C ASN C 636 -6.49 21.29 -25.54
N ASP C 637 -5.27 21.69 -25.91
CA ASP C 637 -4.94 21.95 -27.30
C ASP C 637 -3.46 21.66 -27.52
N GLU C 638 -3.12 21.16 -28.72
CA GLU C 638 -1.74 20.77 -29.00
C GLU C 638 -0.95 21.91 -29.62
N ASP C 639 -1.56 22.70 -30.49
CA ASP C 639 -0.82 23.72 -31.24
C ASP C 639 -0.64 24.99 -30.43
N LEU C 640 -1.71 25.45 -29.76
CA LEU C 640 -1.59 26.66 -28.95
C LEU C 640 -0.62 26.48 -27.81
N ALA C 641 -0.53 25.26 -27.26
CA ALA C 641 0.44 25.00 -26.20
C ALA C 641 1.85 25.19 -26.69
N GLU C 642 2.17 24.70 -27.88
CA GLU C 642 3.51 24.88 -28.44
C GLU C 642 3.77 26.35 -28.78
N GLN C 643 2.73 27.04 -29.27
CA GLN C 643 2.89 28.47 -29.52
C GLN C 643 3.22 29.22 -28.23
N LEU C 644 2.56 28.83 -27.14
CA LEU C 644 2.90 29.39 -25.83
C LEU C 644 4.34 29.05 -25.45
N LEU C 645 4.74 27.81 -25.68
CA LEU C 645 6.11 27.40 -25.39
C LEU C 645 7.11 28.33 -26.07
N VAL C 646 6.94 28.55 -27.37
CA VAL C 646 7.89 29.37 -28.12
C VAL C 646 7.67 30.86 -27.93
N TYR C 647 6.57 31.26 -27.32
CA TYR C 647 6.32 32.69 -27.09
C TYR C 647 7.50 33.32 -26.38
N SER C 648 8.05 34.36 -27.01
CA SER C 648 9.21 35.05 -26.44
C SER C 648 8.75 36.04 -25.38
N CYS C 649 9.44 36.02 -24.24
CA CYS C 649 9.10 36.91 -23.13
C CYS C 649 9.14 38.37 -23.56
N GLU C 650 8.12 39.12 -23.16
CA GLU C 650 8.09 40.56 -23.38
C GLU C 650 8.73 41.26 -22.17
N ALA C 651 10.02 40.99 -21.99
CA ALA C 651 10.83 41.61 -20.95
C ALA C 651 10.54 41.06 -19.56
N TRP C 652 10.04 39.82 -19.48
CA TRP C 652 10.05 39.12 -18.19
C TRP C 652 11.48 38.82 -17.80
N GLY C 653 12.18 38.05 -18.62
CA GLY C 653 13.61 37.83 -18.46
C GLY C 653 14.30 37.78 -19.81
N GLY C 654 13.54 38.06 -20.88
CA GLY C 654 14.05 37.97 -22.23
C GLY C 654 14.08 36.57 -22.80
N SER C 655 13.50 35.59 -22.09
CA SER C 655 13.57 34.20 -22.49
C SER C 655 12.23 33.53 -22.27
N ASN C 656 12.01 32.43 -23.00
CA ASN C 656 10.76 31.70 -22.96
C ASN C 656 10.86 30.52 -21.99
N CYS C 657 9.83 29.69 -21.96
CA CYS C 657 9.74 28.62 -20.97
C CYS C 657 10.87 27.61 -21.14
N LEU C 658 11.18 27.23 -22.38
CA LEU C 658 12.19 26.21 -22.61
C LEU C 658 13.55 26.65 -22.07
N GLU C 659 13.95 27.89 -22.36
CA GLU C 659 15.24 28.37 -21.91
C GLU C 659 15.31 28.43 -20.39
N LEU C 660 14.26 28.92 -19.75
CA LEU C 660 14.25 28.97 -18.28
C LEU C 660 14.34 27.57 -17.69
N ALA C 661 13.57 26.62 -18.25
CA ALA C 661 13.58 25.27 -17.72
C ALA C 661 14.94 24.63 -17.87
N VAL C 662 15.58 24.79 -19.03
CA VAL C 662 16.87 24.16 -19.25
C VAL C 662 17.95 24.83 -18.39
N GLU C 663 17.88 26.14 -18.21
CA GLU C 663 18.85 26.83 -17.38
C GLU C 663 18.65 26.53 -15.91
N ALA C 664 17.43 26.20 -15.50
CA ALA C 664 17.16 25.80 -14.12
C ALA C 664 17.30 24.31 -13.89
N THR C 665 17.70 23.55 -14.92
CA THR C 665 17.86 22.10 -14.79
C THR C 665 16.56 21.45 -14.33
N ASP C 666 15.44 21.89 -14.91
CA ASP C 666 14.13 21.33 -14.59
C ASP C 666 13.87 20.15 -15.52
N GLN C 667 14.43 19.00 -15.15
CA GLN C 667 14.28 17.81 -15.97
C GLN C 667 12.84 17.36 -16.07
N HIS C 668 12.08 17.52 -14.98
CA HIS C 668 10.70 17.02 -14.96
C HIS C 668 9.85 17.72 -16.02
N PHE C 669 10.01 19.03 -16.16
CA PHE C 669 9.22 19.78 -17.13
C PHE C 669 9.56 19.38 -18.56
N ILE C 670 10.85 19.26 -18.86
CA ILE C 670 11.27 18.95 -20.22
C ILE C 670 10.82 17.55 -20.62
N ALA C 671 10.83 16.62 -19.67
CA ALA C 671 10.54 15.23 -19.97
C ALA C 671 9.07 14.97 -20.29
N GLN C 672 8.19 15.95 -20.09
CA GLN C 672 6.78 15.73 -20.28
C GLN C 672 6.47 15.43 -21.75
N PRO C 673 5.42 14.66 -22.02
CA PRO C 673 5.16 14.24 -23.40
C PRO C 673 5.01 15.39 -24.39
N GLY C 674 4.41 16.51 -23.98
CA GLY C 674 4.20 17.60 -24.91
C GLY C 674 5.51 18.17 -25.43
N VAL C 675 6.45 18.42 -24.52
CA VAL C 675 7.74 18.99 -24.92
C VAL C 675 8.50 17.98 -25.78
N GLN C 676 8.39 16.70 -25.45
CA GLN C 676 9.06 15.68 -26.26
C GLN C 676 8.48 15.63 -27.66
N ASN C 677 7.15 15.74 -27.79
CA ASN C 677 6.54 15.76 -29.10
C ASN C 677 6.97 16.99 -29.90
N PHE C 678 7.05 18.15 -29.23
CA PHE C 678 7.52 19.35 -29.90
C PHE C 678 8.95 19.17 -30.40
N LEU C 679 9.81 18.60 -29.56
CA LEU C 679 11.20 18.38 -29.96
C LEU C 679 11.29 17.38 -31.10
N SER C 680 10.46 16.34 -31.07
CA SER C 680 10.45 15.36 -32.16
C SER C 680 10.01 16.02 -33.47
N LYS C 681 8.99 16.87 -33.41
CA LYS C 681 8.53 17.56 -34.61
C LYS C 681 9.63 18.46 -35.16
N GLN C 682 10.35 19.16 -34.29
CA GLN C 682 11.48 19.97 -34.75
C GLN C 682 12.56 19.08 -35.35
N TRP C 683 12.82 17.93 -34.72
CA TRP C 683 13.89 17.04 -35.15
C TRP C 683 13.62 16.49 -36.55
N TYR C 684 12.39 16.06 -36.81
CA TYR C 684 12.02 15.56 -38.13
C TYR C 684 11.76 16.67 -39.13
N GLY C 685 11.62 17.92 -38.67
CA GLY C 685 11.40 19.01 -39.59
C GLY C 685 10.14 18.82 -40.42
N GLU C 686 10.28 19.07 -41.72
CA GLU C 686 9.14 18.96 -42.62
C GLU C 686 8.61 17.53 -42.68
N ILE C 687 9.50 16.54 -42.67
CA ILE C 687 9.08 15.16 -42.77
C ILE C 687 8.12 14.83 -41.65
N SER C 688 7.12 14.00 -41.95
CA SER C 688 6.15 13.58 -40.96
C SER C 688 6.79 12.63 -39.97
N ARG C 689 6.54 12.85 -38.67
CA ARG C 689 7.07 11.98 -37.64
C ARG C 689 6.53 10.56 -37.75
N ASP C 690 5.38 10.38 -38.42
CA ASP C 690 4.83 9.04 -38.59
C ASP C 690 5.67 8.20 -39.54
N THR C 691 6.50 8.83 -40.37
CA THR C 691 7.32 8.08 -41.30
C THR C 691 8.34 7.23 -40.56
N LYS C 692 8.58 6.03 -41.08
CA LYS C 692 9.53 5.12 -40.47
C LYS C 692 10.96 5.51 -40.86
N ASN C 693 11.89 5.26 -39.94
CA ASN C 693 13.27 5.71 -40.12
C ASN C 693 13.93 5.02 -41.30
N TRP C 694 13.67 3.73 -41.50
CA TRP C 694 14.35 3.01 -42.57
C TRP C 694 13.96 3.55 -43.94
N LYS C 695 12.70 3.96 -44.11
CA LYS C 695 12.29 4.56 -45.37
C LYS C 695 13.13 5.81 -45.68
N ILE C 696 13.25 6.70 -44.69
CA ILE C 696 13.96 7.96 -44.91
C ILE C 696 15.44 7.71 -45.13
N ILE C 697 16.02 6.75 -44.41
CA ILE C 697 17.43 6.41 -44.62
C ILE C 697 17.64 5.89 -46.04
N LEU C 698 16.76 4.99 -46.49
CA LEU C 698 16.87 4.46 -47.84
C LEU C 698 16.75 5.57 -48.87
N CYS C 699 15.79 6.46 -48.70
CA CYS C 699 15.66 7.58 -49.62
C CYS C 699 16.89 8.48 -49.59
N LEU C 700 17.53 8.60 -48.43
CA LEU C 700 18.77 9.37 -48.34
C LEU C 700 19.86 8.72 -49.20
N PHE C 701 19.98 7.40 -49.11
CA PHE C 701 21.07 6.73 -49.84
C PHE C 701 20.84 6.78 -51.34
N ILE C 702 19.60 6.67 -51.80
CA ILE C 702 19.26 6.81 -53.21
C ILE C 702 18.34 8.01 -53.35
N ILE C 703 18.83 9.05 -54.04
CA ILE C 703 18.09 10.31 -54.11
C ILE C 703 16.74 10.15 -54.78
N PRO C 704 16.62 9.49 -55.93
CA PRO C 704 15.37 9.57 -56.71
C PRO C 704 14.11 9.30 -55.92
N LEU C 705 14.16 8.37 -54.95
CA LEU C 705 12.95 7.98 -54.25
C LEU C 705 12.34 9.11 -53.44
N VAL C 706 13.09 10.18 -53.18
CA VAL C 706 12.48 11.31 -52.49
C VAL C 706 11.45 11.98 -53.38
N GLY C 707 11.70 12.03 -54.69
CA GLY C 707 10.70 12.51 -55.62
C GLY C 707 9.46 11.64 -55.63
N CYS C 708 9.62 10.36 -55.29
CA CYS C 708 8.49 9.44 -55.20
C CYS C 708 7.72 9.71 -53.91
N GLY C 709 6.72 8.88 -53.63
CA GLY C 709 5.88 9.08 -52.46
C GLY C 709 6.23 8.20 -51.28
N LEU C 710 7.44 7.65 -51.27
CA LEU C 710 7.82 6.75 -50.19
C LEU C 710 7.85 7.48 -48.85
N VAL C 711 8.35 8.70 -48.84
CA VAL C 711 8.41 9.50 -47.62
C VAL C 711 7.21 10.43 -47.58
N SER C 712 6.50 10.42 -46.46
CA SER C 712 5.30 11.22 -46.29
C SER C 712 5.65 12.55 -45.62
N PHE C 713 5.28 13.65 -46.26
CA PHE C 713 5.52 14.98 -45.74
C PHE C 713 4.21 15.52 -45.16
N ARG C 714 4.19 15.74 -43.85
CA ARG C 714 2.95 16.16 -43.19
C ARG C 714 2.66 17.64 -43.44
N LYS C 715 3.69 18.48 -43.46
CA LYS C 715 3.45 19.92 -43.54
C LYS C 715 2.84 20.32 -44.87
N LYS C 716 3.26 19.70 -45.96
CA LYS C 716 2.74 20.02 -47.28
C LYS C 716 3.18 18.98 -48.31
N LYS C 723 5.09 19.56 -56.42
CA LYS C 723 6.30 20.18 -56.91
C LYS C 723 7.52 19.53 -56.25
N LEU C 724 8.34 18.85 -57.07
CA LEU C 724 9.44 18.07 -56.53
C LEU C 724 10.52 18.95 -55.91
N LEU C 725 10.72 20.14 -56.46
CA LEU C 725 11.76 21.02 -55.94
C LEU C 725 11.58 21.27 -54.44
N TRP C 726 10.36 21.62 -54.05
CA TRP C 726 10.09 21.85 -52.63
C TRP C 726 10.24 20.58 -51.83
N TYR C 727 9.86 19.43 -52.41
CA TYR C 727 10.07 18.16 -51.74
C TYR C 727 11.53 17.96 -51.38
N TYR C 728 12.43 18.15 -52.35
CA TYR C 728 13.85 17.95 -52.10
C TYR C 728 14.39 18.97 -51.11
N VAL C 729 13.96 20.23 -51.22
CA VAL C 729 14.44 21.24 -50.30
C VAL C 729 14.04 20.90 -48.87
N ALA C 730 12.79 20.47 -48.68
CA ALA C 730 12.34 20.06 -47.36
C ALA C 730 13.12 18.86 -46.86
N PHE C 731 13.36 17.88 -47.73
CA PHE C 731 14.08 16.68 -47.32
C PHE C 731 15.48 17.01 -46.85
N PHE C 732 16.17 17.90 -47.57
CA PHE C 732 17.57 18.20 -47.28
C PHE C 732 17.74 19.40 -46.34
N THR C 733 16.64 19.99 -45.86
CA THR C 733 16.72 21.00 -44.82
C THR C 733 16.39 20.45 -43.43
N SER C 734 16.06 19.18 -43.35
CA SER C 734 15.68 18.59 -42.06
C SER C 734 16.93 18.27 -41.24
N PRO C 735 16.98 18.68 -39.97
CA PRO C 735 18.17 18.37 -39.17
C PRO C 735 18.43 16.88 -39.02
N PHE C 736 17.39 16.06 -39.08
CA PHE C 736 17.58 14.61 -39.03
C PHE C 736 18.47 14.13 -40.17
N VAL C 737 18.14 14.54 -41.40
CA VAL C 737 18.91 14.12 -42.55
C VAL C 737 20.31 14.70 -42.51
N VAL C 738 20.44 15.94 -42.03
CA VAL C 738 21.76 16.54 -41.89
C VAL C 738 22.61 15.73 -40.93
N PHE C 739 22.03 15.31 -39.80
CA PHE C 739 22.76 14.50 -38.84
C PHE C 739 23.18 13.17 -39.44
N SER C 740 22.28 12.52 -40.17
CA SER C 740 22.64 11.24 -40.80
C SER C 740 23.76 11.41 -41.82
N TRP C 741 23.67 12.46 -42.63
CA TRP C 741 24.71 12.73 -43.61
C TRP C 741 26.04 13.00 -42.94
N ASN C 742 26.03 13.76 -41.84
CA ASN C 742 27.26 14.04 -41.12
C ASN C 742 27.84 12.78 -40.51
N VAL C 743 26.98 11.87 -40.03
CA VAL C 743 27.47 10.60 -39.51
C VAL C 743 28.15 9.80 -40.60
N VAL C 744 27.54 9.74 -41.78
CA VAL C 744 28.15 9.04 -42.91
C VAL C 744 29.50 9.65 -43.25
N PHE C 745 29.55 10.97 -43.28
CA PHE C 745 30.80 11.67 -43.60
C PHE C 745 31.87 11.36 -42.56
N TYR C 746 31.50 11.33 -41.28
CA TYR C 746 32.47 11.05 -40.23
C TYR C 746 32.99 9.62 -40.33
N ILE C 747 32.11 8.66 -40.65
CA ILE C 747 32.56 7.28 -40.81
C ILE C 747 33.52 7.17 -41.98
N ALA C 748 33.20 7.84 -43.09
CA ALA C 748 34.11 7.82 -44.24
C ALA C 748 35.45 8.47 -43.88
N PHE C 749 35.41 9.54 -43.09
CA PHE C 749 36.63 10.19 -42.64
C PHE C 749 37.47 9.23 -41.81
N LEU C 750 36.83 8.47 -40.91
CA LEU C 750 37.57 7.49 -40.13
C LEU C 750 38.18 6.42 -41.02
N LEU C 751 37.44 5.95 -42.02
CA LEU C 751 37.97 4.95 -42.93
C LEU C 751 39.20 5.47 -43.67
N LEU C 752 39.11 6.71 -44.18
CA LEU C 752 40.26 7.30 -44.87
C LEU C 752 41.44 7.46 -43.93
N PHE C 753 41.18 7.90 -42.69
CA PHE C 753 42.24 8.04 -41.71
C PHE C 753 42.96 6.72 -41.50
N ALA C 754 42.19 5.65 -41.31
CA ALA C 754 42.78 4.34 -41.09
C ALA C 754 43.59 3.88 -42.30
N TYR C 755 43.05 4.07 -43.50
CA TYR C 755 43.76 3.65 -44.70
C TYR C 755 45.08 4.38 -44.83
N VAL C 756 45.08 5.69 -44.60
CA VAL C 756 46.30 6.47 -44.67
C VAL C 756 47.29 5.98 -43.63
N LEU C 757 46.81 5.76 -42.41
CA LEU C 757 47.71 5.42 -41.31
C LEU C 757 48.37 4.05 -41.53
N LEU C 758 47.61 3.08 -42.03
CA LEU C 758 48.08 1.71 -42.09
C LEU C 758 48.68 1.31 -43.42
N MET C 759 48.26 1.91 -44.52
CA MET C 759 48.61 1.42 -45.84
C MET C 759 49.34 2.41 -46.73
N ASP C 760 49.12 3.72 -46.56
CA ASP C 760 49.65 4.72 -47.46
C ASP C 760 50.30 5.87 -46.69
N PHE C 761 51.14 5.53 -45.73
CA PHE C 761 51.93 6.51 -44.98
C PHE C 761 53.36 6.47 -45.48
N HIS C 762 53.82 7.59 -46.04
CA HIS C 762 55.15 7.68 -46.64
C HIS C 762 55.82 8.97 -46.17
N SER C 763 57.07 9.14 -46.60
CA SER C 763 57.83 10.32 -46.20
C SER C 763 57.17 11.60 -46.69
N VAL C 764 56.71 11.61 -47.92
CA VAL C 764 56.04 12.76 -48.53
C VAL C 764 54.56 12.44 -48.66
N PRO C 765 53.67 13.25 -48.08
CA PRO C 765 52.24 12.91 -48.12
C PRO C 765 51.72 12.80 -49.54
N HIS C 766 50.81 11.85 -49.75
CA HIS C 766 50.16 11.66 -51.02
C HIS C 766 48.79 12.34 -51.02
N THR C 767 48.06 12.17 -52.11
CA THR C 767 46.78 12.85 -52.25
C THR C 767 45.80 12.51 -51.14
N PRO C 768 45.61 11.24 -50.77
CA PRO C 768 44.64 10.94 -49.70
C PRO C 768 44.93 11.66 -48.40
N GLU C 769 46.20 11.79 -48.04
CA GLU C 769 46.55 12.49 -46.81
C GLU C 769 46.23 13.97 -46.91
N LEU C 770 46.40 14.56 -48.09
CA LEU C 770 46.02 15.95 -48.28
C LEU C 770 44.51 16.13 -48.17
N ILE C 771 43.74 15.18 -48.72
CA ILE C 771 42.29 15.23 -48.56
C ILE C 771 41.93 15.14 -47.08
N LEU C 772 42.62 14.27 -46.35
CA LEU C 772 42.38 14.15 -44.91
C LEU C 772 42.67 15.45 -44.20
N TYR C 773 43.76 16.12 -44.58
CA TYR C 773 44.09 17.42 -43.99
C TYR C 773 42.99 18.43 -44.27
N ALA C 774 42.45 18.43 -45.49
CA ALA C 774 41.36 19.35 -45.82
C ALA C 774 40.14 19.08 -44.95
N LEU C 775 39.77 17.80 -44.79
CA LEU C 775 38.63 17.48 -43.95
C LEU C 775 38.86 17.91 -42.51
N VAL C 776 40.07 17.70 -41.99
CA VAL C 776 40.37 18.12 -40.63
C VAL C 776 40.33 19.64 -40.53
N PHE C 777 40.74 20.35 -41.58
CA PHE C 777 40.63 21.80 -41.58
C PHE C 777 39.17 22.25 -41.50
N VAL C 778 38.29 21.55 -42.22
CA VAL C 778 36.86 21.86 -42.14
C VAL C 778 36.36 21.64 -40.72
N LEU C 779 36.74 20.51 -40.12
CA LEU C 779 36.34 20.25 -38.74
C LEU C 779 36.87 21.34 -37.81
N PHE C 780 38.10 21.79 -38.03
CA PHE C 780 38.70 22.82 -37.20
C PHE C 780 37.96 24.15 -37.34
N CYS C 781 37.58 24.50 -38.56
CA CYS C 781 36.84 25.75 -38.75
C CYS C 781 35.48 25.70 -38.05
N ASP C 782 34.79 24.55 -38.15
CA ASP C 782 33.54 24.42 -37.40
C ASP C 782 33.79 24.51 -35.90
N GLU C 783 34.88 23.90 -35.43
CA GLU C 783 35.22 23.98 -34.00
C GLU C 783 35.46 25.42 -33.58
N VAL C 784 36.13 26.20 -34.43
CA VAL C 784 36.38 27.61 -34.11
C VAL C 784 35.07 28.39 -34.07
N ARG C 785 34.14 28.08 -34.98
CA ARG C 785 32.84 28.72 -34.93
C ARG C 785 32.16 28.42 -33.60
N GLN C 786 32.19 27.15 -33.17
CA GLN C 786 31.57 26.78 -31.90
C GLN C 786 32.28 27.45 -30.74
N TRP C 787 33.61 27.61 -30.83
CA TRP C 787 34.36 28.37 -29.85
C TRP C 787 33.78 29.78 -29.71
N TYR C 788 33.64 30.47 -30.84
CA TYR C 788 33.26 31.88 -30.79
C TYR C 788 31.83 32.05 -30.29
N MET C 789 30.93 31.15 -30.67
CA MET C 789 29.55 31.27 -30.19
C MET C 789 29.51 31.25 -28.66
N ASN C 790 30.26 30.35 -28.04
CA ASN C 790 30.32 30.27 -26.59
C ASN C 790 31.53 31.02 -26.06
N GLY C 791 31.64 31.06 -24.73
CA GLY C 791 32.79 31.67 -24.08
C GLY C 791 33.75 30.66 -23.52
N VAL C 792 34.23 30.89 -22.29
CA VAL C 792 35.09 29.93 -21.61
C VAL C 792 34.28 28.79 -20.98
N ASN C 793 32.96 28.93 -20.90
CA ASN C 793 32.11 27.81 -20.50
C ASN C 793 32.17 26.69 -21.52
N TYR C 794 32.67 26.97 -22.72
CA TYR C 794 32.79 25.93 -23.74
C TYR C 794 33.63 24.77 -23.24
N PHE C 795 34.73 25.05 -22.55
CA PHE C 795 35.65 24.02 -22.10
C PHE C 795 35.25 23.39 -20.78
N THR C 796 34.01 23.62 -20.32
CA THR C 796 33.52 22.97 -19.11
C THR C 796 32.96 21.58 -19.39
N ASP C 797 32.89 21.16 -20.65
CA ASP C 797 32.37 19.87 -21.04
C ASP C 797 33.51 18.96 -21.49
N LEU C 798 33.42 17.68 -21.10
CA LEU C 798 34.50 16.74 -21.38
C LEU C 798 34.71 16.57 -22.88
N TRP C 799 33.63 16.42 -23.63
CA TRP C 799 33.74 16.09 -25.05
C TRP C 799 34.35 17.24 -25.84
N ASN C 800 34.02 18.49 -25.48
CA ASN C 800 34.64 19.62 -26.15
C ASN C 800 36.13 19.66 -25.91
N VAL C 801 36.55 19.37 -24.68
CA VAL C 801 37.98 19.30 -24.37
C VAL C 801 38.64 18.22 -25.20
N MET C 802 37.99 17.06 -25.33
CA MET C 802 38.56 15.98 -26.12
C MET C 802 38.67 16.37 -27.59
N ASP C 803 37.67 17.09 -28.12
CA ASP C 803 37.75 17.56 -29.50
C ASP C 803 38.94 18.48 -29.69
N THR C 804 39.12 19.43 -28.76
CA THR C 804 40.24 20.35 -28.87
C THR C 804 41.56 19.60 -28.79
N LEU C 805 41.66 18.62 -27.89
CA LEU C 805 42.88 17.82 -27.79
C LEU C 805 43.15 17.07 -29.07
N GLY C 806 42.12 16.49 -29.68
CA GLY C 806 42.31 15.78 -30.92
C GLY C 806 42.82 16.68 -32.03
N LEU C 807 42.23 17.87 -32.17
CA LEU C 807 42.70 18.79 -33.19
C LEU C 807 44.14 19.22 -32.94
N PHE C 808 44.47 19.51 -31.68
CA PHE C 808 45.84 19.91 -31.34
C PHE C 808 46.84 18.80 -31.65
N TYR C 809 46.49 17.55 -31.31
CA TYR C 809 47.38 16.44 -31.59
C TYR C 809 47.51 16.19 -33.08
N PHE C 810 46.45 16.41 -33.85
CA PHE C 810 46.57 16.30 -35.29
C PHE C 810 47.54 17.34 -35.83
N ILE C 811 47.45 18.57 -35.34
CA ILE C 811 48.38 19.61 -35.78
C ILE C 811 49.80 19.24 -35.41
N ALA C 812 50.00 18.72 -34.20
CA ALA C 812 51.34 18.31 -33.77
C ALA C 812 51.88 17.20 -34.66
N GLY C 813 51.03 16.23 -35.00
CA GLY C 813 51.45 15.17 -35.91
C GLY C 813 51.84 15.70 -37.27
N ILE C 814 51.08 16.66 -37.80
CA ILE C 814 51.45 17.29 -39.06
C ILE C 814 52.82 17.94 -38.93
N VAL C 815 53.05 18.66 -37.84
CA VAL C 815 54.32 19.34 -37.64
C VAL C 815 55.47 18.33 -37.64
N PHE C 816 55.28 17.24 -36.89
CA PHE C 816 56.34 16.22 -36.80
C PHE C 816 56.59 15.56 -38.15
N ARG C 817 55.53 15.31 -38.91
CA ARG C 817 55.61 14.47 -40.09
C ARG C 817 56.24 15.18 -41.29
N LEU C 818 56.38 16.49 -41.27
CA LEU C 818 56.91 17.20 -42.42
C LEU C 818 58.43 17.23 -42.47
N HIS C 819 59.10 16.66 -41.46
CA HIS C 819 60.56 16.54 -41.49
C HIS C 819 60.93 15.24 -42.20
N SER C 820 60.60 15.15 -43.47
CA SER C 820 60.83 13.93 -44.20
C SER C 820 62.22 13.39 -44.23
N SER C 821 63.23 14.23 -44.10
CA SER C 821 64.57 13.68 -44.14
C SER C 821 64.81 12.74 -42.99
N ASN C 822 64.44 13.16 -41.80
CA ASN C 822 64.68 12.39 -40.60
C ASN C 822 63.81 11.19 -40.53
N LYS C 823 64.28 10.06 -40.02
CA LYS C 823 63.41 8.91 -39.96
C LYS C 823 62.76 8.69 -38.64
N SER C 824 62.95 9.58 -37.70
CA SER C 824 62.29 9.45 -36.43
C SER C 824 61.15 10.42 -36.22
N SER C 825 61.19 11.61 -36.78
CA SER C 825 60.08 12.55 -36.69
C SER C 825 58.85 12.03 -37.40
N LEU C 826 59.05 11.33 -38.53
CA LEU C 826 57.92 10.75 -39.25
C LEU C 826 57.19 9.73 -38.38
N TYR C 827 57.94 8.86 -37.70
CA TYR C 827 57.30 7.85 -36.87
C TYR C 827 56.67 8.46 -35.63
N SER C 828 57.30 9.50 -35.07
CA SER C 828 56.65 10.22 -33.97
C SER C 828 55.32 10.81 -34.41
N GLY C 829 55.29 11.44 -35.59
CA GLY C 829 54.03 11.95 -36.09
C GLY C 829 53.02 10.86 -36.33
N ARG C 830 53.46 9.70 -36.80
CA ARG C 830 52.55 8.59 -37.02
C ARG C 830 51.93 8.12 -35.71
N VAL C 831 52.74 8.03 -34.65
CA VAL C 831 52.22 7.64 -33.34
C VAL C 831 51.23 8.67 -32.83
N ILE C 832 51.55 9.96 -32.99
CA ILE C 832 50.63 11.01 -32.61
C ILE C 832 49.31 10.83 -33.34
N PHE C 833 49.38 10.54 -34.64
CA PHE C 833 48.17 10.34 -35.43
C PHE C 833 47.39 9.13 -34.95
N CYS C 834 48.07 8.07 -34.54
CA CYS C 834 47.36 6.89 -34.05
C CYS C 834 46.60 7.18 -32.76
N LEU C 835 47.26 7.87 -31.82
CA LEU C 835 46.56 8.24 -30.59
C LEU C 835 45.39 9.18 -30.91
N ASP C 836 45.60 10.13 -31.81
CA ASP C 836 44.52 11.01 -32.22
C ASP C 836 43.39 10.23 -32.86
N TYR C 837 43.72 9.16 -33.59
CA TYR C 837 42.68 8.31 -34.18
C TYR C 837 41.87 7.63 -33.10
N ILE C 838 42.52 7.15 -32.05
CA ILE C 838 41.78 6.61 -30.91
C ILE C 838 40.80 7.64 -30.39
N ILE C 839 41.28 8.87 -30.19
CA ILE C 839 40.43 9.91 -29.63
C ILE C 839 39.27 10.22 -30.56
N PHE C 840 39.55 10.31 -31.86
CA PHE C 840 38.49 10.58 -32.83
C PHE C 840 37.45 9.47 -32.82
N THR C 841 37.89 8.22 -32.80
CA THR C 841 36.96 7.10 -32.83
C THR C 841 36.06 7.08 -31.61
N LEU C 842 36.61 7.43 -30.45
CA LEU C 842 35.81 7.38 -29.24
C LEU C 842 34.66 8.38 -29.23
N ARG C 843 34.64 9.34 -30.15
CA ARG C 843 33.56 10.33 -30.21
C ARG C 843 32.26 9.72 -30.74
N LEU C 844 32.34 8.58 -31.42
CA LEU C 844 31.14 7.93 -31.94
C LEU C 844 30.17 7.61 -30.82
N ILE C 845 30.69 7.21 -29.66
CA ILE C 845 29.84 6.92 -28.51
C ILE C 845 29.04 8.15 -28.11
N HIS C 846 29.70 9.31 -28.07
CA HIS C 846 29.01 10.54 -27.73
C HIS C 846 27.95 10.88 -28.77
N ILE C 847 28.30 10.77 -30.06
CA ILE C 847 27.36 11.21 -31.09
C ILE C 847 26.16 10.27 -31.20
N PHE C 848 26.32 9.00 -30.79
CA PHE C 848 25.23 8.04 -30.85
C PHE C 848 24.44 7.96 -29.55
N THR C 849 24.41 9.04 -28.78
CA THR C 849 23.62 9.09 -27.56
C THR C 849 22.21 9.57 -27.79
N VAL C 850 21.83 9.81 -29.05
CA VAL C 850 20.48 10.26 -29.40
C VAL C 850 19.69 9.15 -30.11
N SER C 851 20.12 7.90 -29.96
CA SER C 851 19.51 6.82 -30.73
C SER C 851 18.15 6.40 -30.18
N ARG C 852 17.91 6.64 -28.90
CA ARG C 852 16.73 6.23 -28.14
C ARG C 852 16.79 4.76 -27.75
N ASN C 853 17.77 4.00 -28.21
CA ASN C 853 18.00 2.63 -27.76
C ASN C 853 19.33 2.49 -27.06
N LEU C 854 20.38 3.14 -27.57
CA LEU C 854 21.69 3.12 -26.93
C LEU C 854 21.92 4.30 -26.00
N GLY C 855 21.17 5.39 -26.19
CA GLY C 855 21.40 6.61 -25.46
C GLY C 855 21.27 6.47 -23.96
N PRO C 856 20.14 5.94 -23.50
CA PRO C 856 19.96 5.79 -22.04
C PRO C 856 21.03 4.93 -21.40
N LYS C 857 21.44 3.85 -22.07
CA LYS C 857 22.47 2.98 -21.52
C LYS C 857 23.82 3.68 -21.49
N ILE C 858 24.13 4.47 -22.51
CA ILE C 858 25.36 5.25 -22.52
C ILE C 858 25.36 6.25 -21.38
N ILE C 859 24.22 6.90 -21.17
CA ILE C 859 24.10 7.87 -20.07
C ILE C 859 24.31 7.17 -18.73
N MET C 860 23.77 5.97 -18.58
CA MET C 860 23.82 5.26 -17.31
C MET C 860 25.23 4.90 -16.88
N LEU C 861 26.20 4.91 -17.80
CA LEU C 861 27.56 4.52 -17.44
C LEU C 861 28.19 5.47 -16.44
N GLN C 862 27.77 6.74 -16.41
CA GLN C 862 28.36 7.70 -15.49
C GLN C 862 28.09 7.32 -14.04
N ARG C 863 26.97 6.64 -13.77
CA ARG C 863 26.57 6.34 -12.41
C ARG C 863 27.38 5.20 -11.80
N MET C 864 28.19 4.50 -12.59
CA MET C 864 28.82 3.26 -12.16
C MET C 864 30.31 3.40 -11.90
N LEU C 865 30.81 4.64 -11.81
CA LEU C 865 32.24 4.85 -11.69
C LEU C 865 32.76 4.55 -10.29
N ILE C 866 31.95 4.78 -9.25
CA ILE C 866 32.42 4.59 -7.88
C ILE C 866 32.68 3.13 -7.59
N ASP C 867 31.84 2.24 -8.11
CA ASP C 867 32.09 0.81 -7.97
C ASP C 867 33.41 0.42 -8.62
N VAL C 868 33.66 0.96 -9.81
CA VAL C 868 34.94 0.71 -10.49
C VAL C 868 36.09 1.21 -9.64
N PHE C 869 35.92 2.38 -9.02
CA PHE C 869 36.99 2.94 -8.20
C PHE C 869 37.29 2.04 -7.00
N PHE C 870 36.25 1.54 -6.35
CA PHE C 870 36.45 0.62 -5.22
C PHE C 870 37.15 -0.66 -5.68
N PHE C 871 36.69 -1.22 -6.80
CA PHE C 871 37.31 -2.41 -7.36
C PHE C 871 38.79 -2.19 -7.62
N LEU C 872 39.13 -1.07 -8.28
CA LEU C 872 40.52 -0.78 -8.59
C LEU C 872 41.34 -0.55 -7.33
N PHE C 873 40.74 0.08 -6.32
CA PHE C 873 41.45 0.31 -5.07
C PHE C 873 41.86 -1.01 -4.42
N LEU C 874 40.90 -1.92 -4.26
CA LEU C 874 41.24 -3.22 -3.68
C LEU C 874 42.26 -3.96 -4.54
N PHE C 875 42.06 -3.94 -5.86
CA PHE C 875 42.96 -4.65 -6.76
C PHE C 875 44.37 -4.12 -6.64
N ALA C 876 44.54 -2.80 -6.59
CA ALA C 876 45.87 -2.21 -6.51
C ALA C 876 46.55 -2.55 -5.19
N VAL C 877 45.80 -2.47 -4.09
CA VAL C 877 46.39 -2.81 -2.79
C VAL C 877 46.90 -4.24 -2.83
N TRP C 878 46.06 -5.17 -3.28
CA TRP C 878 46.45 -6.57 -3.31
C TRP C 878 47.63 -6.81 -4.23
N MET C 879 47.64 -6.16 -5.41
CA MET C 879 48.76 -6.32 -6.33
C MET C 879 50.06 -5.85 -5.69
N VAL C 880 50.03 -4.68 -5.07
CA VAL C 880 51.24 -4.17 -4.44
C VAL C 880 51.77 -5.15 -3.42
N ALA C 881 50.89 -5.59 -2.51
CA ALA C 881 51.33 -6.49 -1.45
C ALA C 881 51.91 -7.78 -2.02
N PHE C 882 51.15 -8.45 -2.90
CA PHE C 882 51.59 -9.74 -3.42
C PHE C 882 52.87 -9.60 -4.22
N GLY C 883 52.97 -8.58 -5.07
CA GLY C 883 54.16 -8.44 -5.90
C GLY C 883 55.39 -8.16 -5.07
N VAL C 884 55.28 -7.26 -4.10
CA VAL C 884 56.44 -6.95 -3.27
C VAL C 884 56.88 -8.19 -2.51
N ALA C 885 55.92 -8.91 -1.91
CA ALA C 885 56.28 -10.10 -1.15
C ALA C 885 56.96 -11.14 -2.02
N ARG C 886 56.36 -11.44 -3.18
CA ARG C 886 56.93 -12.46 -4.05
C ARG C 886 58.32 -12.07 -4.55
N GLN C 887 58.49 -10.81 -4.97
CA GLN C 887 59.79 -10.38 -5.46
C GLN C 887 60.84 -10.46 -4.35
N GLY C 888 60.48 -10.05 -3.14
CA GLY C 888 61.43 -10.13 -2.04
C GLY C 888 61.79 -11.56 -1.67
N ILE C 889 60.81 -12.46 -1.77
CA ILE C 889 61.05 -13.85 -1.38
C ILE C 889 61.80 -14.63 -2.44
N LEU C 890 61.69 -14.26 -3.71
CA LEU C 890 62.35 -15.02 -4.78
C LEU C 890 63.71 -14.45 -5.14
N ARG C 891 63.83 -13.14 -5.32
CA ARG C 891 65.01 -12.52 -5.89
C ARG C 891 65.46 -11.37 -5.00
N GLN C 892 66.77 -11.09 -5.01
CA GLN C 892 67.36 -10.05 -4.19
C GLN C 892 68.14 -9.08 -5.05
N ASN C 893 67.96 -7.78 -4.78
CA ASN C 893 68.78 -6.72 -5.36
C ASN C 893 68.74 -6.75 -6.89
N GLU C 894 67.54 -6.48 -7.42
CA GLU C 894 67.37 -6.41 -8.86
C GLU C 894 68.19 -5.26 -9.46
N GLN C 895 68.06 -4.07 -8.89
CA GLN C 895 68.76 -2.86 -9.31
C GLN C 895 68.30 -2.36 -10.68
N ARG C 896 67.20 -2.89 -11.22
CA ARG C 896 66.65 -2.44 -12.50
C ARG C 896 65.20 -2.05 -12.29
N TRP C 897 64.88 -0.79 -12.60
CA TRP C 897 63.53 -0.29 -12.32
C TRP C 897 62.50 -0.91 -13.24
N ARG C 898 62.82 -1.05 -14.53
CA ARG C 898 61.85 -1.56 -15.49
C ARG C 898 61.41 -2.97 -15.12
N TRP C 899 62.38 -3.84 -14.80
CA TRP C 899 62.03 -5.20 -14.43
C TRP C 899 61.41 -5.26 -13.03
N ILE C 900 61.79 -4.35 -12.15
CA ILE C 900 61.13 -4.26 -10.85
C ILE C 900 59.64 -4.05 -11.03
N PHE C 901 59.27 -3.05 -11.85
CA PHE C 901 57.86 -2.76 -12.05
C PHE C 901 57.18 -3.85 -12.87
N ARG C 902 57.90 -4.48 -13.80
CA ARG C 902 57.31 -5.57 -14.56
C ARG C 902 56.97 -6.75 -13.67
N SER C 903 57.85 -7.08 -12.72
CA SER C 903 57.61 -8.22 -11.84
C SER C 903 56.61 -7.88 -10.75
N VAL C 904 56.59 -6.63 -10.28
CA VAL C 904 55.78 -6.29 -9.12
C VAL C 904 54.35 -5.97 -9.52
N ILE C 905 54.15 -5.33 -10.68
CA ILE C 905 52.86 -4.77 -11.06
C ILE C 905 52.26 -5.53 -12.23
N TYR C 906 53.04 -5.76 -13.28
CA TYR C 906 52.47 -6.29 -14.52
C TYR C 906 51.97 -7.72 -14.35
N GLU C 907 52.79 -8.59 -13.78
CA GLU C 907 52.41 -9.99 -13.67
C GLU C 907 51.19 -10.19 -12.76
N PRO C 908 51.13 -9.61 -11.57
CA PRO C 908 49.90 -9.70 -10.78
C PRO C 908 48.69 -9.14 -11.51
N TYR C 909 48.87 -8.09 -12.31
CA TYR C 909 47.75 -7.56 -13.07
C TYR C 909 47.26 -8.57 -14.10
N LEU C 910 48.18 -9.23 -14.79
CA LEU C 910 47.78 -10.26 -15.74
C LEU C 910 47.08 -11.41 -15.03
N ALA C 911 47.42 -11.64 -13.76
CA ALA C 911 46.79 -12.72 -13.01
C ALA C 911 45.29 -12.56 -12.93
N MET C 912 44.76 -11.35 -13.12
CA MET C 912 43.32 -11.15 -13.09
C MET C 912 42.62 -11.78 -14.27
N PHE C 913 43.34 -12.01 -15.38
CA PHE C 913 42.75 -12.52 -16.61
C PHE C 913 42.92 -14.02 -16.77
N GLY C 914 43.38 -14.72 -15.74
CA GLY C 914 43.46 -16.17 -15.74
C GLY C 914 44.85 -16.75 -15.77
N GLN C 915 45.87 -15.93 -15.99
CA GLN C 915 47.24 -16.43 -16.01
C GLN C 915 47.76 -16.59 -14.59
N VAL C 916 48.33 -17.76 -14.30
CA VAL C 916 48.93 -17.93 -12.98
C VAL C 916 50.06 -16.92 -12.82
N PRO C 917 50.14 -16.18 -11.71
CA PRO C 917 51.08 -15.05 -11.65
C PRO C 917 52.51 -15.40 -12.01
N SER C 918 53.01 -16.56 -11.57
CA SER C 918 54.42 -16.89 -11.74
C SER C 918 54.57 -18.37 -12.03
N ASP C 919 55.32 -18.68 -13.09
CA ASP C 919 55.85 -20.03 -13.25
C ASP C 919 57.03 -20.27 -12.33
N VAL C 920 57.57 -19.22 -11.72
CA VAL C 920 58.70 -19.34 -10.80
C VAL C 920 58.26 -19.64 -9.38
N ASP C 921 56.96 -19.59 -9.08
CA ASP C 921 56.48 -19.92 -7.75
C ASP C 921 56.73 -21.39 -7.40
N SER C 922 56.93 -22.23 -8.39
CA SER C 922 57.22 -23.65 -8.18
C SER C 922 58.65 -23.94 -8.63
N THR C 923 59.40 -24.63 -7.78
CA THR C 923 60.81 -24.89 -8.08
C THR C 923 60.98 -25.72 -9.34
N THR C 924 59.99 -26.57 -9.66
CA THR C 924 60.12 -27.44 -10.81
C THR C 924 60.23 -26.62 -12.10
N TYR C 925 59.39 -25.59 -12.25
CA TYR C 925 59.35 -24.78 -13.47
C TYR C 925 60.19 -23.51 -13.30
N ASP C 926 61.51 -23.68 -13.30
CA ASP C 926 62.42 -22.57 -13.11
C ASP C 926 63.67 -22.76 -13.97
N PHE C 927 64.54 -21.75 -13.96
CA PHE C 927 65.83 -21.77 -14.65
C PHE C 927 65.68 -21.81 -16.17
N SER C 928 66.73 -21.41 -16.87
CA SER C 928 66.84 -21.27 -18.32
C SER C 928 66.12 -20.03 -18.82
N HIS C 929 65.44 -19.28 -17.95
CA HIS C 929 64.80 -18.02 -18.32
C HIS C 929 65.25 -16.90 -17.38
N CYS C 930 66.47 -17.01 -16.86
CA CYS C 930 66.98 -16.09 -15.85
C CYS C 930 68.39 -15.66 -16.24
N THR C 931 68.81 -14.54 -15.66
CA THR C 931 70.18 -14.05 -15.80
C THR C 931 70.71 -13.71 -14.42
N PHE C 932 71.89 -14.22 -14.09
CA PHE C 932 72.51 -13.89 -12.81
C PHE C 932 72.97 -12.44 -12.80
N SER C 933 73.39 -11.91 -13.94
CA SER C 933 73.74 -10.50 -14.10
C SER C 933 72.69 -9.82 -14.96
N GLY C 934 72.52 -8.52 -14.72
CA GLY C 934 71.50 -7.76 -15.43
C GLY C 934 71.86 -7.38 -16.85
N ASN C 935 72.81 -8.10 -17.46
CA ASN C 935 73.20 -7.80 -18.83
C ASN C 935 72.03 -8.07 -19.78
N GLU C 936 71.35 -9.18 -19.59
CA GLU C 936 70.31 -9.63 -20.50
C GLU C 936 68.95 -9.09 -20.09
N SER C 937 68.02 -9.08 -21.06
CA SER C 937 66.66 -8.63 -20.81
C SER C 937 65.82 -9.82 -20.35
N LYS C 938 66.18 -10.34 -19.18
CA LYS C 938 65.50 -11.44 -18.54
C LYS C 938 65.31 -11.14 -17.06
N PRO C 939 64.35 -11.78 -16.40
CA PRO C 939 64.19 -11.59 -14.96
C PRO C 939 65.42 -12.10 -14.20
N LEU C 940 65.70 -11.44 -13.09
CA LEU C 940 66.82 -11.85 -12.26
C LEU C 940 66.58 -13.25 -11.70
N CYS C 941 67.66 -14.03 -11.59
CA CYS C 941 67.55 -15.40 -11.12
C CYS C 941 67.30 -15.43 -9.62
N VAL C 942 66.65 -16.49 -9.16
CA VAL C 942 66.31 -16.62 -7.77
C VAL C 942 67.54 -16.88 -6.93
N GLU C 943 67.50 -16.51 -5.67
CA GLU C 943 68.64 -16.70 -4.80
C GLU C 943 68.93 -18.19 -4.62
N LEU C 944 70.20 -18.56 -4.53
CA LEU C 944 70.57 -19.96 -4.36
C LEU C 944 71.30 -20.16 -3.05
N ASP C 945 71.26 -21.36 -2.51
CA ASP C 945 71.88 -21.67 -1.22
C ASP C 945 73.35 -22.14 -1.36
N GLU C 946 73.97 -22.79 -0.35
CA GLU C 946 75.35 -23.22 -0.52
C GLU C 946 75.45 -24.23 -1.66
N HIS C 947 74.49 -25.15 -1.73
CA HIS C 947 74.35 -25.99 -2.91
C HIS C 947 73.60 -25.21 -3.99
N ASN C 948 73.85 -25.59 -5.24
CA ASN C 948 73.26 -24.90 -6.39
C ASN C 948 71.87 -25.47 -6.67
N LEU C 949 70.93 -25.02 -5.82
CA LEU C 949 69.50 -25.34 -5.85
C LEU C 949 68.78 -24.09 -5.32
N PRO C 950 67.55 -23.80 -5.77
CA PRO C 950 66.81 -22.61 -5.33
C PRO C 950 66.58 -22.53 -3.83
N ARG C 951 66.63 -21.34 -3.25
CA ARG C 951 66.48 -21.18 -1.81
C ARG C 951 65.11 -20.83 -1.20
N PHE C 952 64.10 -20.48 -2.00
CA PHE C 952 62.79 -20.12 -1.46
C PHE C 952 61.94 -21.33 -1.08
N PRO C 953 61.02 -21.18 -0.11
CA PRO C 953 60.14 -22.29 0.27
C PRO C 953 58.79 -22.35 -0.48
N GLU C 954 58.49 -23.43 -1.22
CA GLU C 954 57.24 -23.52 -1.98
C GLU C 954 56.02 -23.45 -1.07
N TRP C 955 56.15 -23.95 0.16
CA TRP C 955 55.00 -24.02 1.06
C TRP C 955 54.54 -22.65 1.52
N ILE C 956 55.29 -21.60 1.24
CA ILE C 956 54.86 -20.23 1.47
C ILE C 956 54.32 -19.59 0.19
N THR C 957 55.02 -19.78 -0.91
CA THR C 957 54.64 -19.11 -2.16
C THR C 957 53.34 -19.65 -2.71
N ILE C 958 53.20 -20.97 -2.76
CA ILE C 958 52.02 -21.56 -3.41
C ILE C 958 50.73 -21.15 -2.72
N PRO C 959 50.60 -21.24 -1.40
CA PRO C 959 49.37 -20.74 -0.76
C PRO C 959 49.14 -19.26 -1.03
N LEU C 960 50.21 -18.48 -1.09
CA LEU C 960 50.08 -17.05 -1.38
C LEU C 960 49.41 -16.84 -2.73
N VAL C 961 49.91 -17.51 -3.77
CA VAL C 961 49.36 -17.34 -5.10
C VAL C 961 47.94 -17.88 -5.17
N CYS C 962 47.68 -18.99 -4.46
CA CYS C 962 46.33 -19.54 -4.44
C CYS C 962 45.34 -18.53 -3.88
N ILE C 963 45.66 -17.94 -2.73
CA ILE C 963 44.77 -16.97 -2.11
C ILE C 963 44.60 -15.76 -3.00
N TYR C 964 45.68 -15.28 -3.59
CA TYR C 964 45.59 -14.09 -4.44
C TYR C 964 44.68 -14.34 -5.63
N MET C 965 44.87 -15.47 -6.32
CA MET C 965 44.02 -15.77 -7.47
C MET C 965 42.57 -15.94 -7.05
N LEU C 966 42.32 -16.62 -5.93
CA LEU C 966 40.95 -16.78 -5.47
C LEU C 966 40.29 -15.43 -5.22
N SER C 967 41.01 -14.52 -4.55
CA SER C 967 40.42 -13.24 -4.21
C SER C 967 40.19 -12.39 -5.45
N THR C 968 41.13 -12.41 -6.39
CA THR C 968 41.04 -11.53 -7.55
C THR C 968 40.11 -12.08 -8.63
N ASN C 969 40.41 -13.27 -9.15
CA ASN C 969 39.67 -13.77 -10.30
C ASN C 969 38.20 -13.96 -10.00
N ILE C 970 37.87 -14.45 -8.81
CA ILE C 970 36.52 -14.93 -8.53
C ILE C 970 35.73 -13.95 -7.67
N LEU C 971 36.17 -13.75 -6.42
CA LEU C 971 35.36 -13.02 -5.47
C LEU C 971 35.14 -11.57 -5.90
N LEU C 972 36.22 -10.87 -6.26
CA LEU C 972 36.12 -9.45 -6.57
C LEU C 972 35.25 -9.20 -7.79
N VAL C 973 35.40 -10.01 -8.83
CA VAL C 973 34.62 -9.82 -10.05
C VAL C 973 33.13 -10.04 -9.78
N ASN C 974 32.81 -11.09 -9.01
CA ASN C 974 31.41 -11.34 -8.66
C ASN C 974 30.84 -10.19 -7.83
N LEU C 975 31.63 -9.66 -6.90
CA LEU C 975 31.18 -8.50 -6.13
C LEU C 975 30.90 -7.32 -7.03
N LEU C 976 31.77 -7.07 -8.01
CA LEU C 976 31.54 -6.01 -8.97
C LEU C 976 30.25 -6.23 -9.74
N VAL C 977 29.99 -7.48 -10.14
CA VAL C 977 28.76 -7.79 -10.85
C VAL C 977 27.56 -7.45 -9.98
N ALA C 978 27.60 -7.83 -8.71
CA ALA C 978 26.49 -7.57 -7.80
C ALA C 978 26.25 -6.07 -7.64
N MET C 979 27.32 -5.31 -7.45
CA MET C 979 27.17 -3.86 -7.27
C MET C 979 26.62 -3.21 -8.53
N PHE C 980 27.10 -3.64 -9.70
CA PHE C 980 26.56 -3.13 -10.95
C PHE C 980 25.07 -3.43 -11.06
N GLY C 981 24.67 -4.65 -10.67
CA GLY C 981 23.26 -4.99 -10.74
C GLY C 981 22.42 -4.09 -9.85
N TYR C 982 22.87 -3.88 -8.61
CA TYR C 982 22.12 -3.03 -7.70
C TYR C 982 22.01 -1.61 -8.24
N THR C 983 23.12 -1.06 -8.73
CA THR C 983 23.11 0.30 -9.25
C THR C 983 22.18 0.43 -10.45
N VAL C 984 22.22 -0.55 -11.36
CA VAL C 984 21.35 -0.52 -12.54
C VAL C 984 19.90 -0.56 -12.10
N GLY C 985 19.56 -1.43 -11.15
CA GLY C 985 18.20 -1.50 -10.67
C GLY C 985 17.76 -0.18 -10.04
N ILE C 986 18.68 0.50 -9.37
CA ILE C 986 18.32 1.72 -8.64
C ILE C 986 18.12 2.88 -9.59
N VAL C 987 19.06 3.10 -10.51
CA VAL C 987 19.11 4.37 -11.24
C VAL C 987 18.33 4.31 -12.56
N GLN C 988 17.48 3.30 -12.72
CA GLN C 988 16.78 3.15 -13.99
C GLN C 988 15.70 4.21 -14.16
N GLU C 989 14.92 4.46 -13.11
CA GLU C 989 13.81 5.39 -13.21
C GLU C 989 14.29 6.80 -13.55
N ASN C 990 15.43 7.21 -13.02
CA ASN C 990 15.94 8.56 -13.22
C ASN C 990 16.88 8.66 -14.42
N ASN C 991 16.92 7.66 -15.28
CA ASN C 991 17.83 7.65 -16.42
C ASN C 991 17.16 8.20 -17.68
N ASP C 992 15.93 7.77 -17.95
CA ASP C 992 15.23 8.23 -19.16
C ASP C 992 14.95 9.72 -19.08
N GLN C 993 14.66 10.23 -17.88
CA GLN C 993 14.44 11.67 -17.72
C GLN C 993 15.69 12.46 -18.07
N VAL C 994 16.84 12.04 -17.57
CA VAL C 994 18.09 12.72 -17.88
C VAL C 994 18.38 12.60 -19.37
N TRP C 995 18.10 11.45 -19.96
CA TRP C 995 18.33 11.28 -21.39
C TRP C 995 17.43 12.21 -22.20
N LYS C 996 16.20 12.43 -21.76
CA LYS C 996 15.32 13.36 -22.47
C LYS C 996 15.85 14.79 -22.37
N PHE C 997 16.37 15.16 -21.21
CA PHE C 997 17.00 16.48 -21.08
C PHE C 997 18.17 16.63 -22.06
N GLN C 998 19.07 15.64 -22.07
CA GLN C 998 20.19 15.68 -23.00
C GLN C 998 19.71 15.70 -24.44
N ARG C 999 18.60 15.00 -24.72
CA ARG C 999 18.04 14.98 -26.06
C ARG C 999 17.58 16.38 -26.47
N TYR C 1000 16.94 17.09 -25.55
CA TYR C 1000 16.58 18.48 -25.82
C TYR C 1000 17.84 19.27 -26.18
N PHE C 1001 18.89 19.11 -25.38
CA PHE C 1001 20.12 19.86 -25.65
C PHE C 1001 20.63 19.57 -27.06
N LEU C 1002 20.71 18.29 -27.42
CA LEU C 1002 21.26 17.91 -28.72
C LEU C 1002 20.37 18.43 -29.85
N VAL C 1003 19.05 18.28 -29.72
CA VAL C 1003 18.15 18.69 -30.77
C VAL C 1003 18.23 20.20 -30.98
N GLN C 1004 18.28 20.97 -29.90
CA GLN C 1004 18.40 22.42 -30.04
C GLN C 1004 19.75 22.79 -30.63
N GLU C 1005 20.81 22.06 -30.27
CA GLU C 1005 22.11 22.31 -30.89
C GLU C 1005 22.04 22.12 -32.40
N TYR C 1006 21.37 21.05 -32.84
CA TYR C 1006 21.29 20.78 -34.28
C TYR C 1006 20.35 21.75 -34.99
N CYS C 1007 19.28 22.18 -34.32
CA CYS C 1007 18.36 23.13 -34.95
C CYS C 1007 18.95 24.53 -34.99
N ASN C 1008 19.64 24.95 -33.93
CA ASN C 1008 20.34 26.23 -33.91
C ASN C 1008 21.66 26.09 -34.66
N ARG C 1009 21.53 25.72 -35.94
CA ARG C 1009 22.68 25.40 -36.78
C ARG C 1009 22.32 25.72 -38.22
N LEU C 1010 23.33 25.72 -39.08
CA LEU C 1010 23.12 26.03 -40.48
C LEU C 1010 22.26 24.98 -41.19
N ASN C 1011 22.18 23.77 -40.63
CA ASN C 1011 21.37 22.69 -41.21
C ASN C 1011 21.83 22.38 -42.63
N ILE C 1012 23.14 22.50 -42.86
CA ILE C 1012 23.73 22.19 -44.15
C ILE C 1012 24.59 20.94 -44.00
N PRO C 1013 24.64 20.07 -45.01
CA PRO C 1013 25.56 18.93 -44.93
C PRO C 1013 27.00 19.40 -44.73
N PHE C 1014 27.72 18.68 -43.88
CA PHE C 1014 29.03 19.17 -43.45
C PHE C 1014 30.04 19.35 -44.56
N PRO C 1015 30.22 18.43 -45.52
CA PRO C 1015 31.32 18.60 -46.48
C PRO C 1015 31.20 19.86 -47.33
N PHE C 1016 30.02 20.47 -47.42
CA PHE C 1016 29.86 21.75 -48.09
C PHE C 1016 29.60 22.91 -47.12
N VAL C 1017 29.37 22.61 -45.84
CA VAL C 1017 29.01 23.66 -44.87
C VAL C 1017 30.05 24.76 -44.85
N VAL C 1018 31.30 24.44 -45.17
CA VAL C 1018 32.36 25.43 -45.12
C VAL C 1018 32.00 26.62 -45.99
N PHE C 1019 31.40 26.37 -47.15
CA PHE C 1019 31.00 27.46 -48.04
C PHE C 1019 30.17 28.49 -47.27
N ALA C 1020 29.19 28.01 -46.49
CA ALA C 1020 28.38 28.92 -45.69
C ALA C 1020 29.25 29.79 -44.82
N TYR C 1021 30.20 29.17 -44.09
CA TYR C 1021 31.07 29.94 -43.21
C TYR C 1021 31.76 31.07 -43.98
N PHE C 1022 32.09 30.82 -45.24
CA PHE C 1022 32.58 31.90 -46.09
C PHE C 1022 31.46 32.89 -46.40
N TYR C 1023 30.40 32.41 -47.06
CA TYR C 1023 29.33 33.31 -47.49
C TYR C 1023 28.82 34.13 -46.31
N MET C 1024 28.52 33.47 -45.19
CA MET C 1024 27.98 34.19 -44.04
C MET C 1024 28.97 35.25 -43.55
N VAL C 1025 30.26 34.89 -43.48
CA VAL C 1025 31.23 35.86 -42.98
C VAL C 1025 31.35 37.04 -43.92
N VAL C 1026 30.94 36.87 -45.19
CA VAL C 1026 30.91 38.01 -46.10
C VAL C 1026 29.86 39.01 -45.65
N LYS C 1027 28.69 38.52 -45.23
CA LYS C 1027 27.62 39.41 -44.79
C LYS C 1027 27.88 39.96 -43.39
N LYS C 1028 28.49 39.15 -42.52
CA LYS C 1028 28.77 39.57 -41.16
C LYS C 1028 30.20 40.09 -41.03
N ASP C 1050 -0.13 36.51 -29.92
CA ASP C 1050 0.51 36.89 -28.67
C ASP C 1050 -0.51 37.05 -27.56
N ASN C 1051 -1.33 38.11 -27.66
CA ASN C 1051 -2.36 38.34 -26.66
C ASN C 1051 -3.38 37.21 -26.65
N GLU C 1052 -3.72 36.69 -27.83
CA GLU C 1052 -4.65 35.56 -27.89
C GLU C 1052 -4.11 34.36 -27.12
N THR C 1053 -2.83 34.04 -27.33
CA THR C 1053 -2.23 32.90 -26.62
C THR C 1053 -2.24 33.13 -25.12
N LEU C 1054 -1.89 34.34 -24.67
CA LEU C 1054 -1.87 34.62 -23.24
C LEU C 1054 -3.27 34.52 -22.65
N ALA C 1055 -4.29 35.02 -23.35
CA ALA C 1055 -5.66 34.92 -22.85
C ALA C 1055 -6.11 33.46 -22.76
N TRP C 1056 -5.78 32.67 -23.78
CA TRP C 1056 -6.12 31.25 -23.75
C TRP C 1056 -5.42 30.55 -22.59
N GLU C 1057 -4.15 30.88 -22.36
CA GLU C 1057 -3.42 30.31 -21.24
C GLU C 1057 -4.05 30.71 -19.91
N GLY C 1058 -4.50 31.96 -19.81
CA GLY C 1058 -5.19 32.39 -18.59
C GLY C 1058 -6.48 31.62 -18.36
N VAL C 1059 -7.23 31.38 -19.43
CA VAL C 1059 -8.46 30.58 -19.31
C VAL C 1059 -8.13 29.18 -18.81
N MET C 1060 -7.11 28.56 -19.39
CA MET C 1060 -6.72 27.22 -18.95
C MET C 1060 -6.21 27.23 -17.52
N LYS C 1061 -5.54 28.31 -17.11
CA LYS C 1061 -5.08 28.44 -15.73
C LYS C 1061 -6.26 28.51 -14.77
N GLU C 1062 -7.29 29.28 -15.15
CA GLU C 1062 -8.50 29.32 -14.33
C GLU C 1062 -9.12 27.94 -14.22
N ASN C 1063 -9.16 27.20 -15.33
CA ASN C 1063 -9.69 25.84 -15.30
C ASN C 1063 -8.86 24.95 -14.37
N TYR C 1064 -7.55 25.08 -14.42
CA TYR C 1064 -6.67 24.28 -13.56
C TYR C 1064 -6.88 24.60 -12.08
N LEU C 1065 -7.01 25.88 -11.76
CA LEU C 1065 -7.30 26.26 -10.38
C LEU C 1065 -8.64 25.70 -9.92
N VAL C 1066 -9.65 25.77 -10.79
CA VAL C 1066 -10.95 25.19 -10.46
C VAL C 1066 -10.80 23.70 -10.20
N LYS C 1067 -10.02 23.02 -11.04
CA LYS C 1067 -9.82 21.58 -10.86
C LYS C 1067 -9.18 21.28 -9.52
N ILE C 1068 -8.16 22.05 -9.14
CA ILE C 1068 -7.51 21.83 -7.86
C ILE C 1068 -8.49 22.04 -6.71
N ASN C 1069 -9.27 23.12 -6.79
CA ASN C 1069 -10.22 23.40 -5.71
C ASN C 1069 -11.27 22.31 -5.61
N THR C 1070 -11.77 21.82 -6.75
CA THR C 1070 -12.75 20.75 -6.72
C THR C 1070 -12.15 19.47 -6.16
N LYS C 1071 -10.91 19.16 -6.52
CA LYS C 1071 -10.25 17.99 -5.95
C LYS C 1071 -10.12 18.12 -4.44
N ALA C 1072 -9.77 19.31 -3.96
CA ALA C 1072 -9.69 19.52 -2.51
C ALA C 1072 -11.05 19.34 -1.85
N ASN C 1073 -12.12 19.87 -2.48
CA ASN C 1073 -13.44 19.81 -1.88
C ASN C 1073 -14.07 18.42 -2.01
N ASP C 1074 -13.51 17.56 -2.86
CA ASP C 1074 -14.07 16.22 -3.07
C ASP C 1074 -13.99 15.32 -1.85
N ASN C 1075 -13.51 15.80 -0.70
CA ASN C 1075 -13.42 14.96 0.49
C ASN C 1075 -14.78 14.40 0.87
N SER C 1076 -15.86 15.11 0.57
CA SER C 1076 -17.23 14.65 0.80
C SER C 1076 -17.60 14.65 2.28
N GLU C 1077 -16.85 15.35 3.12
CA GLU C 1077 -17.18 15.44 4.54
C GLU C 1077 -18.26 16.47 4.82
N GLU C 1078 -18.55 17.36 3.87
CA GLU C 1078 -19.53 18.41 4.11
C GLU C 1078 -20.87 17.84 4.55
N MET C 1079 -21.22 16.64 4.08
CA MET C 1079 -22.46 16.02 4.50
C MET C 1079 -22.58 16.02 6.02
N ARG C 1080 -21.52 15.59 6.71
CA ARG C 1080 -21.53 15.61 8.17
C ARG C 1080 -21.92 16.99 8.68
N HIS C 1081 -21.27 18.03 8.17
CA HIS C 1081 -21.63 19.40 8.56
C HIS C 1081 -23.11 19.64 8.37
N ARG C 1082 -23.64 19.26 7.20
CA ARG C 1082 -25.06 19.40 6.95
C ARG C 1082 -25.87 18.75 8.06
N PHE C 1083 -25.50 17.52 8.42
CA PHE C 1083 -26.20 16.83 9.51
C PHE C 1083 -26.22 17.71 10.76
N ARG C 1084 -25.07 18.27 11.14
CA ARG C 1084 -25.02 19.15 12.28
C ARG C 1084 -26.03 20.28 12.13
N GLN C 1085 -26.03 20.93 10.96
CA GLN C 1085 -27.01 21.99 10.73
C GLN C 1085 -28.42 21.49 10.97
N LEU C 1086 -28.73 20.29 10.46
CA LEU C 1086 -30.06 19.73 10.67
C LEU C 1086 -30.41 19.74 12.16
N ASP C 1087 -29.46 19.29 12.99
CA ASP C 1087 -29.71 19.29 14.43
C ASP C 1087 -30.16 20.66 14.90
N SER C 1088 -29.42 21.70 14.51
CA SER C 1088 -29.78 23.06 14.89
C SER C 1088 -31.22 23.35 14.48
N LYS C 1089 -31.57 23.01 13.24
CA LYS C 1089 -32.94 23.22 12.78
C LYS C 1089 -33.93 22.57 13.73
N LEU C 1090 -33.68 21.31 14.10
CA LEU C 1090 -34.56 20.63 15.05
C LEU C 1090 -34.67 21.43 16.33
N ASN C 1091 -33.53 21.90 16.87
CA ASN C 1091 -33.56 22.71 18.06
C ASN C 1091 -34.47 23.91 17.88
N ASP C 1092 -34.40 24.56 16.72
CA ASP C 1092 -35.27 25.69 16.45
C ASP C 1092 -36.73 25.30 16.68
N LEU C 1093 -37.14 24.16 16.13
CA LEU C 1093 -38.51 23.70 16.33
C LEU C 1093 -38.86 23.69 17.81
N LYS C 1094 -37.98 23.11 18.63
CA LYS C 1094 -38.23 23.07 20.06
C LYS C 1094 -38.53 24.47 20.60
N SER C 1095 -37.68 25.44 20.24
CA SER C 1095 -37.90 26.80 20.71
C SER C 1095 -39.29 27.28 20.32
N LEU C 1096 -39.68 27.05 19.07
CA LEU C 1096 -41.02 27.41 18.64
C LEU C 1096 -42.06 26.82 19.56
N LEU C 1097 -41.94 25.52 19.85
CA LEU C 1097 -42.86 24.87 20.77
C LEU C 1097 -42.90 25.62 22.10
N LYS C 1098 -41.72 25.94 22.65
CA LYS C 1098 -41.66 26.71 23.88
C LYS C 1098 -42.46 28.00 23.73
N GLU C 1099 -42.22 28.73 22.63
CA GLU C 1099 -42.98 29.94 22.39
C GLU C 1099 -44.48 29.65 22.39
N ILE C 1100 -44.88 28.57 21.73
CA ILE C 1100 -46.29 28.19 21.72
C ILE C 1100 -46.78 28.02 23.15
N ALA C 1101 -46.00 27.33 23.98
CA ALA C 1101 -46.37 27.18 25.38
C ALA C 1101 -46.53 28.54 26.05
N ASN C 1102 -45.60 29.45 25.79
CA ASN C 1102 -45.73 30.80 26.33
C ASN C 1102 -47.03 31.44 25.87
N ASN C 1103 -47.42 31.20 24.61
CA ASN C 1103 -48.70 31.69 24.13
C ASN C 1103 -49.85 31.01 24.86
N ILE C 1104 -49.72 29.71 25.13
CA ILE C 1104 -50.81 28.99 25.80
C ILE C 1104 -51.03 29.52 27.21
N LYS C 1105 -49.94 29.76 27.95
CA LYS C 1105 -50.03 30.25 29.31
C LYS C 1105 -50.75 31.60 29.35
N ASP D 41 -27.55 50.48 -46.47
CA ASP D 41 -28.73 49.64 -46.46
C ASP D 41 -29.20 49.39 -45.03
N LEU D 42 -28.38 48.65 -44.27
CA LEU D 42 -28.74 48.34 -42.89
C LEU D 42 -28.82 49.62 -42.06
N VAL D 43 -27.86 50.53 -42.24
CA VAL D 43 -27.90 51.79 -41.51
C VAL D 43 -29.12 52.61 -41.91
N ASN D 44 -29.45 52.59 -43.20
CA ASN D 44 -30.63 53.31 -43.67
C ASN D 44 -31.90 52.78 -43.01
N PHE D 45 -32.05 51.46 -42.95
CA PHE D 45 -33.21 50.88 -42.30
C PHE D 45 -33.23 51.21 -40.81
N ILE D 46 -32.06 51.17 -40.16
CA ILE D 46 -31.98 51.48 -38.74
C ILE D 46 -32.46 52.90 -38.49
N GLN D 47 -31.95 53.87 -39.25
CA GLN D 47 -32.31 55.25 -39.02
C GLN D 47 -33.75 55.53 -39.41
N ALA D 48 -34.27 54.82 -40.43
CA ALA D 48 -35.68 54.96 -40.76
C ALA D 48 -36.58 54.46 -39.64
N ASN D 49 -36.23 53.29 -39.07
CA ASN D 49 -37.03 52.75 -37.97
C ASN D 49 -36.94 53.64 -36.74
N PHE D 50 -35.76 54.17 -36.44
CA PHE D 50 -35.55 55.00 -35.26
C PHE D 50 -35.92 56.46 -35.50
N LYS D 51 -36.27 56.83 -36.74
CA LYS D 51 -36.63 58.20 -37.04
C LYS D 51 -35.48 59.15 -36.75
N ASP D 102 -32.73 57.48 -36.32
CA ASP D 102 -31.35 57.83 -36.66
C ASP D 102 -30.52 58.04 -35.40
N ALA D 103 -29.30 58.55 -35.59
CA ALA D 103 -28.39 58.83 -34.48
C ALA D 103 -28.06 57.56 -33.71
N PHE D 104 -27.55 56.57 -34.44
CA PHE D 104 -27.13 55.29 -33.86
C PHE D 104 -25.63 55.16 -34.03
N GLY D 105 -24.95 54.70 -32.96
CA GLY D 105 -23.51 54.55 -32.95
C GLY D 105 -23.13 53.07 -32.90
N ASP D 106 -22.32 52.66 -33.87
CA ASP D 106 -21.81 51.30 -33.95
C ASP D 106 -20.34 51.29 -33.57
N ILE D 107 -19.98 50.45 -32.61
CA ILE D 107 -18.61 50.34 -32.13
C ILE D 107 -18.18 48.88 -32.26
N GLN D 108 -16.97 48.67 -32.76
CA GLN D 108 -16.41 47.34 -32.92
C GLN D 108 -15.01 47.29 -32.30
N PHE D 109 -14.68 46.14 -31.73
CA PHE D 109 -13.37 45.94 -31.12
C PHE D 109 -13.10 44.46 -30.90
N GLY D 116 -19.95 45.17 -29.70
CA GLY D 116 -20.27 45.20 -31.12
C GLY D 116 -21.33 46.22 -31.47
N LYS D 117 -22.35 45.78 -32.20
CA LYS D 117 -23.39 46.70 -32.66
C LYS D 117 -24.01 47.44 -31.48
N TYR D 118 -24.13 48.75 -31.61
CA TYR D 118 -24.76 49.59 -30.60
C TYR D 118 -25.78 50.49 -31.29
N LEU D 119 -26.77 50.93 -30.53
CA LEU D 119 -27.87 51.69 -31.10
C LEU D 119 -28.56 52.47 -29.99
N ARG D 120 -29.19 53.58 -30.38
CA ARG D 120 -29.98 54.41 -29.49
C ARG D 120 -31.44 54.33 -29.91
N LEU D 121 -32.30 53.92 -29.00
CA LEU D 121 -33.71 53.71 -29.29
C LEU D 121 -34.58 54.67 -28.48
N SER D 122 -35.83 54.77 -28.90
CA SER D 122 -36.84 55.55 -28.22
C SER D 122 -37.90 54.63 -27.62
N CYS D 123 -38.40 54.99 -26.44
CA CYS D 123 -39.39 54.16 -25.77
C CYS D 123 -40.59 53.88 -26.64
N ASP D 124 -40.97 54.81 -27.52
CA ASP D 124 -42.10 54.59 -28.40
C ASP D 124 -41.84 53.49 -29.43
N THR D 125 -40.60 53.06 -29.56
CA THR D 125 -40.26 52.03 -30.55
C THR D 125 -41.02 50.74 -30.24
N ASP D 126 -41.63 50.15 -31.27
CA ASP D 126 -42.38 48.92 -31.10
C ASP D 126 -41.44 47.74 -30.90
N SER D 127 -41.88 46.80 -30.06
CA SER D 127 -41.08 45.61 -29.80
C SER D 127 -40.94 44.76 -31.06
N GLU D 128 -42.00 44.67 -31.86
CA GLU D 128 -41.96 43.85 -33.07
C GLU D 128 -40.89 44.36 -34.03
N THR D 129 -40.79 45.68 -34.20
CA THR D 129 -39.78 46.22 -35.10
C THR D 129 -38.37 45.89 -34.62
N LEU D 130 -38.13 46.04 -33.31
CA LEU D 130 -36.81 45.71 -32.76
C LEU D 130 -36.49 44.24 -32.97
N TYR D 131 -37.47 43.36 -32.71
CA TYR D 131 -37.23 41.92 -32.88
C TYR D 131 -36.94 41.59 -34.34
N GLU D 132 -37.69 42.20 -35.27
CA GLU D 132 -37.43 41.97 -36.69
C GLU D 132 -36.04 42.44 -37.07
N LEU D 133 -35.63 43.62 -36.59
CA LEU D 133 -34.29 44.12 -36.85
C LEU D 133 -33.24 43.11 -36.37
N LEU D 134 -33.38 42.68 -35.12
CA LEU D 134 -32.40 41.77 -34.54
C LEU D 134 -32.34 40.45 -35.30
N THR D 135 -33.50 39.89 -35.65
CA THR D 135 -33.54 38.56 -36.22
C THR D 135 -33.10 38.57 -37.68
N GLN D 136 -33.49 39.59 -38.44
CA GLN D 136 -33.29 39.58 -39.90
C GLN D 136 -31.84 39.30 -40.29
N HIS D 137 -30.91 40.14 -39.81
CA HIS D 137 -29.55 40.12 -40.33
C HIS D 137 -28.52 39.64 -39.32
N TRP D 138 -28.46 40.21 -38.12
CA TRP D 138 -27.32 39.91 -37.25
C TRP D 138 -27.57 38.64 -36.43
N HIS D 139 -28.70 38.55 -35.73
CA HIS D 139 -28.91 37.53 -34.71
C HIS D 139 -29.79 36.39 -35.24
N LEU D 140 -29.43 35.16 -34.89
CA LEU D 140 -30.20 33.98 -35.23
C LEU D 140 -31.41 33.84 -34.31
N LYS D 141 -32.39 33.07 -34.76
CA LYS D 141 -33.60 32.85 -33.97
C LYS D 141 -33.24 32.23 -32.63
N THR D 142 -33.81 32.79 -31.57
CA THR D 142 -33.48 32.34 -30.22
C THR D 142 -34.24 31.06 -29.89
N PRO D 143 -33.57 30.01 -29.42
CA PRO D 143 -34.29 28.86 -28.86
C PRO D 143 -34.59 29.00 -27.38
N ASN D 144 -34.04 30.01 -26.72
CA ASN D 144 -34.26 30.25 -25.30
C ASN D 144 -33.64 31.58 -24.93
N LEU D 145 -34.17 32.20 -23.89
CA LEU D 145 -33.68 33.48 -23.40
C LEU D 145 -33.41 33.39 -21.90
N VAL D 146 -32.35 34.08 -21.47
CA VAL D 146 -32.05 34.26 -20.05
C VAL D 146 -31.84 35.75 -19.83
N ILE D 147 -32.52 36.32 -18.84
CA ILE D 147 -32.30 37.70 -18.44
C ILE D 147 -31.79 37.69 -17.01
N SER D 148 -30.66 38.35 -16.79
CA SER D 148 -30.02 38.40 -15.47
C SER D 148 -30.46 39.68 -14.79
N VAL D 149 -31.18 39.53 -13.68
CA VAL D 149 -31.68 40.65 -12.90
C VAL D 149 -30.70 40.90 -11.77
N THR D 150 -29.97 42.02 -11.85
CA THR D 150 -28.99 42.37 -10.83
C THR D 150 -28.94 43.88 -10.69
N GLY D 151 -28.75 44.34 -9.46
CA GLY D 151 -28.65 45.77 -9.22
C GLY D 151 -27.47 46.37 -9.98
N GLY D 152 -27.69 47.57 -10.52
CA GLY D 152 -26.64 48.26 -11.23
C GLY D 152 -25.57 48.88 -10.36
N ALA D 153 -25.68 48.73 -9.04
CA ALA D 153 -24.68 49.30 -8.15
C ALA D 153 -23.33 48.65 -8.39
N LYS D 154 -22.27 49.43 -8.19
CA LYS D 154 -20.91 48.94 -8.37
C LYS D 154 -20.50 47.91 -7.33
N ASN D 155 -21.29 47.75 -6.26
CA ASN D 155 -20.97 46.83 -5.18
C ASN D 155 -21.36 45.41 -5.62
N PHE D 156 -20.37 44.54 -5.78
CA PHE D 156 -20.61 43.16 -6.16
C PHE D 156 -19.53 42.29 -5.55
N ALA D 157 -19.94 41.14 -5.04
CA ALA D 157 -19.04 40.20 -4.38
C ALA D 157 -18.85 38.98 -5.27
N LEU D 158 -17.59 38.69 -5.62
CA LEU D 158 -17.27 37.54 -6.46
C LEU D 158 -17.04 36.32 -5.58
N LYS D 159 -18.11 35.89 -4.93
CA LYS D 159 -18.05 34.68 -4.14
C LYS D 159 -17.81 33.48 -5.05
N PRO D 160 -17.01 32.49 -4.62
CA PRO D 160 -16.76 31.34 -5.51
C PRO D 160 -18.04 30.64 -5.95
N ARG D 161 -19.02 30.52 -5.06
CA ARG D 161 -20.27 29.87 -5.42
C ARG D 161 -20.98 30.63 -6.55
N MET D 162 -21.06 31.95 -6.41
CA MET D 162 -21.73 32.75 -7.44
C MET D 162 -20.96 32.69 -8.76
N ARG D 163 -19.64 32.76 -8.70
CA ARG D 163 -18.84 32.65 -9.91
C ARG D 163 -19.09 31.33 -10.61
N LYS D 164 -19.09 30.23 -9.86
CA LYS D 164 -19.35 28.92 -10.45
C LYS D 164 -20.74 28.86 -11.05
N ILE D 165 -21.74 29.38 -10.32
CA ILE D 165 -23.11 29.32 -10.81
C ILE D 165 -23.26 30.07 -12.12
N PHE D 166 -22.68 31.27 -12.20
CA PHE D 166 -22.83 32.07 -13.41
C PHE D 166 -22.01 31.51 -14.56
N SER D 167 -20.86 30.90 -14.27
CA SER D 167 -20.12 30.22 -15.33
C SER D 167 -20.93 29.06 -15.90
N ARG D 168 -21.56 28.28 -15.02
CA ARG D 168 -22.41 27.18 -15.50
C ARG D 168 -23.60 27.72 -16.29
N LEU D 169 -24.16 28.84 -15.86
CA LEU D 169 -25.26 29.46 -16.59
C LEU D 169 -24.81 29.85 -18.00
N ILE D 170 -23.63 30.46 -18.11
CA ILE D 170 -23.12 30.87 -19.42
C ILE D 170 -22.88 29.64 -20.29
N TYR D 171 -22.35 28.56 -19.70
CA TYR D 171 -22.14 27.33 -20.47
C TYR D 171 -23.46 26.78 -20.98
N ILE D 172 -24.49 26.77 -20.13
CA ILE D 172 -25.80 26.28 -20.56
C ILE D 172 -26.35 27.15 -21.68
N ALA D 173 -26.21 28.46 -21.56
CA ALA D 173 -26.68 29.36 -22.61
C ALA D 173 -25.96 29.09 -23.92
N GLN D 174 -24.64 28.89 -23.85
CA GLN D 174 -23.88 28.57 -25.05
C GLN D 174 -24.37 27.28 -25.69
N SER D 175 -24.56 26.25 -24.87
CA SER D 175 -25.01 24.97 -25.40
C SER D 175 -26.37 25.10 -26.07
N LYS D 176 -27.31 25.79 -25.44
CA LYS D 176 -28.63 25.94 -26.02
C LYS D 176 -28.68 26.97 -27.13
N GLY D 177 -27.71 27.88 -27.16
CA GLY D 177 -27.76 29.00 -28.08
C GLY D 177 -28.66 30.13 -27.63
N ALA D 178 -28.94 30.22 -26.34
CA ALA D 178 -29.89 31.20 -25.84
C ALA D 178 -29.29 32.60 -25.82
N TRP D 179 -30.16 33.59 -25.94
CA TRP D 179 -29.77 34.98 -25.76
C TRP D 179 -29.66 35.30 -24.27
N ILE D 180 -28.85 36.31 -23.96
CA ILE D 180 -28.65 36.77 -22.59
C ILE D 180 -28.88 38.27 -22.55
N LEU D 181 -29.76 38.70 -21.65
CA LEU D 181 -30.08 40.11 -21.44
C LEU D 181 -29.53 40.54 -20.09
N THR D 182 -28.92 41.73 -20.05
CA THR D 182 -28.25 42.21 -18.86
C THR D 182 -28.21 43.73 -18.89
N GLY D 183 -27.93 44.32 -17.72
CA GLY D 183 -27.80 45.77 -17.65
C GLY D 183 -26.71 46.29 -18.57
N GLY D 184 -25.58 45.60 -18.60
CA GLY D 184 -24.51 45.97 -19.53
C GLY D 184 -23.93 47.33 -19.29
N THR D 185 -23.71 47.70 -18.03
CA THR D 185 -23.10 48.98 -17.69
C THR D 185 -21.69 48.82 -17.13
N HIS D 186 -21.15 47.61 -17.11
CA HIS D 186 -19.77 47.35 -16.71
C HIS D 186 -19.56 47.55 -15.21
N TYR D 187 -20.57 47.26 -14.40
CA TYR D 187 -20.47 47.41 -12.95
C TYR D 187 -20.85 46.10 -12.29
N GLY D 188 -19.99 45.61 -11.42
CA GLY D 188 -20.31 44.44 -10.63
C GLY D 188 -20.61 43.23 -11.50
N LEU D 189 -21.71 42.55 -11.17
CA LEU D 189 -22.01 41.26 -11.78
C LEU D 189 -21.92 41.34 -13.30
N MET D 190 -22.55 42.35 -13.89
CA MET D 190 -22.57 42.46 -15.34
C MET D 190 -21.16 42.36 -15.91
N LYS D 191 -20.22 43.13 -15.34
CA LYS D 191 -18.85 43.08 -15.82
C LYS D 191 -18.35 41.65 -15.82
N TYR D 192 -18.49 40.96 -14.69
CA TYR D 192 -18.06 39.57 -14.62
C TYR D 192 -18.65 38.77 -15.77
N ILE D 193 -19.96 38.92 -15.99
CA ILE D 193 -20.61 38.16 -17.06
C ILE D 193 -19.87 38.38 -18.37
N GLY D 194 -19.60 39.65 -18.70
CA GLY D 194 -18.87 39.94 -19.91
C GLY D 194 -17.59 39.14 -19.99
N GLU D 195 -16.78 39.23 -18.93
CA GLU D 195 -15.53 38.49 -18.92
C GLU D 195 -15.78 37.03 -19.28
N VAL D 196 -16.76 36.42 -18.60
CA VAL D 196 -17.02 35.00 -18.83
C VAL D 196 -17.28 34.75 -20.31
N VAL D 197 -18.18 35.53 -20.91
CA VAL D 197 -18.51 35.27 -22.30
C VAL D 197 -17.28 35.42 -23.17
N ARG D 198 -16.46 36.43 -22.89
CA ARG D 198 -15.20 36.58 -23.61
C ARG D 198 -14.40 35.28 -23.51
N ASP D 199 -14.19 34.79 -22.29
CA ASP D 199 -13.47 33.54 -22.13
C ASP D 199 -14.09 32.46 -22.99
N ASN D 200 -15.42 32.36 -22.98
CA ASN D 200 -16.09 31.28 -23.70
C ASN D 200 -15.78 31.36 -25.18
N THR D 201 -15.72 32.56 -25.74
CA THR D 201 -15.44 32.68 -27.17
C THR D 201 -13.97 32.50 -27.47
N ILE D 202 -13.08 32.71 -26.50
CA ILE D 202 -11.67 32.48 -26.72
C ILE D 202 -11.38 30.98 -26.75
N SER D 203 -12.03 30.21 -25.90
CA SER D 203 -11.85 28.77 -25.86
C SER D 203 -12.32 28.13 -27.16
N GLU D 208 -19.23 28.04 -31.97
CA GLU D 208 -20.44 28.82 -32.16
C GLU D 208 -20.27 30.21 -31.53
N ASN D 209 -21.38 30.94 -31.45
CA ASN D 209 -21.38 32.28 -30.87
C ASN D 209 -22.54 32.41 -29.89
N ILE D 210 -22.35 33.25 -28.89
CA ILE D 210 -23.35 33.49 -27.85
C ILE D 210 -23.76 34.95 -27.90
N VAL D 211 -25.06 35.18 -27.85
CA VAL D 211 -25.59 36.55 -27.81
C VAL D 211 -25.59 37.03 -26.36
N ALA D 212 -25.07 38.23 -26.14
CA ALA D 212 -24.93 38.82 -24.82
C ALA D 212 -25.53 40.23 -24.81
N ILE D 213 -26.76 40.34 -25.30
CA ILE D 213 -27.40 41.64 -25.38
C ILE D 213 -27.39 42.31 -24.03
N GLY D 214 -27.10 43.61 -24.03
CA GLY D 214 -27.19 44.42 -22.84
C GLY D 214 -28.12 45.59 -23.08
N ILE D 215 -28.84 45.99 -22.04
CA ILE D 215 -29.82 47.06 -22.12
C ILE D 215 -29.45 48.11 -21.08
N ALA D 216 -29.29 49.36 -21.52
CA ALA D 216 -28.95 50.47 -20.64
C ALA D 216 -29.68 51.72 -21.08
N ALA D 217 -29.49 52.79 -20.33
CA ALA D 217 -30.13 54.07 -20.60
C ALA D 217 -29.12 55.04 -21.18
N TRP D 218 -29.49 55.69 -22.28
CA TRP D 218 -28.60 56.67 -22.90
C TRP D 218 -28.29 57.81 -21.94
N GLY D 219 -29.28 58.25 -21.17
CA GLY D 219 -29.08 59.35 -20.24
C GLY D 219 -28.15 59.02 -19.10
N MET D 220 -27.96 57.74 -18.79
CA MET D 220 -27.08 57.30 -17.72
C MET D 220 -25.73 56.83 -18.26
N VAL D 221 -25.24 57.47 -19.32
CA VAL D 221 -23.97 57.14 -19.94
C VAL D 221 -23.04 58.33 -19.82
N SER D 222 -21.83 58.10 -19.29
CA SER D 222 -20.89 59.19 -19.08
C SER D 222 -20.39 59.76 -20.41
N ASN D 223 -19.93 58.89 -21.30
CA ASN D 223 -19.33 59.31 -22.56
C ASN D 223 -20.28 59.05 -23.72
N ARG D 224 -20.55 60.09 -24.49
CA ARG D 224 -21.42 60.01 -25.67
C ARG D 224 -20.61 60.37 -26.90
N ASP D 225 -20.63 59.49 -27.90
CA ASP D 225 -19.91 59.68 -29.16
C ASP D 225 -20.90 59.44 -30.30
N THR D 226 -21.60 60.50 -30.69
CA THR D 226 -22.58 60.39 -31.76
C THR D 226 -21.90 60.17 -33.10
N LEU D 227 -22.55 59.37 -33.95
CA LEU D 227 -22.04 59.08 -35.28
C LEU D 227 -23.05 59.47 -36.35
N PHE D 237 -16.68 54.95 -41.07
CA PHE D 237 -18.00 54.34 -41.22
C PHE D 237 -18.65 54.14 -39.86
N SER D 238 -17.94 53.46 -38.97
CA SER D 238 -18.42 53.18 -37.62
C SER D 238 -17.61 53.98 -36.61
N ALA D 239 -18.28 54.83 -35.86
CA ALA D 239 -17.60 55.61 -34.84
C ALA D 239 -17.11 54.70 -33.72
N GLN D 240 -15.90 54.98 -33.22
CA GLN D 240 -15.28 54.20 -32.17
C GLN D 240 -14.95 55.11 -31.00
N TYR D 241 -15.40 54.72 -29.81
CA TYR D 241 -15.14 55.48 -28.59
C TYR D 241 -14.49 54.57 -27.56
N ILE D 242 -13.40 55.03 -26.96
CA ILE D 242 -12.66 54.27 -25.96
C ILE D 242 -12.57 55.11 -24.69
N MET D 243 -12.92 54.51 -23.56
CA MET D 243 -12.88 55.18 -22.27
C MET D 243 -12.18 54.33 -21.22
N LEU D 251 -22.30 58.78 -15.35
CA LEU D 251 -21.81 57.55 -14.74
C LEU D 251 -22.28 56.33 -15.51
N TYR D 252 -21.91 55.14 -15.03
CA TYR D 252 -22.34 53.88 -15.62
C TYR D 252 -21.95 53.80 -17.10
N ILE D 253 -20.63 53.80 -17.32
CA ILE D 253 -20.10 53.66 -18.67
C ILE D 253 -20.31 52.21 -19.13
N LEU D 254 -20.84 52.05 -20.34
CA LEU D 254 -21.25 50.73 -20.80
C LEU D 254 -20.05 49.81 -20.96
N ASP D 255 -20.33 48.51 -20.89
CA ASP D 255 -19.31 47.47 -20.98
C ASP D 255 -19.03 47.14 -22.44
N ASN D 256 -17.78 46.73 -22.71
CA ASN D 256 -17.35 46.39 -24.05
C ASN D 256 -17.31 44.89 -24.32
N ASN D 257 -17.50 44.06 -23.30
CA ASN D 257 -17.50 42.62 -23.53
C ASN D 257 -18.78 42.15 -24.21
N HIS D 258 -19.89 42.87 -24.01
CA HIS D 258 -21.15 42.48 -24.61
C HIS D 258 -21.10 42.65 -26.13
N THR D 259 -21.64 41.66 -26.84
CA THR D 259 -21.64 41.69 -28.29
C THR D 259 -22.56 42.79 -28.82
N HIS D 260 -23.73 42.95 -28.21
CA HIS D 260 -24.70 43.95 -28.64
C HIS D 260 -25.19 44.74 -27.43
N LEU D 261 -25.53 45.99 -27.67
CA LEU D 261 -25.94 46.90 -26.60
C LEU D 261 -27.01 47.85 -27.12
N LEU D 262 -28.05 48.06 -26.31
CA LEU D 262 -29.18 48.91 -26.66
C LEU D 262 -29.37 49.98 -25.60
N LEU D 263 -29.39 51.24 -26.03
CA LEU D 263 -29.57 52.39 -25.16
C LEU D 263 -30.92 53.03 -25.44
N VAL D 264 -31.66 53.38 -24.39
CA VAL D 264 -32.99 53.95 -24.50
C VAL D 264 -33.15 55.04 -23.46
N ASP D 265 -33.16 56.30 -23.89
CA ASP D 265 -33.43 57.44 -23.01
C ASP D 265 -34.32 58.45 -23.74
N ASN D 266 -35.36 57.96 -24.43
CA ASN D 266 -36.25 58.86 -25.16
C ASN D 266 -36.82 59.94 -24.24
N GLY D 267 -37.03 59.59 -22.96
CA GLY D 267 -37.48 60.55 -21.97
C GLY D 267 -36.64 60.44 -20.72
N CYS D 268 -36.81 61.43 -19.83
CA CYS D 268 -36.08 61.47 -18.57
C CYS D 268 -34.57 61.51 -18.83
N HIS D 269 -34.15 62.62 -19.41
CA HIS D 269 -32.74 62.79 -19.81
C HIS D 269 -31.79 62.79 -18.63
N GLY D 270 -32.29 62.91 -17.39
CA GLY D 270 -31.46 62.87 -16.21
C GLY D 270 -31.06 61.47 -15.78
N HIS D 271 -31.31 60.47 -16.61
CA HIS D 271 -30.97 59.07 -16.36
C HIS D 271 -31.74 58.47 -15.18
N PRO D 272 -33.06 58.54 -15.16
CA PRO D 272 -33.83 57.61 -14.32
C PRO D 272 -33.98 56.26 -15.02
N THR D 273 -34.56 55.31 -14.30
CA THR D 273 -34.76 53.97 -14.83
C THR D 273 -35.80 54.00 -15.95
N VAL D 274 -35.34 53.71 -17.17
CA VAL D 274 -36.25 53.58 -18.32
C VAL D 274 -36.03 52.30 -19.10
N GLU D 275 -34.88 51.63 -18.97
CA GLU D 275 -34.62 50.43 -19.75
C GLU D 275 -35.49 49.26 -19.28
N ALA D 276 -35.90 49.27 -18.01
CA ALA D 276 -36.68 48.15 -17.48
C ALA D 276 -37.99 47.98 -18.25
N LYS D 277 -38.68 49.08 -18.54
CA LYS D 277 -39.95 48.99 -19.24
C LYS D 277 -39.78 48.39 -20.63
N LEU D 278 -38.76 48.84 -21.36
CA LEU D 278 -38.52 48.31 -22.71
C LEU D 278 -38.14 46.84 -22.64
N ARG D 279 -37.31 46.45 -21.67
CA ARG D 279 -36.93 45.06 -21.54
C ARG D 279 -38.14 44.19 -21.23
N ASN D 280 -39.02 44.66 -20.34
CA ASN D 280 -40.23 43.92 -20.03
C ASN D 280 -41.12 43.78 -21.26
N GLN D 281 -41.27 44.86 -22.04
CA GLN D 281 -42.07 44.79 -23.25
C GLN D 281 -41.51 43.78 -24.23
N LEU D 282 -40.18 43.81 -24.42
CA LEU D 282 -39.56 42.88 -25.37
C LEU D 282 -39.74 41.44 -24.92
N GLU D 283 -39.58 41.18 -23.62
CA GLU D 283 -39.79 39.83 -23.11
C GLU D 283 -41.23 39.39 -23.28
N LYS D 284 -42.18 40.30 -23.03
CA LYS D 284 -43.58 40.00 -23.23
C LYS D 284 -43.85 39.63 -24.68
N TYR D 285 -43.29 40.40 -25.61
CA TYR D 285 -43.47 40.08 -27.03
C TYR D 285 -42.88 38.73 -27.36
N ILE D 286 -41.69 38.43 -26.83
CA ILE D 286 -41.04 37.15 -27.13
C ILE D 286 -41.89 36.00 -26.62
N SER D 287 -42.42 36.13 -25.40
CA SER D 287 -43.24 35.05 -24.85
C SER D 287 -44.45 34.77 -25.73
N GLU D 288 -44.94 35.77 -26.46
CA GLU D 288 -46.08 35.59 -27.35
C GLU D 288 -45.70 35.00 -28.70
N ARG D 289 -44.42 34.93 -29.03
CA ARG D 289 -43.99 34.46 -30.33
C ARG D 289 -44.04 32.94 -30.40
N THR D 290 -44.44 32.41 -31.56
CA THR D 290 -44.47 30.99 -31.78
C THR D 290 -43.11 30.48 -32.27
N SER D 291 -42.78 29.26 -31.89
CA SER D 291 -41.53 28.62 -32.28
C SER D 291 -41.84 27.30 -32.95
N GLN D 292 -41.23 27.06 -34.12
CA GLN D 292 -41.57 25.89 -34.90
C GLN D 292 -41.03 24.62 -34.27
N ASP D 293 -39.76 24.62 -33.85
CA ASP D 293 -39.10 23.42 -33.34
C ASP D 293 -38.65 23.60 -31.89
N SER D 294 -39.30 24.49 -31.13
CA SER D 294 -38.90 24.69 -29.75
C SER D 294 -39.10 23.42 -28.92
N ASN D 295 -40.22 22.74 -29.12
CA ASN D 295 -40.63 21.53 -28.39
C ASN D 295 -41.10 21.85 -26.98
N TYR D 296 -41.21 23.14 -26.64
CA TYR D 296 -41.77 23.61 -25.39
C TYR D 296 -43.25 23.95 -25.53
N GLY D 297 -43.94 23.30 -26.46
CA GLY D 297 -45.30 23.66 -26.79
C GLY D 297 -45.41 24.75 -27.83
N GLY D 298 -44.35 25.02 -28.59
CA GLY D 298 -44.36 26.09 -29.56
C GLY D 298 -44.01 27.45 -29.01
N LYS D 299 -43.55 27.53 -27.77
CA LYS D 299 -43.27 28.79 -27.10
C LYS D 299 -41.83 28.82 -26.62
N ILE D 300 -41.28 30.03 -26.49
CA ILE D 300 -39.92 30.23 -26.03
C ILE D 300 -39.89 30.25 -24.51
N PRO D 301 -38.96 29.49 -23.93
CA PRO D 301 -38.96 29.58 -22.48
C PRO D 301 -38.35 30.92 -22.16
N ILE D 302 -38.95 31.68 -21.27
CA ILE D 302 -38.33 32.93 -20.93
C ILE D 302 -38.01 32.67 -19.48
N VAL D 303 -36.76 32.77 -19.08
CA VAL D 303 -36.46 32.49 -17.71
C VAL D 303 -35.66 33.64 -17.11
N CYS D 304 -36.26 34.42 -16.24
CA CYS D 304 -35.57 35.52 -15.55
C CYS D 304 -34.73 35.01 -14.40
N PHE D 305 -33.44 34.83 -14.64
CA PHE D 305 -32.49 34.46 -13.59
C PHE D 305 -32.16 35.71 -12.78
N ALA D 306 -32.37 35.63 -11.47
CA ALA D 306 -32.26 36.80 -10.60
C ALA D 306 -31.53 36.43 -9.33
N GLN D 307 -30.44 37.14 -9.03
CA GLN D 307 -29.72 37.00 -7.78
C GLN D 307 -29.32 38.37 -7.24
N GLY D 308 -30.08 39.39 -7.56
CA GLY D 308 -29.75 40.77 -7.21
C GLY D 308 -30.51 41.23 -5.99
N GLY D 309 -29.86 42.07 -5.19
CA GLY D 309 -30.44 42.63 -3.99
C GLY D 309 -31.08 43.98 -4.15
N GLY D 310 -31.08 44.54 -5.36
CA GLY D 310 -31.57 45.89 -5.55
C GLY D 310 -33.08 45.98 -5.56
N ARG D 311 -33.57 47.21 -5.44
CA ARG D 311 -35.01 47.47 -5.55
C ARG D 311 -35.50 47.17 -6.97
N GLU D 312 -34.79 47.68 -7.97
CA GLU D 312 -35.19 47.43 -9.35
C GLU D 312 -35.23 45.93 -9.65
N THR D 313 -34.40 45.15 -8.97
CA THR D 313 -34.48 43.70 -9.13
C THR D 313 -35.83 43.18 -8.66
N LEU D 314 -36.29 43.68 -7.51
CA LEU D 314 -37.60 43.28 -7.00
C LEU D 314 -38.71 43.71 -7.95
N LYS D 315 -38.64 44.93 -8.47
CA LYS D 315 -39.65 45.39 -9.42
C LYS D 315 -39.67 44.54 -10.68
N ALA D 316 -38.49 44.20 -11.21
CA ALA D 316 -38.41 43.36 -12.39
C ALA D 316 -38.99 41.98 -12.12
N ILE D 317 -38.66 41.40 -10.96
CA ILE D 317 -39.19 40.08 -10.62
C ILE D 317 -40.71 40.13 -10.55
N ASN D 318 -41.26 41.19 -9.94
CA ASN D 318 -42.70 41.29 -9.80
C ASN D 318 -43.37 41.43 -11.17
N THR D 319 -42.86 42.31 -12.02
CA THR D 319 -43.49 42.50 -13.32
C THR D 319 -43.32 41.27 -14.21
N SER D 320 -42.26 40.49 -13.99
CA SER D 320 -42.10 39.25 -14.75
C SER D 320 -43.07 38.19 -14.28
N VAL D 321 -43.21 38.03 -12.96
CA VAL D 321 -44.14 37.04 -12.43
C VAL D 321 -45.57 37.39 -12.79
N LYS D 322 -45.91 38.68 -12.85
CA LYS D 322 -47.24 39.06 -13.30
C LYS D 322 -47.54 38.46 -14.66
N SER D 323 -46.52 38.30 -15.50
CA SER D 323 -46.63 37.55 -16.74
C SER D 323 -46.37 36.07 -16.46
N LYS D 324 -46.64 35.25 -17.47
CA LYS D 324 -46.40 33.80 -17.36
C LYS D 324 -44.92 33.54 -17.67
N ILE D 325 -44.08 33.97 -16.73
CA ILE D 325 -42.64 33.86 -16.86
C ILE D 325 -42.08 33.14 -15.63
N PRO D 326 -42.00 31.82 -15.63
CA PRO D 326 -41.37 31.13 -14.51
C PRO D 326 -39.90 31.51 -14.44
N CYS D 327 -39.38 31.66 -13.23
CA CYS D 327 -37.94 31.87 -13.12
C CYS D 327 -37.49 31.77 -11.67
N VAL D 328 -36.19 32.00 -11.49
CA VAL D 328 -35.41 31.40 -10.41
C VAL D 328 -34.82 32.47 -9.53
N VAL D 329 -34.61 32.13 -8.26
CA VAL D 329 -33.85 32.93 -7.32
C VAL D 329 -32.89 31.99 -6.59
N VAL D 330 -31.82 32.55 -6.05
CA VAL D 330 -30.81 31.79 -5.33
C VAL D 330 -30.67 32.36 -3.94
N GLU D 331 -30.71 31.48 -2.93
CA GLU D 331 -30.54 31.88 -1.54
C GLU D 331 -29.06 31.97 -1.19
N GLY D 332 -28.37 32.86 -1.91
CA GLY D 332 -26.94 33.04 -1.73
C GLY D 332 -26.57 34.46 -1.35
N SER D 333 -25.65 35.06 -2.11
CA SER D 333 -25.19 36.41 -1.80
C SER D 333 -26.33 37.41 -1.86
N GLY D 334 -27.18 37.31 -2.88
CA GLY D 334 -28.31 38.22 -2.98
C GLY D 334 -29.17 38.16 -1.73
N GLN D 335 -29.47 39.34 -1.17
CA GLN D 335 -30.15 39.40 0.12
C GLN D 335 -31.67 39.44 -0.03
N ILE D 336 -32.18 40.17 -1.02
CA ILE D 336 -33.61 40.13 -1.29
C ILE D 336 -33.99 38.78 -1.88
N ALA D 337 -33.09 38.17 -2.65
CA ALA D 337 -33.28 36.79 -3.07
C ALA D 337 -33.37 35.87 -1.86
N ASP D 338 -32.52 36.12 -0.86
CA ASP D 338 -32.61 35.36 0.39
C ASP D 338 -33.96 35.60 1.08
N VAL D 339 -34.44 36.84 1.05
CA VAL D 339 -35.75 37.15 1.63
C VAL D 339 -36.83 36.30 0.96
N ILE D 340 -36.85 36.31 -0.36
CA ILE D 340 -37.87 35.57 -1.10
C ILE D 340 -37.75 34.08 -0.82
N ALA D 341 -36.52 33.55 -0.83
CA ALA D 341 -36.34 32.13 -0.58
C ALA D 341 -36.81 31.74 0.81
N SER D 342 -36.49 32.56 1.82
CA SER D 342 -36.92 32.27 3.18
C SER D 342 -38.44 32.31 3.28
N LEU D 343 -39.06 33.30 2.64
CA LEU D 343 -40.52 33.36 2.66
C LEU D 343 -41.14 32.14 2.02
N VAL D 344 -40.57 31.68 0.91
CA VAL D 344 -41.07 30.48 0.24
C VAL D 344 -40.72 29.25 1.06
N THR D 351 -47.77 36.60 6.34
CA THR D 351 -48.27 37.81 6.98
C THR D 351 -47.35 38.99 6.70
N SER D 352 -47.90 40.20 6.78
CA SER D 352 -47.09 41.39 6.52
C SER D 352 -45.97 41.53 7.53
N SER D 353 -46.23 41.20 8.79
CA SER D 353 -45.21 41.34 9.83
C SER D 353 -44.01 40.45 9.55
N MET D 354 -44.26 39.20 9.13
CA MET D 354 -43.15 38.27 8.91
C MET D 354 -42.28 38.73 7.74
N VAL D 355 -42.91 39.14 6.65
CA VAL D 355 -42.13 39.64 5.50
C VAL D 355 -41.36 40.89 5.90
N LYS D 356 -42.00 41.78 6.68
CA LYS D 356 -41.32 42.99 7.14
C LYS D 356 -40.09 42.65 7.97
N GLU D 357 -40.23 41.70 8.91
CA GLU D 357 -39.11 41.38 9.78
C GLU D 357 -38.00 40.68 9.01
N LYS D 358 -38.36 39.82 8.04
CA LYS D 358 -37.33 39.20 7.20
C LYS D 358 -36.58 40.25 6.40
N LEU D 359 -37.31 41.21 5.83
CA LEU D 359 -36.67 42.28 5.06
C LEU D 359 -35.74 43.09 5.94
N VAL D 360 -36.18 43.42 7.15
CA VAL D 360 -35.33 44.17 8.08
C VAL D 360 -34.08 43.37 8.42
N ARG D 361 -34.26 42.06 8.66
CA ARG D 361 -33.10 41.22 8.96
C ARG D 361 -32.09 41.24 7.83
N PHE D 362 -32.56 41.08 6.58
CA PHE D 362 -31.65 41.04 5.45
C PHE D 362 -31.30 42.43 4.92
N LEU D 363 -32.01 43.47 5.35
CA LEU D 363 -31.73 44.84 4.93
C LEU D 363 -31.85 45.79 6.12
N PRO D 364 -31.00 45.63 7.13
CA PRO D 364 -31.02 46.57 8.26
C PRO D 364 -30.76 48.00 7.82
N ARG D 365 -29.60 48.24 7.22
CA ARG D 365 -29.27 49.60 6.77
C ARG D 365 -30.23 50.04 5.66
N THR D 366 -30.53 49.14 4.73
CA THR D 366 -31.40 49.50 3.62
C THR D 366 -32.81 49.82 4.09
N VAL D 367 -33.35 49.01 5.00
CA VAL D 367 -34.70 49.27 5.51
C VAL D 367 -34.72 50.54 6.34
N SER D 368 -33.64 50.80 7.10
CA SER D 368 -33.57 52.03 7.87
C SER D 368 -33.59 53.24 6.97
N ARG D 369 -32.85 53.20 5.86
CA ARG D 369 -32.75 54.37 5.00
C ARG D 369 -34.07 54.67 4.28
N LEU D 370 -34.80 53.63 3.90
CA LEU D 370 -35.97 53.83 3.06
C LEU D 370 -37.09 54.53 3.83
N PRO D 371 -37.95 55.28 3.13
CA PRO D 371 -39.10 55.91 3.79
C PRO D 371 -40.24 54.93 4.01
N GLU D 372 -41.26 55.40 4.74
CA GLU D 372 -42.34 54.52 5.16
C GLU D 372 -43.23 54.11 3.99
N GLU D 373 -43.63 55.08 3.17
CA GLU D 373 -44.58 54.77 2.09
C GLU D 373 -43.94 53.90 1.01
N GLU D 374 -42.71 54.23 0.61
CA GLU D 374 -42.03 53.42 -0.38
C GLU D 374 -41.80 52.00 0.13
N ILE D 375 -41.57 51.85 1.43
CA ILE D 375 -41.32 50.51 1.98
C ILE D 375 -42.63 49.74 2.13
N GLU D 376 -43.74 50.44 2.39
CA GLU D 376 -45.04 49.78 2.34
C GLU D 376 -45.31 49.28 0.91
N SER D 377 -44.95 50.08 -0.09
CA SER D 377 -45.04 49.62 -1.46
C SER D 377 -44.15 48.40 -1.70
N TRP D 378 -42.94 48.42 -1.13
CA TRP D 378 -42.06 47.26 -1.19
C TRP D 378 -42.76 46.02 -0.66
N ILE D 379 -43.38 46.13 0.51
CA ILE D 379 -44.05 44.99 1.12
C ILE D 379 -45.20 44.51 0.24
N LYS D 380 -45.94 45.45 -0.34
CA LYS D 380 -47.02 45.08 -1.26
C LYS D 380 -46.47 44.31 -2.46
N TRP D 381 -45.38 44.80 -3.05
CA TRP D 381 -44.78 44.11 -4.19
C TRP D 381 -44.34 42.71 -3.80
N LEU D 382 -43.72 42.58 -2.62
CA LEU D 382 -43.20 41.29 -2.19
C LEU D 382 -44.33 40.31 -1.92
N LYS D 383 -45.42 40.78 -1.31
CA LYS D 383 -46.56 39.91 -1.09
C LYS D 383 -47.17 39.47 -2.41
N GLU D 384 -47.29 40.39 -3.37
CA GLU D 384 -47.81 40.02 -4.68
C GLU D 384 -46.93 38.97 -5.35
N ILE D 385 -45.61 39.13 -5.24
CA ILE D 385 -44.70 38.13 -5.81
C ILE D 385 -44.88 36.78 -5.13
N LEU D 386 -44.93 36.78 -3.79
CA LEU D 386 -45.04 35.53 -3.05
C LEU D 386 -46.40 34.87 -3.24
N GLU D 387 -47.39 35.61 -3.74
CA GLU D 387 -48.70 35.02 -4.00
C GLU D 387 -48.58 33.78 -4.87
N SER D 388 -47.87 33.89 -5.99
CA SER D 388 -47.68 32.78 -6.92
C SER D 388 -46.32 32.14 -6.66
N SER D 389 -46.31 30.83 -6.44
CA SER D 389 -45.09 30.09 -6.17
C SER D 389 -44.72 29.08 -7.24
N HIS D 390 -45.68 28.63 -8.06
CA HIS D 390 -45.36 27.67 -9.11
C HIS D 390 -44.40 28.27 -10.11
N LEU D 391 -44.61 29.54 -10.50
CA LEU D 391 -43.67 30.20 -11.40
C LEU D 391 -42.35 30.51 -10.70
N LEU D 392 -42.35 30.54 -9.37
CA LEU D 392 -41.17 30.92 -8.60
C LEU D 392 -40.41 29.67 -8.17
N THR D 393 -39.15 29.57 -8.57
CA THR D 393 -38.28 28.48 -8.19
C THR D 393 -37.06 29.04 -7.47
N VAL D 394 -36.50 28.23 -6.56
CA VAL D 394 -35.40 28.65 -5.71
C VAL D 394 -34.28 27.61 -5.77
N ILE D 395 -33.06 28.09 -5.56
CA ILE D 395 -31.88 27.22 -5.50
C ILE D 395 -31.45 27.12 -4.04
N LYS D 396 -31.38 25.89 -3.54
CA LYS D 396 -30.95 25.68 -2.16
C LYS D 396 -29.46 25.98 -2.01
N MET D 397 -29.10 26.63 -0.90
CA MET D 397 -27.70 26.94 -0.65
C MET D 397 -26.90 25.69 -0.34
N GLU D 398 -27.53 24.68 0.26
CA GLU D 398 -26.82 23.46 0.62
C GLU D 398 -26.32 22.73 -0.61
N GLU D 399 -27.11 22.72 -1.68
CA GLU D 399 -26.75 22.00 -2.89
C GLU D 399 -25.40 22.48 -3.43
N ALA D 400 -24.54 21.52 -3.77
CA ALA D 400 -23.21 21.83 -4.30
C ALA D 400 -22.92 21.10 -5.60
N GLY D 401 -23.92 20.44 -6.20
CA GLY D 401 -23.68 19.74 -7.44
C GLY D 401 -23.34 20.68 -8.57
N ASP D 402 -22.62 20.15 -9.56
CA ASP D 402 -22.20 20.96 -10.69
C ASP D 402 -23.36 21.24 -11.65
N GLU D 403 -24.36 20.36 -11.69
CA GLU D 403 -25.48 20.48 -12.61
C GLU D 403 -26.72 21.07 -11.95
N ILE D 404 -26.55 21.75 -10.82
CA ILE D 404 -27.71 22.30 -10.11
C ILE D 404 -28.40 23.36 -10.96
N VAL D 405 -27.62 24.30 -11.52
CA VAL D 405 -28.21 25.41 -12.27
C VAL D 405 -29.23 24.89 -13.28
N SER D 406 -28.75 24.06 -14.22
CA SER D 406 -29.63 23.48 -15.22
C SER D 406 -30.92 23.00 -14.58
N ASN D 407 -30.79 22.12 -13.57
CA ASN D 407 -31.96 21.56 -12.91
C ASN D 407 -32.98 22.65 -12.63
N ALA D 408 -32.57 23.67 -11.85
CA ALA D 408 -33.46 24.76 -11.52
C ALA D 408 -34.20 25.25 -12.77
N ILE D 409 -33.44 25.75 -13.74
CA ILE D 409 -34.06 26.26 -14.97
C ILE D 409 -35.04 25.22 -15.50
N SER D 410 -34.55 24.01 -15.72
CA SER D 410 -35.41 22.95 -16.22
C SER D 410 -36.70 22.90 -15.42
N TYR D 411 -36.59 22.68 -14.11
CA TYR D 411 -37.78 22.54 -13.29
C TYR D 411 -38.71 23.71 -13.51
N ALA D 412 -38.17 24.93 -13.45
CA ALA D 412 -38.98 26.12 -13.67
C ALA D 412 -39.82 25.93 -14.92
N LEU D 413 -39.16 25.79 -16.07
CA LEU D 413 -39.88 25.65 -17.32
C LEU D 413 -40.91 24.54 -17.22
N TYR D 414 -40.50 23.39 -16.68
CA TYR D 414 -41.40 22.26 -16.57
C TYR D 414 -42.69 22.67 -15.91
N LYS D 415 -42.61 23.33 -14.76
CA LYS D 415 -43.83 23.72 -14.04
C LYS D 415 -44.70 24.62 -14.92
N ALA D 416 -44.08 25.62 -15.56
CA ALA D 416 -44.87 26.52 -16.40
C ALA D 416 -45.49 25.77 -17.57
N PHE D 417 -44.85 24.69 -18.03
CA PHE D 417 -45.44 23.91 -19.10
C PHE D 417 -46.59 23.05 -18.59
N SER D 418 -46.50 22.61 -17.33
CA SER D 418 -47.52 21.72 -16.77
C SER D 418 -48.63 22.50 -16.08
N THR D 419 -48.27 23.39 -15.15
CA THR D 419 -49.27 24.14 -14.40
C THR D 419 -49.96 25.21 -15.24
N ASN D 420 -49.45 25.50 -16.44
CA ASN D 420 -50.09 26.51 -17.28
C ASN D 420 -51.51 26.13 -17.64
N GLU D 421 -51.82 24.84 -17.62
CA GLU D 421 -53.12 24.25 -17.94
C GLU D 421 -53.38 24.23 -19.44
N GLN D 422 -52.54 24.85 -20.27
CA GLN D 422 -52.73 24.78 -21.71
C GLN D 422 -52.49 23.37 -22.21
N ASP D 423 -51.47 22.70 -21.68
CA ASP D 423 -51.14 21.32 -22.05
C ASP D 423 -50.89 20.47 -20.80
N LYS D 424 -51.56 20.81 -19.69
CA LYS D 424 -51.37 20.05 -18.46
C LYS D 424 -51.77 18.60 -18.65
N ASP D 425 -52.90 18.35 -19.31
CA ASP D 425 -53.30 16.99 -19.62
C ASP D 425 -52.42 16.36 -20.68
N ASN D 426 -51.68 17.17 -21.44
CA ASN D 426 -50.79 16.63 -22.46
C ASN D 426 -49.71 15.79 -21.81
N TRP D 427 -49.36 14.68 -22.47
CA TRP D 427 -48.38 13.74 -21.95
C TRP D 427 -47.10 13.73 -22.77
N ASN D 428 -47.19 13.69 -24.10
CA ASN D 428 -46.00 13.58 -24.93
C ASN D 428 -45.10 14.80 -24.76
N GLY D 429 -45.66 16.01 -24.91
CA GLY D 429 -44.83 17.21 -24.88
C GLY D 429 -44.06 17.36 -23.58
N GLN D 430 -44.68 16.96 -22.47
CA GLN D 430 -43.99 16.99 -21.18
C GLN D 430 -42.74 16.12 -21.23
N LEU D 431 -42.87 14.90 -21.78
CA LEU D 431 -41.72 14.01 -21.87
C LEU D 431 -40.67 14.54 -22.83
N LYS D 432 -41.09 15.14 -23.94
CA LYS D 432 -40.12 15.73 -24.87
C LYS D 432 -39.33 16.83 -24.19
N LEU D 433 -40.02 17.70 -23.43
CA LEU D 433 -39.33 18.76 -22.72
C LEU D 433 -38.35 18.20 -21.70
N LEU D 434 -38.78 17.20 -20.94
CA LEU D 434 -37.89 16.63 -19.94
C LEU D 434 -36.74 15.85 -20.59
N LEU D 435 -36.91 15.41 -21.83
CA LEU D 435 -35.83 14.76 -22.54
C LEU D 435 -34.82 15.77 -23.07
N GLU D 436 -35.29 16.92 -23.54
CA GLU D 436 -34.38 17.96 -24.02
C GLU D 436 -33.37 18.32 -22.95
N TRP D 437 -33.85 18.85 -21.83
CA TRP D 437 -32.99 19.07 -20.67
C TRP D 437 -32.71 17.74 -19.98
N ASN D 438 -31.46 17.54 -19.59
CA ASN D 438 -31.03 16.27 -19.02
C ASN D 438 -31.60 16.15 -17.61
N GLN D 439 -32.88 15.76 -17.54
CA GLN D 439 -33.60 15.53 -16.29
C GLN D 439 -34.23 14.13 -16.37
N LEU D 440 -33.55 13.14 -15.80
CA LEU D 440 -34.04 11.77 -15.87
C LEU D 440 -34.89 11.41 -14.66
N ASP D 441 -34.41 11.73 -13.46
CA ASP D 441 -35.13 11.36 -12.24
C ASP D 441 -36.51 11.98 -12.21
N LEU D 442 -36.62 13.26 -12.59
CA LEU D 442 -37.91 13.93 -12.57
C LEU D 442 -38.86 13.28 -13.56
N ALA D 443 -38.35 12.90 -14.73
CA ALA D 443 -39.19 12.28 -15.73
C ALA D 443 -39.75 10.96 -15.24
N SER D 444 -38.89 10.14 -14.62
CA SER D 444 -39.36 8.87 -14.07
C SER D 444 -40.43 9.11 -13.00
N ASP D 445 -40.19 10.07 -12.12
CA ASP D 445 -41.15 10.35 -11.05
C ASP D 445 -42.49 10.83 -11.60
N GLU D 446 -42.47 11.70 -12.60
CA GLU D 446 -43.69 12.41 -13.00
C GLU D 446 -44.39 11.76 -14.18
N ILE D 447 -43.68 11.60 -15.31
CA ILE D 447 -44.32 11.09 -16.52
C ILE D 447 -44.85 9.70 -16.29
N PHE D 448 -44.01 8.80 -15.77
CA PHE D 448 -44.37 7.42 -15.55
C PHE D 448 -45.16 7.26 -14.25
N THR D 449 -45.18 6.05 -13.66
CA THR D 449 -46.10 5.65 -12.61
C THR D 449 -47.39 5.10 -13.22
N ASN D 450 -48.16 4.36 -12.43
CA ASN D 450 -49.15 3.43 -12.97
C ASN D 450 -50.36 4.14 -13.57
N ASP D 451 -50.72 5.30 -13.05
CA ASP D 451 -51.99 5.92 -13.42
C ASP D 451 -52.10 6.19 -14.92
N ARG D 452 -51.03 6.72 -15.53
CA ARG D 452 -51.15 7.23 -16.89
C ARG D 452 -51.50 6.13 -17.90
N ARG D 453 -50.83 4.97 -17.80
CA ARG D 453 -51.02 3.89 -18.77
C ARG D 453 -50.63 4.34 -20.18
N TRP D 454 -49.40 4.82 -20.30
CA TRP D 454 -48.87 5.39 -21.54
C TRP D 454 -49.01 4.50 -22.77
N GLU D 455 -48.78 3.19 -22.61
CA GLU D 455 -48.77 2.23 -23.71
C GLU D 455 -47.46 2.29 -24.49
N SER D 456 -47.28 1.37 -25.45
CA SER D 456 -46.00 1.21 -26.10
C SER D 456 -45.82 2.15 -27.29
N ALA D 457 -46.89 2.36 -28.07
CA ALA D 457 -46.75 3.10 -29.33
C ALA D 457 -46.27 4.53 -29.12
N ASP D 458 -46.42 5.08 -27.92
CA ASP D 458 -46.04 6.48 -27.68
C ASP D 458 -44.55 6.62 -27.41
N LEU D 459 -43.90 5.56 -26.91
CA LEU D 459 -42.51 5.65 -26.51
C LEU D 459 -41.53 5.60 -27.68
N GLN D 460 -41.97 5.14 -28.85
CA GLN D 460 -41.06 5.02 -29.99
C GLN D 460 -40.57 6.39 -30.45
N GLU D 461 -41.46 7.37 -30.49
CA GLU D 461 -41.06 8.70 -30.95
C GLU D 461 -40.01 9.32 -30.05
N VAL D 462 -40.14 9.12 -28.73
CA VAL D 462 -39.16 9.69 -27.82
C VAL D 462 -37.87 8.87 -27.83
N MET D 463 -37.96 7.55 -28.02
CA MET D 463 -36.75 6.74 -28.12
C MET D 463 -35.91 7.16 -29.31
N PHE D 464 -36.57 7.38 -30.46
CA PHE D 464 -35.82 7.78 -31.65
C PHE D 464 -35.08 9.10 -31.40
N THR D 465 -35.76 10.08 -30.79
CA THR D 465 -35.12 11.35 -30.50
C THR D 465 -33.98 11.17 -29.50
N ALA D 466 -34.19 10.33 -28.48
CA ALA D 466 -33.14 10.12 -27.48
C ALA D 466 -31.90 9.51 -28.11
N LEU D 467 -32.07 8.67 -29.13
CA LEU D 467 -30.91 8.09 -29.80
C LEU D 467 -30.03 9.19 -30.39
N ILE D 468 -30.64 10.15 -31.10
CA ILE D 468 -29.86 11.24 -31.67
C ILE D 468 -29.37 12.19 -30.59
N LYS D 469 -30.23 12.49 -29.62
CA LYS D 469 -29.90 13.48 -28.59
C LYS D 469 -28.74 13.04 -27.70
N ASP D 470 -28.35 11.77 -27.74
CA ASP D 470 -27.29 11.25 -26.88
C ASP D 470 -27.66 11.38 -25.41
N ARG D 471 -28.75 10.68 -25.05
CA ARG D 471 -29.28 10.68 -23.69
C ARG D 471 -29.37 9.22 -23.24
N PRO D 472 -28.23 8.58 -22.95
CA PRO D 472 -28.26 7.14 -22.67
C PRO D 472 -29.18 6.76 -21.52
N LYS D 473 -29.26 7.60 -20.49
CA LYS D 473 -30.10 7.29 -19.34
C LYS D 473 -31.56 7.19 -19.76
N PHE D 474 -32.01 8.10 -20.62
CA PHE D 474 -33.39 8.03 -21.12
C PHE D 474 -33.59 6.80 -21.99
N VAL D 475 -32.56 6.40 -22.74
CA VAL D 475 -32.67 5.18 -23.54
C VAL D 475 -32.88 3.98 -22.64
N ARG D 476 -32.09 3.87 -21.57
CA ARG D 476 -32.27 2.77 -20.63
C ARG D 476 -33.64 2.82 -19.98
N LEU D 477 -34.09 4.02 -19.60
CA LEU D 477 -35.40 4.16 -18.98
C LEU D 477 -36.50 3.67 -19.90
N PHE D 478 -36.47 4.11 -21.16
CA PHE D 478 -37.48 3.68 -22.12
C PHE D 478 -37.42 2.18 -22.33
N LEU D 479 -36.21 1.61 -22.43
CA LEU D 479 -36.09 0.18 -22.65
C LEU D 479 -36.67 -0.61 -21.48
N GLU D 480 -36.43 -0.15 -20.26
CA GLU D 480 -36.90 -0.86 -19.08
C GLU D 480 -38.32 -0.48 -18.69
N ASN D 481 -38.96 0.45 -19.43
CA ASN D 481 -40.35 0.81 -19.17
C ASN D 481 -41.31 0.16 -20.15
N GLY D 482 -40.86 -0.86 -20.89
CA GLY D 482 -41.74 -1.68 -21.71
C GLY D 482 -41.50 -1.59 -23.20
N LEU D 483 -40.65 -0.67 -23.67
CA LEU D 483 -40.40 -0.57 -25.10
C LEU D 483 -39.77 -1.86 -25.63
N ASN D 484 -40.27 -2.32 -26.77
CA ASN D 484 -39.73 -3.51 -27.43
C ASN D 484 -38.68 -3.06 -28.44
N LEU D 485 -37.41 -3.23 -28.10
CA LEU D 485 -36.33 -2.77 -28.96
C LEU D 485 -36.36 -3.49 -30.30
N GLN D 486 -36.59 -4.81 -30.27
CA GLN D 486 -36.53 -5.59 -31.51
C GLN D 486 -37.51 -5.05 -32.54
N LYS D 487 -38.75 -4.75 -32.13
CA LYS D 487 -39.73 -4.21 -33.07
C LYS D 487 -39.38 -2.78 -33.47
N PHE D 488 -38.74 -2.02 -32.59
CA PHE D 488 -38.45 -0.62 -32.88
C PHE D 488 -37.51 -0.49 -34.07
N LEU D 489 -36.48 -1.34 -34.15
CA LEU D 489 -35.51 -1.23 -35.23
C LEU D 489 -36.11 -1.74 -36.53
N THR D 490 -36.76 -0.85 -37.26
CA THR D 490 -37.31 -1.17 -38.57
C THR D 490 -36.27 -0.87 -39.65
N ASN D 491 -36.48 -1.47 -40.82
CA ASN D 491 -35.54 -1.26 -41.92
C ASN D 491 -35.47 0.21 -42.30
N GLU D 492 -36.62 0.88 -42.40
CA GLU D 492 -36.63 2.29 -42.73
C GLU D 492 -35.95 3.11 -41.64
N VAL D 493 -36.19 2.77 -40.38
CA VAL D 493 -35.57 3.50 -39.27
C VAL D 493 -34.05 3.41 -39.37
N LEU D 494 -33.52 2.20 -39.52
CA LEU D 494 -32.08 2.03 -39.62
C LEU D 494 -31.52 2.72 -40.85
N THR D 495 -32.23 2.62 -41.97
CA THR D 495 -31.75 3.25 -43.20
C THR D 495 -31.63 4.76 -43.01
N GLU D 496 -32.69 5.40 -42.51
CA GLU D 496 -32.66 6.84 -42.31
C GLU D 496 -31.60 7.23 -41.30
N LEU D 497 -31.49 6.47 -40.20
CA LEU D 497 -30.52 6.79 -39.17
C LEU D 497 -29.10 6.74 -39.74
N PHE D 498 -28.76 5.65 -40.42
CA PHE D 498 -27.42 5.54 -40.99
C PHE D 498 -27.17 6.63 -42.03
N SER D 499 -28.17 6.93 -42.86
CA SER D 499 -27.96 7.87 -43.94
C SER D 499 -27.73 9.28 -43.41
N THR D 500 -28.55 9.73 -42.47
CA THR D 500 -28.56 11.14 -42.06
C THR D 500 -28.05 11.37 -40.65
N HIS D 501 -27.36 10.40 -40.05
CA HIS D 501 -26.73 10.63 -38.76
C HIS D 501 -25.35 10.00 -38.63
N PHE D 502 -24.79 9.42 -39.68
CA PHE D 502 -23.44 8.90 -39.64
C PHE D 502 -22.47 10.04 -39.91
N SER D 503 -21.54 10.27 -38.99
CA SER D 503 -20.59 11.37 -39.14
C SER D 503 -19.82 11.26 -40.44
N THR D 504 -19.75 12.36 -41.18
CA THR D 504 -19.03 12.34 -42.45
C THR D 504 -17.55 12.07 -42.23
N LEU D 505 -16.96 12.63 -41.19
CA LEU D 505 -15.57 12.34 -40.86
C LEU D 505 -15.38 10.86 -40.58
N VAL D 506 -16.27 10.28 -39.79
CA VAL D 506 -16.18 8.85 -39.47
C VAL D 506 -16.39 8.02 -40.73
N TYR D 507 -17.32 8.44 -41.58
CA TYR D 507 -17.55 7.71 -42.83
C TYR D 507 -16.31 7.71 -43.71
N ARG D 508 -15.65 8.87 -43.83
CA ARG D 508 -14.44 8.96 -44.63
C ARG D 508 -13.34 8.09 -44.03
N ASN D 509 -13.19 8.12 -42.71
CA ASN D 509 -12.16 7.30 -42.07
C ASN D 509 -12.42 5.82 -42.29
N LEU D 510 -13.69 5.40 -42.18
CA LEU D 510 -14.02 3.99 -42.41
C LEU D 510 -13.77 3.61 -43.86
N GLN D 511 -14.11 4.49 -44.80
CA GLN D 511 -13.85 4.20 -46.21
C GLN D 511 -12.35 4.03 -46.45
N ILE D 512 -11.55 4.93 -45.89
CA ILE D 512 -10.10 4.86 -46.07
C ILE D 512 -9.55 3.57 -45.49
N ALA D 513 -10.00 3.22 -44.27
CA ALA D 513 -9.50 2.00 -43.64
C ALA D 513 -9.89 0.77 -44.44
N LYS D 514 -11.13 0.72 -44.93
CA LYS D 514 -11.58 -0.43 -45.71
C LYS D 514 -10.81 -0.55 -47.00
N ASN D 515 -10.55 0.57 -47.67
CA ASN D 515 -9.87 0.53 -48.97
C ASN D 515 -8.39 0.24 -48.82
N SER D 516 -7.77 0.67 -47.71
CA SER D 516 -6.33 0.55 -47.56
C SER D 516 -5.93 -0.72 -46.83
N TYR D 517 -6.38 -0.88 -45.58
CA TYR D 517 -5.94 -2.02 -44.77
C TYR D 517 -6.79 -3.25 -45.05
N ASN D 518 -8.11 -3.14 -44.92
CA ASN D 518 -9.02 -4.25 -45.16
C ASN D 518 -8.83 -5.34 -44.11
N ASP D 519 -9.87 -6.15 -43.89
CA ASP D 519 -9.82 -7.23 -42.91
C ASP D 519 -11.06 -8.08 -43.09
N ALA D 520 -11.13 -9.19 -42.34
CA ALA D 520 -12.28 -10.08 -42.42
C ALA D 520 -13.54 -9.42 -41.90
N LEU D 521 -13.40 -8.52 -40.92
CA LEU D 521 -14.54 -7.84 -40.32
C LEU D 521 -14.82 -6.48 -40.94
N LEU D 522 -13.78 -5.79 -41.40
CA LEU D 522 -13.97 -4.49 -42.03
C LEU D 522 -14.82 -4.62 -43.28
N THR D 523 -14.60 -5.66 -44.08
CA THR D 523 -15.40 -5.84 -45.28
C THR D 523 -16.87 -6.03 -44.94
N PHE D 524 -17.16 -6.85 -43.93
CA PHE D 524 -18.54 -7.09 -43.53
C PHE D 524 -19.20 -5.81 -43.04
N VAL D 525 -18.52 -5.09 -42.15
CA VAL D 525 -19.10 -3.86 -41.59
C VAL D 525 -19.29 -2.83 -42.70
N TRP D 526 -18.32 -2.71 -43.60
CA TRP D 526 -18.44 -1.77 -44.71
C TRP D 526 -19.61 -2.11 -45.60
N LYS D 527 -19.79 -3.40 -45.91
CA LYS D 527 -20.92 -3.80 -46.74
C LYS D 527 -22.24 -3.46 -46.05
N LEU D 528 -22.35 -3.75 -44.75
CA LEU D 528 -23.60 -3.47 -44.05
C LEU D 528 -23.90 -1.99 -44.03
N VAL D 529 -22.89 -1.17 -43.70
CA VAL D 529 -23.12 0.28 -43.61
C VAL D 529 -23.46 0.84 -44.97
N ALA D 530 -22.77 0.39 -46.03
CA ALA D 530 -23.10 0.86 -47.37
C ALA D 530 -24.52 0.45 -47.78
N ASN D 531 -24.93 -0.78 -47.42
CA ASN D 531 -26.27 -1.21 -47.75
C ASN D 531 -27.31 -0.32 -47.07
N PHE D 532 -27.09 0.00 -45.78
CA PHE D 532 -28.06 0.84 -45.09
C PHE D 532 -27.99 2.29 -45.55
N ARG D 533 -26.83 2.73 -46.02
CA ARG D 533 -26.69 4.11 -46.49
C ARG D 533 -27.39 4.31 -47.82
N ARG D 534 -27.19 3.36 -48.75
CA ARG D 534 -27.84 3.46 -50.06
C ARG D 534 -29.34 3.21 -49.95
N SER D 535 -29.73 2.23 -49.13
CA SER D 535 -31.14 1.90 -48.97
C SER D 535 -31.33 0.88 -47.85
N THR D 558 -30.62 -14.41 -40.40
CA THR D 558 -31.41 -13.32 -39.82
C THR D 558 -30.81 -11.97 -40.19
N ARG D 559 -31.36 -10.91 -39.60
CA ARG D 559 -30.90 -9.55 -39.87
C ARG D 559 -29.99 -9.01 -38.77
N HIS D 560 -30.23 -9.38 -37.52
CA HIS D 560 -29.44 -8.88 -36.40
C HIS D 560 -29.45 -7.37 -36.37
N PRO D 561 -30.62 -6.73 -36.31
CA PRO D 561 -30.65 -5.27 -36.21
C PRO D 561 -29.97 -4.74 -34.96
N LEU D 562 -30.02 -5.50 -33.86
CA LEU D 562 -29.35 -5.08 -32.64
C LEU D 562 -27.86 -4.91 -32.85
N GLN D 563 -27.24 -5.84 -33.59
CA GLN D 563 -25.82 -5.72 -33.90
C GLN D 563 -25.55 -4.47 -34.73
N ALA D 564 -26.43 -4.15 -35.67
CA ALA D 564 -26.26 -2.95 -36.47
C ALA D 564 -26.32 -1.70 -35.60
N LEU D 565 -27.29 -1.65 -34.68
CA LEU D 565 -27.38 -0.49 -33.79
C LEU D 565 -26.15 -0.40 -32.89
N PHE D 566 -25.67 -1.54 -32.40
CA PHE D 566 -24.47 -1.54 -31.57
C PHE D 566 -23.27 -1.02 -32.35
N ILE D 567 -23.14 -1.44 -33.61
CA ILE D 567 -22.05 -0.97 -34.45
C ILE D 567 -22.16 0.53 -34.69
N TRP D 568 -23.37 1.01 -34.96
CA TRP D 568 -23.56 2.44 -35.16
C TRP D 568 -23.15 3.23 -33.93
N ALA D 569 -23.56 2.76 -32.75
CA ALA D 569 -23.17 3.43 -31.51
C ALA D 569 -21.66 3.39 -31.31
N ILE D 570 -21.03 2.26 -31.65
CA ILE D 570 -19.61 2.10 -31.43
C ILE D 570 -18.82 3.06 -32.31
N LEU D 571 -19.15 3.10 -33.61
CA LEU D 571 -18.35 3.87 -34.55
C LEU D 571 -18.40 5.37 -34.26
N GLN D 572 -19.43 5.84 -33.56
CA GLN D 572 -19.50 7.23 -33.15
C GLN D 572 -18.82 7.50 -31.81
N ASN D 573 -18.23 6.46 -31.20
CA ASN D 573 -17.54 6.61 -29.93
C ASN D 573 -18.49 7.09 -28.84
N LYS D 574 -19.58 6.35 -28.62
CA LYS D 574 -20.53 6.63 -27.55
C LYS D 574 -20.42 5.50 -26.54
N LYS D 575 -19.96 5.81 -25.33
CA LYS D 575 -19.65 4.78 -24.35
C LYS D 575 -20.91 4.26 -23.67
N GLU D 576 -21.63 5.15 -22.98
CA GLU D 576 -22.80 4.71 -22.22
C GLU D 576 -23.86 4.11 -23.14
N LEU D 577 -24.10 4.73 -24.29
CA LEU D 577 -25.08 4.19 -25.23
C LEU D 577 -24.63 2.84 -25.75
N SER D 578 -23.35 2.69 -26.06
CA SER D 578 -22.85 1.40 -26.54
C SER D 578 -23.04 0.32 -25.49
N LYS D 579 -22.76 0.63 -24.22
CA LYS D 579 -22.97 -0.35 -23.16
C LYS D 579 -24.44 -0.71 -23.03
N VAL D 580 -25.32 0.30 -23.11
CA VAL D 580 -26.75 0.04 -23.00
C VAL D 580 -27.21 -0.89 -24.10
N ILE D 581 -26.76 -0.64 -25.34
CA ILE D 581 -27.14 -1.51 -26.45
C ILE D 581 -26.55 -2.89 -26.28
N TRP D 582 -25.30 -2.97 -25.81
CA TRP D 582 -24.65 -4.26 -25.62
C TRP D 582 -25.41 -5.12 -24.61
N GLU D 583 -25.94 -4.49 -23.57
CA GLU D 583 -26.71 -5.23 -22.57
C GLU D 583 -27.95 -5.90 -23.15
N GLN D 584 -28.29 -5.65 -24.41
CA GLN D 584 -29.47 -6.22 -25.04
C GLN D 584 -29.15 -7.32 -26.03
N THR D 585 -27.93 -7.37 -26.56
CA THR D 585 -27.59 -8.31 -27.61
C THR D 585 -27.59 -9.75 -27.08
N LYS D 586 -27.67 -10.70 -28.02
CA LYS D 586 -27.62 -12.11 -27.67
C LYS D 586 -26.18 -12.58 -27.46
N GLY D 587 -25.34 -12.41 -28.48
CA GLY D 587 -23.94 -12.76 -28.37
C GLY D 587 -23.11 -11.67 -27.71
N CYS D 588 -23.22 -11.56 -26.38
CA CYS D 588 -22.57 -10.46 -25.67
C CYS D 588 -21.05 -10.56 -25.76
N THR D 589 -20.50 -11.73 -25.42
CA THR D 589 -19.04 -11.87 -25.42
C THR D 589 -18.47 -11.68 -26.82
N LEU D 590 -19.08 -12.32 -27.81
CA LEU D 590 -18.61 -12.17 -29.19
C LEU D 590 -18.75 -10.74 -29.66
N ALA D 591 -19.85 -10.08 -29.29
CA ALA D 591 -20.04 -8.68 -29.68
C ALA D 591 -18.97 -7.79 -29.06
N ALA D 592 -18.63 -8.04 -27.79
CA ALA D 592 -17.59 -7.25 -27.14
C ALA D 592 -16.25 -7.46 -27.81
N LEU D 593 -15.91 -8.71 -28.13
CA LEU D 593 -14.64 -8.97 -28.82
C LEU D 593 -14.61 -8.30 -30.18
N GLY D 594 -15.70 -8.37 -30.92
CA GLY D 594 -15.75 -7.71 -32.22
C GLY D 594 -15.64 -6.21 -32.10
N ALA D 595 -16.28 -5.61 -31.09
CA ALA D 595 -16.16 -4.18 -30.88
C ALA D 595 -14.72 -3.79 -30.56
N SER D 596 -14.05 -4.57 -29.72
CA SER D 596 -12.65 -4.28 -29.41
C SER D 596 -11.79 -4.34 -30.66
N LYS D 597 -11.98 -5.40 -31.47
CA LYS D 597 -11.20 -5.53 -32.69
C LYS D 597 -11.45 -4.37 -33.63
N LEU D 598 -12.72 -4.00 -33.81
CA LEU D 598 -13.07 -2.91 -34.72
C LEU D 598 -12.48 -1.59 -34.25
N LEU D 599 -12.56 -1.32 -32.95
CA LEU D 599 -11.99 -0.08 -32.44
C LEU D 599 -10.48 -0.05 -32.61
N LYS D 600 -9.82 -1.18 -32.36
CA LYS D 600 -8.37 -1.24 -32.57
C LYS D 600 -8.02 -0.95 -34.03
N THR D 601 -8.73 -1.60 -34.96
CA THR D 601 -8.44 -1.39 -36.37
C THR D 601 -8.68 0.06 -36.78
N LEU D 602 -9.79 0.65 -36.31
CA LEU D 602 -10.07 2.04 -36.66
C LEU D 602 -9.02 2.97 -36.10
N ALA D 603 -8.60 2.76 -34.85
CA ALA D 603 -7.54 3.59 -34.29
C ALA D 603 -6.23 3.42 -35.03
N LYS D 604 -6.00 2.23 -35.61
CA LYS D 604 -4.80 2.02 -36.40
C LYS D 604 -4.77 2.88 -37.66
N VAL D 605 -5.91 3.40 -38.08
CA VAL D 605 -6.01 4.22 -39.29
C VAL D 605 -6.71 5.54 -39.00
N LYS D 606 -6.58 6.05 -37.78
CA LYS D 606 -7.20 7.30 -37.36
C LYS D 606 -6.16 8.41 -37.30
N ASN D 607 -6.46 9.54 -37.94
CA ASN D 607 -5.53 10.67 -37.94
C ASN D 607 -5.54 11.41 -36.61
N ASP D 608 -6.70 11.48 -35.96
CA ASP D 608 -6.81 12.21 -34.69
C ASP D 608 -5.91 11.57 -33.63
N ILE D 609 -5.33 12.41 -32.78
CA ILE D 609 -4.40 11.92 -31.77
C ILE D 609 -5.15 11.50 -30.50
N ASN D 610 -5.96 12.40 -29.95
CA ASN D 610 -6.68 12.09 -28.72
C ASN D 610 -7.83 11.12 -28.97
N ALA D 611 -8.45 11.18 -30.14
CA ALA D 611 -9.49 10.21 -30.48
C ALA D 611 -8.94 8.79 -30.51
N ALA D 612 -7.68 8.63 -30.94
CA ALA D 612 -7.06 7.32 -30.92
C ALA D 612 -6.96 6.79 -29.49
N GLY D 613 -6.54 7.64 -28.56
CA GLY D 613 -6.47 7.22 -27.17
C GLY D 613 -7.84 6.88 -26.60
N GLU D 614 -8.85 7.68 -26.93
CA GLU D 614 -10.21 7.38 -26.47
C GLU D 614 -10.68 6.03 -27.00
N SER D 615 -10.44 5.77 -28.28
CA SER D 615 -10.86 4.50 -28.86
C SER D 615 -10.11 3.34 -28.24
N GLU D 616 -8.81 3.52 -27.99
CA GLU D 616 -8.03 2.46 -27.35
C GLU D 616 -8.56 2.16 -25.95
N GLU D 617 -8.89 3.20 -25.20
CA GLU D 617 -9.45 3.01 -23.87
C GLU D 617 -10.78 2.28 -23.93
N LEU D 618 -11.64 2.65 -24.88
CA LEU D 618 -12.93 1.98 -25.01
C LEU D 618 -12.74 0.51 -25.37
N ALA D 619 -11.81 0.22 -26.29
CA ALA D 619 -11.55 -1.16 -26.65
C ALA D 619 -11.03 -1.96 -25.47
N ASN D 620 -10.14 -1.37 -24.68
CA ASN D 620 -9.64 -2.04 -23.48
C ASN D 620 -10.78 -2.32 -22.52
N GLU D 621 -11.67 -1.36 -22.32
CA GLU D 621 -12.81 -1.57 -21.44
C GLU D 621 -13.66 -2.73 -21.93
N TYR D 622 -13.94 -2.77 -23.24
CA TYR D 622 -14.79 -3.84 -23.76
C TYR D 622 -14.11 -5.20 -23.66
N GLU D 623 -12.80 -5.26 -23.88
CA GLU D 623 -12.11 -6.55 -23.78
C GLU D 623 -12.09 -7.04 -22.33
N THR D 624 -11.88 -6.12 -21.37
CA THR D 624 -11.97 -6.52 -19.96
C THR D 624 -13.37 -7.00 -19.62
N ARG D 625 -14.39 -6.33 -20.16
CA ARG D 625 -15.76 -6.76 -19.94
C ARG D 625 -15.98 -8.18 -20.45
N ALA D 626 -15.49 -8.46 -21.67
CA ALA D 626 -15.63 -9.80 -22.23
C ALA D 626 -14.90 -10.83 -21.38
N VAL D 627 -13.70 -10.52 -20.93
CA VAL D 627 -12.93 -11.47 -20.14
C VAL D 627 -13.67 -11.79 -18.84
N GLU D 628 -14.17 -10.76 -18.17
CA GLU D 628 -14.90 -10.98 -16.91
C GLU D 628 -16.17 -11.80 -17.15
N LEU D 629 -16.91 -11.47 -18.21
CA LEU D 629 -18.12 -12.22 -18.51
C LEU D 629 -17.80 -13.68 -18.76
N PHE D 630 -16.75 -13.95 -19.52
CA PHE D 630 -16.42 -15.33 -19.82
C PHE D 630 -15.91 -16.07 -18.59
N THR D 631 -15.18 -15.38 -17.71
CA THR D 631 -14.75 -16.03 -16.48
C THR D 631 -15.95 -16.45 -15.64
N GLU D 632 -16.92 -15.56 -15.49
CA GLU D 632 -18.13 -15.92 -14.75
C GLU D 632 -18.86 -17.08 -15.43
N CYS D 633 -18.99 -16.99 -16.75
CA CYS D 633 -19.72 -18.01 -17.50
C CYS D 633 -19.06 -19.38 -17.36
N TYR D 634 -17.73 -19.42 -17.42
CA TYR D 634 -17.01 -20.68 -17.30
C TYR D 634 -17.06 -21.22 -15.88
N SER D 635 -16.97 -20.33 -14.88
CA SER D 635 -17.10 -20.78 -13.50
C SER D 635 -18.46 -21.41 -13.26
N ASN D 636 -19.51 -20.82 -13.83
CA ASN D 636 -20.84 -21.39 -13.67
C ASN D 636 -20.91 -22.80 -14.26
N ASP D 637 -20.36 -23.00 -15.45
CA ASP D 637 -20.37 -24.30 -16.10
C ASP D 637 -19.14 -24.42 -16.99
N GLU D 638 -18.60 -25.63 -17.10
CA GLU D 638 -17.37 -25.85 -17.86
C GLU D 638 -17.66 -26.22 -19.31
N ASP D 639 -18.70 -27.02 -19.55
CA ASP D 639 -18.94 -27.53 -20.90
C ASP D 639 -19.69 -26.53 -21.76
N LEU D 640 -20.73 -25.89 -21.22
CA LEU D 640 -21.48 -24.92 -21.99
C LEU D 640 -20.61 -23.73 -22.36
N ALA D 641 -19.66 -23.36 -21.49
CA ALA D 641 -18.76 -22.27 -21.82
C ALA D 641 -17.91 -22.59 -23.05
N GLU D 642 -17.40 -23.81 -23.13
CA GLU D 642 -16.62 -24.21 -24.30
C GLU D 642 -17.51 -24.30 -25.54
N GLN D 643 -18.74 -24.78 -25.37
CA GLN D 643 -19.67 -24.80 -26.50
C GLN D 643 -19.91 -23.39 -27.02
N LEU D 644 -20.05 -22.43 -26.11
CA LEU D 644 -20.16 -21.03 -26.51
C LEU D 644 -18.89 -20.57 -27.23
N LEU D 645 -17.73 -20.95 -26.72
CA LEU D 645 -16.48 -20.60 -27.36
C LEU D 645 -16.47 -21.04 -28.82
N VAL D 646 -16.81 -22.30 -29.07
CA VAL D 646 -16.75 -22.84 -30.43
C VAL D 646 -17.97 -22.45 -31.26
N TYR D 647 -19.00 -21.88 -30.65
CA TYR D 647 -20.18 -21.47 -31.40
C TYR D 647 -19.79 -20.57 -32.56
N SER D 648 -20.16 -20.97 -33.76
CA SER D 648 -19.83 -20.22 -34.96
C SER D 648 -20.80 -19.06 -35.14
N CYS D 649 -20.26 -17.88 -35.43
CA CYS D 649 -21.09 -16.69 -35.60
C CYS D 649 -22.12 -16.90 -36.70
N GLU D 650 -23.35 -16.48 -36.41
CA GLU D 650 -24.41 -16.48 -37.42
C GLU D 650 -24.42 -15.12 -38.14
N ALA D 651 -23.32 -14.87 -38.85
CA ALA D 651 -23.15 -13.69 -39.68
C ALA D 651 -22.89 -12.43 -38.85
N TRP D 652 -22.35 -12.57 -37.64
CA TRP D 652 -21.79 -11.42 -36.96
C TRP D 652 -20.56 -10.93 -37.69
N GLY D 653 -19.55 -11.79 -37.80
CA GLY D 653 -18.40 -11.55 -38.64
C GLY D 653 -17.95 -12.82 -39.32
N GLY D 654 -18.73 -13.89 -39.17
CA GLY D 654 -18.35 -15.19 -39.69
C GLY D 654 -17.36 -15.96 -38.84
N SER D 655 -17.03 -15.46 -37.65
CA SER D 655 -15.99 -16.05 -36.82
C SER D 655 -16.45 -16.06 -35.36
N ASN D 656 -15.86 -16.95 -34.58
CA ASN D 656 -16.20 -17.14 -33.19
C ASN D 656 -15.24 -16.35 -32.29
N CYS D 657 -15.38 -16.54 -30.98
CA CYS D 657 -14.63 -15.74 -30.03
C CYS D 657 -13.12 -15.95 -30.16
N LEU D 658 -12.69 -17.19 -30.34
CA LEU D 658 -11.26 -17.48 -30.40
C LEU D 658 -10.61 -16.76 -31.57
N GLU D 659 -11.22 -16.83 -32.74
CA GLU D 659 -10.65 -16.19 -33.92
C GLU D 659 -10.57 -14.68 -33.75
N LEU D 660 -11.63 -14.06 -33.22
CA LEU D 660 -11.60 -12.62 -33.01
C LEU D 660 -10.52 -12.24 -32.01
N ALA D 661 -10.40 -13.00 -30.92
CA ALA D 661 -9.41 -12.67 -29.91
C ALA D 661 -8.00 -12.80 -30.47
N VAL D 662 -7.73 -13.86 -31.24
CA VAL D 662 -6.38 -14.05 -31.76
C VAL D 662 -6.07 -13.00 -32.82
N GLU D 663 -7.06 -12.65 -33.65
CA GLU D 663 -6.83 -11.63 -34.67
C GLU D 663 -6.70 -10.24 -34.07
N ALA D 664 -7.28 -10.00 -32.90
CA ALA D 664 -7.14 -8.73 -32.21
C ALA D 664 -5.95 -8.71 -31.25
N THR D 665 -5.18 -9.79 -31.19
CA THR D 665 -4.04 -9.88 -30.30
C THR D 665 -4.44 -9.64 -28.85
N ASP D 666 -5.57 -10.25 -28.46
CA ASP D 666 -6.07 -10.13 -27.08
C ASP D 666 -5.45 -11.25 -26.25
N GLN D 667 -4.22 -11.00 -25.79
CA GLN D 667 -3.50 -12.00 -25.03
C GLN D 667 -4.20 -12.29 -23.70
N HIS D 668 -4.81 -11.27 -23.09
CA HIS D 668 -5.40 -11.45 -21.78
C HIS D 668 -6.54 -12.46 -21.82
N PHE D 669 -7.37 -12.39 -22.86
CA PHE D 669 -8.50 -13.30 -22.96
C PHE D 669 -8.03 -14.74 -23.18
N ILE D 670 -7.06 -14.94 -24.06
CA ILE D 670 -6.60 -16.30 -24.37
C ILE D 670 -5.94 -16.93 -23.17
N ALA D 671 -5.23 -16.14 -22.38
CA ALA D 671 -4.45 -16.67 -21.26
C ALA D 671 -5.30 -17.14 -20.10
N GLN D 672 -6.61 -16.88 -20.13
CA GLN D 672 -7.45 -17.24 -18.99
C GLN D 672 -7.51 -18.75 -18.83
N PRO D 673 -7.71 -19.23 -17.59
CA PRO D 673 -7.64 -20.68 -17.35
C PRO D 673 -8.61 -21.50 -18.19
N GLY D 674 -9.81 -20.97 -18.47
CA GLY D 674 -10.77 -21.76 -19.22
C GLY D 674 -10.30 -22.05 -20.63
N VAL D 675 -9.78 -21.04 -21.32
CA VAL D 675 -9.30 -21.24 -22.68
C VAL D 675 -8.11 -22.16 -22.69
N GLN D 676 -7.23 -22.04 -21.67
CA GLN D 676 -6.08 -22.92 -21.59
C GLN D 676 -6.51 -24.36 -21.38
N ASN D 677 -7.51 -24.59 -20.54
CA ASN D 677 -8.02 -25.95 -20.34
C ASN D 677 -8.63 -26.50 -21.61
N PHE D 678 -9.37 -25.66 -22.35
CA PHE D 678 -9.93 -26.11 -23.62
C PHE D 678 -8.83 -26.49 -24.60
N LEU D 679 -7.78 -25.67 -24.67
CA LEU D 679 -6.68 -25.97 -25.58
C LEU D 679 -5.94 -27.24 -25.15
N SER D 680 -5.77 -27.43 -23.84
CA SER D 680 -5.14 -28.66 -23.36
C SER D 680 -5.96 -29.88 -23.72
N LYS D 681 -7.29 -29.79 -23.55
CA LYS D 681 -8.15 -30.92 -23.91
C LYS D 681 -8.05 -31.23 -25.39
N GLN D 682 -8.02 -30.20 -26.24
CA GLN D 682 -7.82 -30.44 -27.67
C GLN D 682 -6.45 -31.04 -27.94
N TRP D 683 -5.42 -30.59 -27.23
CA TRP D 683 -4.06 -31.05 -27.45
C TRP D 683 -3.91 -32.52 -27.12
N TYR D 684 -4.48 -32.95 -25.99
CA TYR D 684 -4.43 -34.35 -25.62
C TYR D 684 -5.46 -35.20 -26.36
N GLY D 685 -6.42 -34.58 -27.03
CA GLY D 685 -7.41 -35.34 -27.78
C GLY D 685 -8.17 -36.30 -26.89
N GLU D 686 -8.32 -37.53 -27.37
CA GLU D 686 -9.07 -38.54 -26.64
C GLU D 686 -8.43 -38.86 -25.30
N ILE D 687 -7.09 -38.91 -25.27
CA ILE D 687 -6.40 -39.26 -24.03
C ILE D 687 -6.79 -38.29 -22.93
N SER D 688 -6.90 -38.81 -21.71
CA SER D 688 -7.24 -37.96 -20.57
C SER D 688 -6.07 -37.07 -20.21
N ARG D 689 -6.35 -35.80 -19.95
CA ARG D 689 -5.31 -34.86 -19.56
C ARG D 689 -4.68 -35.23 -18.23
N ASP D 690 -5.38 -36.01 -17.40
CA ASP D 690 -4.81 -36.43 -16.13
C ASP D 690 -3.67 -37.42 -16.31
N THR D 691 -3.57 -38.06 -17.47
CA THR D 691 -2.50 -39.03 -17.70
C THR D 691 -1.15 -38.33 -17.72
N LYS D 692 -0.15 -39.00 -17.15
CA LYS D 692 1.19 -38.44 -17.11
C LYS D 692 1.89 -38.64 -18.44
N ASN D 693 2.76 -37.68 -18.78
CA ASN D 693 3.38 -37.67 -20.10
C ASN D 693 4.29 -38.88 -20.30
N TRP D 694 5.02 -39.28 -19.26
CA TRP D 694 5.97 -40.38 -19.44
C TRP D 694 5.25 -41.69 -19.77
N LYS D 695 4.07 -41.91 -19.18
CA LYS D 695 3.30 -43.10 -19.52
C LYS D 695 2.98 -43.14 -21.01
N ILE D 696 2.48 -42.02 -21.54
CA ILE D 696 2.06 -42.00 -22.95
C ILE D 696 3.27 -42.11 -23.86
N ILE D 697 4.39 -41.49 -23.49
CA ILE D 697 5.60 -41.62 -24.30
C ILE D 697 6.05 -43.08 -24.34
N LEU D 698 6.06 -43.72 -23.17
CA LEU D 698 6.47 -45.12 -23.10
C LEU D 698 5.55 -46.00 -23.96
N CYS D 699 4.24 -45.77 -23.85
CA CYS D 699 3.31 -46.54 -24.69
C CYS D 699 3.52 -46.25 -26.17
N LEU D 700 3.94 -45.03 -26.50
CA LEU D 700 4.27 -44.73 -27.89
C LEU D 700 5.45 -45.56 -28.37
N PHE D 701 6.48 -45.66 -27.54
CA PHE D 701 7.69 -46.37 -27.98
C PHE D 701 7.43 -47.87 -28.11
N ILE D 702 6.61 -48.44 -27.23
CA ILE D 702 6.22 -49.85 -27.32
C ILE D 702 4.71 -49.89 -27.51
N ILE D 703 4.29 -50.37 -28.68
CA ILE D 703 2.86 -50.33 -29.04
C ILE D 703 2.00 -51.14 -28.08
N PRO D 704 2.34 -52.38 -27.73
CA PRO D 704 1.38 -53.24 -27.03
C PRO D 704 0.72 -52.61 -25.81
N LEU D 705 1.46 -51.80 -25.06
CA LEU D 705 0.94 -51.28 -23.80
C LEU D 705 -0.26 -50.36 -24.01
N VAL D 706 -0.49 -49.87 -25.23
CA VAL D 706 -1.70 -49.08 -25.47
C VAL D 706 -2.93 -49.97 -25.33
N GLY D 707 -2.85 -51.23 -25.77
CA GLY D 707 -3.94 -52.15 -25.53
C GLY D 707 -4.17 -52.41 -24.06
N CYS D 708 -3.14 -52.25 -23.25
CA CYS D 708 -3.26 -52.40 -21.80
C CYS D 708 -3.93 -51.15 -21.22
N GLY D 709 -4.03 -51.10 -19.90
CA GLY D 709 -4.71 -50.00 -19.24
C GLY D 709 -3.78 -48.93 -18.69
N LEU D 710 -2.55 -48.89 -19.16
CA LEU D 710 -1.58 -47.93 -18.64
C LEU D 710 -2.03 -46.50 -18.94
N VAL D 711 -2.56 -46.26 -20.12
CA VAL D 711 -3.03 -44.94 -20.51
C VAL D 711 -4.53 -44.86 -20.28
N SER D 712 -4.98 -43.83 -19.57
CA SER D 712 -6.39 -43.65 -19.25
C SER D 712 -7.05 -42.77 -20.29
N PHE D 713 -8.13 -43.26 -20.89
CA PHE D 713 -8.90 -42.53 -21.89
C PHE D 713 -10.17 -42.00 -21.23
N ARG D 714 -10.29 -40.68 -21.13
CA ARG D 714 -11.42 -40.08 -20.44
C ARG D 714 -12.68 -40.13 -21.27
N LYS D 715 -12.57 -39.94 -22.59
CA LYS D 715 -13.76 -39.82 -23.42
C LYS D 715 -14.54 -41.12 -23.48
N LYS D 716 -13.84 -42.25 -23.54
CA LYS D 716 -14.50 -43.55 -23.61
C LYS D 716 -13.50 -44.68 -23.39
N LYS D 723 -12.93 -52.41 -26.50
CA LYS D 723 -12.54 -52.69 -27.87
C LYS D 723 -11.20 -52.03 -28.19
N LEU D 724 -10.18 -52.86 -28.45
CA LEU D 724 -8.83 -52.34 -28.59
C LEU D 724 -8.68 -51.51 -29.86
N LEU D 725 -9.41 -51.85 -30.91
CA LEU D 725 -9.29 -51.11 -32.17
C LEU D 725 -9.53 -49.61 -31.95
N TRP D 726 -10.62 -49.28 -31.26
CA TRP D 726 -10.92 -47.88 -30.99
C TRP D 726 -9.85 -47.26 -30.08
N TYR D 727 -9.33 -48.04 -29.14
CA TYR D 727 -8.25 -47.56 -28.29
C TYR D 727 -7.07 -47.09 -29.14
N TYR D 728 -6.62 -47.94 -30.07
CA TYR D 728 -5.47 -47.60 -30.90
C TYR D 728 -5.78 -46.42 -31.81
N VAL D 729 -6.98 -46.39 -32.39
CA VAL D 729 -7.34 -45.28 -33.26
C VAL D 729 -7.30 -43.96 -32.50
N ALA D 730 -7.87 -43.95 -31.29
CA ALA D 730 -7.84 -42.75 -30.47
C ALA D 730 -6.40 -42.37 -30.12
N PHE D 731 -5.58 -43.35 -29.76
CA PHE D 731 -4.20 -43.06 -29.38
C PHE D 731 -3.44 -42.42 -30.54
N PHE D 732 -3.62 -42.93 -31.74
CA PHE D 732 -2.86 -42.47 -32.90
C PHE D 732 -3.54 -41.36 -33.68
N THR D 733 -4.71 -40.89 -33.23
CA THR D 733 -5.34 -39.71 -33.80
C THR D 733 -5.11 -38.47 -32.95
N SER D 734 -4.43 -38.58 -31.83
CA SER D 734 -4.22 -37.45 -30.95
C SER D 734 -3.09 -36.58 -31.48
N PRO D 735 -3.28 -35.26 -31.57
CA PRO D 735 -2.19 -34.40 -32.08
C PRO D 735 -0.94 -34.46 -31.22
N PHE D 736 -1.08 -34.73 -29.93
CA PHE D 736 0.08 -34.88 -29.06
C PHE D 736 1.00 -35.99 -29.55
N VAL D 737 0.42 -37.17 -29.81
CA VAL D 737 1.21 -38.31 -30.26
C VAL D 737 1.78 -38.05 -31.65
N VAL D 738 1.00 -37.37 -32.51
CA VAL D 738 1.50 -37.03 -33.84
C VAL D 738 2.71 -36.13 -33.73
N PHE D 739 2.66 -35.14 -32.83
CA PHE D 739 3.78 -34.24 -32.63
C PHE D 739 5.01 -34.98 -32.13
N SER D 740 4.81 -35.89 -31.16
CA SER D 740 5.94 -36.66 -30.65
C SER D 740 6.55 -37.54 -31.74
N TRP D 741 5.71 -38.19 -32.53
CA TRP D 741 6.20 -39.03 -33.62
C TRP D 741 6.98 -38.20 -34.63
N ASN D 742 6.46 -37.01 -34.97
CA ASN D 742 7.15 -36.14 -35.90
C ASN D 742 8.49 -35.68 -35.36
N VAL D 743 8.56 -35.42 -34.04
CA VAL D 743 9.83 -35.04 -33.43
C VAL D 743 10.84 -36.19 -33.55
N VAL D 744 10.39 -37.42 -33.28
CA VAL D 744 11.27 -38.57 -33.42
C VAL D 744 11.77 -38.68 -34.85
N PHE D 745 10.85 -38.52 -35.81
CA PHE D 745 11.22 -38.62 -37.21
C PHE D 745 12.23 -37.54 -37.60
N TYR D 746 12.04 -36.32 -37.09
CA TYR D 746 12.97 -35.24 -37.40
C TYR D 746 14.35 -35.51 -36.82
N ILE D 747 14.40 -36.03 -35.60
CA ILE D 747 15.70 -36.36 -35.00
C ILE D 747 16.39 -37.45 -35.80
N ALA D 748 15.65 -38.47 -36.22
CA ALA D 748 16.25 -39.51 -37.05
C ALA D 748 16.73 -38.95 -38.38
N PHE D 749 15.97 -38.01 -38.95
CA PHE D 749 16.39 -37.36 -40.18
C PHE D 749 17.70 -36.60 -39.99
N LEU D 750 17.83 -35.90 -38.87
CA LEU D 750 19.07 -35.20 -38.58
C LEU D 750 20.23 -36.18 -38.43
N LEU D 751 20.00 -37.30 -37.76
CA LEU D 751 21.06 -38.31 -37.61
C LEU D 751 21.50 -38.84 -38.97
N LEU D 752 20.54 -39.16 -39.83
CA LEU D 752 20.88 -39.66 -41.16
C LEU D 752 21.64 -38.60 -41.96
N PHE D 753 21.20 -37.34 -41.86
CA PHE D 753 21.87 -36.26 -42.55
C PHE D 753 23.33 -36.17 -42.11
N ALA D 754 23.57 -36.22 -40.81
CA ALA D 754 24.93 -36.14 -40.30
C ALA D 754 25.76 -37.32 -40.77
N TYR D 755 25.20 -38.53 -40.71
CA TYR D 755 25.95 -39.71 -41.12
C TYR D 755 26.34 -39.61 -42.59
N VAL D 756 25.40 -39.19 -43.44
CA VAL D 756 25.71 -39.04 -44.86
C VAL D 756 26.79 -37.98 -45.06
N LEU D 757 26.67 -36.85 -44.35
CA LEU D 757 27.59 -35.75 -44.57
C LEU D 757 29.01 -36.11 -44.15
N LEU D 758 29.15 -36.81 -43.03
CA LEU D 758 30.46 -37.03 -42.43
C LEU D 758 31.10 -38.35 -42.82
N MET D 759 30.32 -39.39 -43.11
CA MET D 759 30.88 -40.73 -43.24
C MET D 759 30.63 -41.38 -44.59
N ASP D 760 29.55 -41.04 -45.30
CA ASP D 760 29.17 -41.74 -46.52
C ASP D 760 28.83 -40.75 -47.63
N PHE D 761 29.71 -39.77 -47.83
CA PHE D 761 29.59 -38.83 -48.93
C PHE D 761 30.59 -39.20 -50.01
N HIS D 762 30.09 -39.52 -51.20
CA HIS D 762 30.92 -39.98 -52.30
C HIS D 762 30.49 -39.27 -53.58
N SER D 763 31.22 -39.56 -54.66
CA SER D 763 30.93 -38.92 -55.94
C SER D 763 29.53 -39.27 -56.43
N VAL D 764 29.15 -40.53 -56.31
CA VAL D 764 27.83 -41.02 -56.73
C VAL D 764 27.03 -41.32 -55.48
N PRO D 765 25.85 -40.72 -55.30
CA PRO D 765 25.10 -40.92 -54.06
C PRO D 765 24.75 -42.39 -53.86
N HIS D 766 24.78 -42.82 -52.60
CA HIS D 766 24.42 -44.17 -52.21
C HIS D 766 22.98 -44.19 -51.71
N THR D 767 22.53 -45.36 -51.26
CA THR D 767 21.14 -45.51 -50.84
C THR D 767 20.75 -44.56 -49.71
N PRO D 768 21.55 -44.39 -48.65
CA PRO D 768 21.13 -43.47 -47.58
C PRO D 768 20.87 -42.06 -48.06
N GLU D 769 21.68 -41.57 -48.99
CA GLU D 769 21.48 -40.23 -49.51
C GLU D 769 20.19 -40.13 -50.31
N LEU D 770 19.83 -41.19 -51.03
CA LEU D 770 18.56 -41.20 -51.75
C LEU D 770 17.39 -41.21 -50.78
N ILE D 771 17.51 -41.95 -49.68
CA ILE D 771 16.47 -41.92 -48.65
C ILE D 771 16.35 -40.52 -48.08
N LEU D 772 17.48 -39.86 -47.85
CA LEU D 772 17.47 -38.49 -47.36
C LEU D 772 16.77 -37.56 -48.35
N TYR D 773 17.04 -37.75 -49.63
CA TYR D 773 16.36 -36.94 -50.65
C TYR D 773 14.86 -37.17 -50.61
N ALA D 774 14.42 -38.42 -50.43
CA ALA D 774 13.00 -38.70 -50.34
C ALA D 774 12.37 -38.00 -49.14
N LEU D 775 13.05 -38.05 -47.98
CA LEU D 775 12.51 -37.38 -46.80
C LEU D 775 12.42 -35.88 -47.02
N VAL D 776 13.45 -35.30 -47.64
CA VAL D 776 13.41 -33.87 -47.93
C VAL D 776 12.30 -33.55 -48.92
N PHE D 777 12.02 -34.44 -49.87
CA PHE D 777 10.91 -34.23 -50.78
C PHE D 777 9.59 -34.22 -50.03
N VAL D 778 9.44 -35.11 -49.06
CA VAL D 778 8.22 -35.12 -48.24
C VAL D 778 8.09 -33.79 -47.49
N LEU D 779 9.18 -33.34 -46.89
CA LEU D 779 9.15 -32.05 -46.20
C LEU D 779 8.78 -30.93 -47.16
N PHE D 780 9.32 -30.97 -48.38
CA PHE D 780 9.03 -29.93 -49.37
C PHE D 780 7.56 -29.95 -49.78
N CYS D 781 6.98 -31.14 -49.95
CA CYS D 781 5.57 -31.20 -50.31
C CYS D 781 4.70 -30.64 -49.19
N ASP D 782 5.03 -30.97 -47.94
CA ASP D 782 4.29 -30.37 -46.82
C ASP D 782 4.45 -28.86 -46.81
N GLU D 783 5.67 -28.38 -47.10
CA GLU D 783 5.91 -26.94 -47.15
C GLU D 783 5.07 -26.28 -48.24
N VAL D 784 4.93 -26.95 -49.38
CA VAL D 784 4.12 -26.39 -50.47
C VAL D 784 2.65 -26.36 -50.07
N ARG D 785 2.19 -27.39 -49.36
CA ARG D 785 0.82 -27.35 -48.86
C ARG D 785 0.62 -26.16 -47.94
N GLN D 786 1.57 -25.92 -47.03
CA GLN D 786 1.46 -24.79 -46.12
C GLN D 786 1.52 -23.47 -46.89
N TRP D 787 2.33 -23.43 -47.96
CA TRP D 787 2.35 -22.26 -48.84
C TRP D 787 0.94 -21.98 -49.37
N TYR D 788 0.30 -23.00 -49.93
CA TYR D 788 -0.97 -22.78 -50.62
C TYR D 788 -2.07 -22.39 -49.64
N MET D 789 -2.07 -22.98 -48.44
CA MET D 789 -3.09 -22.61 -47.46
C MET D 789 -3.05 -21.12 -47.16
N ASN D 790 -1.85 -20.57 -46.97
CA ASN D 790 -1.68 -19.15 -46.71
C ASN D 790 -1.35 -18.40 -48.00
N GLY D 791 -1.25 -17.08 -47.89
CA GLY D 791 -0.86 -16.24 -49.01
C GLY D 791 0.58 -15.75 -48.90
N VAL D 792 0.79 -14.47 -49.20
CA VAL D 792 2.11 -13.87 -49.03
C VAL D 792 2.38 -13.49 -47.58
N ASN D 793 1.36 -13.49 -46.73
CA ASN D 793 1.59 -13.35 -45.30
C ASN D 793 2.39 -14.52 -44.72
N TYR D 794 2.49 -15.62 -45.48
CA TYR D 794 3.26 -16.77 -45.03
C TYR D 794 4.71 -16.37 -44.74
N PHE D 795 5.30 -15.54 -45.60
CA PHE D 795 6.70 -15.16 -45.49
C PHE D 795 6.92 -13.99 -44.54
N THR D 796 5.92 -13.62 -43.74
CA THR D 796 6.10 -12.59 -42.74
C THR D 796 6.68 -13.11 -41.44
N ASP D 797 6.87 -14.43 -41.32
CA ASP D 797 7.43 -15.04 -40.13
C ASP D 797 8.85 -15.51 -40.40
N LEU D 798 9.72 -15.33 -39.40
CA LEU D 798 11.13 -15.64 -39.56
C LEU D 798 11.34 -17.13 -39.85
N TRP D 799 10.65 -17.99 -39.10
CA TRP D 799 10.91 -19.42 -39.20
C TRP D 799 10.48 -19.98 -40.56
N ASN D 800 9.37 -19.47 -41.11
CA ASN D 800 8.96 -19.91 -42.44
C ASN D 800 9.99 -19.53 -43.49
N VAL D 801 10.55 -18.31 -43.38
CA VAL D 801 11.59 -17.89 -44.29
C VAL D 801 12.81 -18.81 -44.16
N MET D 802 13.16 -19.17 -42.93
CA MET D 802 14.30 -20.05 -42.73
C MET D 802 14.04 -21.44 -43.32
N ASP D 803 12.81 -21.94 -43.19
CA ASP D 803 12.46 -23.22 -43.80
C ASP D 803 12.62 -23.16 -45.31
N THR D 804 12.11 -22.09 -45.93
CA THR D 804 12.24 -21.96 -47.38
C THR D 804 13.70 -21.88 -47.78
N LEU D 805 14.50 -21.12 -47.03
CA LEU D 805 15.93 -21.03 -47.34
C LEU D 805 16.61 -22.38 -47.23
N GLY D 806 16.26 -23.16 -46.21
CA GLY D 806 16.85 -24.48 -46.07
C GLY D 806 16.52 -25.39 -47.23
N LEU D 807 15.26 -25.40 -47.64
CA LEU D 807 14.88 -26.23 -48.79
C LEU D 807 15.59 -25.78 -50.06
N PHE D 808 15.67 -24.47 -50.28
CA PHE D 808 16.35 -23.96 -51.47
C PHE D 808 17.83 -24.33 -51.46
N TYR D 809 18.48 -24.22 -50.31
CA TYR D 809 19.89 -24.57 -50.23
C TYR D 809 20.10 -26.06 -50.41
N PHE D 810 19.17 -26.89 -49.92
CA PHE D 810 19.27 -28.32 -50.19
C PHE D 810 19.18 -28.61 -51.68
N ILE D 811 18.26 -27.94 -52.37
CA ILE D 811 18.14 -28.14 -53.81
C ILE D 811 19.43 -27.70 -54.51
N ALA D 812 19.99 -26.56 -54.09
CA ALA D 812 21.22 -26.08 -54.69
C ALA D 812 22.36 -27.06 -54.46
N GLY D 813 22.44 -27.64 -53.26
CA GLY D 813 23.45 -28.65 -52.99
C GLY D 813 23.29 -29.87 -53.86
N ILE D 814 22.04 -30.31 -54.06
CA ILE D 814 21.80 -31.43 -54.96
C ILE D 814 22.30 -31.09 -56.36
N VAL D 815 21.99 -29.89 -56.83
CA VAL D 815 22.41 -29.48 -58.18
C VAL D 815 23.92 -29.51 -58.29
N PHE D 816 24.62 -28.95 -57.29
CA PHE D 816 26.07 -28.92 -57.33
C PHE D 816 26.66 -30.32 -57.28
N ARG D 817 26.07 -31.20 -56.48
CA ARG D 817 26.68 -32.49 -56.17
C ARG D 817 26.56 -33.51 -57.30
N LEU D 818 25.72 -33.27 -58.29
CA LEU D 818 25.53 -34.26 -59.35
C LEU D 818 26.57 -34.16 -60.45
N HIS D 819 27.49 -33.20 -60.37
CA HIS D 819 28.59 -33.11 -61.33
C HIS D 819 29.75 -33.97 -60.83
N SER D 820 29.52 -35.26 -60.75
CA SER D 820 30.53 -36.15 -60.19
C SER D 820 31.88 -36.12 -60.83
N SER D 821 32.00 -35.78 -62.09
CA SER D 821 33.31 -35.78 -62.67
C SER D 821 34.22 -34.77 -62.01
N ASN D 822 33.70 -33.56 -61.83
CA ASN D 822 34.47 -32.47 -61.27
C ASN D 822 34.72 -32.66 -59.82
N LYS D 823 35.88 -32.29 -59.30
CA LYS D 823 36.10 -32.48 -57.89
C LYS D 823 35.86 -31.26 -57.05
N SER D 824 35.39 -30.19 -57.64
CA SER D 824 35.09 -29.03 -56.86
C SER D 824 33.60 -28.78 -56.67
N SER D 825 32.76 -29.15 -57.61
CA SER D 825 31.32 -29.02 -57.46
C SER D 825 30.81 -29.91 -56.35
N LEU D 826 31.38 -31.10 -56.20
CA LEU D 826 31.00 -32.01 -55.12
C LEU D 826 31.23 -31.37 -53.76
N TYR D 827 32.41 -30.75 -53.59
CA TYR D 827 32.73 -30.15 -52.29
C TYR D 827 31.90 -28.90 -52.07
N SER D 828 31.63 -28.13 -53.12
CA SER D 828 30.71 -27.00 -52.98
C SER D 828 29.34 -27.47 -52.51
N GLY D 829 28.82 -28.54 -53.11
CA GLY D 829 27.55 -29.07 -52.65
C GLY D 829 27.61 -29.56 -51.22
N ARG D 830 28.74 -30.15 -50.83
CA ARG D 830 28.88 -30.61 -49.45
C ARG D 830 28.85 -29.45 -48.47
N VAL D 831 29.52 -28.35 -48.81
CA VAL D 831 29.49 -27.16 -47.95
C VAL D 831 28.07 -26.60 -47.87
N ILE D 832 27.39 -26.54 -49.01
CA ILE D 832 26.00 -26.09 -49.01
C ILE D 832 25.17 -26.95 -48.07
N PHE D 833 25.38 -28.28 -48.14
CA PHE D 833 24.64 -29.19 -47.28
C PHE D 833 24.98 -28.97 -45.81
N CYS D 834 26.24 -28.65 -45.50
CA CYS D 834 26.61 -28.41 -44.10
C CYS D 834 25.92 -27.17 -43.55
N LEU D 835 25.93 -26.08 -44.32
CA LEU D 835 25.22 -24.88 -43.88
C LEU D 835 23.73 -25.16 -43.74
N ASP D 836 23.15 -25.89 -44.70
CA ASP D 836 21.75 -26.26 -44.60
C ASP D 836 21.49 -27.11 -43.36
N TYR D 837 22.46 -27.95 -42.99
CA TYR D 837 22.32 -28.75 -41.78
C TYR D 837 22.28 -27.87 -40.54
N ILE D 838 23.13 -26.84 -40.51
CA ILE D 838 23.05 -25.87 -39.42
C ILE D 838 21.64 -25.30 -39.34
N ILE D 839 21.11 -24.87 -40.49
CA ILE D 839 19.80 -24.23 -40.50
C ILE D 839 18.72 -25.22 -40.05
N PHE D 840 18.79 -26.46 -40.52
CA PHE D 840 17.83 -27.48 -40.12
C PHE D 840 17.89 -27.72 -38.62
N THR D 841 19.10 -27.83 -38.07
CA THR D 841 19.25 -28.13 -36.66
C THR D 841 18.69 -27.01 -35.80
N LEU D 842 18.87 -25.76 -36.24
CA LEU D 842 18.40 -24.65 -35.42
C LEU D 842 16.87 -24.60 -35.29
N ARG D 843 16.14 -25.38 -36.09
CA ARG D 843 14.68 -25.38 -35.99
C ARG D 843 14.18 -26.10 -34.76
N LEU D 844 15.02 -26.94 -34.15
CA LEU D 844 14.62 -27.66 -32.94
C LEU D 844 14.22 -26.69 -31.84
N ILE D 845 14.92 -25.56 -31.75
CA ILE D 845 14.59 -24.55 -30.74
C ILE D 845 13.17 -24.05 -30.95
N HIS D 846 12.81 -23.78 -32.21
CA HIS D 846 11.45 -23.32 -32.50
C HIS D 846 10.43 -24.40 -32.16
N ILE D 847 10.70 -25.65 -32.54
CA ILE D 847 9.69 -26.68 -32.34
C ILE D 847 9.53 -27.04 -30.87
N PHE D 848 10.54 -26.80 -30.05
CA PHE D 848 10.48 -27.10 -28.62
C PHE D 848 10.04 -25.91 -27.79
N THR D 849 9.27 -24.99 -28.38
CA THR D 849 8.75 -23.86 -27.66
C THR D 849 7.39 -24.14 -27.01
N VAL D 850 6.91 -25.38 -27.12
CA VAL D 850 5.64 -25.78 -26.53
C VAL D 850 5.84 -26.71 -25.33
N SER D 851 7.05 -26.72 -24.75
CA SER D 851 7.36 -27.70 -23.71
C SER D 851 6.73 -27.33 -22.37
N ARG D 852 6.45 -26.06 -22.14
CA ARG D 852 5.95 -25.48 -20.90
C ARG D 852 7.06 -25.31 -19.87
N ASN D 853 8.27 -25.79 -20.13
CA ASN D 853 9.43 -25.53 -19.28
C ASN D 853 10.49 -24.73 -20.02
N LEU D 854 10.74 -25.04 -21.28
CA LEU D 854 11.69 -24.30 -22.09
C LEU D 854 11.04 -23.19 -22.90
N GLY D 855 9.74 -23.28 -23.14
CA GLY D 855 9.06 -22.36 -24.03
C GLY D 855 9.14 -20.92 -23.58
N PRO D 856 8.74 -20.64 -22.33
CA PRO D 856 8.79 -19.25 -21.86
C PRO D 856 10.18 -18.65 -21.94
N LYS D 857 11.21 -19.42 -21.59
CA LYS D 857 12.56 -18.92 -21.64
C LYS D 857 13.01 -18.66 -23.07
N ILE D 858 12.61 -19.53 -24.00
CA ILE D 858 12.93 -19.31 -25.41
C ILE D 858 12.25 -18.03 -25.91
N ILE D 859 10.99 -17.83 -25.51
CA ILE D 859 10.28 -16.62 -25.90
C ILE D 859 10.98 -15.38 -25.35
N MET D 860 11.47 -15.47 -24.11
CA MET D 860 12.06 -14.31 -23.46
C MET D 860 13.32 -13.82 -24.14
N LEU D 861 13.95 -14.63 -24.99
CA LEU D 861 15.20 -14.21 -25.62
C LEU D 861 15.00 -13.03 -26.57
N GLN D 862 13.80 -12.85 -27.11
CA GLN D 862 13.57 -11.75 -28.04
C GLN D 862 13.70 -10.40 -27.34
N ARG D 863 13.42 -10.34 -26.03
CA ARG D 863 13.42 -9.08 -25.31
C ARG D 863 14.83 -8.57 -25.00
N MET D 864 15.86 -9.37 -25.23
CA MET D 864 17.21 -9.09 -24.76
C MET D 864 18.15 -8.67 -25.88
N LEU D 865 17.62 -8.36 -27.06
CA LEU D 865 18.48 -8.07 -28.20
C LEU D 865 19.11 -6.69 -28.14
N ILE D 866 18.43 -5.71 -27.53
CA ILE D 866 18.95 -4.35 -27.53
C ILE D 866 20.20 -4.25 -26.64
N ASP D 867 20.22 -4.98 -25.53
CA ASP D 867 21.42 -5.03 -24.70
C ASP D 867 22.59 -5.60 -25.49
N VAL D 868 22.33 -6.67 -26.24
CA VAL D 868 23.37 -7.26 -27.09
C VAL D 868 23.85 -6.25 -28.11
N PHE D 869 22.92 -5.48 -28.67
CA PHE D 869 23.30 -4.48 -29.68
C PHE D 869 24.21 -3.42 -29.08
N PHE D 870 23.87 -2.94 -27.89
CA PHE D 870 24.72 -1.95 -27.21
C PHE D 870 26.10 -2.53 -26.90
N PHE D 871 26.13 -3.75 -26.39
CA PHE D 871 27.40 -4.42 -26.11
C PHE D 871 28.25 -4.52 -27.36
N LEU D 872 27.66 -4.97 -28.47
CA LEU D 872 28.42 -5.10 -29.71
C LEU D 872 28.87 -3.75 -30.24
N PHE D 873 28.05 -2.72 -30.07
CA PHE D 873 28.43 -1.39 -30.53
C PHE D 873 29.69 -0.90 -29.81
N LEU D 874 29.69 -0.97 -28.49
CA LEU D 874 30.87 -0.56 -27.73
C LEU D 874 32.08 -1.42 -28.10
N PHE D 875 31.86 -2.74 -28.18
CA PHE D 875 32.95 -3.65 -28.49
C PHE D 875 33.58 -3.32 -29.85
N ALA D 876 32.74 -3.07 -30.85
CA ALA D 876 33.26 -2.79 -32.18
C ALA D 876 34.02 -1.48 -32.21
N VAL D 877 33.50 -0.43 -31.56
CA VAL D 877 34.22 0.83 -31.52
C VAL D 877 35.60 0.64 -30.91
N TRP D 878 35.65 -0.03 -29.76
CA TRP D 878 36.92 -0.22 -29.07
C TRP D 878 37.87 -1.06 -29.91
N MET D 879 37.37 -2.12 -30.56
CA MET D 879 38.22 -2.95 -31.40
C MET D 879 38.82 -2.14 -32.53
N VAL D 880 37.99 -1.34 -33.21
CA VAL D 880 38.50 -0.55 -34.33
C VAL D 880 39.61 0.37 -33.85
N ALA D 881 39.35 1.11 -32.77
CA ALA D 881 40.35 2.06 -32.29
C ALA D 881 41.66 1.36 -31.92
N PHE D 882 41.56 0.33 -31.07
CA PHE D 882 42.76 -0.34 -30.58
C PHE D 882 43.53 -0.98 -31.72
N GLY D 883 42.83 -1.67 -32.63
CA GLY D 883 43.51 -2.35 -33.71
C GLY D 883 44.23 -1.38 -34.64
N VAL D 884 43.54 -0.30 -35.02
CA VAL D 884 44.17 0.67 -35.91
C VAL D 884 45.39 1.27 -35.25
N ALA D 885 45.26 1.67 -33.98
CA ALA D 885 46.39 2.28 -33.29
C ALA D 885 47.57 1.32 -33.20
N ARG D 886 47.32 0.08 -32.78
CA ARG D 886 48.41 -0.87 -32.62
C ARG D 886 49.07 -1.18 -33.96
N GLN D 887 48.28 -1.39 -35.01
CA GLN D 887 48.87 -1.68 -36.32
C GLN D 887 49.69 -0.52 -36.82
N GLY D 888 49.20 0.71 -36.65
CA GLY D 888 49.97 1.86 -37.08
C GLY D 888 51.25 2.04 -36.29
N ILE D 889 51.22 1.73 -35.00
CA ILE D 889 52.39 1.93 -34.16
C ILE D 889 53.43 0.84 -34.34
N LEU D 890 53.04 -0.37 -34.72
CA LEU D 890 53.99 -1.47 -34.85
C LEU D 890 54.53 -1.62 -36.27
N ARG D 891 53.66 -1.60 -37.27
CA ARG D 891 54.01 -1.95 -38.64
C ARG D 891 53.54 -0.88 -39.59
N GLN D 892 54.26 -0.72 -40.71
CA GLN D 892 53.95 0.29 -41.70
C GLN D 892 53.76 -0.33 -43.07
N ASN D 893 52.73 0.10 -43.79
CA ASN D 893 52.51 -0.23 -45.19
C ASN D 893 52.44 -1.75 -45.39
N GLU D 894 51.39 -2.33 -44.82
CA GLU D 894 51.15 -3.77 -45.00
C GLU D 894 50.89 -4.10 -46.45
N GLN D 895 49.97 -3.38 -47.08
CA GLN D 895 49.57 -3.57 -48.48
C GLN D 895 48.84 -4.88 -48.73
N ARG D 896 48.42 -5.58 -47.68
CA ARG D 896 47.66 -6.81 -47.80
C ARG D 896 46.38 -6.68 -47.01
N TRP D 897 45.24 -6.84 -47.68
CA TRP D 897 43.96 -6.61 -47.02
C TRP D 897 43.65 -7.71 -46.02
N ARG D 898 43.91 -8.96 -46.38
CA ARG D 898 43.56 -10.07 -45.50
C ARG D 898 44.28 -9.95 -44.17
N TRP D 899 45.58 -9.68 -44.20
CA TRP D 899 46.33 -9.55 -42.96
C TRP D 899 46.00 -8.24 -42.25
N ILE D 900 45.64 -7.20 -42.99
CA ILE D 900 45.18 -5.97 -42.36
C ILE D 900 43.98 -6.26 -41.48
N PHE D 901 42.98 -6.94 -42.04
CA PHE D 901 41.78 -7.23 -41.26
C PHE D 901 42.04 -8.25 -40.17
N ARG D 902 42.95 -9.20 -40.41
CA ARG D 902 43.30 -10.17 -39.39
C ARG D 902 43.94 -9.49 -38.18
N SER D 903 44.83 -8.53 -38.42
CA SER D 903 45.51 -7.85 -37.32
C SER D 903 44.62 -6.81 -36.66
N VAL D 904 43.74 -6.17 -37.42
CA VAL D 904 42.97 -5.06 -36.88
C VAL D 904 41.73 -5.53 -36.15
N ILE D 905 41.08 -6.59 -36.65
CA ILE D 905 39.78 -7.00 -36.17
C ILE D 905 39.84 -8.32 -35.41
N TYR D 906 40.50 -9.33 -35.99
CA TYR D 906 40.43 -10.68 -35.44
C TYR D 906 41.11 -10.76 -34.08
N GLU D 907 42.34 -10.26 -33.98
CA GLU D 907 43.08 -10.39 -32.71
C GLU D 907 42.41 -9.64 -31.57
N PRO D 908 42.00 -8.37 -31.73
CA PRO D 908 41.24 -7.73 -30.65
C PRO D 908 39.97 -8.47 -30.29
N TYR D 909 39.30 -9.09 -31.28
CA TYR D 909 38.11 -9.86 -30.99
C TYR D 909 38.45 -11.06 -30.11
N LEU D 910 39.53 -11.77 -30.43
CA LEU D 910 39.94 -12.88 -29.59
C LEU D 910 40.32 -12.42 -28.20
N ALA D 911 40.77 -11.17 -28.07
CA ALA D 911 41.13 -10.65 -26.76
C ALA D 911 39.97 -10.69 -25.78
N MET D 912 38.73 -10.74 -26.27
CA MET D 912 37.58 -10.81 -25.39
C MET D 912 37.49 -12.15 -24.64
N PHE D 913 38.11 -13.20 -25.18
CA PHE D 913 38.01 -14.54 -24.63
C PHE D 913 39.20 -14.90 -23.76
N GLY D 914 40.07 -13.95 -23.43
CA GLY D 914 41.14 -14.16 -22.49
C GLY D 914 42.54 -14.14 -23.09
N GLN D 915 42.65 -14.15 -24.41
CA GLN D 915 43.97 -14.12 -25.04
C GLN D 915 44.50 -12.70 -25.07
N VAL D 916 45.75 -12.53 -24.63
CA VAL D 916 46.35 -11.20 -24.71
C VAL D 916 46.44 -10.79 -26.17
N PRO D 917 46.00 -9.58 -26.55
CA PRO D 917 45.85 -9.28 -27.98
C PRO D 917 47.09 -9.54 -28.81
N SER D 918 48.28 -9.24 -28.32
CA SER D 918 49.49 -9.34 -29.12
C SER D 918 50.64 -9.82 -28.26
N ASP D 919 51.34 -10.84 -28.76
CA ASP D 919 52.66 -11.16 -28.24
C ASP D 919 53.71 -10.17 -28.75
N VAL D 920 53.35 -9.37 -29.76
CA VAL D 920 54.27 -8.38 -30.32
C VAL D 920 54.25 -7.06 -29.56
N ASP D 921 53.32 -6.88 -28.63
CA ASP D 921 53.27 -5.66 -27.83
C ASP D 921 54.50 -5.51 -26.95
N SER D 922 55.22 -6.60 -26.69
CA SER D 922 56.43 -6.57 -25.88
C SER D 922 57.62 -6.92 -26.77
N THR D 923 58.67 -6.12 -26.69
CA THR D 923 59.82 -6.33 -27.57
C THR D 923 60.50 -7.67 -27.33
N THR D 924 60.38 -8.20 -26.11
CA THR D 924 61.04 -9.47 -25.80
C THR D 924 60.48 -10.60 -26.65
N TYR D 925 59.16 -10.67 -26.79
CA TYR D 925 58.50 -11.75 -27.52
C TYR D 925 58.19 -11.32 -28.95
N ASP D 926 59.23 -11.23 -29.78
CA ASP D 926 59.07 -10.79 -31.15
C ASP D 926 60.04 -11.55 -32.05
N PHE D 927 59.94 -11.32 -33.36
CA PHE D 927 60.82 -11.89 -34.37
C PHE D 927 60.67 -13.39 -34.50
N SER D 928 61.09 -13.93 -35.64
CA SER D 928 61.01 -15.33 -36.05
C SER D 928 59.59 -15.71 -36.47
N HIS D 929 58.63 -14.80 -36.36
CA HIS D 929 57.25 -15.03 -36.83
C HIS D 929 56.81 -13.91 -37.75
N CYS D 930 57.77 -13.30 -38.45
CA CYS D 930 57.50 -12.13 -39.28
C CYS D 930 58.16 -12.31 -40.63
N THR D 931 57.69 -11.53 -41.60
CA THR D 931 58.29 -11.47 -42.93
C THR D 931 58.46 -10.01 -43.32
N PHE D 932 59.68 -9.66 -43.75
CA PHE D 932 59.92 -8.30 -44.20
C PHE D 932 59.21 -8.01 -45.52
N SER D 933 59.08 -9.03 -46.36
CA SER D 933 58.31 -8.95 -47.60
C SER D 933 57.05 -9.79 -47.46
N GLY D 934 56.01 -9.39 -48.20
CA GLY D 934 54.73 -10.05 -48.11
C GLY D 934 54.65 -11.36 -48.86
N ASN D 935 55.80 -11.98 -49.15
CA ASN D 935 55.78 -13.25 -49.86
C ASN D 935 55.14 -14.34 -49.01
N GLU D 936 55.46 -14.38 -47.73
CA GLU D 936 55.01 -15.44 -46.83
C GLU D 936 53.70 -15.07 -46.17
N SER D 937 53.00 -16.10 -45.69
CA SER D 937 51.74 -15.92 -44.98
C SER D 937 52.02 -15.71 -43.49
N LYS D 938 52.69 -14.61 -43.20
CA LYS D 938 53.03 -14.21 -41.85
C LYS D 938 52.75 -12.72 -41.68
N PRO D 939 52.56 -12.26 -40.44
CA PRO D 939 52.38 -10.83 -40.22
C PRO D 939 53.63 -10.05 -40.62
N LEU D 940 53.41 -8.82 -41.08
CA LEU D 940 54.53 -7.97 -41.46
C LEU D 940 55.38 -7.65 -40.24
N CYS D 941 56.69 -7.56 -40.44
CA CYS D 941 57.61 -7.31 -39.36
C CYS D 941 57.53 -5.85 -38.91
N VAL D 942 57.85 -5.62 -37.65
CA VAL D 942 57.77 -4.30 -37.08
C VAL D 942 58.85 -3.39 -37.64
N GLU D 943 58.61 -2.10 -37.64
CA GLU D 943 59.58 -1.17 -38.18
C GLU D 943 60.84 -1.19 -37.33
N LEU D 944 62.01 -1.03 -37.97
CA LEU D 944 63.28 -1.05 -37.25
C LEU D 944 63.99 0.28 -37.41
N ASP D 945 64.84 0.64 -36.46
CA ASP D 945 65.54 1.91 -36.48
C ASP D 945 66.92 1.84 -37.22
N GLU D 946 67.85 2.79 -37.05
CA GLU D 946 69.12 2.69 -37.76
C GLU D 946 69.85 1.42 -37.34
N HIS D 947 69.84 1.12 -36.05
CA HIS D 947 70.28 -0.18 -35.57
C HIS D 947 69.16 -1.19 -35.75
N ASN D 948 69.55 -2.45 -35.88
CA ASN D 948 68.60 -3.53 -36.12
C ASN D 948 68.03 -4.03 -34.79
N LEU D 949 67.09 -3.21 -34.29
CA LEU D 949 66.32 -3.41 -33.06
C LEU D 949 64.94 -2.78 -33.33
N PRO D 950 63.86 -3.29 -32.71
CA PRO D 950 62.51 -2.73 -32.93
C PRO D 950 62.36 -1.28 -32.56
N ARG D 951 61.56 -0.52 -33.31
CA ARG D 951 61.41 0.91 -33.07
C ARG D 951 60.23 1.44 -32.24
N PHE D 952 59.24 0.61 -31.90
CA PHE D 952 58.09 1.08 -31.12
C PHE D 952 58.37 1.19 -29.62
N PRO D 953 57.66 2.09 -28.91
CA PRO D 953 57.86 2.22 -27.46
C PRO D 953 56.94 1.35 -26.59
N GLU D 954 57.46 0.43 -25.77
CA GLU D 954 56.63 -0.45 -24.94
C GLU D 954 55.76 0.35 -23.98
N TRP D 955 56.27 1.49 -23.51
CA TRP D 955 55.55 2.27 -22.50
C TRP D 955 54.26 2.89 -23.03
N ILE D 956 54.03 2.83 -24.34
CA ILE D 956 52.75 3.23 -24.92
C ILE D 956 51.87 2.01 -25.18
N THR D 957 52.46 0.95 -25.74
CA THR D 957 51.66 -0.20 -26.14
C THR D 957 51.11 -0.95 -24.94
N ILE D 958 51.95 -1.21 -23.94
CA ILE D 958 51.52 -2.04 -22.81
C ILE D 958 50.35 -1.41 -22.07
N PRO D 959 50.38 -0.14 -21.67
CA PRO D 959 49.19 0.46 -21.05
C PRO D 959 47.96 0.38 -21.93
N LEU D 960 48.15 0.54 -23.24
CA LEU D 960 47.03 0.45 -24.17
C LEU D 960 46.35 -0.91 -24.06
N VAL D 961 47.13 -1.98 -24.15
CA VAL D 961 46.56 -3.32 -24.09
C VAL D 961 45.96 -3.59 -22.72
N CYS D 962 46.60 -3.09 -21.67
CA CYS D 962 46.06 -3.27 -20.33
C CYS D 962 44.66 -2.66 -20.22
N ILE D 963 44.52 -1.41 -20.65
CA ILE D 963 43.23 -0.73 -20.57
C ILE D 963 42.20 -1.45 -21.43
N TYR D 964 42.60 -1.87 -22.64
CA TYR D 964 41.65 -2.53 -23.52
C TYR D 964 41.14 -3.82 -22.91
N MET D 965 42.04 -4.65 -22.38
CA MET D 965 41.62 -5.91 -21.77
C MET D 965 40.74 -5.65 -20.55
N LEU D 966 41.11 -4.67 -19.73
CA LEU D 966 40.29 -4.37 -18.57
C LEU D 966 38.88 -3.98 -18.98
N SER D 967 38.76 -3.12 -19.99
CA SER D 967 37.44 -2.65 -20.40
C SER D 967 36.61 -3.76 -21.02
N THR D 968 37.25 -4.61 -21.82
CA THR D 968 36.50 -5.63 -22.57
C THR D 968 36.20 -6.86 -21.71
N ASN D 969 37.24 -7.52 -21.21
CA ASN D 969 37.03 -8.79 -20.53
C ASN D 969 36.16 -8.65 -19.30
N ILE D 970 36.33 -7.58 -18.52
CA ILE D 970 35.73 -7.52 -17.20
C ILE D 970 34.52 -6.59 -17.16
N LEU D 971 34.74 -5.29 -17.40
CA LEU D 971 33.69 -4.31 -17.16
C LEU D 971 32.48 -4.54 -18.06
N LEU D 972 32.73 -4.70 -19.37
CA LEU D 972 31.63 -4.79 -20.32
C LEU D 972 30.78 -6.04 -20.07
N VAL D 973 31.42 -7.18 -19.81
CA VAL D 973 30.69 -8.42 -19.60
C VAL D 973 29.83 -8.31 -18.34
N ASN D 974 30.38 -7.74 -17.27
CA ASN D 974 29.61 -7.57 -16.05
C ASN D 974 28.42 -6.64 -16.27
N LEU D 975 28.63 -5.57 -17.05
CA LEU D 975 27.53 -4.68 -17.39
C LEU D 975 26.44 -5.42 -18.14
N LEU D 976 26.83 -6.27 -19.10
CA LEU D 976 25.86 -7.06 -19.83
C LEU D 976 25.09 -7.98 -18.88
N VAL D 977 25.78 -8.58 -17.92
CA VAL D 977 25.12 -9.44 -16.95
C VAL D 977 24.06 -8.64 -16.18
N ALA D 978 24.43 -7.44 -15.74
CA ALA D 978 23.51 -6.61 -14.97
C ALA D 978 22.28 -6.25 -15.80
N MET D 979 22.48 -5.85 -17.05
CA MET D 979 21.36 -5.48 -17.90
C MET D 979 20.46 -6.67 -18.17
N PHE D 980 21.04 -7.84 -18.43
CA PHE D 980 20.24 -9.04 -18.59
C PHE D 980 19.41 -9.33 -17.35
N GLY D 981 20.02 -9.17 -16.17
CA GLY D 981 19.28 -9.41 -14.94
C GLY D 981 18.09 -8.47 -14.80
N TYR D 982 18.31 -7.19 -15.05
CA TYR D 982 17.22 -6.23 -14.96
C TYR D 982 16.10 -6.56 -15.94
N THR D 983 16.47 -6.87 -17.19
CA THR D 983 15.45 -7.18 -18.19
C THR D 983 14.67 -8.43 -17.82
N VAL D 984 15.36 -9.46 -17.34
CA VAL D 984 14.67 -10.69 -16.94
C VAL D 984 13.71 -10.40 -15.80
N GLY D 985 14.15 -9.63 -14.81
CA GLY D 985 13.25 -9.28 -13.72
C GLY D 985 12.04 -8.51 -14.20
N ILE D 986 12.22 -7.67 -15.21
CA ILE D 986 11.14 -6.80 -15.66
C ILE D 986 10.11 -7.58 -16.48
N VAL D 987 10.57 -8.38 -17.44
CA VAL D 987 9.67 -8.90 -18.47
C VAL D 987 9.12 -10.27 -18.10
N GLN D 988 9.24 -10.67 -16.84
CA GLN D 988 8.80 -12.00 -16.46
C GLN D 988 7.28 -12.10 -16.43
N GLU D 989 6.60 -11.10 -15.87
CA GLU D 989 5.16 -11.17 -15.74
C GLU D 989 4.47 -11.25 -17.09
N ASN D 990 5.00 -10.56 -18.10
CA ASN D 990 4.38 -10.51 -19.42
C ASN D 990 4.92 -11.59 -20.36
N ASN D 991 5.62 -12.59 -19.84
CA ASN D 991 6.21 -13.62 -20.67
C ASN D 991 5.29 -14.84 -20.79
N ASP D 992 4.73 -15.29 -19.67
CA ASP D 992 3.86 -16.47 -19.69
C ASP D 992 2.60 -16.19 -20.50
N GLN D 993 2.10 -14.97 -20.44
CA GLN D 993 0.91 -14.62 -21.23
C GLN D 993 1.20 -14.73 -22.73
N VAL D 994 2.33 -14.19 -23.16
CA VAL D 994 2.70 -14.29 -24.57
C VAL D 994 2.94 -15.75 -24.96
N TRP D 995 3.52 -16.53 -24.05
CA TRP D 995 3.74 -17.93 -24.35
C TRP D 995 2.42 -18.68 -24.49
N LYS D 996 1.43 -18.33 -23.68
CA LYS D 996 0.12 -18.95 -23.81
C LYS D 996 -0.53 -18.61 -25.15
N PHE D 997 -0.39 -17.36 -25.58
CA PHE D 997 -0.88 -16.99 -26.91
C PHE D 997 -0.21 -17.81 -28.00
N GLN D 998 1.12 -17.89 -27.97
CA GLN D 998 1.83 -18.70 -28.95
C GLN D 998 1.43 -20.17 -28.86
N ARG D 999 1.14 -20.63 -27.64
CA ARG D 999 0.70 -22.01 -27.47
C ARG D 999 -0.64 -22.25 -28.15
N TYR D 1000 -1.56 -21.30 -28.02
CA TYR D 1000 -2.81 -21.39 -28.78
C TYR D 1000 -2.52 -21.51 -30.27
N PHE D 1001 -1.63 -20.65 -30.77
CA PHE D 1001 -1.32 -20.70 -32.20
C PHE D 1001 -0.82 -22.08 -32.60
N LEU D 1002 0.15 -22.62 -31.85
CA LEU D 1002 0.73 -23.91 -32.20
C LEU D 1002 -0.30 -25.03 -32.11
N VAL D 1003 -1.10 -25.03 -31.05
CA VAL D 1003 -2.08 -26.09 -30.87
C VAL D 1003 -3.11 -26.06 -31.98
N GLN D 1004 -3.58 -24.88 -32.37
CA GLN D 1004 -4.53 -24.80 -33.46
C GLN D 1004 -3.89 -25.21 -34.78
N GLU D 1005 -2.62 -24.86 -34.97
CA GLU D 1005 -1.91 -25.31 -36.17
C GLU D 1005 -1.88 -26.83 -36.24
N TYR D 1006 -1.61 -27.50 -35.12
CA TYR D 1006 -1.53 -28.95 -35.11
C TYR D 1006 -2.91 -29.60 -35.23
N CYS D 1007 -3.95 -28.97 -34.65
CA CYS D 1007 -5.29 -29.52 -34.75
C CYS D 1007 -5.87 -29.31 -36.14
N ASN D 1008 -5.65 -28.14 -36.73
CA ASN D 1008 -6.08 -27.86 -38.10
C ASN D 1008 -5.09 -28.52 -39.07
N ARG D 1009 -4.96 -29.83 -38.94
CA ARG D 1009 -3.97 -30.60 -39.68
C ARG D 1009 -4.52 -32.01 -39.88
N LEU D 1010 -3.85 -32.76 -40.75
CA LEU D 1010 -4.28 -34.12 -41.05
C LEU D 1010 -4.15 -35.04 -39.83
N ASN D 1011 -3.33 -34.68 -38.86
CA ASN D 1011 -3.15 -35.48 -37.65
C ASN D 1011 -2.65 -36.88 -38.00
N ILE D 1012 -1.84 -36.97 -39.05
CA ILE D 1012 -1.26 -38.24 -39.49
C ILE D 1012 0.23 -38.21 -39.20
N PRO D 1013 0.86 -39.32 -38.81
CA PRO D 1013 2.31 -39.32 -38.68
C PRO D 1013 2.98 -38.93 -39.99
N PHE D 1014 4.05 -38.14 -39.88
CA PHE D 1014 4.62 -37.50 -41.05
C PHE D 1014 5.15 -38.49 -42.09
N PRO D 1015 5.89 -39.55 -41.75
CA PRO D 1015 6.50 -40.38 -42.80
C PRO D 1015 5.48 -41.03 -43.73
N PHE D 1016 4.21 -41.14 -43.33
CA PHE D 1016 3.16 -41.62 -44.19
C PHE D 1016 2.19 -40.52 -44.64
N VAL D 1017 2.30 -39.32 -44.06
CA VAL D 1017 1.35 -38.25 -44.35
C VAL D 1017 1.29 -37.97 -45.84
N VAL D 1018 2.38 -38.22 -46.56
CA VAL D 1018 2.40 -37.93 -47.99
C VAL D 1018 1.26 -38.64 -48.70
N PHE D 1019 0.98 -39.88 -48.29
CA PHE D 1019 -0.13 -40.63 -48.90
C PHE D 1019 -1.41 -39.80 -48.87
N ALA D 1020 -1.71 -39.19 -47.73
CA ALA D 1020 -2.89 -38.34 -47.63
C ALA D 1020 -2.87 -37.26 -48.71
N TYR D 1021 -1.74 -36.55 -48.83
CA TYR D 1021 -1.64 -35.50 -49.83
C TYR D 1021 -2.01 -36.02 -51.21
N PHE D 1022 -1.65 -37.28 -51.49
CA PHE D 1022 -2.12 -37.91 -52.72
C PHE D 1022 -3.62 -38.17 -52.66
N TYR D 1023 -4.04 -38.99 -51.69
CA TYR D 1023 -5.44 -39.37 -51.61
C TYR D 1023 -6.34 -38.13 -51.61
N MET D 1024 -6.03 -37.16 -50.77
CA MET D 1024 -6.88 -35.97 -50.68
C MET D 1024 -6.91 -35.23 -52.02
N VAL D 1025 -5.76 -35.10 -52.68
CA VAL D 1025 -5.76 -34.37 -53.95
C VAL D 1025 -6.56 -35.13 -55.00
N VAL D 1026 -6.78 -36.43 -54.81
CA VAL D 1026 -7.65 -37.16 -55.71
C VAL D 1026 -9.09 -36.67 -55.57
N LYS D 1027 -9.52 -36.43 -54.33
CA LYS D 1027 -10.89 -35.96 -54.11
C LYS D 1027 -11.04 -34.48 -54.44
N LYS D 1028 -10.00 -33.69 -54.17
CA LYS D 1028 -10.04 -32.25 -54.43
C LYS D 1028 -9.40 -31.93 -55.78
N ASP D 1050 -27.53 -24.28 -29.91
CA ASP D 1050 -27.31 -22.93 -30.42
C ASP D 1050 -28.10 -21.91 -29.61
N ASN D 1051 -29.42 -21.92 -29.78
CA ASN D 1051 -30.26 -20.99 -29.03
C ASN D 1051 -30.17 -21.25 -27.53
N GLU D 1052 -30.08 -22.51 -27.12
CA GLU D 1052 -29.92 -22.82 -25.71
C GLU D 1052 -28.65 -22.20 -25.14
N THR D 1053 -27.54 -22.33 -25.86
CA THR D 1053 -26.29 -21.74 -25.39
C THR D 1053 -26.38 -20.23 -25.29
N LEU D 1054 -26.99 -19.59 -26.29
CA LEU D 1054 -27.12 -18.14 -26.25
C LEU D 1054 -27.99 -17.69 -25.09
N ALA D 1055 -29.09 -18.40 -24.83
CA ALA D 1055 -29.95 -18.05 -23.71
C ALA D 1055 -29.22 -18.22 -22.38
N TRP D 1056 -28.47 -19.31 -22.24
CA TRP D 1056 -27.69 -19.52 -21.03
C TRP D 1056 -26.65 -18.42 -20.84
N GLU D 1057 -25.99 -18.03 -21.94
CA GLU D 1057 -25.02 -16.94 -21.88
C GLU D 1057 -25.70 -15.63 -21.48
N GLY D 1058 -26.90 -15.39 -21.99
CA GLY D 1058 -27.63 -14.19 -21.60
C GLY D 1058 -27.97 -14.20 -20.11
N VAL D 1059 -28.37 -15.35 -19.59
CA VAL D 1059 -28.66 -15.45 -18.16
C VAL D 1059 -27.40 -15.14 -17.35
N MET D 1060 -26.27 -15.72 -17.75
CA MET D 1060 -25.03 -15.45 -17.04
C MET D 1060 -24.61 -14.00 -17.16
N LYS D 1061 -24.90 -13.37 -18.31
CA LYS D 1061 -24.60 -11.95 -18.48
C LYS D 1061 -25.45 -11.10 -17.54
N GLU D 1062 -26.73 -11.45 -17.39
CA GLU D 1062 -27.57 -10.76 -16.42
C GLU D 1062 -27.00 -10.90 -15.02
N ASN D 1063 -26.55 -12.12 -14.67
CA ASN D 1063 -25.95 -12.32 -13.36
C ASN D 1063 -24.70 -11.47 -13.18
N TYR D 1064 -23.88 -11.37 -14.22
CA TYR D 1064 -22.65 -10.58 -14.14
C TYR D 1064 -22.96 -9.10 -13.97
N LEU D 1065 -23.96 -8.60 -14.69
CA LEU D 1065 -24.37 -7.20 -14.53
C LEU D 1065 -24.88 -6.95 -13.12
N VAL D 1066 -25.68 -7.89 -12.59
CA VAL D 1066 -26.15 -7.76 -11.21
C VAL D 1066 -24.98 -7.73 -10.25
N LYS D 1067 -23.98 -8.57 -10.49
CA LYS D 1067 -22.81 -8.60 -9.62
C LYS D 1067 -22.08 -7.27 -9.64
N ILE D 1068 -21.91 -6.68 -10.83
CA ILE D 1068 -21.23 -5.39 -10.93
C ILE D 1068 -22.02 -4.33 -10.18
N ASN D 1069 -23.34 -4.31 -10.37
CA ASN D 1069 -24.16 -3.30 -9.71
C ASN D 1069 -24.11 -3.45 -8.19
N THR D 1070 -24.16 -4.69 -7.70
CA THR D 1070 -24.07 -4.92 -6.26
C THR D 1070 -22.72 -4.49 -5.72
N LYS D 1071 -21.64 -4.78 -6.45
CA LYS D 1071 -20.32 -4.34 -6.03
C LYS D 1071 -20.27 -2.82 -5.95
N ALA D 1072 -20.85 -2.14 -6.94
CA ALA D 1072 -20.89 -0.68 -6.89
C ALA D 1072 -21.68 -0.18 -5.69
N ASN D 1073 -22.82 -0.81 -5.41
CA ASN D 1073 -23.67 -0.35 -4.32
C ASN D 1073 -23.13 -0.75 -2.94
N ASP D 1074 -22.16 -1.65 -2.89
CA ASP D 1074 -21.61 -2.11 -1.62
C ASP D 1074 -20.85 -1.03 -0.85
N ASN D 1075 -20.81 0.21 -1.34
CA ASN D 1075 -20.10 1.26 -0.62
C ASN D 1075 -20.62 1.43 0.80
N SER D 1076 -21.90 1.15 1.03
CA SER D 1076 -22.52 1.18 2.35
C SER D 1076 -22.72 2.60 2.87
N GLU D 1077 -22.65 3.60 1.99
CA GLU D 1077 -22.88 4.98 2.40
C GLU D 1077 -24.37 5.32 2.51
N GLU D 1078 -25.24 4.48 1.95
CA GLU D 1078 -26.67 4.79 1.97
C GLU D 1078 -27.18 5.01 3.38
N MET D 1079 -26.58 4.35 4.37
CA MET D 1079 -26.98 4.56 5.76
C MET D 1079 -27.00 6.04 6.10
N ARG D 1080 -25.93 6.75 5.75
CA ARG D 1080 -25.88 8.19 5.99
C ARG D 1080 -27.12 8.87 5.41
N HIS D 1081 -27.44 8.57 4.15
CA HIS D 1081 -28.64 9.13 3.54
C HIS D 1081 -29.86 8.84 4.40
N ARG D 1082 -30.01 7.58 4.83
CA ARG D 1082 -31.12 7.23 5.71
C ARG D 1082 -31.16 8.16 6.92
N PHE D 1083 -30.01 8.36 7.56
CA PHE D 1083 -29.96 9.27 8.70
C PHE D 1083 -30.55 10.62 8.32
N ARG D 1084 -30.12 11.18 7.19
CA ARG D 1084 -30.68 12.45 6.74
C ARG D 1084 -32.20 12.38 6.66
N GLN D 1085 -32.71 11.32 6.03
CA GLN D 1085 -34.16 11.16 5.95
C GLN D 1085 -34.78 11.18 7.34
N LEU D 1086 -34.16 10.49 8.29
CA LEU D 1086 -34.67 10.49 9.66
C LEU D 1086 -34.86 11.92 10.15
N ASP D 1087 -33.85 12.76 9.93
CA ASP D 1087 -33.95 14.16 10.35
C ASP D 1087 -35.23 14.78 9.81
N SER D 1088 -35.46 14.62 8.50
CA SER D 1088 -36.68 15.16 7.90
C SER D 1088 -37.90 14.67 8.66
N LYS D 1089 -37.97 13.36 8.93
CA LYS D 1089 -39.09 12.82 9.68
C LYS D 1089 -39.27 13.58 10.98
N LEU D 1090 -38.18 13.78 11.73
CA LEU D 1090 -38.27 14.52 12.97
C LEU D 1090 -38.86 15.91 12.72
N ASN D 1091 -38.37 16.59 11.69
CA ASN D 1091 -38.92 17.89 11.36
C ASN D 1091 -40.43 17.81 11.16
N ASP D 1092 -40.89 16.77 10.46
CA ASP D 1092 -42.32 16.59 10.26
C ASP D 1092 -43.06 16.62 11.60
N LEU D 1093 -42.54 15.87 12.58
CA LEU D 1093 -43.17 15.88 13.90
C LEU D 1093 -43.34 17.30 14.41
N LYS D 1094 -42.28 18.11 14.32
CA LYS D 1094 -42.36 19.49 14.77
C LYS D 1094 -43.54 20.20 14.11
N SER D 1095 -43.66 20.07 12.79
CA SER D 1095 -44.77 20.71 12.08
C SER D 1095 -46.10 20.27 12.69
N LEU D 1096 -46.26 18.96 12.90
CA LEU D 1096 -47.47 18.47 13.54
C LEU D 1096 -47.73 19.20 14.84
N LEU D 1097 -46.70 19.30 15.68
CA LEU D 1097 -46.84 20.03 16.94
C LEU D 1097 -47.35 21.45 16.68
N LYS D 1098 -46.73 22.14 15.72
CA LYS D 1098 -47.19 23.47 15.36
C LYS D 1098 -48.68 23.44 15.01
N GLU D 1099 -49.08 22.50 14.16
CA GLU D 1099 -50.49 22.37 13.84
C GLU D 1099 -51.32 22.19 15.09
N ILE D 1100 -50.86 21.33 16.01
CA ILE D 1100 -51.57 21.15 17.27
C ILE D 1100 -51.73 22.49 17.98
N ALA D 1101 -50.66 23.27 18.03
CA ALA D 1101 -50.75 24.59 18.64
C ALA D 1101 -51.80 25.43 17.93
N ASN D 1102 -51.82 25.40 16.60
CA ASN D 1102 -52.85 26.13 15.86
C ASN D 1102 -54.24 25.64 16.27
N ASN D 1103 -54.38 24.34 16.50
CA ASN D 1103 -55.65 23.82 17.00
C ASN D 1103 -55.94 24.34 18.40
N ILE D 1104 -54.91 24.42 19.25
CA ILE D 1104 -55.12 24.87 20.62
C ILE D 1104 -55.59 26.31 20.66
N LYS D 1105 -54.97 27.17 19.85
CA LYS D 1105 -55.33 28.58 19.80
C LYS D 1105 -56.79 28.76 19.39
C02 T14 E . 25.74 -25.88 -8.30
C03 T14 E . 24.32 -26.14 -8.82
C04 T14 E . 23.53 -25.06 -9.16
C05 T14 E . 22.24 -25.26 -9.64
C06 T14 E . 21.74 -26.55 -9.76
C07 T14 E . 22.53 -27.63 -9.42
C08 T14 E . 23.82 -27.44 -8.95
C09 T14 E . 24.67 -28.66 -8.56
C10 T14 E . 24.42 -29.30 -7.35
C11 T14 E . 25.15 -30.42 -6.97
C12 T14 E . 24.90 -31.13 -5.63
C16 T14 E . 26.13 -30.86 -7.85
C18 T14 E . 27.74 -31.91 -8.86
C19 T14 E . 28.70 -32.82 -9.10
C22 T14 E . 30.79 -33.76 -9.32
C23 T14 E . 32.04 -33.49 -8.46
C24 T14 E . 32.69 -34.84 -8.08
C25 T14 E . 33.08 -35.61 -9.36
C26 T14 E . 31.82 -35.88 -10.19
C27 T14 E . 31.17 -34.54 -10.59
C28 T14 E . 30.07 -32.45 -9.68
C30 T14 E . 26.37 -30.25 -9.03
C31 T14 E . 25.65 -29.13 -9.43
F01 T14 E . 25.90 -26.42 -7.10
F13 T14 E . 23.96 -32.06 -5.80
F14 T14 E . 26.02 -31.72 -5.23
F15 T14 E . 24.51 -30.25 -4.73
F32 T14 E . 26.63 -26.37 -9.15
F33 T14 E . 25.92 -24.57 -8.19
N17 T14 E . 27.06 -31.97 -7.77
N20 T14 E . 28.73 -33.94 -8.51
N29 T14 E . 27.46 -30.97 -9.70
O21 T14 E . 29.81 -34.48 -8.58
CAA Y01 F . 27.05 -32.74 -17.94
CBA Y01 F . 26.77 -33.28 -19.36
CAB Y01 F . 25.55 -34.24 -19.35
CAN Y01 F . 28.00 -33.98 -19.95
CAJ Y01 F . 28.10 -33.80 -21.48
CAO Y01 F . 29.56 -33.58 -21.94
CBB Y01 F . 29.95 -34.45 -23.16
CAC Y01 F . 31.00 -33.69 -23.99
CBE Y01 F . 30.52 -35.78 -22.65
CAP Y01 F . 29.35 -36.66 -22.12
CAQ Y01 F . 29.62 -38.11 -22.62
CBG Y01 F . 31.08 -38.04 -23.12
CBI Y01 F . 31.16 -36.65 -23.75
CAE Y01 F . 30.38 -36.58 -25.09
CAU Y01 F . 32.63 -36.28 -23.93
CAS Y01 F . 33.50 -37.39 -24.58
CBF Y01 F . 33.09 -38.86 -24.29
CBD Y01 F . 31.59 -39.12 -24.08
CAK Y01 F . 31.46 -40.56 -23.57
CAI Y01 F . 32.42 -41.49 -24.33
CAZ Y01 F . 33.36 -41.17 -25.23
CAV Y01 F . 34.36 -41.99 -26.05
CBH Y01 F . 33.45 -39.65 -25.55
CAD Y01 F . 32.70 -39.18 -26.81
CAT Y01 F . 34.90 -39.15 -25.46
CAR Y01 F . 35.89 -39.98 -26.28
CBC Y01 F . 35.80 -41.48 -25.93
OAW Y01 F . 36.60 -42.22 -26.85
CAY Y01 F . 37.53 -43.11 -26.23
OAG Y01 F . 38.45 -42.65 -25.58
CAM Y01 F . 37.37 -44.62 -26.39
CAL Y01 F . 38.62 -45.39 -25.92
CAX Y01 F . 38.75 -46.76 -26.62
OAH Y01 F . 39.50 -47.60 -26.17
OAF Y01 F . 38.13 -46.99 -27.63
CAA Y01 G . 42.93 -37.01 0.79
CBA Y01 G . 41.79 -36.26 1.51
CAB Y01 G . 42.34 -35.07 2.32
CAN Y01 G . 40.97 -37.20 2.40
CAJ Y01 G . 39.53 -36.73 2.59
CAO Y01 G . 39.33 -35.97 3.92
CBB Y01 G . 38.05 -35.13 3.95
CAC Y01 G . 36.92 -35.95 4.59
CBE Y01 G . 38.32 -33.85 4.77
CAP Y01 G . 39.34 -32.96 3.99
CAQ Y01 G . 38.76 -31.52 3.98
CBG Y01 G . 37.66 -31.57 5.07
CBI Y01 G . 37.06 -32.96 4.89
CAE Y01 G . 36.17 -33.03 3.63
CAU Y01 G . 36.28 -33.33 6.15
CAS Y01 G . 35.81 -32.13 7.03
CBF Y01 G . 35.82 -30.71 6.41
CBD Y01 G . 36.51 -30.56 5.05
CAK Y01 G . 36.82 -29.07 4.96
CAI Y01 G . 35.50 -28.31 5.20
CAZ Y01 G . 34.35 -28.81 5.72
CAV Y01 G . 32.98 -28.19 6.02
CBH Y01 G . 34.37 -30.31 6.10
CAD Y01 G . 33.65 -31.26 5.13
CAT Y01 G . 33.99 -30.51 7.58
CAR Y01 G . 32.63 -29.85 7.93
CBC Y01 G . 32.56 -28.37 7.49
OAW Y01 G . 31.22 -27.92 7.64
CAY Y01 G . 30.97 -27.25 8.88
OAG Y01 G . 31.75 -27.38 9.80
CAM Y01 G . 29.72 -26.37 9.05
CAL Y01 G . 29.75 -25.60 10.39
CAX Y01 G . 28.62 -24.55 10.51
OAH Y01 G . 28.66 -23.73 11.38
OAF Y01 G . 27.70 -24.57 9.72
CAA Y01 H . 40.78 -36.47 11.02
CBA Y01 H . 39.97 -35.97 12.23
CAB Y01 H . 39.35 -37.14 13.01
CAN Y01 H . 38.88 -34.97 11.79
CAJ Y01 H . 39.21 -33.51 12.19
CAO Y01 H . 38.62 -32.50 11.19
CBB Y01 H . 37.60 -31.53 11.82
CAC Y01 H . 37.67 -30.18 11.09
CBE Y01 H . 36.20 -32.14 11.66
CAP Y01 H . 36.13 -33.46 12.49
CAQ Y01 H . 34.86 -33.39 13.37
CBG Y01 H . 34.03 -32.27 12.69
CBI Y01 H . 35.10 -31.25 12.31
CAE Y01 H . 35.61 -30.47 13.53
CAU Y01 H . 34.50 -30.31 11.25
CAS Y01 H . 33.05 -29.86 11.52
CBF Y01 H . 32.15 -30.72 12.46
CBD Y01 H . 32.90 -31.60 13.47
CAK Y01 H . 31.85 -32.56 14.05
CAI Y01 H . 30.57 -31.77 14.41
CAZ Y01 H . 30.28 -30.49 14.11
CAV Y01 H . 29.05 -29.60 14.40
CBH Y01 H . 31.39 -29.73 13.35
CAD Y01 H . 32.30 -28.83 14.20
CAT Y01 H . 30.82 -29.06 12.08
CAR Y01 H . 29.60 -28.16 12.38
CBC Y01 H . 28.50 -28.92 13.14
OAW Y01 H . 27.51 -27.97 13.55
CAY Y01 H . 26.18 -28.47 13.54
OAG Y01 H . 25.92 -29.50 12.99
CAM Y01 H . 25.06 -27.67 14.26
CAL Y01 H . 23.70 -28.37 14.17
CAX Y01 H . 22.56 -27.47 14.66
OAH Y01 H . 21.46 -27.93 14.85
OAF Y01 H . 22.76 -26.29 14.88
C01 ULO I . 26.59 -44.04 -0.75
C02 ULO I . 26.25 -43.41 0.60
C03 ULO I . 26.76 -44.32 1.73
C04 ULO I . 25.89 -44.13 2.97
C05 ULO I . 26.06 -45.34 3.88
C06 ULO I . 25.28 -45.09 5.17
C07 ULO I . 26.14 -44.21 6.08
C08 ULO I . 25.25 -43.32 6.94
C09 ULO I . 25.97 -41.99 7.21
C12 ULO I . 25.30 -39.64 8.98
C13 ULO I . 26.17 -38.93 10.03
C14 ULO I . 23.83 -39.40 9.29
C15 ULO I . 27.10 -41.90 10.04
C16 ULO I . 28.31 -42.31 9.20
C17 ULO I . 26.71 -43.08 10.92
O11 ULO I . 24.47 -42.18 9.47
P10 ULO I . 25.64 -41.47 8.96
H013 ULO I . 27.51 -43.85 -0.98
H011 ULO I . 26.47 -45.01 -0.70
H012 ULO I . 26.01 -43.68 -1.42
H021 ULO I . 26.68 -42.55 0.67
H022 ULO I . 25.30 -43.31 0.67
H031 ULO I . 26.74 -45.24 1.45
H032 ULO I . 27.67 -44.05 1.95
H042 ULO I . 26.18 -43.35 3.44
H041 ULO I . 24.97 -44.05 2.71
H051 ULO I . 26.99 -45.48 4.08
H052 ULO I . 25.70 -46.14 3.44
H062 ULO I . 24.45 -44.64 4.96
H061 ULO I . 25.10 -45.93 5.61
H072 ULO I . 26.72 -43.67 5.54
H071 ULO I . 26.68 -44.78 6.66
H082 ULO I . 24.41 -43.14 6.49
H081 ULO I . 25.08 -43.77 7.79
H092 ULO I . 26.91 -42.11 7.06
H091 ULO I . 25.62 -41.32 6.60
H121 ULO I . 25.52 -39.27 8.11
H133 ULO I . 25.97 -39.30 10.91
H132 ULO I . 25.97 -37.98 10.02
H131 ULO I . 27.10 -39.08 9.83
H142 ULO I . 23.59 -39.90 10.09
H143 ULO I . 23.29 -39.70 8.55
H141 ULO I . 23.68 -38.45 9.45
H151 ULO I . 27.34 -41.15 10.60
H163 ULO I . 28.11 -43.11 8.71
H162 ULO I . 29.06 -42.47 9.79
H161 ULO I . 28.53 -41.59 8.58
H173 ULO I . 26.49 -43.84 10.36
H172 ULO I . 25.95 -42.84 11.46
H171 ULO I . 27.46 -43.31 11.50
C1 NAG J . 49.14 -48.20 -43.31
C2 NAG J . 48.77 -47.44 -44.55
C3 NAG J . 49.91 -46.79 -45.17
C4 NAG J . 50.69 -45.95 -44.22
C5 NAG J . 51.12 -46.74 -42.93
C6 NAG J . 51.70 -45.86 -42.00
C7 NAG J . 46.84 -48.99 -45.26
C8 NAG J . 46.20 -49.96 -46.25
N2 NAG J . 48.15 -48.41 -45.54
O3 NAG J . 49.43 -45.94 -46.27
O4 NAG J . 51.86 -45.48 -44.88
O5 NAG J . 49.86 -47.37 -42.34
O6 NAG J . 50.69 -45.03 -41.48
O7 NAG J . 46.27 -48.70 -44.25
H1 NAG J . 49.77 -49.04 -43.58
H2 NAG J . 48.04 -46.68 -44.30
H3 NAG J . 50.57 -47.56 -45.57
H4 NAG J . 50.07 -45.11 -43.92
H5 NAG J . 51.83 -47.51 -43.20
H61 NAG J . 52.45 -45.24 -42.49
H62 NAG J . 52.16 -46.42 -41.19
H81 NAG J . 45.39 -50.49 -45.75
H82 NAG J . 46.94 -50.68 -46.57
H83 NAG J . 45.82 -49.41 -47.10
HN2 NAG J . 48.63 -48.66 -46.38
HO3 NAG J . 49.82 -45.08 -46.19
HO4 NAG J . 52.10 -44.64 -44.51
HO6 NAG J . 51.01 -44.58 -40.71
C02 T14 K . 36.03 -9.63 -2.05
C03 T14 K . 35.22 -10.31 -0.95
C04 T14 K . 33.87 -10.57 -1.16
C05 T14 K . 33.11 -11.18 -0.18
C06 T14 K . 33.69 -11.51 1.04
C07 T14 K . 35.02 -11.26 1.26
C08 T14 K . 35.79 -10.66 0.28
C09 T14 K . 37.28 -10.38 0.57
C10 T14 K . 37.62 -9.29 1.37
C11 T14 K . 38.95 -9.00 1.66
C12 T14 K . 39.33 -7.80 2.54
C16 T14 K . 39.90 -9.84 1.13
C18 T14 K . 41.75 -10.85 0.54
C19 T14 K . 43.04 -11.14 0.43
C22 T14 K . 45.17 -11.29 -0.46
C23 T14 K . 45.87 -10.30 -1.40
C24 T14 K . 47.31 -10.05 -0.89
C25 T14 K . 48.08 -11.38 -0.84
C26 T14 K . 47.37 -12.36 0.12
C27 T14 K . 45.94 -12.62 -0.40
C28 T14 K . 43.71 -11.53 -0.89
C30 T14 K . 39.59 -10.90 0.35
C31 T14 K . 38.27 -11.21 0.05
F01 T14 K . 36.59 -8.52 -1.61
F13 T14 K . 39.34 -8.18 3.82
F14 T14 K . 40.56 -7.39 2.21
F15 T14 K . 38.47 -6.82 2.36
F32 T14 K . 36.97 -10.47 -2.49
F33 T14 K . 35.22 -9.34 -3.06
N17 T14 K . 41.35 -9.84 1.23
N20 T14 K . 43.90 -10.69 1.26
N29 T14 K . 40.83 -11.57 -0.04
O21 T14 K . 45.03 -10.74 0.85
CAA Y01 L . 41.50 -19.99 0.16
CBA Y01 L . 41.64 -21.48 0.51
CAB Y01 L . 41.47 -21.71 2.02
CAN Y01 L . 42.97 -22.05 0.00
CAJ Y01 L . 42.86 -23.53 -0.44
CAO Y01 L . 43.69 -23.83 -1.69
CBB Y01 L . 44.53 -25.12 -1.58
CAC Y01 L . 44.68 -25.74 -2.97
CBE Y01 L . 45.90 -24.75 -1.00
CAP Y01 L . 45.75 -24.44 0.52
CAQ Y01 L . 46.95 -25.11 1.24
CBG Y01 L . 47.90 -25.49 0.07
CBI Y01 L . 46.93 -25.90 -1.04
CAE Y01 L . 46.29 -27.27 -0.75
CAU Y01 L . 47.67 -25.90 -2.38
CAS Y01 L . 49.05 -26.62 -2.34
CBF Y01 L . 49.84 -26.56 -1.01
CBD Y01 L . 48.99 -26.52 0.28
CAK Y01 L . 49.96 -26.23 1.44
CAI Y01 L . 51.27 -27.02 1.27
CAZ Y01 L . 51.64 -27.79 0.23
CAV Y01 L . 52.91 -28.62 -0.05
CBH Y01 L . 50.60 -27.89 -0.92
CAD Y01 L . 49.69 -29.13 -0.90
CAT Y01 L . 51.25 -27.60 -2.29
CAR Y01 L . 52.51 -28.44 -2.56
CBC Y01 L . 53.54 -28.31 -1.42
OAW Y01 L . 54.59 -29.25 -1.64
CAY Y01 L . 55.90 -28.68 -1.60
OAG Y01 L . 56.23 -27.90 -2.45
CAM Y01 L . 56.87 -29.06 -0.47
CAL Y01 L . 58.30 -28.60 -0.76
CAX Y01 L . 59.36 -29.45 -0.04
OAH Y01 L . 60.50 -29.06 0.07
OAF Y01 L . 59.05 -30.54 0.41
CAA Y01 M . 56.32 -0.71 -5.33
CBA Y01 M . 55.02 0.00 -4.91
CAB Y01 M . 54.57 1.01 -5.99
CAN Y01 M . 55.17 0.68 -3.55
CAJ Y01 M . 53.82 0.81 -2.80
CAO Y01 M . 53.21 2.21 -2.98
CBB Y01 M . 51.71 2.24 -2.63
CAC Y01 M . 51.54 2.67 -1.16
CBE Y01 M . 51.01 3.24 -3.56
CAP Y01 M . 51.04 2.69 -5.01
CAQ Y01 M . 49.60 2.83 -5.58
CBG Y01 M . 48.92 3.80 -4.60
CBI Y01 M . 49.50 3.38 -3.24
CAE Y01 M . 48.88 2.06 -2.76
CAU Y01 M . 49.27 4.51 -2.24
CAS Y01 M . 48.12 5.50 -2.57
CBF Y01 M . 47.08 5.09 -3.65
CBD Y01 M . 47.40 3.82 -4.46
CAK Y01 M . 46.54 3.96 -5.71
CAI Y01 M . 45.09 4.19 -5.24
CAZ Y01 M . 44.66 4.54 -4.00
CAV Y01 M . 43.28 4.80 -3.40
CBH Y01 M . 45.78 4.71 -2.94
CAD Y01 M . 45.93 3.56 -1.93
CAT Y01 M . 45.70 6.11 -2.30
CAR Y01 M . 44.31 6.42 -1.72
CBC Y01 M . 43.19 6.19 -2.75
OAW Y01 M . 41.93 6.29 -2.07
CAY Y01 M . 41.33 7.57 -2.15
OAG Y01 M . 41.99 8.53 -2.47
CAM Y01 M . 39.83 7.76 -1.83
CAL Y01 M . 39.35 9.18 -2.16
CAX Y01 M . 37.82 9.35 -2.04
OAH Y01 M . 37.29 10.33 -2.51
OAF Y01 M . 37.17 8.50 -1.50
CAA Y01 N . 54.86 9.28 -2.55
CBA Y01 N . 53.97 10.47 -2.13
CAB Y01 N . 54.42 11.01 -0.76
CAN Y01 N . 52.49 10.07 -2.10
CAJ Y01 N . 51.67 10.69 -3.26
CAO Y01 N . 50.50 9.80 -3.69
CBB Y01 N . 49.12 10.46 -3.51
CAC Y01 N . 48.16 9.94 -4.60
CBE Y01 N . 48.58 10.11 -2.12
CAP Y01 N . 49.51 10.72 -1.04
CAQ Y01 N . 48.61 11.49 -0.04
CBG Y01 N . 47.21 10.91 -0.31
CBI Y01 N . 47.20 10.76 -1.84
CAE Y01 N . 47.04 12.12 -2.54
CAU Y01 N . 46.07 9.80 -2.22
CAS Y01 N . 44.74 10.01 -1.45
CBF Y01 N . 44.79 10.73 -0.07
CBD Y01 N . 45.98 11.67 0.16
CAK Y01 N . 45.96 12.03 1.65
CAI Y01 N . 44.52 12.38 2.09
CAZ Y01 N . 43.38 12.23 1.38
CAV Y01 N . 41.91 12.54 1.69
CBH Y01 N . 43.57 11.68 -0.05
CAD Y01 N . 43.59 12.72 -1.19
CAT Y01 N . 42.64 10.48 -0.30
CAR Y01 N . 41.17 10.78 0.00
CBC Y01 N . 40.98 11.34 1.43
OAW Y01 N . 39.64 11.79 1.56
CAY Y01 N . 39.06 11.60 2.86
OAG Y01 N . 39.61 10.88 3.65
CAM Y01 N . 37.75 12.31 3.21
CAL Y01 N . 37.30 12.01 4.66
CAX Y01 N . 35.88 12.52 4.93
OAH Y01 N . 35.46 12.56 6.06
OAF Y01 N . 35.18 12.91 4.01
C01 ULO O . 49.99 -4.61 10.90
C02 ULO O . 49.36 -3.23 10.92
C03 ULO O . 50.40 -2.20 11.35
C04 ULO O . 49.72 -1.03 12.05
C05 ULO O . 50.75 -0.27 12.90
C06 ULO O . 50.07 0.97 13.48
C07 ULO O . 50.07 2.06 12.41
C08 ULO O . 48.84 2.96 12.58
C09 ULO O . 48.40 3.46 11.21
C12 ULO O . 46.31 5.48 10.35
C13 ULO O . 46.45 6.69 9.42
C14 ULO O . 45.13 5.69 11.29
C15 ULO O . 49.23 6.37 10.78
C16 ULO O . 50.33 5.59 10.05
C17 ULO O . 49.84 7.04 11.99
O11 ULO O . 47.58 5.54 12.75
P10 ULO O . 47.86 5.23 11.35
H013 ULO O . 50.48 -4.73 10.07
H011 ULO O . 50.60 -4.71 11.64
H012 ULO O . 49.30 -5.29 10.96
H021 ULO O . 49.03 -3.01 10.03
H022 ULO O . 48.62 -3.22 11.54
H031 ULO O . 51.04 -2.60 11.94
H032 ULO O . 50.85 -1.86 10.56
H042 ULO O . 49.36 -0.42 11.37
H041 ULO O . 49.00 -1.34 12.61
H051 ULO O . 51.50 -0.01 12.34
H052 ULO O . 51.05 -0.84 13.62
H062 ULO O . 49.16 0.75 13.73
H061 ULO O . 50.56 1.27 14.26
H072 ULO O . 50.06 1.65 11.53
H071 ULO O . 50.87 2.60 12.51
H082 ULO O . 48.13 2.46 12.98
H081 ULO O . 49.08 3.71 13.14
H092 ULO O . 49.14 3.38 10.58
H091 ULO O . 47.66 2.92 10.90
H121 ULO O . 46.15 4.69 9.82
H133 ULO O . 46.62 7.48 9.95
H132 ULO O . 45.63 6.80 8.92
H131 ULO O . 47.19 6.54 8.81
H142 ULO O . 45.35 6.39 11.93
H143 ULO O . 44.94 4.86 11.77
H141 ULO O . 44.35 5.95 10.78
H151 ULO O . 48.87 7.04 10.18
H163 ULO O . 50.74 4.98 10.67
H162 ULO O . 50.98 6.22 9.71
H161 ULO O . 49.94 5.10 9.31
H173 ULO O . 50.21 6.37 12.59
H172 ULO O . 49.16 7.54 12.46
H171 ULO O . 50.55 7.64 11.70
C1 NAG P . 66.93 -45.22 -9.13
C2 NAG P . 66.08 -46.37 -9.58
C3 NAG P . 66.39 -46.80 -10.93
C4 NAG P . 66.36 -45.68 -11.91
C5 NAG P . 67.27 -44.48 -11.48
C6 NAG P . 67.07 -43.39 -12.35
C7 NAG P . 65.83 -47.45 -7.25
C8 NAG P . 66.05 -48.61 -6.28
N2 NAG P . 66.31 -47.55 -8.61
O3 NAG P . 65.39 -47.81 -11.35
O4 NAG P . 66.79 -46.16 -13.17
O5 NAG P . 66.88 -44.08 -10.06
O6 NAG P . 65.81 -42.85 -12.10
O7 NAG P . 65.27 -46.48 -6.88
H1 NAG P . 67.96 -45.56 -9.05
H2 NAG P . 65.04 -46.09 -9.53
H3 NAG P . 67.37 -47.24 -10.94
H4 NAG P . 65.34 -45.32 -11.99
H5 NAG P . 68.31 -44.79 -11.49
H61 NAG P . 67.13 -43.72 -13.38
H62 NAG P . 67.83 -42.63 -12.16
H81 NAG P . 65.88 -48.28 -5.27
H82 NAG P . 67.07 -48.98 -6.38
H83 NAG P . 65.36 -49.41 -6.52
HN2 NAG P . 66.79 -48.36 -8.93
HO3 NAG P . 65.05 -47.59 -12.19
HO4 NAG P . 66.38 -45.67 -13.85
HO6 NAG P . 65.74 -42.00 -12.51
C02 T14 Q . 32.04 -0.32 -19.24
C03 T14 Q . 31.99 0.63 -18.04
C04 T14 Q . 31.25 0.26 -16.92
C05 T14 Q . 31.20 1.09 -15.82
C06 T14 Q . 31.88 2.29 -15.82
C07 T14 Q . 32.62 2.67 -16.93
C08 T14 Q . 32.69 1.83 -18.03
C09 T14 Q . 33.53 2.28 -19.24
C10 T14 Q . 32.99 3.24 -20.11
C11 T14 Q . 33.72 3.68 -21.21
C12 T14 Q . 33.15 4.74 -22.18
C16 T14 Q . 34.96 3.13 -21.41
C18 T14 Q . 36.95 2.57 -22.14
C19 T14 Q . 38.05 2.54 -22.89
C22 T14 Q . 39.60 1.81 -24.43
C23 T14 Q . 39.34 1.07 -25.76
C24 T14 Q . 40.17 1.73 -26.88
C25 T14 Q . 41.66 1.68 -26.53
C26 T14 Q . 41.91 2.43 -25.21
C27 T14 Q . 41.10 1.78 -24.08
C28 T14 Q . 38.75 1.24 -23.30
C30 T14 Q . 35.49 2.20 -20.57
C31 T14 Q . 34.79 1.75 -19.47
F01 T14 Q . 31.63 0.32 -20.34
F13 T14 Q . 33.47 5.95 -21.74
F14 T14 Q . 33.69 4.56 -23.39
F15 T14 Q . 31.84 4.61 -22.25
F32 T14 Q . 33.27 -0.78 -19.42
F33 T14 Q . 31.22 -1.35 -19.01
N17 T14 Q . 35.97 3.35 -22.43
N20 T14 Q . 38.35 3.49 -23.68
N29 T14 Q . 36.83 1.83 -21.07
O21 T14 Q . 39.14 3.18 -24.52
CAA Y01 R . 43.36 1.01 -15.80
CBA Y01 R . 44.55 1.17 -14.83
CAB Y01 R . 44.65 2.64 -14.33
CAN Y01 R . 45.87 0.71 -15.47
CAJ Y01 R . 46.83 0.09 -14.45
CAO Y01 R . 47.59 -1.12 -15.03
CBB Y01 R . 49.10 -1.10 -14.74
CAC Y01 R . 49.60 -2.55 -14.64
CBE Y01 R . 49.80 -0.37 -15.89
CAP Y01 R . 49.52 1.16 -15.76
CAQ Y01 R . 50.87 1.88 -16.06
CBG Y01 R . 51.75 0.77 -16.67
CBI Y01 R . 51.34 -0.47 -15.85
CAE Y01 R . 51.90 -0.40 -14.41
CAU Y01 R . 51.82 -1.72 -16.60
CAS Y01 R . 53.28 -1.66 -17.08
CBF Y01 R . 53.84 -0.26 -17.49
CBD Y01 R . 53.27 0.93 -16.71
CAK Y01 R . 53.75 2.20 -17.43
CAI Y01 R . 55.24 2.04 -17.86
CAZ Y01 R . 56.00 0.94 -17.76
CAV Y01 R . 57.48 0.67 -18.14
CBH Y01 R . 55.32 -0.29 -17.12
CAD Y01 R . 55.60 -0.50 -15.62
CAT Y01 R . 55.51 -1.55 -17.98
CAR Y01 R . 56.98 -1.82 -18.35
CBC Y01 R . 57.63 -0.59 -19.01
OAW Y01 R . 59.03 -0.83 -19.16
CAY Y01 R . 59.53 -0.61 -20.48
OAG Y01 R . 59.17 -1.33 -21.38
CAM Y01 R . 60.51 0.54 -20.76
CAL Y01 R . 61.16 0.43 -22.15
CAX Y01 R . 62.54 1.12 -22.21
OAH Y01 R . 63.04 1.38 -23.28
OAF Y01 R . 63.12 1.40 -21.18
CAA Y01 S . 39.51 -0.70 -40.36
CBA Y01 S . 38.10 -0.31 -39.86
CAB Y01 S . 37.04 -1.28 -40.38
CAN Y01 S . 37.76 1.15 -40.22
CAJ Y01 S . 36.77 1.78 -39.23
CAO Y01 S . 35.32 1.73 -39.76
CBB Y01 S . 34.28 1.96 -38.66
CAC Y01 S . 33.91 3.45 -38.61
CBE Y01 S . 33.04 1.11 -38.98
CAP Y01 S . 33.41 -0.40 -38.85
CAQ Y01 S . 32.30 -1.07 -37.99
CBG Y01 S . 31.16 -0.02 -38.02
CBI Y01 S . 31.91 1.31 -37.95
CAE Y01 S . 32.46 1.56 -36.53
CAU Y01 S . 30.97 2.42 -38.40
CAS Y01 S . 29.45 2.12 -38.29
CBF Y01 S . 28.99 0.92 -37.43
CBD Y01 S . 30.09 -0.01 -36.92
CAK Y01 S . 29.35 -1.31 -36.58
CAI Y01 S . 28.20 -0.93 -35.62
CAZ Y01 S . 27.71 0.29 -35.38
CAV Y01 S . 26.57 0.81 -34.47
CBH Y01 S . 28.38 1.46 -36.12
CAD Y01 S . 29.36 2.33 -35.31
CAT Y01 S . 27.35 2.27 -36.94
CAR Y01 S . 26.19 2.76 -36.06
CBC Y01 S . 25.54 1.62 -35.24
OAW Y01 S . 24.61 2.19 -34.31
CAY Y01 S . 23.27 2.23 -34.77
OAG Y01 S . 23.03 2.10 -35.95
CAM Y01 S . 22.11 2.44 -33.77
CAL Y01 S . 20.74 2.26 -34.45
CAX Y01 S . 19.58 2.26 -33.44
OAH Y01 S . 18.48 1.88 -33.80
OAF Y01 S . 19.75 2.64 -32.31
CAA Y01 T . 31.38 3.20 -45.69
CBA Y01 T . 29.93 3.70 -45.81
CAB Y01 T . 29.88 5.16 -46.30
CAN Y01 T . 29.18 3.54 -44.47
CAJ Y01 T . 28.13 2.41 -44.47
CAO Y01 T . 27.96 1.78 -43.09
CBB Y01 T . 26.53 1.92 -42.53
CAC Y01 T . 26.21 0.69 -41.64
CBE Y01 T . 26.45 3.20 -41.69
CAP Y01 T . 26.70 4.42 -42.62
CAQ Y01 T . 25.55 5.44 -42.34
CBG Y01 T . 24.99 4.97 -40.99
CBI Y01 T . 25.04 3.45 -41.10
CAE Y01 T . 23.92 2.91 -42.02
CAU Y01 T . 24.94 2.85 -39.69
CAS Y01 T . 23.90 3.53 -38.77
CBF Y01 T . 23.45 4.98 -39.09
CBD Y01 T . 23.61 5.43 -40.55
CAK Y01 T . 23.38 6.95 -40.55
CAI Y01 T . 22.16 7.31 -39.69
CAZ Y01 T . 21.45 6.48 -38.89
CAV Y01 T . 20.22 6.71 -37.99
CBH Y01 T . 21.93 5.01 -38.86
CAD Y01 T . 21.15 4.03 -39.75
CAT Y01 T . 22.14 4.53 -37.41
CAR Y01 T . 20.92 4.76 -36.51
CBC Y01 T . 20.43 6.22 -36.55
OAW Y01 T . 19.18 6.28 -35.87
CAY Y01 T . 18.97 7.49 -35.13
OAG Y01 T . 19.89 8.24 -34.92
CAM Y01 T . 17.56 7.83 -34.63
CAL Y01 T . 17.52 9.17 -33.88
CAX Y01 T . 16.16 9.40 -33.17
OAH Y01 T . 15.89 10.48 -32.71
OAF Y01 T . 15.38 8.49 -33.07
C01 ULO U . 38.50 14.31 -30.75
C02 ULO U . 37.06 14.45 -31.23
C03 ULO U . 37.04 15.09 -32.62
C04 ULO U . 35.76 15.88 -32.82
C05 ULO U . 35.95 16.90 -33.94
C06 ULO U . 34.62 17.57 -34.21
C07 ULO U . 33.79 16.66 -35.11
C08 ULO U . 32.30 16.83 -34.83
C09 ULO U . 31.58 15.50 -35.05
C12 ULO U . 28.65 14.74 -35.05
C13 ULO U . 27.85 13.99 -36.11
C14 ULO U . 27.72 15.60 -34.20
C15 ULO U . 30.04 15.52 -37.69
C16 ULO U . 31.33 14.80 -38.05
C17 ULO U . 30.02 16.86 -38.40
O11 ULO U . 29.57 17.23 -35.65
P10 ULO U . 29.94 15.83 -35.86
H013 ULO U . 38.89 13.51 -31.14
H011 ULO U . 39.01 15.08 -31.01
H012 ULO U . 38.50 14.22 -29.78
H021 ULO U . 36.64 13.58 -31.28
H022 ULO U . 36.57 15.01 -30.60
H031 ULO U . 37.81 15.69 -32.72
H032 ULO U . 37.09 14.39 -33.28
H042 ULO U . 35.05 15.26 -33.08
H041 ULO U . 35.51 16.33 -32.01
H051 ULO U . 36.27 16.45 -34.74
H052 ULO U . 36.61 17.57 -33.66
H062 ULO U . 34.15 17.73 -33.38
H061 ULO U . 34.76 18.42 -34.65
H072 ULO U . 34.04 15.75 -34.96
H071 ULO U . 33.96 16.89 -36.04
H082 ULO U . 32.17 17.10 -33.91
H081 ULO U . 31.93 17.50 -35.42
H092 ULO U . 32.13 14.93 -35.61
H091 ULO U . 31.45 15.07 -34.20
H121 ULO U . 29.10 14.10 -34.48
H133 ULO U . 27.40 14.62 -36.69
H132 ULO U . 27.18 13.43 -35.68
H131 ULO U . 28.43 13.43 -36.63
H142 ULO U . 27.38 16.34 -34.74
H143 ULO U . 28.20 15.95 -33.45
H141 ULO U . 26.97 15.06 -33.90
H151 ULO U . 29.29 14.98 -37.98
H163 ULO U . 32.09 15.37 -37.85
H162 ULO U . 31.33 14.60 -39.00
H161 ULO U . 31.40 13.97 -37.54
H173 ULO U . 30.78 17.39 -38.12
H172 ULO U . 29.20 17.33 -38.18
H171 ULO U . 30.06 16.71 -39.36
C1 NAG V . 78.85 -9.22 -18.27
C2 NAG V . 79.07 -9.89 -16.95
C3 NAG V . 79.55 -11.26 -17.08
C4 NAG V . 78.68 -12.08 -17.97
C5 NAG V . 78.46 -11.43 -19.37
C6 NAG V . 77.51 -12.16 -20.11
C7 NAG V . 79.76 -7.76 -15.68
C8 NAG V . 80.78 -6.93 -14.91
N2 NAG V . 80.10 -9.08 -16.17
O3 NAG V . 79.57 -11.88 -15.74
O4 NAG V . 79.29 -13.35 -18.14
O5 NAG V . 77.96 -10.01 -19.14
O6 NAG V . 76.25 -11.95 -19.52
O7 NAG V . 78.68 -7.31 -15.89
H1 NAG V . 79.80 -9.11 -18.78
H2 NAG V . 78.15 -9.89 -16.39
H3 NAG V . 80.55 -11.24 -17.48
H4 NAG V . 77.72 -12.20 -17.49
H5 NAG V . 79.40 -11.40 -19.91
H61 NAG V . 77.75 -13.22 -20.08
H62 NAG V . 77.50 -11.82 -21.13
H81 NAG V . 80.46 -5.90 -14.87
H82 NAG V . 81.74 -6.98 -15.40
H83 NAG V . 80.87 -7.32 -13.90
HN2 NAG V . 81.02 -9.45 -16.00
HO3 NAG V . 79.14 -12.71 -15.78
HO4 NAG V . 78.62 -14.01 -18.28
HO6 NAG V . 75.58 -12.26 -20.12
C02 T14 W . 21.71 -16.30 -25.80
C03 T14 W . 21.05 -14.97 -26.21
C04 T14 W . 20.84 -14.00 -25.24
C05 T14 W . 20.25 -12.80 -25.58
C06 T14 W . 19.88 -12.55 -26.89
C07 T14 W . 20.08 -13.51 -27.87
C08 T14 W . 20.67 -14.73 -27.53
C09 T14 W . 20.88 -15.79 -28.64
C10 T14 W . 19.79 -16.54 -29.06
C11 T14 W . 19.93 -17.49 -30.06
C12 T14 W . 18.74 -18.34 -30.54
C16 T14 W . 21.18 -17.65 -30.60
C18 T14 W . 22.94 -18.27 -31.75
C19 T14 W . 23.70 -18.92 -32.64
C22 T14 W . 25.24 -20.40 -33.51
C23 T14 W . 25.52 -21.84 -33.04
C24 T14 W . 25.58 -22.77 -34.27
C25 T14 W . 26.68 -22.30 -35.23
C26 T14 W . 26.37 -20.86 -35.70
C27 T14 W . 26.31 -19.92 -34.48
C28 T14 W . 25.10 -19.45 -32.32
C30 T14 W . 22.25 -16.92 -30.21
C31 T14 W . 22.15 -15.96 -29.21
F01 T14 W . 20.92 -17.32 -26.13
F13 T14 W . 18.11 -17.69 -31.52
F14 T14 W . 19.19 -19.50 -31.00
F15 T14 W . 17.90 -18.54 -29.53
F32 T14 W . 22.88 -16.43 -26.40
F33 T14 W . 21.88 -16.30 -24.49
N17 T14 W . 21.68 -18.53 -31.64
N20 T14 W . 23.19 -19.52 -33.63
N29 T14 W . 23.42 -17.35 -30.98
O21 T14 W . 23.94 -20.32 -34.13
CAA Y01 X . 28.80 -11.67 -34.17
CBA Y01 X . 29.55 -10.59 -34.97
CAB Y01 X . 28.61 -9.87 -35.95
CAN Y01 X . 30.77 -11.18 -35.70
CAJ Y01 X . 31.94 -10.17 -35.78
CAO Y01 X . 33.31 -10.86 -35.58
CBB Y01 X . 34.36 -10.43 -36.63
CAC Y01 X . 35.75 -10.49 -35.97
CBE Y01 X . 34.28 -11.39 -37.83
CAP Y01 X . 33.00 -11.06 -38.65
CAQ Y01 X . 33.41 -11.13 -40.15
CBG Y01 X . 34.80 -11.81 -40.11
CBI Y01 X . 35.43 -11.22 -38.85
CAE Y01 X . 35.83 -9.75 -39.05
CAU Y01 X . 36.62 -12.09 -38.44
CAS Y01 X . 37.57 -12.44 -39.61
CBF Y01 X . 36.95 -12.57 -41.02
CBD Y01 X . 35.74 -11.69 -41.31
CAK Y01 X . 35.14 -12.17 -42.65
CAI Y01 X . 36.27 -12.48 -43.65
CAZ Y01 X . 37.59 -12.47 -43.44
CAV Y01 X . 38.79 -12.75 -44.35
CBH Y01 X . 38.02 -12.08 -42.01
CAD Y01 X . 38.44 -10.61 -41.79
CAT Y01 X . 39.02 -13.10 -41.43
CAR Y01 X . 40.22 -13.38 -42.35
CBC Y01 X . 39.77 -13.78 -43.76
OAW Y01 X . 40.91 -13.83 -44.61
CAY Y01 X . 41.04 -15.05 -45.34
OAG Y01 X . 41.27 -16.08 -44.75
CAM Y01 X . 40.89 -15.07 -46.87
CAL Y01 X . 41.36 -16.39 -47.49
CAX Y01 X . 41.83 -16.22 -48.95
OAH Y01 X . 41.95 -17.19 -49.67
OAF Y01 X . 42.07 -15.12 -49.38
CAA Y01 Y . 26.28 -36.48 -34.41
CBA Y01 Y . 25.04 -36.04 -33.59
CAB Y01 Y . 24.97 -36.81 -32.25
CAN Y01 Y . 23.74 -36.21 -34.41
CAJ Y01 Y . 22.64 -35.24 -33.97
CAO Y01 Y . 21.64 -35.91 -33.00
CBB Y01 Y . 20.80 -34.87 -32.23
CAC Y01 Y . 19.47 -34.64 -32.96
CBE Y01 Y . 20.53 -35.43 -30.82
CAP Y01 Y . 21.88 -35.48 -30.03
CAQ Y01 Y . 21.61 -34.85 -28.64
CBG Y01 Y . 20.07 -34.82 -28.54
CBI Y01 Y . 19.64 -34.48 -29.97
CAE Y01 Y . 19.90 -33.00 -30.30
CAU Y01 Y . 18.17 -34.85 -30.14
CAS Y01 Y . 17.32 -34.93 -28.84
CBF Y01 Y . 17.90 -34.30 -27.55
CBD Y01 Y . 19.36 -33.84 -27.61
CAK Y01 Y . 19.79 -33.76 -26.15
CAI Y01 Y . 18.76 -32.87 -25.42
CAZ Y01 Y . 17.54 -32.49 -25.87
CAV Y01 Y . 16.43 -31.62 -25.26
CBH Y01 Y . 17.14 -32.99 -27.27
CAD Y01 Y . 17.24 -31.96 -28.42
CAT Y01 Y . 15.82 -33.76 -27.21
CAR Y01 Y . 14.69 -32.93 -26.57
CBC Y01 Y . 15.08 -32.36 -25.20
OAW Y01 Y . 14.08 -31.44 -24.79
CAY Y01 Y . 13.09 -32.01 -23.92
OAG Y01 Y . 12.97 -33.21 -23.87
CAM Y01 Y . 12.17 -31.10 -23.09
CAL Y01 Y . 11.32 -31.91 -22.10
CAX Y01 Y . 10.54 -31.03 -21.11
OAH Y01 Y . 10.04 -31.53 -20.13
OAF Y01 Y . 10.44 -29.84 -21.30
CAA Y01 Z . 17.57 -41.88 -32.19
CBA Y01 Z . 16.21 -42.05 -31.52
CAB Y01 Z . 15.12 -42.31 -32.57
CAN Y01 Z . 15.86 -40.82 -30.67
CAJ Y01 Z . 15.93 -41.09 -29.15
CAO Y01 Z . 16.33 -39.84 -28.35
CBB Y01 Z . 15.26 -39.39 -27.34
CAC Y01 Z . 15.94 -38.74 -26.12
CBE Y01 Z . 14.31 -38.39 -28.02
CAP Y01 Z . 13.57 -39.09 -29.18
CAQ Y01 Z . 12.06 -38.78 -29.01
CBG Y01 Z . 12.06 -37.57 -28.07
CBI Y01 Z . 13.18 -37.90 -27.09
CAE Y01 Z . 12.75 -38.99 -26.08
CAU Y01 Z . 13.60 -36.61 -26.38
CAS Y01 Z . 12.43 -35.69 -25.94
CBF Y01 Z . 11.06 -35.84 -26.66
CBD Y01 Z . 10.78 -37.19 -27.33
CAK Y01 Z . 9.54 -36.99 -28.21
CAI Y01 Z . 8.48 -36.19 -27.44
CAZ Y01 Z . 8.61 -35.59 -26.24
CAV Y01 Z . 7.61 -34.79 -25.37
CBH Y01 Z . 9.99 -35.74 -25.57
CAD Y01 Z . 10.11 -36.83 -24.49
CAT Y01 Z . 10.54 -34.37 -25.15
CAR Y01 Z . 9.56 -33.56 -24.29
CBC Y01 Z . 8.19 -33.42 -24.94
OAW Y01 Z . 7.29 -32.86 -23.97
CAY Y01 Z . 6.30 -31.97 -24.53
OAG Y01 Z . 6.44 -31.56 -25.66
CAM Y01 Z . 5.10 -31.55 -23.67
CAL Y01 Z . 4.15 -30.62 -24.44
CAX Y01 Z . 3.08 -30.01 -23.52
OAH Y01 Z . 2.12 -29.43 -23.99
OAF Y01 Z . 3.19 -30.12 -22.31
C01 ULO AA . 15.25 -24.87 -42.32
C02 ULO AA . 14.12 -25.46 -41.48
C03 ULO AA . 13.60 -26.72 -42.15
C04 ULO AA . 12.13 -26.93 -41.80
C05 ULO AA . 11.49 -27.85 -42.82
C06 ULO AA . 10.06 -28.14 -42.38
C07 ULO AA . 10.09 -29.25 -41.32
C08 ULO AA . 8.95 -29.07 -40.33
C09 ULO AA . 9.39 -29.56 -38.96
C12 ULO AA . 7.89 -29.94 -36.35
C13 ULO AA . 7.82 -31.16 -35.43
C14 ULO AA . 6.66 -29.06 -36.13
C15 ULO AA . 8.19 -32.29 -38.32
C16 ULO AA . 9.59 -32.64 -38.80
C17 ULO AA . 7.18 -32.79 -39.33
O11 ULO AA . 6.72 -30.07 -38.79
P10 ULO AA . 7.97 -30.44 -38.14
H013 ULO AA . 16.08 -25.33 -42.13
H011 ULO AA . 15.05 -24.96 -43.26
H012 ULO AA . 15.36 -23.93 -42.11
H021 ULO AA . 14.46 -25.66 -40.59
H022 ULO AA . 13.41 -24.80 -41.41
H031 ULO AA . 13.71 -26.66 -43.11
H032 ULO AA . 14.10 -27.47 -41.81
H042 ULO AA . 12.07 -27.33 -40.92
H041 ULO AA . 11.67 -26.08 -41.80
H051 ULO AA . 12.00 -28.68 -42.88
H052 ULO AA . 11.48 -27.42 -43.69
H062 ULO AA . 9.66 -27.34 -42.01
H061 ULO AA . 9.54 -28.45 -43.14
H072 ULO AA . 10.94 -29.20 -40.85
H071 ULO AA . 10.01 -30.11 -41.75
H082 ULO AA . 8.70 -28.14 -40.27
H081 ULO AA . 8.19 -29.59 -40.62
H092 ULO AA . 10.15 -30.15 -39.04
H091 ULO AA . 9.64 -28.79 -38.41
H121 ULO AA . 8.68 -29.43 -36.13
H133 ULO AA . 7.02 -31.68 -35.66
H132 ULO AA . 7.77 -30.87 -34.51
H131 ULO AA . 8.60 -31.71 -35.57
H142 ULO AA . 5.87 -29.52 -36.49
H143 ULO AA . 6.77 -28.22 -36.58
H141 ULO AA . 6.54 -28.91 -35.18
H151 ULO AA . 8.03 -32.72 -37.46
H163 ULO AA . 9.72 -32.28 -39.69
H162 ULO AA . 9.69 -33.60 -38.82
H161 ULO AA . 10.24 -32.26 -38.20
H173 ULO AA . 7.34 -32.37 -40.19
H172 ULO AA . 6.28 -32.58 -39.04
H171 ULO AA . 7.27 -33.76 -39.43
C1 NAG BA . 60.78 -12.41 -52.80
C2 NAG BA . 61.47 -11.18 -52.29
C3 NAG BA . 62.77 -11.47 -51.72
C4 NAG BA . 62.72 -12.54 -50.68
C5 NAG BA . 62.04 -13.85 -51.21
C6 NAG BA . 61.87 -14.77 -50.16
C7 NAG BA . 60.47 -9.55 -54.02
C8 NAG BA . 60.63 -8.57 -55.18
N2 NAG BA . 61.64 -10.20 -53.45
O3 NAG BA . 63.29 -10.24 -51.08
O4 NAG BA . 64.04 -12.84 -50.28
O5 NAG BA . 60.67 -13.46 -51.78
O6 NAG BA . 60.87 -14.28 -49.31
O7 NAG BA . 59.40 -9.79 -53.59
H1 NAG BA . 61.34 -12.79 -53.65
H2 NAG BA . 60.84 -10.71 -51.54
H3 NAG BA . 63.44 -11.78 -52.50
H4 NAG BA . 62.16 -12.18 -49.83
H5 NAG BA . 62.65 -14.30 -51.99
H61 NAG BA . 62.79 -14.87 -49.60
H62 NAG BA . 61.56 -15.73 -50.55
H81 NAG BA . 59.66 -8.40 -55.65
H82 NAG BA . 61.32 -8.98 -55.91
H83 NAG BA . 61.02 -7.63 -54.81
HN2 NAG BA . 62.55 -10.00 -53.81
HO3 NAG BA . 63.59 -10.44 -50.21
HO4 NAG BA . 64.03 -13.15 -49.39
HO6 NAG BA . 60.59 -14.96 -48.72
#